data_2L6N
#
_entry.id   2L6N
#
_entity_poly.entity_id   1
_entity_poly.type   'polypeptide(L)'
_entity_poly.pdbx_seq_one_letter_code
;GMTPQSDTPKVTGLKLKRKSRQLEISFDNGQQFTLSCELLRVYSPSAEVHGHGNPVLVTHKKNVNINAITPVGNYAVKLV
FDDGHDTGLYSWKVLYDLASNQVDLWENYLARLRAAKASREPLIDMAVKYHT
;
_entity_poly.pdbx_strand_id   A
#
# COMPACT_ATOMS: atom_id res chain seq x y z
N GLY A 1 -3.64 23.92 -0.51
CA GLY A 1 -2.96 24.87 0.37
C GLY A 1 -1.53 24.44 0.63
N MET A 2 -0.79 25.20 1.46
CA MET A 2 0.58 24.89 1.81
C MET A 2 0.74 23.44 2.29
N THR A 3 1.92 22.87 2.01
CA THR A 3 2.27 21.49 2.33
C THR A 3 2.56 21.32 3.83
N PRO A 4 2.55 20.07 4.34
CA PRO A 4 2.98 19.76 5.70
C PRO A 4 4.51 19.75 5.83
N GLN A 5 5.00 19.65 7.07
CA GLN A 5 6.42 19.62 7.42
C GLN A 5 6.96 18.19 7.56
N SER A 6 6.18 17.18 7.16
CA SER A 6 6.56 15.76 7.19
C SER A 6 6.95 15.30 8.59
N ASP A 7 6.21 15.75 9.59
CA ASP A 7 6.46 15.47 11.00
C ASP A 7 5.84 14.13 11.42
N THR A 8 5.64 13.25 10.46
CA THR A 8 5.11 11.92 10.62
C THR A 8 5.94 11.12 11.62
N PRO A 9 5.32 10.15 12.32
CA PRO A 9 6.07 9.18 13.13
C PRO A 9 6.99 8.34 12.23
N LYS A 10 7.92 7.60 12.85
CA LYS A 10 8.90 6.78 12.14
C LYS A 10 8.65 5.31 12.45
N VAL A 11 8.66 4.48 11.41
CA VAL A 11 8.32 3.07 11.51
C VAL A 11 9.41 2.36 12.32
N THR A 12 9.00 1.51 13.25
CA THR A 12 9.86 0.74 14.13
C THR A 12 9.42 -0.73 14.19
N GLY A 13 8.55 -1.15 13.27
CA GLY A 13 8.21 -2.56 13.06
C GLY A 13 7.56 -2.74 11.70
N LEU A 14 7.85 -3.88 11.06
CA LEU A 14 7.26 -4.33 9.80
C LEU A 14 7.14 -5.85 9.87
N LYS A 15 5.94 -6.39 9.61
CA LYS A 15 5.67 -7.81 9.57
C LYS A 15 4.83 -8.14 8.34
N LEU A 16 4.82 -9.40 7.94
CA LEU A 16 4.06 -9.88 6.77
C LEU A 16 3.04 -10.90 7.22
N LYS A 17 2.00 -11.10 6.41
CA LYS A 17 1.07 -12.24 6.50
C LYS A 17 0.70 -12.67 5.09
N ARG A 18 1.57 -13.46 4.46
CA ARG A 18 1.28 -14.04 3.14
C ARG A 18 -0.02 -14.84 3.12
N LYS A 19 -0.44 -15.35 4.29
CA LYS A 19 -1.69 -16.08 4.51
C LYS A 19 -2.85 -15.35 3.82
N SER A 20 -2.89 -14.03 3.99
CA SER A 20 -3.99 -13.19 3.56
C SER A 20 -3.43 -11.96 2.82
N ARG A 21 -2.27 -12.09 2.16
CA ARG A 21 -1.70 -11.07 1.26
C ARG A 21 -1.61 -9.69 1.93
N GLN A 22 -1.33 -9.61 3.24
CA GLN A 22 -1.32 -8.34 3.97
C GLN A 22 0.07 -8.09 4.58
N LEU A 23 0.32 -6.84 5.00
CA LEU A 23 1.54 -6.38 5.67
C LEU A 23 1.17 -5.52 6.85
N GLU A 24 1.91 -5.64 7.95
CA GLU A 24 1.68 -4.95 9.21
C GLU A 24 2.80 -3.96 9.48
N ILE A 25 2.47 -2.86 10.14
CA ILE A 25 3.36 -1.73 10.41
C ILE A 25 3.22 -1.37 11.88
N SER A 26 4.32 -0.91 12.50
CA SER A 26 4.33 -0.25 13.80
C SER A 26 5.16 1.01 13.72
N PHE A 27 4.77 1.98 14.52
CA PHE A 27 5.45 3.27 14.68
C PHE A 27 6.07 3.37 16.07
N ASP A 28 6.92 4.37 16.30
CA ASP A 28 7.50 4.63 17.63
C ASP A 28 6.60 5.51 18.52
N ASN A 29 5.34 5.74 18.12
CA ASN A 29 4.38 6.56 18.86
C ASN A 29 3.27 5.74 19.55
N GLY A 30 3.26 4.41 19.41
CA GLY A 30 2.16 3.61 19.94
C GLY A 30 1.02 3.51 18.93
N GLN A 31 1.31 3.22 17.66
CA GLN A 31 0.33 2.90 16.63
C GLN A 31 0.81 1.76 15.74
N GLN A 32 -0.14 0.96 15.27
CA GLN A 32 0.04 -0.13 14.33
C GLN A 32 -1.16 -0.17 13.36
N PHE A 33 -0.97 -0.80 12.21
CA PHE A 33 -2.03 -1.08 11.23
C PHE A 33 -1.65 -2.24 10.31
N THR A 34 -2.57 -2.61 9.40
CA THR A 34 -2.32 -3.62 8.39
C THR A 34 -2.87 -3.09 7.08
N LEU A 35 -2.19 -3.38 5.97
CA LEU A 35 -2.57 -2.98 4.62
C LEU A 35 -2.50 -4.19 3.69
N SER A 36 -3.27 -4.12 2.62
CA SER A 36 -3.37 -5.12 1.56
C SER A 36 -2.21 -4.94 0.59
N CYS A 37 -1.54 -6.04 0.22
CA CYS A 37 -0.47 -6.02 -0.78
C CYS A 37 -0.99 -5.57 -2.14
N GLU A 38 -2.27 -5.84 -2.44
CA GLU A 38 -2.89 -5.30 -3.64
C GLU A 38 -2.83 -3.78 -3.61
N LEU A 39 -3.33 -3.17 -2.51
CA LEU A 39 -3.43 -1.72 -2.32
C LEU A 39 -2.04 -1.08 -2.44
N LEU A 40 -1.03 -1.65 -1.75
CA LEU A 40 0.36 -1.21 -1.77
C LEU A 40 0.89 -0.96 -3.19
N ARG A 41 0.64 -1.90 -4.12
CA ARG A 41 1.20 -1.83 -5.49
C ARG A 41 0.34 -0.99 -6.42
N VAL A 42 -0.98 -0.93 -6.24
CA VAL A 42 -1.80 -0.05 -7.08
C VAL A 42 -1.55 1.40 -6.65
N TYR A 43 -1.66 1.69 -5.34
CA TYR A 43 -1.56 3.02 -4.77
C TYR A 43 -0.09 3.34 -4.47
N SER A 44 0.78 3.17 -5.46
CA SER A 44 2.17 3.57 -5.33
C SER A 44 2.26 5.11 -5.17
N PRO A 45 3.35 5.62 -4.58
CA PRO A 45 3.54 7.05 -4.32
C PRO A 45 3.83 7.85 -5.59
N SER A 46 3.97 7.15 -6.70
CA SER A 46 4.03 7.55 -8.09
C SER A 46 3.87 6.23 -8.85
N ALA A 47 3.49 6.26 -10.12
CA ALA A 47 3.53 5.07 -10.97
C ALA A 47 4.03 5.49 -12.34
N GLU A 48 3.13 5.94 -13.21
CA GLU A 48 3.40 6.38 -14.56
C GLU A 48 2.82 7.80 -14.70
N VAL A 49 3.33 8.68 -13.87
CA VAL A 49 2.98 10.09 -13.77
C VAL A 49 4.16 10.94 -14.22
N HIS A 50 5.21 11.01 -13.39
CA HIS A 50 6.29 11.97 -13.44
C HIS A 50 7.30 11.90 -12.27
N GLY A 51 7.24 10.92 -11.37
CA GLY A 51 8.19 10.79 -10.25
C GLY A 51 7.52 10.88 -8.89
N HIS A 52 6.65 11.87 -8.70
CA HIS A 52 6.13 12.27 -7.40
C HIS A 52 4.61 12.45 -7.39
N GLY A 53 3.93 12.10 -8.48
CA GLY A 53 2.51 12.34 -8.69
C GLY A 53 1.62 11.27 -8.05
N ASN A 54 0.31 11.41 -8.26
CA ASN A 54 -0.62 10.33 -7.98
C ASN A 54 -0.35 9.16 -8.94
N PRO A 55 -0.71 7.91 -8.57
CA PRO A 55 -0.53 6.74 -9.42
C PRO A 55 -1.59 6.71 -10.54
N VAL A 56 -1.55 5.64 -11.32
CA VAL A 56 -2.47 5.36 -12.42
C VAL A 56 -3.67 4.56 -11.90
N LEU A 57 -4.68 4.37 -12.74
CA LEU A 57 -5.77 3.44 -12.51
C LEU A 57 -5.27 2.03 -12.82
N VAL A 58 -5.25 1.14 -11.82
CA VAL A 58 -4.75 -0.22 -11.92
C VAL A 58 -5.86 -1.19 -11.51
N THR A 59 -5.72 -2.45 -11.92
CA THR A 59 -6.59 -3.57 -11.61
C THR A 59 -6.12 -4.24 -10.32
N HIS A 60 -6.84 -5.27 -9.85
CA HIS A 60 -6.32 -6.14 -8.80
C HIS A 60 -5.03 -6.81 -9.28
N LYS A 61 -4.31 -7.50 -8.39
CA LYS A 61 -3.31 -8.54 -8.68
C LYS A 61 -3.94 -9.87 -8.21
N LYS A 62 -3.18 -10.96 -8.32
CA LYS A 62 -3.64 -12.34 -8.30
C LYS A 62 -3.28 -13.05 -7.00
N ASN A 63 -2.04 -12.94 -6.56
CA ASN A 63 -1.53 -13.42 -5.29
C ASN A 63 -0.13 -12.86 -5.18
N VAL A 64 -0.07 -11.53 -5.16
CA VAL A 64 1.14 -10.77 -4.88
C VAL A 64 1.70 -11.25 -3.52
N ASN A 65 3.00 -11.14 -3.31
CA ASN A 65 3.61 -11.25 -1.99
C ASN A 65 4.90 -10.45 -1.93
N ILE A 66 5.45 -10.30 -0.72
CA ILE A 66 6.71 -9.62 -0.49
C ILE A 66 7.78 -10.68 -0.32
N ASN A 67 8.95 -10.37 -0.85
CA ASN A 67 10.12 -11.22 -0.92
C ASN A 67 11.29 -10.71 -0.06
N ALA A 68 11.23 -9.45 0.39
CA ALA A 68 12.22 -8.78 1.21
C ALA A 68 11.74 -7.39 1.56
N ILE A 69 12.28 -6.85 2.66
CA ILE A 69 12.24 -5.45 3.02
C ILE A 69 13.70 -5.00 3.06
N THR A 70 13.99 -3.87 2.43
CA THR A 70 15.31 -3.24 2.45
C THR A 70 15.11 -1.74 2.66
N PRO A 71 15.66 -1.16 3.73
CA PRO A 71 15.52 0.27 4.01
C PRO A 71 16.36 1.12 3.07
N VAL A 72 15.98 2.39 2.99
CA VAL A 72 16.59 3.41 2.15
C VAL A 72 16.59 4.70 2.97
N GLY A 73 17.71 5.42 2.98
CA GLY A 73 17.85 6.73 3.61
C GLY A 73 17.52 6.73 5.10
N ASN A 74 17.48 5.55 5.74
CA ASN A 74 17.00 5.29 7.10
C ASN A 74 15.54 5.73 7.36
N TYR A 75 14.79 6.14 6.34
CA TYR A 75 13.48 6.82 6.47
C TYR A 75 12.40 6.24 5.56
N ALA A 76 12.70 5.16 4.84
CA ALA A 76 11.81 4.55 3.89
C ALA A 76 12.23 3.09 3.65
N VAL A 77 11.41 2.32 2.96
CA VAL A 77 11.71 0.93 2.61
C VAL A 77 11.32 0.66 1.16
N LYS A 78 12.13 -0.20 0.55
CA LYS A 78 11.79 -1.06 -0.54
C LYS A 78 11.03 -2.25 0.04
N LEU A 79 10.01 -2.71 -0.66
CA LEU A 79 9.16 -3.86 -0.37
C LEU A 79 9.10 -4.67 -1.66
N VAL A 80 10.05 -5.58 -1.86
CA VAL A 80 10.24 -6.18 -3.17
C VAL A 80 9.11 -7.18 -3.41
N PHE A 81 8.46 -7.13 -4.58
CA PHE A 81 7.29 -7.93 -4.87
C PHE A 81 7.68 -9.21 -5.62
N ASP A 82 7.23 -10.36 -5.12
CA ASP A 82 7.39 -11.68 -5.74
C ASP A 82 6.58 -11.79 -7.04
N ASP A 83 5.55 -10.95 -7.19
CA ASP A 83 4.81 -10.78 -8.44
C ASP A 83 5.68 -10.18 -9.57
N GLY A 84 6.91 -9.79 -9.24
CA GLY A 84 7.94 -9.34 -10.17
C GLY A 84 7.96 -7.83 -10.22
N HIS A 85 8.24 -7.17 -9.10
CA HIS A 85 8.47 -5.72 -9.04
C HIS A 85 9.38 -5.44 -7.86
N ASP A 86 10.68 -5.62 -8.03
CA ASP A 86 11.64 -5.43 -6.93
C ASP A 86 12.06 -3.96 -6.75
N THR A 87 11.42 -3.03 -7.46
CA THR A 87 11.80 -1.63 -7.53
C THR A 87 10.58 -0.72 -7.27
N GLY A 88 10.40 -0.35 -6.01
CA GLY A 88 9.48 0.69 -5.54
C GLY A 88 10.04 1.25 -4.25
N LEU A 89 9.42 2.28 -3.67
CA LEU A 89 9.90 2.94 -2.45
C LEU A 89 8.69 3.41 -1.65
N TYR A 90 8.76 3.33 -0.32
CA TYR A 90 7.65 3.61 0.59
C TYR A 90 8.15 4.52 1.72
N SER A 91 7.76 5.81 1.71
CA SER A 91 8.03 6.74 2.80
C SER A 91 6.96 6.66 3.86
N TRP A 92 7.31 6.80 5.15
CA TRP A 92 6.42 6.53 6.29
C TRP A 92 5.06 7.22 6.18
N LYS A 93 5.03 8.47 5.69
CA LYS A 93 3.80 9.20 5.42
C LYS A 93 2.90 8.38 4.55
N VAL A 94 3.45 7.86 3.44
CA VAL A 94 2.61 7.24 2.44
C VAL A 94 1.86 6.07 3.08
N LEU A 95 2.55 5.23 3.85
CA LEU A 95 1.92 4.04 4.40
C LEU A 95 0.80 4.42 5.39
N TYR A 96 0.96 5.48 6.20
CA TYR A 96 -0.09 5.91 7.12
C TYR A 96 -1.26 6.50 6.33
N ASP A 97 -0.97 7.25 5.28
CA ASP A 97 -1.98 7.91 4.44
C ASP A 97 -2.83 6.88 3.72
N LEU A 98 -2.24 5.75 3.29
CA LEU A 98 -2.98 4.60 2.83
C LEU A 98 -3.84 4.07 3.99
N ALA A 99 -3.21 3.70 5.10
CA ALA A 99 -3.86 2.97 6.20
C ALA A 99 -5.07 3.70 6.79
N SER A 100 -4.96 5.00 7.01
CA SER A 100 -6.04 5.82 7.55
C SER A 100 -7.18 6.07 6.55
N ASN A 101 -7.01 5.68 5.29
CA ASN A 101 -7.98 5.89 4.22
C ASN A 101 -8.18 4.63 3.38
N GLN A 102 -7.87 3.44 3.92
CA GLN A 102 -7.67 2.18 3.19
C GLN A 102 -9.00 1.57 2.71
N VAL A 103 -10.08 2.32 2.89
CA VAL A 103 -11.45 1.92 2.69
C VAL A 103 -11.97 2.77 1.55
N ASP A 104 -12.07 4.09 1.76
CA ASP A 104 -12.54 5.03 0.74
C ASP A 104 -11.66 4.94 -0.50
N LEU A 105 -10.34 4.89 -0.31
CA LEU A 105 -9.37 4.78 -1.38
C LEU A 105 -9.31 3.37 -1.97
N TRP A 106 -9.84 2.35 -1.31
CA TRP A 106 -10.02 1.04 -1.92
C TRP A 106 -11.27 1.06 -2.78
N GLU A 107 -12.43 1.47 -2.25
CA GLU A 107 -13.72 1.63 -2.95
C GLU A 107 -13.54 2.33 -4.30
N ASN A 108 -12.64 3.31 -4.32
CA ASN A 108 -12.15 3.99 -5.50
C ASN A 108 -11.81 3.05 -6.66
N TYR A 109 -11.11 1.94 -6.41
CA TYR A 109 -10.61 1.10 -7.48
C TYR A 109 -11.77 0.29 -8.01
N LEU A 110 -12.58 -0.28 -7.12
CA LEU A 110 -13.72 -1.10 -7.52
C LEU A 110 -14.69 -0.28 -8.37
N ALA A 111 -14.85 1.02 -8.07
CA ALA A 111 -15.68 1.93 -8.84
C ALA A 111 -15.04 2.32 -10.16
N ARG A 112 -13.85 2.91 -10.14
CA ARG A 112 -13.23 3.44 -11.35
C ARG A 112 -12.93 2.31 -12.34
N LEU A 113 -12.72 1.07 -11.88
CA LEU A 113 -12.51 -0.14 -12.67
C LEU A 113 -13.61 -0.27 -13.70
N ARG A 114 -14.86 -0.31 -13.26
CA ARG A 114 -15.96 -0.59 -14.11
C ARG A 114 -16.28 0.54 -15.06
N ALA A 115 -16.15 1.78 -14.60
CA ALA A 115 -16.19 2.94 -15.47
C ALA A 115 -15.04 2.93 -16.48
N ALA A 116 -13.97 2.15 -16.23
CA ALA A 116 -12.75 2.17 -17.06
C ALA A 116 -12.60 0.96 -17.97
N LYS A 117 -13.42 -0.07 -17.78
CA LYS A 117 -13.31 -1.37 -18.44
C LYS A 117 -11.93 -2.01 -18.30
N ALA A 118 -11.36 -1.99 -17.09
CA ALA A 118 -10.08 -2.66 -16.82
C ALA A 118 -10.30 -4.11 -16.36
N SER A 119 -9.24 -4.87 -16.12
CA SER A 119 -9.22 -6.27 -15.63
C SER A 119 -9.63 -6.39 -14.15
N ARG A 120 -9.81 -7.61 -13.65
CA ARG A 120 -10.09 -7.93 -12.24
C ARG A 120 -9.48 -9.27 -11.88
N GLU A 121 -8.19 -9.27 -11.59
CA GLU A 121 -7.41 -10.41 -11.13
C GLU A 121 -7.96 -10.95 -9.78
N PRO A 122 -7.58 -12.16 -9.36
CA PRO A 122 -8.06 -12.79 -8.13
C PRO A 122 -7.48 -12.19 -6.87
N LEU A 123 -8.36 -11.65 -6.06
CA LEU A 123 -8.12 -10.86 -4.93
C LEU A 123 -9.29 -11.23 -4.02
N ILE A 124 -8.96 -11.88 -2.92
CA ILE A 124 -9.81 -12.19 -1.80
C ILE A 124 -9.27 -11.41 -0.61
N ASP A 125 -10.17 -11.09 0.30
CA ASP A 125 -9.90 -10.52 1.61
C ASP A 125 -10.98 -11.02 2.56
N MET A 126 -10.78 -10.85 3.85
CA MET A 126 -11.47 -11.53 4.93
C MET A 126 -11.63 -10.61 6.16
N ALA A 127 -11.26 -9.33 6.07
CA ALA A 127 -11.24 -8.39 7.18
C ALA A 127 -12.26 -7.26 7.08
N VAL A 128 -13.32 -7.51 6.32
CA VAL A 128 -14.33 -6.56 5.92
C VAL A 128 -15.10 -6.10 7.16
N LYS A 129 -15.49 -4.83 7.15
CA LYS A 129 -16.26 -4.13 8.18
C LYS A 129 -17.46 -3.45 7.52
N TYR A 130 -18.54 -3.27 8.28
CA TYR A 130 -19.76 -2.62 7.82
C TYR A 130 -20.30 -1.74 8.94
N HIS A 131 -19.77 -0.52 9.06
CA HIS A 131 -20.28 0.53 9.93
C HIS A 131 -20.09 1.87 9.21
N THR A 132 -21.06 2.77 9.38
CA THR A 132 -21.32 4.00 8.61
C THR A 132 -21.34 3.66 7.11
N GLY A 1 -6.34 21.84 7.22
CA GLY A 1 -5.17 22.69 7.46
C GLY A 1 -3.94 21.83 7.70
N MET A 2 -3.03 21.73 6.73
CA MET A 2 -1.76 20.99 6.86
C MET A 2 -0.63 21.79 6.23
N THR A 3 0.63 21.42 6.47
CA THR A 3 1.81 22.13 5.95
C THR A 3 2.81 21.15 5.32
N PRO A 4 3.76 21.63 4.48
CA PRO A 4 4.74 20.80 3.80
C PRO A 4 5.87 20.38 4.76
N GLN A 5 5.54 19.62 5.79
CA GLN A 5 6.46 19.06 6.76
C GLN A 5 6.39 17.53 6.67
N SER A 6 7.25 16.89 7.44
CA SER A 6 7.51 15.46 7.41
C SER A 6 7.57 14.95 8.85
N ASP A 7 6.70 15.49 9.70
CA ASP A 7 6.77 15.42 11.15
C ASP A 7 6.16 14.13 11.70
N THR A 8 5.74 13.25 10.82
CA THR A 8 5.19 11.94 11.03
C THR A 8 6.19 11.01 11.74
N PRO A 9 5.70 9.97 12.44
CA PRO A 9 6.54 9.01 13.16
C PRO A 9 7.40 8.17 12.20
N LYS A 10 8.39 7.46 12.76
CA LYS A 10 9.20 6.49 12.04
C LYS A 10 8.77 5.09 12.45
N VAL A 11 8.64 4.21 11.47
CA VAL A 11 8.33 2.79 11.67
C VAL A 11 9.53 2.18 12.39
N THR A 12 9.32 1.17 13.24
CA THR A 12 10.42 0.37 13.77
C THR A 12 10.26 -1.13 13.52
N GLY A 13 9.08 -1.58 13.07
CA GLY A 13 8.85 -2.98 12.78
C GLY A 13 7.87 -3.11 11.63
N LEU A 14 8.11 -4.09 10.76
CA LEU A 14 7.28 -4.45 9.62
C LEU A 14 7.11 -5.95 9.65
N LYS A 15 5.90 -6.44 9.43
CA LYS A 15 5.59 -7.87 9.38
C LYS A 15 4.63 -8.11 8.24
N LEU A 16 4.45 -9.37 7.84
CA LEU A 16 3.49 -9.72 6.81
C LEU A 16 2.64 -10.86 7.33
N LYS A 17 1.49 -11.04 6.68
CA LYS A 17 0.57 -12.15 6.85
C LYS A 17 0.24 -12.66 5.45
N ARG A 18 1.14 -13.40 4.80
CA ARG A 18 0.89 -14.04 3.49
C ARG A 18 -0.48 -14.72 3.40
N LYS A 19 -0.91 -15.35 4.50
CA LYS A 19 -2.17 -16.05 4.63
C LYS A 19 -3.34 -15.16 4.15
N SER A 20 -3.41 -13.92 4.63
CA SER A 20 -4.44 -12.94 4.33
C SER A 20 -3.89 -11.78 3.48
N ARG A 21 -2.75 -11.99 2.80
CA ARG A 21 -2.14 -11.06 1.85
C ARG A 21 -2.13 -9.63 2.36
N GLN A 22 -1.67 -9.43 3.59
CA GLN A 22 -1.65 -8.14 4.27
C GLN A 22 -0.26 -7.94 4.87
N LEU A 23 0.03 -6.72 5.31
CA LEU A 23 1.32 -6.26 5.78
C LEU A 23 1.08 -5.31 6.93
N GLU A 24 1.77 -5.58 8.03
CA GLU A 24 1.66 -4.92 9.31
C GLU A 24 2.81 -3.91 9.46
N ILE A 25 2.50 -2.78 10.09
CA ILE A 25 3.34 -1.61 10.28
C ILE A 25 3.18 -1.23 11.73
N SER A 26 4.31 -1.00 12.41
CA SER A 26 4.33 -0.48 13.77
C SER A 26 5.24 0.72 13.81
N PHE A 27 4.75 1.75 14.48
CA PHE A 27 5.40 3.04 14.63
C PHE A 27 6.05 3.15 16.00
N ASP A 28 7.07 4.00 16.11
CA ASP A 28 7.79 4.12 17.37
C ASP A 28 6.95 4.78 18.45
N ASN A 29 5.99 5.63 18.06
CA ASN A 29 5.20 6.46 18.97
C ASN A 29 4.22 5.65 19.81
N GLY A 30 3.77 4.49 19.32
CA GLY A 30 2.70 3.70 19.90
C GLY A 30 1.49 3.64 18.98
N GLN A 31 1.70 3.28 17.71
CA GLN A 31 0.64 3.01 16.75
C GLN A 31 1.01 1.75 15.97
N GLN A 32 -0.02 1.05 15.48
CA GLN A 32 0.05 -0.18 14.73
C GLN A 32 -1.12 -0.19 13.77
N PHE A 33 -0.90 -0.73 12.56
CA PHE A 33 -1.94 -0.99 11.58
C PHE A 33 -1.46 -2.04 10.60
N THR A 34 -2.37 -2.47 9.72
CA THR A 34 -2.09 -3.35 8.60
C THR A 34 -2.59 -2.66 7.31
N LEU A 35 -2.07 -3.04 6.15
CA LEU A 35 -2.49 -2.70 4.80
C LEU A 35 -2.51 -3.94 3.91
N SER A 36 -3.30 -3.92 2.84
CA SER A 36 -3.36 -5.02 1.87
C SER A 36 -2.11 -4.99 0.99
N CYS A 37 -1.55 -6.15 0.65
CA CYS A 37 -0.43 -6.26 -0.28
C CYS A 37 -0.79 -5.74 -1.67
N GLU A 38 -2.02 -5.94 -2.14
CA GLU A 38 -2.44 -5.36 -3.40
C GLU A 38 -2.48 -3.84 -3.25
N LEU A 39 -3.08 -3.31 -2.17
CA LEU A 39 -3.27 -1.87 -2.02
C LEU A 39 -1.88 -1.20 -1.88
N LEU A 40 -0.86 -1.91 -1.40
CA LEU A 40 0.54 -1.47 -1.44
C LEU A 40 1.04 -1.28 -2.87
N ARG A 41 0.86 -2.28 -3.75
CA ARG A 41 1.43 -2.20 -5.09
C ARG A 41 0.67 -1.18 -5.93
N VAL A 42 -0.64 -1.31 -6.02
CA VAL A 42 -1.46 -0.43 -6.86
C VAL A 42 -1.25 1.02 -6.37
N TYR A 43 -1.27 1.27 -5.07
CA TYR A 43 -1.11 2.59 -4.49
C TYR A 43 0.40 2.92 -4.28
N SER A 44 1.21 2.69 -5.30
CA SER A 44 2.63 3.03 -5.24
C SER A 44 2.81 4.56 -5.30
N PRO A 45 3.79 5.14 -4.58
CA PRO A 45 4.18 6.54 -4.66
C PRO A 45 5.02 6.87 -5.91
N SER A 46 5.35 5.85 -6.70
CA SER A 46 6.07 5.96 -7.96
C SER A 46 5.09 5.59 -9.08
N ALA A 47 4.04 6.40 -9.18
CA ALA A 47 2.99 6.25 -10.17
C ALA A 47 2.63 7.65 -10.72
N GLU A 48 1.83 8.42 -9.98
CA GLU A 48 1.32 9.72 -10.41
C GLU A 48 2.36 10.84 -10.23
N VAL A 49 3.61 10.58 -10.62
CA VAL A 49 4.73 11.50 -10.50
C VAL A 49 4.53 12.68 -11.45
N HIS A 50 3.87 12.45 -12.59
CA HIS A 50 3.53 13.41 -13.63
C HIS A 50 4.76 13.92 -14.39
N GLY A 51 5.92 13.28 -14.24
CA GLY A 51 7.18 13.66 -14.84
C GLY A 51 7.95 12.40 -15.22
N HIS A 52 8.81 11.91 -14.32
CA HIS A 52 9.62 10.71 -14.57
C HIS A 52 8.76 9.48 -14.89
N GLY A 53 7.52 9.44 -14.41
CA GLY A 53 6.48 8.55 -14.89
C GLY A 53 5.16 9.29 -14.82
N ASN A 54 4.14 8.76 -15.51
CA ASN A 54 2.84 9.39 -15.72
C ASN A 54 1.76 8.69 -14.90
N PRO A 55 0.63 9.38 -14.61
CA PRO A 55 -0.50 8.78 -13.93
C PRO A 55 -1.19 7.79 -14.87
N VAL A 56 -1.52 6.62 -14.35
CA VAL A 56 -2.21 5.53 -15.02
C VAL A 56 -3.11 4.82 -14.00
N LEU A 57 -4.11 4.08 -14.49
CA LEU A 57 -4.89 3.15 -13.69
C LEU A 57 -4.10 1.85 -13.51
N VAL A 58 -4.20 1.22 -12.34
CA VAL A 58 -3.68 -0.11 -12.05
C VAL A 58 -4.84 -1.01 -11.63
N THR A 59 -4.70 -2.30 -11.91
CA THR A 59 -5.69 -3.37 -11.77
C THR A 59 -5.49 -4.11 -10.43
N HIS A 60 -6.38 -5.06 -10.08
CA HIS A 60 -6.12 -6.00 -8.98
C HIS A 60 -4.82 -6.77 -9.23
N LYS A 61 -4.30 -7.49 -8.24
CA LYS A 61 -3.00 -8.14 -8.31
C LYS A 61 -3.12 -9.56 -7.76
N LYS A 62 -2.89 -10.52 -8.66
CA LYS A 62 -3.20 -11.94 -8.54
C LYS A 62 -2.87 -12.56 -7.18
N ASN A 63 -1.60 -12.65 -6.79
CA ASN A 63 -1.18 -13.46 -5.64
C ASN A 63 -0.15 -12.74 -4.77
N VAL A 64 -0.18 -11.40 -4.80
CA VAL A 64 0.87 -10.53 -4.30
C VAL A 64 1.39 -10.95 -2.93
N ASN A 65 2.66 -11.36 -2.86
CA ASN A 65 3.36 -11.74 -1.64
C ASN A 65 4.79 -11.25 -1.74
N ILE A 66 5.14 -10.34 -0.84
CA ILE A 66 6.41 -9.61 -0.83
C ILE A 66 7.58 -10.57 -0.70
N ASN A 67 8.62 -10.33 -1.52
CA ASN A 67 9.89 -11.02 -1.52
C ASN A 67 10.65 -10.61 -0.27
N ALA A 68 10.83 -9.29 -0.09
CA ALA A 68 11.80 -8.71 0.83
C ALA A 68 11.40 -7.27 1.16
N ILE A 69 11.99 -6.74 2.23
CA ILE A 69 11.83 -5.36 2.69
C ILE A 69 13.23 -4.86 2.99
N THR A 70 13.58 -3.70 2.45
CA THR A 70 14.93 -3.17 2.60
C THR A 70 14.88 -1.66 2.84
N PRO A 71 15.36 -1.16 3.98
CA PRO A 71 15.33 0.26 4.29
C PRO A 71 16.31 1.05 3.42
N VAL A 72 15.98 2.33 3.20
CA VAL A 72 16.77 3.28 2.45
C VAL A 72 16.62 4.63 3.16
N GLY A 73 17.75 5.27 3.46
CA GLY A 73 17.81 6.59 4.08
C GLY A 73 17.23 6.62 5.49
N ASN A 74 16.83 5.47 6.06
CA ASN A 74 16.15 5.32 7.34
C ASN A 74 14.83 6.11 7.41
N TYR A 75 14.34 6.57 6.25
CA TYR A 75 13.10 7.31 6.09
C TYR A 75 12.12 6.54 5.18
N ALA A 76 12.51 5.41 4.61
CA ALA A 76 11.68 4.64 3.70
C ALA A 76 12.14 3.19 3.66
N VAL A 77 11.35 2.32 3.03
CA VAL A 77 11.63 0.92 2.80
C VAL A 77 11.21 0.54 1.38
N LYS A 78 12.01 -0.34 0.78
CA LYS A 78 11.85 -0.95 -0.53
C LYS A 78 11.00 -2.20 -0.35
N LEU A 79 9.76 -2.18 -0.81
CA LEU A 79 8.77 -3.24 -0.61
C LEU A 79 8.47 -3.81 -1.99
N VAL A 80 9.07 -4.96 -2.28
CA VAL A 80 9.04 -5.55 -3.60
C VAL A 80 7.91 -6.56 -3.76
N PHE A 81 7.64 -7.02 -4.99
CA PHE A 81 6.52 -7.90 -5.27
C PHE A 81 6.93 -9.03 -6.24
N ASP A 82 6.09 -10.06 -6.29
CA ASP A 82 6.17 -11.21 -7.18
C ASP A 82 5.24 -11.02 -8.38
N ASP A 83 4.24 -10.12 -8.33
CA ASP A 83 3.27 -9.95 -9.42
C ASP A 83 3.97 -9.51 -10.72
N GLY A 84 5.14 -8.90 -10.60
CA GLY A 84 5.96 -8.41 -11.68
C GLY A 84 6.28 -6.94 -11.45
N HIS A 85 6.88 -6.60 -10.31
CA HIS A 85 7.34 -5.27 -9.95
C HIS A 85 8.19 -5.38 -8.68
N ASP A 86 9.22 -4.55 -8.54
CA ASP A 86 10.09 -4.48 -7.37
C ASP A 86 10.67 -3.06 -7.35
N THR A 87 11.74 -2.87 -6.59
CA THR A 87 12.54 -1.67 -6.40
C THR A 87 11.85 -0.48 -5.68
N GLY A 88 10.56 -0.57 -5.34
CA GLY A 88 9.64 0.49 -4.99
C GLY A 88 9.75 0.88 -3.53
N LEU A 89 10.03 2.14 -3.29
CA LEU A 89 10.10 2.72 -1.95
C LEU A 89 8.72 3.16 -1.50
N TYR A 90 8.53 3.15 -0.20
CA TYR A 90 7.34 3.63 0.50
C TYR A 90 7.82 4.35 1.74
N SER A 91 7.21 5.49 2.06
CA SER A 91 7.58 6.33 3.17
C SER A 91 6.61 6.17 4.32
N TRP A 92 7.06 6.58 5.51
CA TRP A 92 6.30 6.49 6.75
C TRP A 92 4.98 7.26 6.59
N LYS A 93 5.05 8.45 5.97
CA LYS A 93 3.89 9.29 5.71
C LYS A 93 2.90 8.55 4.81
N VAL A 94 3.37 8.02 3.67
CA VAL A 94 2.51 7.37 2.69
C VAL A 94 1.78 6.19 3.33
N LEU A 95 2.52 5.36 4.07
CA LEU A 95 1.97 4.17 4.71
C LEU A 95 0.86 4.53 5.71
N TYR A 96 1.03 5.59 6.50
CA TYR A 96 0.03 6.03 7.48
C TYR A 96 -1.23 6.49 6.77
N ASP A 97 -1.10 7.42 5.83
CA ASP A 97 -2.24 8.03 5.15
C ASP A 97 -3.09 6.97 4.46
N LEU A 98 -2.42 6.07 3.73
CA LEU A 98 -3.07 4.97 3.05
C LEU A 98 -3.71 4.01 4.04
N ALA A 99 -3.05 3.65 5.14
CA ALA A 99 -3.64 2.75 6.14
C ALA A 99 -4.95 3.30 6.69
N SER A 100 -4.98 4.58 7.06
CA SER A 100 -6.18 5.26 7.54
C SER A 100 -7.31 5.27 6.50
N ASN A 101 -6.99 5.18 5.21
CA ASN A 101 -7.94 5.40 4.13
C ASN A 101 -8.06 4.21 3.17
N GLN A 102 -7.57 3.02 3.53
CA GLN A 102 -7.29 1.96 2.57
C GLN A 102 -8.60 1.43 2.02
N VAL A 103 -9.59 1.28 2.89
CA VAL A 103 -10.90 0.79 2.55
C VAL A 103 -11.56 1.79 1.60
N ASP A 104 -11.56 3.07 1.99
CA ASP A 104 -12.35 4.08 1.30
C ASP A 104 -11.75 4.42 -0.05
N LEU A 105 -10.44 4.24 -0.23
CA LEU A 105 -9.72 4.41 -1.48
C LEU A 105 -9.78 3.14 -2.34
N TRP A 106 -9.81 1.97 -1.70
CA TRP A 106 -10.02 0.70 -2.37
C TRP A 106 -11.37 0.71 -3.10
N GLU A 107 -12.45 1.09 -2.41
CA GLU A 107 -13.79 1.23 -2.99
C GLU A 107 -13.75 2.07 -4.27
N ASN A 108 -12.94 3.14 -4.25
CA ASN A 108 -12.79 4.04 -5.39
C ASN A 108 -12.20 3.29 -6.58
N TYR A 109 -11.15 2.50 -6.34
CA TYR A 109 -10.59 1.67 -7.39
C TYR A 109 -11.61 0.70 -7.94
N LEU A 110 -12.44 0.06 -7.11
CA LEU A 110 -13.41 -0.92 -7.60
C LEU A 110 -14.35 -0.28 -8.61
N ALA A 111 -14.81 0.93 -8.31
CA ALA A 111 -15.62 1.76 -9.18
C ALA A 111 -14.85 2.10 -10.47
N ARG A 112 -13.69 2.78 -10.34
CA ARG A 112 -12.87 3.23 -11.47
C ARG A 112 -12.58 2.07 -12.43
N LEU A 113 -12.24 0.91 -11.87
CA LEU A 113 -11.89 -0.31 -12.57
C LEU A 113 -13.02 -0.70 -13.51
N ARG A 114 -14.24 -0.85 -13.00
CA ARG A 114 -15.34 -1.29 -13.82
C ARG A 114 -15.65 -0.29 -14.93
N ALA A 115 -15.68 1.01 -14.61
CA ALA A 115 -15.95 2.04 -15.60
C ALA A 115 -14.83 2.10 -16.64
N ALA A 116 -13.64 1.58 -16.34
CA ALA A 116 -12.50 1.58 -17.24
C ALA A 116 -12.28 0.23 -17.92
N LYS A 117 -13.13 -0.78 -17.65
CA LYS A 117 -13.09 -2.14 -18.17
C LYS A 117 -11.72 -2.84 -18.04
N ALA A 118 -10.90 -2.43 -17.07
CA ALA A 118 -9.57 -2.99 -16.91
C ALA A 118 -9.64 -4.38 -16.25
N SER A 119 -8.51 -5.09 -16.17
CA SER A 119 -8.46 -6.45 -15.64
C SER A 119 -8.80 -6.51 -14.15
N ARG A 120 -9.51 -7.58 -13.75
CA ARG A 120 -9.95 -7.81 -12.38
C ARG A 120 -9.29 -9.11 -11.94
N GLU A 121 -7.97 -9.07 -11.77
CA GLU A 121 -7.19 -10.20 -11.26
C GLU A 121 -7.75 -10.69 -9.91
N PRO A 122 -7.45 -11.94 -9.53
CA PRO A 122 -7.81 -12.46 -8.23
C PRO A 122 -7.12 -11.62 -7.14
N LEU A 123 -7.78 -11.42 -6.01
CA LEU A 123 -7.18 -10.94 -4.78
C LEU A 123 -7.95 -11.28 -3.50
N ILE A 124 -9.11 -11.92 -3.63
CA ILE A 124 -10.09 -12.05 -2.56
C ILE A 124 -9.43 -12.80 -1.40
N ASP A 125 -9.75 -12.40 -0.16
CA ASP A 125 -9.27 -13.06 1.05
C ASP A 125 -10.45 -13.63 1.81
N MET A 126 -10.61 -14.94 1.67
CA MET A 126 -11.58 -15.79 2.35
C MET A 126 -11.31 -15.93 3.87
N ALA A 127 -10.23 -15.35 4.41
CA ALA A 127 -9.77 -15.55 5.78
C ALA A 127 -9.91 -14.31 6.68
N VAL A 128 -10.88 -13.45 6.38
CA VAL A 128 -11.34 -12.36 7.22
C VAL A 128 -12.03 -12.97 8.44
N LYS A 129 -12.08 -12.20 9.52
CA LYS A 129 -12.69 -12.48 10.82
C LYS A 129 -13.18 -11.15 11.42
N TYR A 130 -14.15 -11.22 12.33
CA TYR A 130 -14.85 -10.08 12.93
C TYR A 130 -14.17 -9.60 14.24
N HIS A 131 -12.90 -9.96 14.45
CA HIS A 131 -12.14 -9.73 15.69
C HIS A 131 -10.71 -9.34 15.31
N THR A 132 -9.89 -9.04 16.31
CA THR A 132 -8.46 -8.77 16.15
C THR A 132 -7.73 -9.99 15.61
N GLY A 1 -4.63 30.08 7.62
CA GLY A 1 -4.16 29.02 6.73
C GLY A 1 -2.82 28.50 7.21
N MET A 2 -2.61 27.18 7.15
CA MET A 2 -1.33 26.56 7.47
C MET A 2 -1.23 25.26 6.65
N THR A 3 -0.02 24.70 6.52
CA THR A 3 0.24 23.43 5.87
C THR A 3 1.32 22.66 6.65
N PRO A 4 1.38 21.32 6.52
CA PRO A 4 2.15 20.47 7.42
C PRO A 4 3.64 20.38 7.05
N GLN A 5 4.36 19.62 7.87
CA GLN A 5 5.77 19.29 7.74
C GLN A 5 5.88 17.78 7.90
N SER A 6 6.89 17.18 7.28
CA SER A 6 7.29 15.79 7.48
C SER A 6 7.83 15.62 8.91
N ASP A 7 6.95 15.19 9.81
CA ASP A 7 7.21 14.99 11.24
C ASP A 7 6.46 13.78 11.78
N THR A 8 5.99 12.94 10.86
CA THR A 8 5.40 11.62 11.11
C THR A 8 6.31 10.76 12.00
N PRO A 9 5.78 9.73 12.67
CA PRO A 9 6.57 8.75 13.40
C PRO A 9 7.51 7.95 12.45
N LYS A 10 8.38 7.13 13.04
CA LYS A 10 9.39 6.33 12.35
C LYS A 10 9.08 4.86 12.63
N VAL A 11 8.92 4.07 11.56
CA VAL A 11 8.50 2.69 11.68
C VAL A 11 9.63 1.91 12.35
N THR A 12 9.29 0.98 13.23
CA THR A 12 10.23 0.12 13.92
C THR A 12 9.71 -1.34 14.00
N GLY A 13 8.54 -1.65 13.42
CA GLY A 13 8.08 -3.03 13.31
C GLY A 13 7.29 -3.25 12.04
N LEU A 14 7.53 -4.39 11.39
CA LEU A 14 6.94 -4.78 10.11
C LEU A 14 6.71 -6.29 10.16
N LYS A 15 5.49 -6.77 9.90
CA LYS A 15 5.17 -8.20 9.95
C LYS A 15 4.21 -8.59 8.86
N LEU A 16 4.69 -9.33 7.85
CA LEU A 16 3.80 -9.86 6.84
C LEU A 16 2.95 -11.00 7.37
N LYS A 17 1.89 -11.31 6.62
CA LYS A 17 1.04 -12.47 6.80
C LYS A 17 0.57 -12.94 5.43
N ARG A 18 1.38 -13.81 4.80
CA ARG A 18 1.07 -14.36 3.49
C ARG A 18 -0.31 -15.04 3.44
N LYS A 19 -0.80 -15.54 4.59
CA LYS A 19 -2.13 -16.13 4.78
C LYS A 19 -3.22 -15.24 4.17
N SER A 20 -3.08 -13.92 4.31
CA SER A 20 -4.08 -12.93 3.95
C SER A 20 -3.57 -11.97 2.87
N ARG A 21 -2.30 -12.14 2.43
CA ARG A 21 -1.52 -11.12 1.71
C ARG A 21 -1.69 -9.75 2.38
N GLN A 22 -1.34 -9.65 3.65
CA GLN A 22 -1.38 -8.39 4.41
C GLN A 22 -0.04 -8.18 5.10
N LEU A 23 0.17 -6.99 5.65
CA LEU A 23 1.40 -6.53 6.30
C LEU A 23 1.02 -5.62 7.46
N GLU A 24 1.65 -5.84 8.60
CA GLU A 24 1.44 -5.12 9.86
C GLU A 24 2.57 -4.10 10.01
N ILE A 25 2.28 -2.87 10.42
CA ILE A 25 3.19 -1.74 10.60
C ILE A 25 3.11 -1.27 12.04
N SER A 26 4.23 -0.73 12.51
CA SER A 26 4.44 -0.45 13.91
C SER A 26 5.34 0.77 14.06
N PHE A 27 4.85 1.80 14.74
CA PHE A 27 5.50 3.08 14.88
C PHE A 27 6.01 3.23 16.30
N ASP A 28 7.20 3.82 16.43
CA ASP A 28 7.93 3.86 17.70
C ASP A 28 7.20 4.75 18.72
N ASN A 29 6.40 5.71 18.23
CA ASN A 29 5.61 6.59 19.09
C ASN A 29 4.45 5.86 19.78
N GLY A 30 4.06 4.68 19.28
CA GLY A 30 2.95 3.89 19.81
C GLY A 30 1.72 4.01 18.91
N GLN A 31 1.80 3.55 17.66
CA GLN A 31 0.65 3.26 16.82
C GLN A 31 0.96 1.99 16.04
N GLN A 32 -0.08 1.28 15.59
CA GLN A 32 0.04 0.08 14.75
C GLN A 32 -1.11 0.04 13.75
N PHE A 33 -0.87 -0.44 12.54
CA PHE A 33 -1.91 -0.65 11.53
C PHE A 33 -1.43 -1.64 10.47
N THR A 34 -2.35 -2.23 9.73
CA THR A 34 -2.09 -3.33 8.81
C THR A 34 -2.72 -2.99 7.49
N LEU A 35 -1.98 -3.19 6.39
CA LEU A 35 -2.39 -2.92 5.03
C LEU A 35 -2.37 -4.20 4.21
N SER A 36 -3.02 -4.18 3.06
CA SER A 36 -3.11 -5.31 2.15
C SER A 36 -2.12 -5.14 1.01
N CYS A 37 -1.49 -6.24 0.59
CA CYS A 37 -0.58 -6.25 -0.57
C CYS A 37 -1.25 -5.72 -1.85
N GLU A 38 -2.56 -5.88 -2.00
CA GLU A 38 -3.25 -5.32 -3.16
C GLU A 38 -3.08 -3.81 -3.15
N LEU A 39 -3.67 -3.11 -2.17
CA LEU A 39 -3.66 -1.66 -2.04
C LEU A 39 -2.23 -1.11 -2.17
N LEU A 40 -1.30 -1.74 -1.43
CA LEU A 40 0.11 -1.33 -1.37
C LEU A 40 0.76 -1.19 -2.75
N ARG A 41 0.31 -1.95 -3.75
CA ARG A 41 0.91 -1.96 -5.08
C ARG A 41 0.01 -1.26 -6.09
N VAL A 42 -1.32 -1.38 -6.00
CA VAL A 42 -2.21 -0.73 -6.97
C VAL A 42 -2.13 0.80 -6.84
N TYR A 43 -1.91 1.35 -5.65
CA TYR A 43 -1.73 2.79 -5.51
C TYR A 43 -0.34 3.19 -6.01
N SER A 44 0.70 2.45 -5.62
CA SER A 44 2.08 2.92 -5.58
C SER A 44 2.21 4.22 -4.71
N PRO A 45 3.43 4.60 -4.29
CA PRO A 45 3.71 5.88 -3.64
C PRO A 45 3.80 7.05 -4.64
N SER A 46 3.73 6.75 -5.92
CA SER A 46 3.74 7.66 -7.05
C SER A 46 2.32 7.65 -7.63
N ALA A 47 2.22 7.95 -8.93
CA ALA A 47 1.10 7.92 -9.85
C ALA A 47 0.18 9.10 -9.60
N GLU A 48 -0.36 9.12 -8.39
CA GLU A 48 -1.39 10.01 -7.90
C GLU A 48 -0.76 11.37 -7.58
N VAL A 49 -0.34 12.08 -8.62
CA VAL A 49 0.35 13.35 -8.55
C VAL A 49 -0.61 14.49 -8.91
N HIS A 50 -1.68 14.21 -9.68
CA HIS A 50 -2.71 15.16 -10.12
C HIS A 50 -2.15 16.46 -10.73
N GLY A 51 -0.92 16.45 -11.25
CA GLY A 51 -0.18 17.63 -11.66
C GLY A 51 0.92 17.23 -12.63
N HIS A 52 2.16 17.12 -12.16
CA HIS A 52 3.32 16.69 -12.96
C HIS A 52 3.13 15.31 -13.58
N GLY A 53 2.20 14.52 -13.05
CA GLY A 53 1.58 13.45 -13.78
C GLY A 53 0.14 13.35 -13.34
N ASN A 54 -0.69 12.70 -14.17
CA ASN A 54 -2.04 12.31 -13.81
C ASN A 54 -2.01 10.93 -13.14
N PRO A 55 -3.02 10.63 -12.31
CA PRO A 55 -3.16 9.32 -11.71
C PRO A 55 -3.35 8.25 -12.78
N VAL A 56 -3.10 7.00 -12.42
CA VAL A 56 -3.32 5.86 -13.31
C VAL A 56 -4.42 4.98 -12.70
N LEU A 57 -4.67 3.82 -13.29
CA LEU A 57 -5.61 2.85 -12.79
C LEU A 57 -4.90 1.52 -12.91
N VAL A 58 -4.65 0.84 -11.79
CA VAL A 58 -4.01 -0.47 -11.76
C VAL A 58 -5.13 -1.49 -11.55
N THR A 59 -4.96 -2.72 -12.06
CA THR A 59 -5.93 -3.80 -11.87
C THR A 59 -5.63 -4.57 -10.58
N HIS A 60 -6.62 -5.30 -10.04
CA HIS A 60 -6.43 -6.24 -8.93
C HIS A 60 -5.25 -7.17 -9.25
N LYS A 61 -4.58 -7.71 -8.24
CA LYS A 61 -3.51 -8.68 -8.42
C LYS A 61 -3.98 -9.97 -7.77
N LYS A 62 -3.91 -11.04 -8.54
CA LYS A 62 -4.32 -12.39 -8.16
C LYS A 62 -3.83 -12.75 -6.76
N ASN A 63 -2.51 -12.79 -6.56
CA ASN A 63 -1.88 -13.27 -5.33
C ASN A 63 -0.41 -12.82 -5.41
N VAL A 64 -0.16 -11.53 -5.18
CA VAL A 64 1.20 -10.99 -5.14
C VAL A 64 1.84 -11.41 -3.82
N ASN A 65 3.17 -11.40 -3.74
CA ASN A 65 3.85 -11.49 -2.45
C ASN A 65 5.05 -10.55 -2.43
N ILE A 66 5.50 -10.19 -1.23
CA ILE A 66 6.66 -9.32 -1.06
C ILE A 66 7.89 -10.22 -1.04
N ASN A 67 8.88 -9.92 -1.89
CA ASN A 67 10.09 -10.74 -1.98
C ASN A 67 10.98 -10.47 -0.78
N ALA A 68 10.99 -9.21 -0.31
CA ALA A 68 11.90 -8.69 0.70
C ALA A 68 11.49 -7.24 1.02
N ILE A 69 12.09 -6.68 2.05
CA ILE A 69 11.94 -5.30 2.50
C ILE A 69 13.35 -4.77 2.62
N THR A 70 13.60 -3.60 2.04
CA THR A 70 14.90 -2.96 2.10
C THR A 70 14.70 -1.53 2.58
N PRO A 71 15.28 -1.11 3.71
CA PRO A 71 15.24 0.26 4.17
C PRO A 71 16.05 1.15 3.22
N VAL A 72 15.57 2.36 2.98
CA VAL A 72 16.26 3.34 2.16
C VAL A 72 16.18 4.68 2.89
N GLY A 73 17.33 5.34 3.02
CA GLY A 73 17.45 6.68 3.55
C GLY A 73 17.29 6.76 5.07
N ASN A 74 16.92 5.68 5.77
CA ASN A 74 16.50 5.62 7.17
C ASN A 74 15.10 6.23 7.40
N TYR A 75 14.42 6.63 6.32
CA TYR A 75 13.12 7.30 6.33
C TYR A 75 12.05 6.53 5.52
N ALA A 76 12.40 5.38 4.92
CA ALA A 76 11.54 4.68 3.98
C ALA A 76 11.92 3.21 3.81
N VAL A 77 11.10 2.46 3.06
CA VAL A 77 11.37 1.09 2.64
C VAL A 77 11.04 0.92 1.16
N LYS A 78 11.80 0.07 0.49
CA LYS A 78 11.46 -0.57 -0.77
C LYS A 78 10.52 -1.72 -0.43
N LEU A 79 9.47 -1.92 -1.24
CA LEU A 79 8.57 -3.07 -1.19
C LEU A 79 8.71 -3.76 -2.53
N VAL A 80 9.58 -4.76 -2.61
CA VAL A 80 9.66 -5.57 -3.82
C VAL A 80 8.51 -6.54 -3.83
N PHE A 81 7.58 -6.35 -4.76
CA PHE A 81 6.61 -7.39 -5.08
C PHE A 81 7.27 -8.34 -6.07
N ASP A 82 7.15 -9.65 -5.81
CA ASP A 82 7.72 -10.75 -6.57
C ASP A 82 7.30 -10.74 -8.05
N ASP A 83 6.14 -10.15 -8.31
CA ASP A 83 5.57 -9.81 -9.61
C ASP A 83 6.54 -9.01 -10.49
N GLY A 84 7.41 -8.19 -9.88
CA GLY A 84 8.52 -7.53 -10.56
C GLY A 84 8.59 -6.03 -10.28
N HIS A 85 8.23 -5.61 -9.06
CA HIS A 85 7.92 -4.22 -8.73
C HIS A 85 8.56 -3.89 -7.38
N ASP A 86 9.89 -3.72 -7.36
CA ASP A 86 10.64 -3.03 -6.30
C ASP A 86 10.60 -1.51 -6.49
N THR A 87 10.22 -1.03 -7.67
CA THR A 87 10.19 0.38 -8.05
C THR A 87 8.95 1.05 -7.47
N GLY A 88 9.13 1.83 -6.39
CA GLY A 88 8.07 2.59 -5.74
C GLY A 88 8.68 3.54 -4.71
N LEU A 89 9.15 2.96 -3.60
CA LEU A 89 9.83 3.54 -2.46
C LEU A 89 8.83 4.29 -1.55
N TYR A 90 8.67 3.79 -0.33
CA TYR A 90 7.53 4.08 0.56
C TYR A 90 8.11 4.72 1.83
N SER A 91 7.89 6.01 1.99
CA SER A 91 8.38 6.78 3.15
C SER A 91 7.38 6.64 4.29
N TRP A 92 7.77 6.87 5.54
CA TRP A 92 6.86 6.66 6.68
C TRP A 92 5.52 7.41 6.53
N LYS A 93 5.53 8.60 5.90
CA LYS A 93 4.34 9.33 5.50
C LYS A 93 3.44 8.44 4.64
N VAL A 94 3.97 7.89 3.55
CA VAL A 94 3.24 7.05 2.59
C VAL A 94 2.53 5.91 3.32
N LEU A 95 3.27 5.14 4.14
CA LEU A 95 2.73 3.95 4.77
C LEU A 95 1.55 4.32 5.67
N TYR A 96 1.64 5.45 6.37
CA TYR A 96 0.55 5.97 7.19
C TYR A 96 -0.63 6.36 6.29
N ASP A 97 -0.39 7.20 5.28
CA ASP A 97 -1.44 7.84 4.47
C ASP A 97 -2.32 6.82 3.75
N LEU A 98 -1.72 5.72 3.28
CA LEU A 98 -2.42 4.58 2.75
C LEU A 98 -3.35 3.99 3.82
N ALA A 99 -2.79 3.59 4.96
CA ALA A 99 -3.53 2.92 6.04
C ALA A 99 -4.68 3.78 6.59
N SER A 100 -4.46 5.09 6.72
CA SER A 100 -5.47 6.01 7.21
C SER A 100 -6.74 5.97 6.35
N ASN A 101 -6.64 5.67 5.06
CA ASN A 101 -7.71 5.87 4.07
C ASN A 101 -8.00 4.60 3.28
N GLN A 102 -7.60 3.41 3.75
CA GLN A 102 -7.38 2.29 2.85
C GLN A 102 -8.69 1.77 2.28
N VAL A 103 -9.75 1.83 3.10
CA VAL A 103 -11.07 1.40 2.73
C VAL A 103 -11.60 2.28 1.60
N ASP A 104 -11.56 3.61 1.76
CA ASP A 104 -12.21 4.50 0.78
C ASP A 104 -11.42 4.52 -0.52
N LEU A 105 -10.07 4.53 -0.43
CA LEU A 105 -9.23 4.47 -1.61
C LEU A 105 -9.45 3.16 -2.34
N TRP A 106 -9.61 2.04 -1.62
CA TRP A 106 -9.99 0.77 -2.23
C TRP A 106 -11.31 0.89 -2.95
N GLU A 107 -12.39 1.30 -2.27
CA GLU A 107 -13.77 1.45 -2.76
C GLU A 107 -13.81 2.19 -4.11
N ASN A 108 -13.07 3.30 -4.21
CA ASN A 108 -12.85 4.04 -5.45
C ASN A 108 -12.31 3.21 -6.62
N TYR A 109 -11.56 2.14 -6.40
CA TYR A 109 -11.03 1.35 -7.51
C TYR A 109 -12.15 0.55 -8.10
N LEU A 110 -12.96 -0.08 -7.27
CA LEU A 110 -14.09 -0.90 -7.70
C LEU A 110 -14.97 -0.10 -8.68
N ALA A 111 -15.22 1.17 -8.35
CA ALA A 111 -15.88 2.15 -9.20
C ALA A 111 -15.12 2.38 -10.50
N ARG A 112 -13.95 3.03 -10.44
CA ARG A 112 -13.25 3.48 -11.65
C ARG A 112 -12.82 2.30 -12.52
N LEU A 113 -12.54 1.13 -11.94
CA LEU A 113 -12.24 -0.12 -12.62
C LEU A 113 -13.38 -0.49 -13.56
N ARG A 114 -14.63 -0.47 -13.07
CA ARG A 114 -15.78 -0.71 -13.94
C ARG A 114 -15.83 0.31 -15.05
N ALA A 115 -15.56 1.58 -14.73
CA ALA A 115 -15.57 2.64 -15.72
C ALA A 115 -14.47 2.45 -16.77
N ALA A 116 -13.36 1.77 -16.43
CA ALA A 116 -12.12 1.80 -17.19
C ALA A 116 -12.00 0.64 -18.16
N LYS A 117 -12.90 -0.35 -18.05
CA LYS A 117 -12.85 -1.62 -18.75
C LYS A 117 -11.47 -2.27 -18.57
N ALA A 118 -11.13 -2.52 -17.31
CA ALA A 118 -9.89 -3.23 -16.94
C ALA A 118 -10.18 -4.53 -16.20
N SER A 119 -9.14 -5.34 -15.99
CA SER A 119 -9.17 -6.69 -15.43
C SER A 119 -9.50 -6.70 -13.94
N ARG A 120 -10.06 -7.81 -13.45
CA ARG A 120 -10.58 -7.98 -12.10
C ARG A 120 -10.06 -9.31 -11.54
N GLU A 121 -8.74 -9.42 -11.40
CA GLU A 121 -8.09 -10.59 -10.83
C GLU A 121 -8.63 -10.85 -9.41
N PRO A 122 -8.48 -12.06 -8.87
CA PRO A 122 -8.96 -12.37 -7.52
C PRO A 122 -8.14 -11.60 -6.49
N LEU A 123 -8.75 -11.24 -5.35
CA LEU A 123 -8.07 -10.60 -4.22
C LEU A 123 -8.74 -10.85 -2.86
N ILE A 124 -9.85 -11.57 -2.87
CA ILE A 124 -10.80 -11.67 -1.78
C ILE A 124 -10.16 -12.48 -0.65
N ASP A 125 -10.59 -12.17 0.57
CA ASP A 125 -10.48 -13.02 1.72
C ASP A 125 -11.66 -12.68 2.63
N MET A 126 -12.00 -13.58 3.55
CA MET A 126 -13.02 -13.38 4.58
C MET A 126 -12.62 -12.25 5.52
N ALA A 127 -11.31 -12.05 5.76
CA ALA A 127 -10.77 -11.13 6.75
C ALA A 127 -11.37 -11.31 8.15
N VAL A 128 -11.87 -12.51 8.43
CA VAL A 128 -12.30 -13.00 9.71
C VAL A 128 -11.08 -13.68 10.37
N LYS A 129 -11.11 -13.75 11.69
CA LYS A 129 -10.23 -14.53 12.54
C LYS A 129 -11.06 -15.08 13.69
N TYR A 130 -10.54 -16.07 14.38
CA TYR A 130 -11.15 -16.71 15.54
C TYR A 130 -10.02 -16.82 16.59
N HIS A 131 -9.63 -15.69 17.18
CA HIS A 131 -8.58 -15.56 18.20
C HIS A 131 -8.86 -14.28 19.02
N THR A 132 -8.12 -14.07 20.11
CA THR A 132 -8.30 -12.95 21.02
C THR A 132 -6.96 -12.29 21.30
N GLY A 1 10.36 31.67 2.04
CA GLY A 1 8.97 31.32 2.36
C GLY A 1 8.97 30.30 3.48
N MET A 2 7.88 29.55 3.61
CA MET A 2 7.69 28.50 4.61
C MET A 2 7.31 27.20 3.89
N THR A 3 7.45 26.04 4.54
CA THR A 3 6.96 24.76 4.01
C THR A 3 6.68 23.75 5.14
N PRO A 4 5.77 22.78 4.91
CA PRO A 4 5.52 21.67 5.84
C PRO A 4 6.63 20.62 5.72
N GLN A 5 7.16 20.20 6.87
CA GLN A 5 8.04 19.05 7.02
C GLN A 5 7.21 17.75 7.04
N SER A 6 7.85 16.66 7.42
CA SER A 6 7.22 15.39 7.72
C SER A 6 7.40 15.12 9.21
N ASP A 7 6.40 15.55 9.98
CA ASP A 7 6.36 15.43 11.45
C ASP A 7 5.83 14.06 11.88
N THR A 8 5.60 13.20 10.92
CA THR A 8 5.00 11.88 11.05
C THR A 8 6.05 10.91 11.63
N PRO A 9 5.62 9.89 12.38
CA PRO A 9 6.50 8.96 13.08
C PRO A 9 7.32 8.10 12.10
N LYS A 10 8.25 7.31 12.64
CA LYS A 10 9.19 6.48 11.88
C LYS A 10 8.85 5.03 12.13
N VAL A 11 8.50 4.30 11.08
CA VAL A 11 8.16 2.89 11.17
C VAL A 11 9.41 2.18 11.72
N THR A 12 9.22 1.26 12.64
CA THR A 12 10.28 0.70 13.47
C THR A 12 10.13 -0.83 13.64
N GLY A 13 9.20 -1.47 12.90
CA GLY A 13 8.81 -2.87 13.08
C GLY A 13 8.88 -3.68 11.79
N LEU A 14 7.78 -3.58 11.04
CA LEU A 14 7.44 -4.21 9.76
C LEU A 14 7.41 -5.74 9.86
N LYS A 15 6.22 -6.36 9.89
CA LYS A 15 6.07 -7.82 9.93
C LYS A 15 5.18 -8.26 8.79
N LEU A 16 5.60 -9.28 8.06
CA LEU A 16 4.83 -9.85 6.95
C LEU A 16 4.02 -11.05 7.43
N LYS A 17 2.97 -11.40 6.68
CA LYS A 17 2.08 -12.51 6.99
C LYS A 17 1.64 -13.25 5.72
N ARG A 18 2.52 -14.08 5.13
CA ARG A 18 2.25 -14.83 3.90
C ARG A 18 0.96 -15.66 3.93
N LYS A 19 0.33 -15.91 5.08
CA LYS A 19 -1.03 -16.43 5.17
C LYS A 19 -2.00 -15.49 4.43
N SER A 20 -2.11 -14.23 4.86
CA SER A 20 -3.17 -13.30 4.44
C SER A 20 -2.78 -12.48 3.21
N ARG A 21 -1.50 -12.51 2.79
CA ARG A 21 -0.88 -11.61 1.83
C ARG A 21 -1.04 -10.12 2.18
N GLN A 22 -0.76 -9.79 3.43
CA GLN A 22 -0.80 -8.42 3.97
C GLN A 22 0.54 -8.11 4.65
N LEU A 23 0.73 -6.89 5.12
CA LEU A 23 1.94 -6.39 5.75
C LEU A 23 1.52 -5.52 6.93
N GLU A 24 2.16 -5.70 8.08
CA GLU A 24 1.87 -4.98 9.32
C GLU A 24 2.97 -4.01 9.63
N ILE A 25 2.58 -2.85 10.14
CA ILE A 25 3.40 -1.66 10.21
C ILE A 25 3.27 -1.19 11.66
N SER A 26 4.40 -0.95 12.31
CA SER A 26 4.47 -0.54 13.70
C SER A 26 5.38 0.67 13.77
N PHE A 27 4.95 1.64 14.57
CA PHE A 27 5.61 2.92 14.75
C PHE A 27 6.24 3.01 16.13
N ASP A 28 7.10 4.01 16.32
CA ASP A 28 7.74 4.27 17.61
C ASP A 28 7.13 5.50 18.28
N ASN A 29 5.83 5.69 18.08
CA ASN A 29 4.97 6.66 18.75
C ASN A 29 3.73 6.01 19.39
N GLY A 30 3.61 4.67 19.34
CA GLY A 30 2.46 3.97 19.88
C GLY A 30 1.29 3.90 18.89
N GLN A 31 1.55 3.62 17.61
CA GLN A 31 0.51 3.27 16.63
C GLN A 31 0.95 2.00 15.92
N GLN A 32 -0.04 1.30 15.34
CA GLN A 32 0.12 0.07 14.57
C GLN A 32 -1.05 -0.08 13.59
N PHE A 33 -0.81 -0.64 12.40
CA PHE A 33 -1.84 -0.95 11.41
C PHE A 33 -1.31 -2.02 10.44
N THR A 34 -2.13 -2.38 9.46
CA THR A 34 -1.85 -3.38 8.45
C THR A 34 -2.40 -2.87 7.12
N LEU A 35 -1.76 -3.18 6.00
CA LEU A 35 -2.24 -2.93 4.63
C LEU A 35 -2.05 -4.18 3.78
N SER A 36 -2.69 -4.21 2.61
CA SER A 36 -2.57 -5.32 1.68
C SER A 36 -1.41 -5.08 0.70
N CYS A 37 -0.83 -6.18 0.23
CA CYS A 37 0.19 -6.13 -0.82
C CYS A 37 -0.40 -5.67 -2.17
N GLU A 38 -1.70 -5.86 -2.38
CA GLU A 38 -2.42 -5.26 -3.49
C GLU A 38 -2.33 -3.73 -3.36
N LEU A 39 -2.92 -3.16 -2.30
CA LEU A 39 -3.15 -1.71 -2.19
C LEU A 39 -1.82 -0.97 -2.21
N LEU A 40 -0.76 -1.59 -1.68
CA LEU A 40 0.61 -1.10 -1.73
C LEU A 40 1.03 -0.75 -3.17
N ARG A 41 0.93 -1.68 -4.10
CA ARG A 41 1.43 -1.48 -5.47
C ARG A 41 0.43 -0.70 -6.31
N VAL A 42 -0.88 -0.84 -6.07
CA VAL A 42 -1.93 -0.12 -6.73
C VAL A 42 -1.80 1.36 -6.37
N TYR A 43 -1.82 1.74 -5.09
CA TYR A 43 -1.70 3.11 -4.63
C TYR A 43 -0.23 3.49 -4.56
N SER A 44 0.44 3.45 -5.70
CA SER A 44 1.79 3.98 -5.80
C SER A 44 1.76 5.49 -5.43
N PRO A 45 2.80 6.01 -4.77
CA PRO A 45 2.87 7.38 -4.25
C PRO A 45 3.15 8.41 -5.36
N SER A 46 3.38 7.91 -6.57
CA SER A 46 3.49 8.63 -7.81
C SER A 46 3.39 7.60 -8.90
N ALA A 47 2.65 7.92 -9.94
CA ALA A 47 2.79 7.26 -11.21
C ALA A 47 3.01 8.37 -12.21
N GLU A 48 1.95 9.00 -12.68
CA GLU A 48 1.97 9.87 -13.84
C GLU A 48 1.14 11.10 -13.51
N VAL A 49 1.55 11.81 -12.44
CA VAL A 49 0.89 13.03 -11.99
C VAL A 49 1.88 14.20 -12.03
N HIS A 50 3.07 14.01 -11.47
CA HIS A 50 4.14 15.00 -11.39
C HIS A 50 3.65 16.32 -10.76
N GLY A 51 2.64 16.27 -9.88
CA GLY A 51 1.97 17.46 -9.34
C GLY A 51 1.08 17.24 -8.14
N HIS A 52 1.24 16.10 -7.48
CA HIS A 52 0.40 15.52 -6.45
C HIS A 52 -0.90 14.97 -7.01
N GLY A 53 -1.18 13.69 -6.76
CA GLY A 53 -2.43 13.05 -7.13
C GLY A 53 -2.40 11.54 -6.88
N ASN A 54 -3.52 10.86 -7.10
CA ASN A 54 -3.53 9.40 -7.20
C ASN A 54 -2.83 8.96 -8.48
N PRO A 55 -2.32 7.72 -8.54
CA PRO A 55 -1.63 7.19 -9.71
C PRO A 55 -2.59 6.96 -10.89
N VAL A 56 -2.13 6.24 -11.89
CA VAL A 56 -2.98 5.67 -12.94
C VAL A 56 -4.03 4.78 -12.27
N LEU A 57 -5.14 4.51 -12.95
CA LEU A 57 -6.01 3.41 -12.56
C LEU A 57 -5.18 2.14 -12.67
N VAL A 58 -5.08 1.36 -11.59
CA VAL A 58 -4.44 0.05 -11.62
C VAL A 58 -5.48 -0.94 -11.13
N THR A 59 -5.37 -2.15 -11.67
CA THR A 59 -6.18 -3.32 -11.42
C THR A 59 -5.93 -3.92 -10.04
N HIS A 60 -6.49 -5.11 -9.77
CA HIS A 60 -6.26 -5.76 -8.51
C HIS A 60 -4.81 -6.20 -8.38
N LYS A 61 -4.50 -6.97 -7.32
CA LYS A 61 -3.54 -8.03 -7.62
C LYS A 61 -3.74 -9.41 -7.00
N LYS A 62 -3.74 -10.42 -7.87
CA LYS A 62 -4.30 -11.74 -7.69
C LYS A 62 -4.00 -12.31 -6.31
N ASN A 63 -2.74 -12.73 -6.07
CA ASN A 63 -2.29 -13.31 -4.81
C ASN A 63 -0.80 -13.04 -4.68
N VAL A 64 -0.44 -11.75 -4.66
CA VAL A 64 0.95 -11.29 -4.48
C VAL A 64 1.49 -11.83 -3.14
N ASN A 65 2.81 -11.95 -3.02
CA ASN A 65 3.53 -12.08 -1.77
C ASN A 65 4.85 -11.33 -1.84
N ILE A 66 5.27 -10.74 -0.72
CA ILE A 66 6.58 -10.14 -0.51
C ILE A 66 7.58 -11.26 -0.21
N ASN A 67 8.85 -11.00 -0.51
CA ASN A 67 10.01 -11.76 -0.05
C ASN A 67 10.73 -11.00 1.06
N ALA A 68 11.01 -9.71 0.86
CA ALA A 68 11.91 -8.95 1.71
C ALA A 68 11.61 -7.46 1.57
N ILE A 69 12.31 -6.66 2.36
CA ILE A 69 12.05 -5.24 2.57
C ILE A 69 13.41 -4.55 2.51
N THR A 70 13.50 -3.50 1.70
CA THR A 70 14.75 -2.79 1.50
C THR A 70 14.58 -1.36 2.04
N PRO A 71 14.99 -1.10 3.30
CA PRO A 71 14.91 0.21 3.93
C PRO A 71 15.87 1.14 3.21
N VAL A 72 15.32 2.16 2.55
CA VAL A 72 16.10 3.20 1.90
C VAL A 72 16.54 4.14 3.01
N GLY A 73 17.84 4.11 3.30
CA GLY A 73 18.42 4.75 4.47
C GLY A 73 17.77 4.22 5.73
N ASN A 74 16.94 5.07 6.32
CA ASN A 74 16.27 4.90 7.61
C ASN A 74 14.86 5.48 7.55
N TYR A 75 14.39 5.85 6.36
CA TYR A 75 13.28 6.79 6.22
C TYR A 75 12.16 6.35 5.27
N ALA A 76 12.33 5.23 4.57
CA ALA A 76 11.31 4.60 3.73
C ALA A 76 11.70 3.15 3.51
N VAL A 77 10.83 2.36 2.87
CA VAL A 77 11.14 0.98 2.47
C VAL A 77 10.74 0.70 1.02
N LYS A 78 11.37 -0.33 0.45
CA LYS A 78 11.09 -1.02 -0.81
C LYS A 78 10.56 -2.41 -0.47
N LEU A 79 9.89 -3.09 -1.41
CA LEU A 79 9.22 -4.38 -1.18
C LEU A 79 9.47 -5.31 -2.37
N VAL A 80 10.15 -6.44 -2.14
CA VAL A 80 10.42 -7.42 -3.18
C VAL A 80 9.16 -8.27 -3.40
N PHE A 81 8.28 -7.88 -4.34
CA PHE A 81 7.10 -8.67 -4.67
C PHE A 81 7.44 -9.87 -5.57
N ASP A 82 6.79 -11.01 -5.34
CA ASP A 82 6.76 -12.18 -6.22
C ASP A 82 6.11 -11.87 -7.56
N ASP A 83 5.39 -10.75 -7.65
CA ASP A 83 4.73 -10.22 -8.84
C ASP A 83 5.75 -9.87 -9.94
N GLY A 84 7.03 -9.70 -9.58
CA GLY A 84 8.13 -9.32 -10.47
C GLY A 84 8.50 -7.85 -10.38
N HIS A 85 7.76 -7.06 -9.59
CA HIS A 85 7.97 -5.62 -9.47
C HIS A 85 8.37 -5.28 -8.04
N ASP A 86 9.63 -5.56 -7.76
CA ASP A 86 10.43 -5.25 -6.59
C ASP A 86 10.72 -3.76 -6.40
N THR A 87 10.05 -2.87 -7.15
CA THR A 87 10.39 -1.46 -7.25
C THR A 87 9.21 -0.55 -6.91
N GLY A 88 9.14 -0.13 -5.65
CA GLY A 88 8.11 0.73 -5.10
C GLY A 88 8.66 1.30 -3.82
N LEU A 89 8.36 2.55 -3.48
CA LEU A 89 8.98 3.23 -2.37
C LEU A 89 7.91 3.76 -1.46
N TYR A 90 8.06 3.50 -0.17
CA TYR A 90 6.98 3.67 0.79
C TYR A 90 7.51 4.48 1.97
N SER A 91 7.35 5.80 1.88
CA SER A 91 7.63 6.73 2.95
C SER A 91 6.64 6.51 4.10
N TRP A 92 7.04 6.88 5.31
CA TRP A 92 6.21 6.72 6.50
C TRP A 92 4.91 7.51 6.39
N LYS A 93 4.99 8.77 5.92
CA LYS A 93 3.82 9.63 5.72
C LYS A 93 2.84 8.99 4.74
N VAL A 94 3.36 8.42 3.65
CA VAL A 94 2.55 7.79 2.62
C VAL A 94 1.74 6.66 3.25
N LEU A 95 2.40 5.69 3.89
CA LEU A 95 1.78 4.48 4.41
C LEU A 95 0.67 4.79 5.40
N TYR A 96 0.89 5.77 6.28
CA TYR A 96 -0.08 6.16 7.30
C TYR A 96 -1.35 6.70 6.62
N ASP A 97 -1.22 7.51 5.57
CA ASP A 97 -2.38 8.05 4.87
C ASP A 97 -3.22 6.94 4.23
N LEU A 98 -2.55 5.96 3.62
CA LEU A 98 -3.20 4.80 3.04
C LEU A 98 -3.98 4.08 4.13
N ALA A 99 -3.32 3.69 5.23
CA ALA A 99 -3.93 2.93 6.32
C ALA A 99 -5.18 3.61 6.90
N SER A 100 -5.18 4.94 7.01
CA SER A 100 -6.31 5.70 7.54
C SER A 100 -7.54 5.57 6.61
N ASN A 101 -7.33 5.43 5.30
CA ASN A 101 -8.34 5.56 4.26
C ASN A 101 -8.48 4.29 3.42
N GLN A 102 -7.99 3.13 3.88
CA GLN A 102 -7.58 2.04 2.98
C GLN A 102 -8.81 1.39 2.34
N VAL A 103 -9.94 1.54 3.00
CA VAL A 103 -11.25 1.05 2.63
C VAL A 103 -11.84 1.94 1.54
N ASP A 104 -11.96 3.24 1.82
CA ASP A 104 -12.69 4.18 0.97
C ASP A 104 -11.96 4.38 -0.35
N LEU A 105 -10.62 4.32 -0.31
CA LEU A 105 -9.81 4.36 -1.51
C LEU A 105 -9.99 3.08 -2.32
N TRP A 106 -9.95 1.90 -1.69
CA TRP A 106 -10.16 0.62 -2.38
C TRP A 106 -11.50 0.62 -3.12
N GLU A 107 -12.56 1.13 -2.48
CA GLU A 107 -13.89 1.23 -3.08
C GLU A 107 -13.89 2.08 -4.34
N ASN A 108 -13.10 3.16 -4.35
CA ASN A 108 -13.10 4.09 -5.46
C ASN A 108 -12.60 3.38 -6.71
N TYR A 109 -11.49 2.65 -6.60
CA TYR A 109 -10.97 1.79 -7.66
C TYR A 109 -12.05 0.88 -8.21
N LEU A 110 -12.80 0.18 -7.34
CA LEU A 110 -13.79 -0.79 -7.81
C LEU A 110 -14.79 -0.14 -8.75
N ALA A 111 -15.12 1.12 -8.50
CA ALA A 111 -15.98 1.93 -9.34
C ALA A 111 -15.22 2.36 -10.60
N ARG A 112 -14.10 3.10 -10.47
CA ARG A 112 -13.37 3.64 -11.62
C ARG A 112 -12.85 2.56 -12.56
N LEU A 113 -12.67 1.32 -12.10
CA LEU A 113 -12.26 0.17 -12.89
C LEU A 113 -13.25 0.01 -14.04
N ARG A 114 -14.56 -0.01 -13.75
CA ARG A 114 -15.54 -0.13 -14.82
C ARG A 114 -15.56 1.10 -15.71
N ALA A 115 -15.29 2.27 -15.15
CA ALA A 115 -15.16 3.51 -15.89
C ALA A 115 -13.93 3.50 -16.81
N ALA A 116 -12.99 2.56 -16.65
CA ALA A 116 -11.74 2.48 -17.37
C ALA A 116 -11.56 1.19 -18.17
N LYS A 117 -12.54 0.27 -18.14
CA LYS A 117 -12.53 -1.03 -18.83
C LYS A 117 -11.23 -1.84 -18.59
N ALA A 118 -10.62 -1.72 -17.41
CA ALA A 118 -9.37 -2.42 -17.10
C ALA A 118 -9.62 -3.94 -16.89
N SER A 119 -8.56 -4.71 -16.59
CA SER A 119 -8.71 -6.12 -16.19
C SER A 119 -9.32 -6.20 -14.78
N ARG A 120 -9.38 -7.37 -14.17
CA ARG A 120 -9.85 -7.57 -12.80
C ARG A 120 -9.23 -8.87 -12.36
N GLU A 121 -7.99 -8.76 -11.87
CA GLU A 121 -7.35 -9.91 -11.23
C GLU A 121 -8.23 -10.43 -10.08
N PRO A 122 -8.10 -11.70 -9.66
CA PRO A 122 -9.07 -12.36 -8.78
C PRO A 122 -8.88 -12.09 -7.29
N LEU A 123 -9.99 -11.88 -6.57
CA LEU A 123 -10.06 -11.46 -5.17
C LEU A 123 -11.38 -11.76 -4.47
N ILE A 124 -12.05 -12.80 -4.97
CA ILE A 124 -13.30 -13.32 -4.47
C ILE A 124 -13.21 -13.55 -2.95
N ASP A 125 -14.38 -13.59 -2.34
CA ASP A 125 -14.48 -13.58 -0.88
C ASP A 125 -14.32 -14.97 -0.29
N MET A 126 -13.08 -15.35 0.00
CA MET A 126 -12.70 -16.65 0.54
C MET A 126 -12.80 -16.70 2.08
N ALA A 127 -13.66 -15.90 2.73
CA ALA A 127 -13.71 -15.84 4.19
C ALA A 127 -14.39 -17.05 4.86
N VAL A 128 -14.40 -18.18 4.17
CA VAL A 128 -14.85 -19.51 4.57
C VAL A 128 -13.65 -20.25 5.19
N LYS A 129 -13.89 -21.36 5.88
CA LYS A 129 -12.89 -22.24 6.47
C LYS A 129 -13.14 -23.65 5.95
N TYR A 130 -12.10 -24.49 5.92
CA TYR A 130 -12.20 -25.86 5.43
C TYR A 130 -11.58 -26.80 6.45
N HIS A 131 -12.43 -27.67 7.01
CA HIS A 131 -12.11 -28.66 8.04
C HIS A 131 -12.31 -30.10 7.50
N THR A 132 -12.49 -30.24 6.19
CA THR A 132 -12.88 -31.46 5.52
C THR A 132 -12.04 -31.50 4.24
N GLY A 1 -2.65 27.14 2.53
CA GLY A 1 -2.81 27.42 3.95
C GLY A 1 -1.69 26.78 4.74
N MET A 2 -0.54 27.45 4.82
CA MET A 2 0.70 26.92 5.35
C MET A 2 1.11 25.69 4.51
N THR A 3 2.03 24.87 4.99
CA THR A 3 2.41 23.60 4.35
C THR A 3 2.50 22.49 5.40
N PRO A 4 2.34 21.20 5.01
CA PRO A 4 2.63 20.09 5.88
C PRO A 4 4.15 19.95 6.09
N GLN A 5 4.55 19.21 7.12
CA GLN A 5 5.92 18.83 7.40
C GLN A 5 5.95 17.30 7.54
N SER A 6 7.13 16.71 7.37
CA SER A 6 7.39 15.28 7.53
C SER A 6 7.84 15.00 8.97
N ASP A 7 7.00 15.40 9.92
CA ASP A 7 7.17 15.23 11.37
C ASP A 7 6.47 13.96 11.85
N THR A 8 6.34 13.03 10.93
CA THR A 8 5.84 11.67 11.05
C THR A 8 6.67 10.81 12.02
N PRO A 9 6.07 9.78 12.63
CA PRO A 9 6.78 8.79 13.43
C PRO A 9 7.64 7.86 12.56
N LYS A 10 8.47 7.04 13.20
CA LYS A 10 9.36 6.08 12.54
C LYS A 10 8.92 4.66 12.87
N VAL A 11 8.98 3.81 11.85
CA VAL A 11 8.52 2.44 11.95
C VAL A 11 9.45 1.68 12.88
N THR A 12 8.90 0.80 13.70
CA THR A 12 9.61 -0.01 14.69
C THR A 12 9.06 -1.45 14.71
N GLY A 13 8.20 -1.81 13.75
CA GLY A 13 7.87 -3.20 13.44
C GLY A 13 7.34 -3.29 12.01
N LEU A 14 7.68 -4.38 11.32
CA LEU A 14 7.15 -4.77 10.03
C LEU A 14 6.97 -6.28 10.08
N LYS A 15 5.78 -6.80 9.78
CA LYS A 15 5.49 -8.23 9.64
C LYS A 15 4.65 -8.41 8.41
N LEU A 16 4.47 -9.65 7.94
CA LEU A 16 3.56 -9.95 6.86
C LEU A 16 2.69 -11.12 7.24
N LYS A 17 1.57 -11.24 6.53
CA LYS A 17 0.65 -12.36 6.61
C LYS A 17 0.35 -12.80 5.19
N ARG A 18 1.17 -13.71 4.65
CA ARG A 18 0.89 -14.35 3.37
C ARG A 18 -0.54 -14.85 3.30
N LYS A 19 -1.07 -15.40 4.40
CA LYS A 19 -2.43 -15.90 4.58
C LYS A 19 -3.50 -14.89 4.11
N SER A 20 -3.22 -13.59 4.12
CA SER A 20 -4.18 -12.55 3.76
C SER A 20 -3.57 -11.52 2.80
N ARG A 21 -2.35 -11.75 2.28
CA ARG A 21 -1.54 -10.79 1.53
C ARG A 21 -1.51 -9.40 2.16
N GLN A 22 -1.51 -9.35 3.49
CA GLN A 22 -1.47 -8.12 4.23
C GLN A 22 -0.11 -7.99 4.89
N LEU A 23 0.19 -6.78 5.36
CA LEU A 23 1.50 -6.32 5.72
C LEU A 23 1.35 -5.41 6.92
N GLU A 24 1.90 -5.85 8.06
CA GLU A 24 1.71 -5.26 9.37
C GLU A 24 2.83 -4.26 9.63
N ILE A 25 2.51 -3.21 10.40
CA ILE A 25 3.32 -2.01 10.52
C ILE A 25 3.11 -1.51 11.95
N SER A 26 4.20 -1.18 12.66
CA SER A 26 4.16 -0.55 13.98
C SER A 26 4.99 0.73 13.94
N PHE A 27 4.53 1.74 14.67
CA PHE A 27 5.18 3.03 14.84
C PHE A 27 5.55 3.25 16.30
N ASP A 28 6.66 3.94 16.54
CA ASP A 28 7.27 4.03 17.87
C ASP A 28 6.60 5.12 18.73
N ASN A 29 5.47 5.65 18.25
CA ASN A 29 4.60 6.60 18.93
C ASN A 29 3.37 5.92 19.57
N GLY A 30 3.29 4.59 19.54
CA GLY A 30 2.15 3.85 20.10
C GLY A 30 0.96 3.85 19.15
N GLN A 31 1.19 3.46 17.90
CA GLN A 31 0.15 3.13 16.92
C GLN A 31 0.60 1.87 16.17
N GLN A 32 -0.35 1.14 15.60
CA GLN A 32 -0.14 -0.08 14.81
C GLN A 32 -1.25 -0.17 13.76
N PHE A 33 -0.95 -0.72 12.59
CA PHE A 33 -1.92 -0.96 11.52
C PHE A 33 -1.38 -1.99 10.54
N THR A 34 -2.15 -2.32 9.49
CA THR A 34 -1.76 -3.30 8.49
C THR A 34 -2.39 -2.91 7.15
N LEU A 35 -1.64 -3.04 6.04
CA LEU A 35 -2.08 -2.70 4.70
C LEU A 35 -2.00 -3.93 3.77
N SER A 36 -2.73 -3.90 2.66
CA SER A 36 -2.78 -5.00 1.69
C SER A 36 -1.71 -4.78 0.61
N CYS A 37 -0.92 -5.82 0.29
CA CYS A 37 0.06 -5.80 -0.80
C CYS A 37 -0.59 -5.42 -2.14
N GLU A 38 -1.88 -5.71 -2.32
CA GLU A 38 -2.68 -5.29 -3.47
C GLU A 38 -2.77 -3.77 -3.51
N LEU A 39 -3.32 -3.13 -2.47
CA LEU A 39 -3.46 -1.67 -2.38
C LEU A 39 -2.09 -1.01 -2.52
N LEU A 40 -1.08 -1.50 -1.78
CA LEU A 40 0.31 -1.03 -1.87
C LEU A 40 0.77 -0.97 -3.33
N ARG A 41 0.44 -1.97 -4.17
CA ARG A 41 0.87 -1.97 -5.57
C ARG A 41 0.15 -0.86 -6.30
N VAL A 42 -1.17 -0.87 -6.32
CA VAL A 42 -1.91 0.06 -7.16
C VAL A 42 -1.68 1.50 -6.74
N TYR A 43 -1.40 1.75 -5.46
CA TYR A 43 -1.17 3.07 -4.88
C TYR A 43 0.33 3.33 -4.67
N SER A 44 1.18 2.96 -5.63
CA SER A 44 2.61 3.21 -5.48
C SER A 44 2.88 4.71 -5.42
N PRO A 45 3.88 5.19 -4.65
CA PRO A 45 4.29 6.59 -4.61
C PRO A 45 5.00 7.03 -5.90
N SER A 46 5.54 6.08 -6.67
CA SER A 46 6.14 6.28 -7.99
C SER A 46 5.74 5.04 -8.80
N ALA A 47 5.35 5.22 -10.08
CA ALA A 47 4.98 4.13 -10.98
C ALA A 47 5.36 4.52 -12.41
N GLU A 48 4.49 5.23 -13.12
CA GLU A 48 4.69 5.75 -14.47
C GLU A 48 4.39 7.25 -14.50
N VAL A 49 4.77 7.94 -13.43
CA VAL A 49 4.45 9.33 -13.17
C VAL A 49 5.69 10.22 -13.21
N HIS A 50 6.82 9.78 -12.62
CA HIS A 50 8.04 10.55 -12.38
C HIS A 50 7.83 11.91 -11.65
N GLY A 51 6.67 12.12 -11.02
CA GLY A 51 6.28 13.40 -10.42
C GLY A 51 5.77 14.37 -11.47
N HIS A 52 5.30 15.54 -11.03
CA HIS A 52 4.80 16.62 -11.90
C HIS A 52 3.70 16.11 -12.84
N GLY A 53 2.91 15.16 -12.35
CA GLY A 53 1.96 14.37 -13.09
C GLY A 53 1.17 13.51 -12.09
N ASN A 54 0.16 12.82 -12.59
CA ASN A 54 -0.77 11.98 -11.82
C ASN A 54 -0.37 10.50 -11.87
N PRO A 55 -0.77 9.70 -10.88
CA PRO A 55 -0.60 8.25 -10.88
C PRO A 55 -1.56 7.58 -11.88
N VAL A 56 -1.54 6.26 -11.95
CA VAL A 56 -2.18 5.44 -12.97
C VAL A 56 -3.24 4.52 -12.33
N LEU A 57 -4.32 4.23 -13.05
CA LEU A 57 -5.30 3.20 -12.68
C LEU A 57 -4.65 1.85 -12.90
N VAL A 58 -4.56 1.03 -11.85
CA VAL A 58 -4.08 -0.34 -11.92
C VAL A 58 -5.23 -1.25 -11.46
N THR A 59 -5.10 -2.56 -11.65
CA THR A 59 -6.17 -3.55 -11.55
C THR A 59 -5.90 -4.51 -10.38
N HIS A 60 -6.74 -5.53 -10.16
CA HIS A 60 -6.53 -6.54 -9.12
C HIS A 60 -5.18 -7.25 -9.28
N LYS A 61 -4.72 -7.92 -8.23
CA LYS A 61 -3.40 -8.50 -8.13
C LYS A 61 -3.53 -9.97 -7.76
N LYS A 62 -3.14 -10.84 -8.69
CA LYS A 62 -3.27 -12.30 -8.63
C LYS A 62 -2.90 -12.86 -7.26
N ASN A 63 -1.62 -12.80 -6.89
CA ASN A 63 -1.10 -13.26 -5.61
C ASN A 63 0.16 -12.43 -5.35
N VAL A 64 0.02 -11.25 -4.72
CA VAL A 64 1.17 -10.40 -4.34
C VAL A 64 1.44 -10.54 -2.85
N ASN A 65 2.66 -10.88 -2.45
CA ASN A 65 2.93 -11.31 -1.07
C ASN A 65 4.31 -10.82 -0.56
N ILE A 66 4.81 -9.73 -1.13
CA ILE A 66 6.18 -9.17 -1.03
C ILE A 66 7.27 -10.17 -1.46
N ASN A 67 8.33 -9.68 -2.08
CA ASN A 67 9.52 -10.47 -2.38
C ASN A 67 10.54 -10.31 -1.26
N ALA A 68 10.76 -9.07 -0.78
CA ALA A 68 11.73 -8.71 0.24
C ALA A 68 11.42 -7.29 0.72
N ILE A 69 12.12 -6.85 1.77
CA ILE A 69 12.12 -5.49 2.31
C ILE A 69 13.58 -5.08 2.44
N THR A 70 13.90 -3.83 2.13
CA THR A 70 15.24 -3.28 2.36
C THR A 70 15.13 -1.78 2.67
N PRO A 71 15.82 -1.27 3.70
CA PRO A 71 15.84 0.15 4.07
C PRO A 71 16.57 0.95 2.99
N VAL A 72 16.20 2.23 2.89
CA VAL A 72 16.89 3.22 2.08
C VAL A 72 16.78 4.53 2.84
N GLY A 73 17.92 5.22 3.00
CA GLY A 73 17.94 6.57 3.53
C GLY A 73 17.60 6.68 5.01
N ASN A 74 17.46 5.56 5.72
CA ASN A 74 17.21 5.50 7.16
C ASN A 74 15.82 6.04 7.54
N TYR A 75 14.91 6.20 6.56
CA TYR A 75 13.63 6.89 6.67
C TYR A 75 12.50 6.24 5.85
N ALA A 76 12.75 5.07 5.25
CA ALA A 76 11.89 4.43 4.25
C ALA A 76 12.35 3.01 4.00
N VAL A 77 11.57 2.27 3.19
CA VAL A 77 11.87 0.91 2.78
C VAL A 77 11.49 0.76 1.30
N LYS A 78 12.35 0.07 0.55
CA LYS A 78 12.00 -0.63 -0.66
C LYS A 78 11.10 -1.78 -0.23
N LEU A 79 9.85 -1.78 -0.68
CA LEU A 79 8.92 -2.90 -0.59
C LEU A 79 8.83 -3.39 -2.01
N VAL A 80 9.38 -4.58 -2.27
CA VAL A 80 9.28 -5.19 -3.58
C VAL A 80 8.09 -6.11 -3.60
N PHE A 81 7.21 -5.87 -4.56
CA PHE A 81 6.07 -6.74 -4.81
C PHE A 81 6.58 -8.00 -5.47
N ASP A 82 5.91 -9.12 -5.20
CA ASP A 82 6.27 -10.40 -5.78
C ASP A 82 6.13 -10.42 -7.30
N ASP A 83 5.40 -9.45 -7.87
CA ASP A 83 5.18 -9.28 -9.30
C ASP A 83 6.50 -9.11 -10.06
N GLY A 84 7.53 -8.57 -9.40
CA GLY A 84 8.78 -8.15 -10.03
C GLY A 84 8.66 -6.70 -10.47
N HIS A 85 8.43 -5.80 -9.51
CA HIS A 85 8.58 -4.36 -9.67
C HIS A 85 9.04 -3.86 -8.30
N ASP A 86 10.35 -3.82 -8.07
CA ASP A 86 10.98 -3.47 -6.79
C ASP A 86 11.11 -1.97 -6.57
N THR A 87 11.16 -1.21 -7.66
CA THR A 87 11.23 0.23 -7.72
C THR A 87 9.89 0.81 -7.23
N GLY A 88 9.90 1.44 -6.06
CA GLY A 88 8.75 2.16 -5.53
C GLY A 88 9.14 3.16 -4.46
N LEU A 89 9.71 2.63 -3.36
CA LEU A 89 10.29 3.28 -2.22
C LEU A 89 9.25 4.00 -1.35
N TYR A 90 8.99 3.41 -0.20
CA TYR A 90 7.80 3.63 0.62
C TYR A 90 8.27 4.28 1.91
N SER A 91 7.97 5.56 2.06
CA SER A 91 8.36 6.38 3.20
C SER A 91 7.31 6.25 4.30
N TRP A 92 7.72 6.40 5.55
CA TRP A 92 6.84 6.30 6.72
C TRP A 92 5.55 7.12 6.53
N LYS A 93 5.65 8.29 5.90
CA LYS A 93 4.52 9.17 5.61
C LYS A 93 3.51 8.49 4.69
N VAL A 94 3.96 7.83 3.62
CA VAL A 94 3.06 7.17 2.67
C VAL A 94 2.27 6.07 3.39
N LEU A 95 2.96 5.22 4.16
CA LEU A 95 2.33 4.07 4.77
C LEU A 95 1.25 4.53 5.77
N TYR A 96 1.48 5.63 6.49
CA TYR A 96 0.49 6.22 7.39
C TYR A 96 -0.76 6.62 6.62
N ASP A 97 -0.61 7.35 5.51
CA ASP A 97 -1.73 7.90 4.75
C ASP A 97 -2.61 6.80 4.21
N LEU A 98 -2.00 5.82 3.54
CA LEU A 98 -2.71 4.66 2.99
C LEU A 98 -3.50 3.97 4.08
N ALA A 99 -2.88 3.70 5.24
CA ALA A 99 -3.57 3.04 6.34
C ALA A 99 -4.77 3.83 6.84
N SER A 100 -4.68 5.16 6.88
CA SER A 100 -5.78 6.03 7.29
C SER A 100 -6.91 6.08 6.25
N ASN A 101 -6.67 5.63 5.02
CA ASN A 101 -7.57 5.84 3.89
C ASN A 101 -7.83 4.53 3.12
N GLN A 102 -7.53 3.36 3.70
CA GLN A 102 -7.38 2.14 2.90
C GLN A 102 -8.72 1.62 2.39
N VAL A 103 -9.79 2.04 3.05
CA VAL A 103 -11.14 1.63 2.76
C VAL A 103 -11.67 2.54 1.66
N ASP A 104 -11.63 3.85 1.92
CA ASP A 104 -12.18 4.89 1.07
C ASP A 104 -11.53 4.86 -0.31
N LEU A 105 -10.18 4.80 -0.35
CA LEU A 105 -9.42 4.77 -1.59
C LEU A 105 -9.76 3.53 -2.40
N TRP A 106 -9.77 2.37 -1.73
CA TRP A 106 -9.98 1.08 -2.37
C TRP A 106 -11.33 1.00 -3.04
N GLU A 107 -12.38 1.44 -2.37
CA GLU A 107 -13.74 1.45 -2.87
C GLU A 107 -13.83 2.05 -4.26
N ASN A 108 -13.27 3.25 -4.39
CA ASN A 108 -13.27 3.96 -5.66
C ASN A 108 -12.51 3.18 -6.75
N TYR A 109 -11.44 2.45 -6.43
CA TYR A 109 -10.76 1.61 -7.42
C TYR A 109 -11.70 0.52 -7.94
N LEU A 110 -12.50 -0.08 -7.06
CA LEU A 110 -13.42 -1.14 -7.46
C LEU A 110 -14.46 -0.61 -8.45
N ALA A 111 -14.99 0.58 -8.17
CA ALA A 111 -15.92 1.29 -9.03
C ALA A 111 -15.27 1.63 -10.37
N ARG A 112 -14.15 2.35 -10.35
CA ARG A 112 -13.42 2.81 -11.54
C ARG A 112 -13.08 1.63 -12.45
N LEU A 113 -12.69 0.47 -11.89
CA LEU A 113 -12.37 -0.74 -12.63
C LEU A 113 -13.54 -1.12 -13.52
N ARG A 114 -14.74 -1.30 -12.94
CA ARG A 114 -15.86 -1.81 -13.71
C ARG A 114 -16.25 -0.85 -14.85
N ALA A 115 -16.26 0.45 -14.59
CA ALA A 115 -16.52 1.44 -15.62
C ALA A 115 -15.44 1.39 -16.72
N ALA A 116 -14.21 1.07 -16.32
CA ALA A 116 -13.05 1.12 -17.19
C ALA A 116 -12.89 -0.14 -18.02
N LYS A 117 -13.66 -1.20 -17.70
CA LYS A 117 -13.50 -2.53 -18.27
C LYS A 117 -12.07 -3.05 -18.12
N ALA A 118 -11.33 -2.58 -17.12
CA ALA A 118 -9.95 -2.99 -16.96
C ALA A 118 -9.91 -4.44 -16.42
N SER A 119 -8.70 -5.01 -16.30
CA SER A 119 -8.55 -6.41 -15.88
C SER A 119 -9.06 -6.67 -14.47
N ARG A 120 -9.36 -7.94 -14.18
CA ARG A 120 -9.69 -8.47 -12.88
C ARG A 120 -8.91 -9.78 -12.73
N GLU A 121 -7.64 -9.69 -12.35
CA GLU A 121 -6.90 -10.79 -11.75
C GLU A 121 -7.69 -11.36 -10.57
N PRO A 122 -7.37 -12.59 -10.12
CA PRO A 122 -7.89 -13.10 -8.87
C PRO A 122 -7.30 -12.33 -7.71
N LEU A 123 -7.95 -12.39 -6.54
CA LEU A 123 -7.52 -11.74 -5.31
C LEU A 123 -8.20 -12.29 -4.05
N ILE A 124 -9.02 -13.33 -4.18
CA ILE A 124 -9.96 -13.72 -3.13
C ILE A 124 -9.15 -14.33 -1.98
N ASP A 125 -9.60 -14.10 -0.75
CA ASP A 125 -9.13 -14.77 0.47
C ASP A 125 -9.60 -16.24 0.50
N MET A 126 -9.20 -17.02 1.50
CA MET A 126 -9.66 -18.40 1.69
C MET A 126 -9.90 -18.71 3.18
N ALA A 127 -10.07 -17.67 4.01
CA ALA A 127 -10.11 -17.76 5.45
C ALA A 127 -11.03 -16.72 6.08
N VAL A 128 -12.12 -16.37 5.40
CA VAL A 128 -13.16 -15.54 5.96
C VAL A 128 -14.01 -16.45 6.83
N LYS A 129 -14.60 -15.89 7.87
CA LYS A 129 -15.67 -16.50 8.61
C LYS A 129 -16.76 -15.46 8.81
N TYR A 130 -18.00 -15.93 8.81
CA TYR A 130 -19.16 -15.10 9.03
C TYR A 130 -19.80 -15.52 10.34
N HIS A 131 -20.24 -14.52 11.08
CA HIS A 131 -20.87 -14.61 12.38
C HIS A 131 -21.33 -13.20 12.73
N THR A 132 -22.21 -13.13 13.73
CA THR A 132 -22.73 -11.92 14.33
C THR A 132 -22.81 -12.19 15.83
N GLY A 1 -3.37 23.86 10.77
CA GLY A 1 -2.01 23.70 11.31
C GLY A 1 -1.27 22.57 10.62
N MET A 2 -0.85 22.77 9.36
CA MET A 2 0.08 21.91 8.66
C MET A 2 1.07 22.79 7.89
N THR A 3 2.34 22.42 7.88
CA THR A 3 3.45 23.06 7.19
C THR A 3 4.33 21.94 6.57
N PRO A 4 5.24 22.29 5.63
CA PRO A 4 6.05 21.32 4.90
C PRO A 4 7.21 20.80 5.78
N GLN A 5 6.85 20.08 6.85
CA GLN A 5 7.77 19.43 7.76
C GLN A 5 7.39 17.95 7.77
N SER A 6 8.37 17.05 7.77
CA SER A 6 8.17 15.61 7.85
C SER A 6 7.86 15.19 9.29
N ASP A 7 6.77 15.70 9.84
CA ASP A 7 6.47 15.64 11.27
C ASP A 7 5.79 14.33 11.69
N THR A 8 5.69 13.39 10.77
CA THR A 8 5.13 12.06 10.96
C THR A 8 6.09 11.16 11.80
N PRO A 9 5.58 10.13 12.50
CA PRO A 9 6.36 9.17 13.27
C PRO A 9 7.26 8.31 12.37
N LYS A 10 8.15 7.53 13.00
CA LYS A 10 9.10 6.65 12.34
C LYS A 10 8.75 5.21 12.67
N VAL A 11 8.61 4.36 11.64
CA VAL A 11 8.26 2.94 11.78
C VAL A 11 9.41 2.25 12.54
N THR A 12 9.11 1.20 13.33
CA THR A 12 10.15 0.36 13.93
C THR A 12 9.95 -1.13 13.67
N GLY A 13 8.83 -1.56 13.06
CA GLY A 13 8.63 -2.97 12.76
C GLY A 13 7.63 -3.17 11.64
N LEU A 14 7.78 -4.31 10.95
CA LEU A 14 7.02 -4.74 9.77
C LEU A 14 6.93 -6.27 9.80
N LYS A 15 5.72 -6.85 9.73
CA LYS A 15 5.50 -8.30 9.62
C LYS A 15 4.57 -8.60 8.45
N LEU A 16 4.79 -9.73 7.79
CA LEU A 16 3.99 -10.16 6.64
C LEU A 16 3.04 -11.27 7.05
N LYS A 17 1.96 -11.40 6.29
CA LYS A 17 0.96 -12.45 6.45
C LYS A 17 0.52 -13.00 5.10
N ARG A 18 1.41 -13.77 4.48
CA ARG A 18 1.16 -14.45 3.21
C ARG A 18 -0.18 -15.20 3.20
N LYS A 19 -0.61 -15.74 4.35
CA LYS A 19 -1.84 -16.52 4.53
C LYS A 19 -3.10 -15.75 4.15
N SER A 20 -3.07 -14.43 4.04
CA SER A 20 -4.17 -13.60 3.55
C SER A 20 -3.68 -12.40 2.70
N ARG A 21 -2.39 -12.37 2.36
CA ARG A 21 -1.75 -11.46 1.40
C ARG A 21 -1.54 -10.01 1.90
N GLN A 22 -1.53 -9.74 3.21
CA GLN A 22 -1.36 -8.38 3.74
C GLN A 22 0.04 -8.18 4.37
N LEU A 23 0.35 -6.94 4.76
CA LEU A 23 1.56 -6.47 5.46
C LEU A 23 1.16 -5.56 6.63
N GLU A 24 1.80 -5.74 7.78
CA GLU A 24 1.52 -5.11 9.08
C GLU A 24 2.67 -4.17 9.43
N ILE A 25 2.36 -3.03 10.07
CA ILE A 25 3.24 -1.87 10.20
C ILE A 25 3.06 -1.32 11.62
N SER A 26 4.15 -0.99 12.31
CA SER A 26 4.13 -0.41 13.65
C SER A 26 5.05 0.82 13.75
N PHE A 27 4.57 1.84 14.44
CA PHE A 27 5.23 3.11 14.69
C PHE A 27 5.83 3.18 16.09
N ASP A 28 6.81 4.07 16.30
CA ASP A 28 7.49 4.20 17.60
C ASP A 28 6.57 4.87 18.62
N ASN A 29 5.60 5.66 18.15
CA ASN A 29 4.71 6.44 19.01
C ASN A 29 3.68 5.59 19.76
N GLY A 30 3.29 4.45 19.21
CA GLY A 30 2.15 3.67 19.67
C GLY A 30 0.99 3.73 18.68
N GLN A 31 1.25 3.40 17.41
CA GLN A 31 0.26 3.14 16.38
C GLN A 31 0.64 1.89 15.62
N GLN A 32 -0.36 1.15 15.14
CA GLN A 32 -0.22 0.00 14.28
C GLN A 32 -1.36 -0.02 13.26
N PHE A 33 -1.10 -0.64 12.11
CA PHE A 33 -2.08 -0.92 11.08
C PHE A 33 -1.57 -2.04 10.18
N THR A 34 -2.38 -2.43 9.19
CA THR A 34 -2.08 -3.41 8.17
C THR A 34 -2.61 -2.86 6.84
N LEU A 35 -2.01 -3.24 5.70
CA LEU A 35 -2.46 -2.92 4.34
C LEU A 35 -2.32 -4.16 3.46
N SER A 36 -2.99 -4.18 2.30
CA SER A 36 -3.00 -5.34 1.41
C SER A 36 -2.10 -5.13 0.19
N CYS A 37 -1.51 -6.22 -0.31
CA CYS A 37 -0.43 -6.14 -1.29
C CYS A 37 -0.82 -5.49 -2.60
N GLU A 38 -2.07 -5.67 -3.03
CA GLU A 38 -2.55 -5.07 -4.25
C GLU A 38 -2.72 -3.56 -4.08
N LEU A 39 -3.20 -3.07 -2.92
CA LEU A 39 -3.28 -1.62 -2.66
C LEU A 39 -1.88 -1.03 -2.74
N LEU A 40 -0.90 -1.68 -2.10
CA LEU A 40 0.51 -1.34 -2.20
C LEU A 40 0.93 -1.24 -3.68
N ARG A 41 0.50 -2.16 -4.56
CA ARG A 41 0.86 -2.13 -5.98
C ARG A 41 0.19 -0.96 -6.69
N VAL A 42 -1.15 -0.92 -6.72
CA VAL A 42 -1.90 0.03 -7.52
C VAL A 42 -1.54 1.45 -7.07
N TYR A 43 -1.62 1.68 -5.75
CA TYR A 43 -1.31 2.95 -5.14
C TYR A 43 0.18 2.96 -4.79
N SER A 44 1.06 2.58 -5.73
CA SER A 44 2.47 2.92 -5.60
C SER A 44 2.54 4.45 -5.49
N PRO A 45 3.46 5.01 -4.70
CA PRO A 45 3.46 6.43 -4.39
C PRO A 45 3.99 7.28 -5.55
N SER A 46 4.73 6.64 -6.46
CA SER A 46 5.57 7.31 -7.43
C SER A 46 5.66 6.43 -8.67
N ALA A 47 4.52 6.24 -9.34
CA ALA A 47 4.43 5.55 -10.60
C ALA A 47 4.97 6.50 -11.68
N GLU A 48 4.16 7.46 -12.12
CA GLU A 48 4.46 8.41 -13.18
C GLU A 48 4.19 9.85 -12.73
N VAL A 49 4.29 10.10 -11.43
CA VAL A 49 4.16 11.45 -10.87
C VAL A 49 5.40 12.29 -11.18
N HIS A 50 6.59 11.66 -11.17
CA HIS A 50 7.95 12.21 -11.14
C HIS A 50 8.26 13.21 -10.01
N GLY A 51 7.23 13.86 -9.46
CA GLY A 51 7.27 14.83 -8.38
C GLY A 51 6.07 15.77 -8.45
N HIS A 52 5.55 16.01 -9.65
CA HIS A 52 4.50 16.97 -9.99
C HIS A 52 3.59 16.31 -11.01
N GLY A 53 2.49 15.73 -10.55
CA GLY A 53 1.79 14.77 -11.36
C GLY A 53 0.70 14.08 -10.52
N ASN A 54 0.02 13.10 -11.08
CA ASN A 54 -1.12 12.40 -10.48
C ASN A 54 -0.99 10.89 -10.69
N PRO A 55 -1.57 10.06 -9.80
CA PRO A 55 -1.38 8.61 -9.84
C PRO A 55 -2.24 7.94 -10.92
N VAL A 56 -1.86 6.71 -11.28
CA VAL A 56 -2.43 5.94 -12.37
C VAL A 56 -3.64 5.11 -11.91
N LEU A 57 -4.29 4.41 -12.84
CA LEU A 57 -5.15 3.26 -12.56
C LEU A 57 -4.30 2.00 -12.77
N VAL A 58 -4.45 1.00 -11.89
CA VAL A 58 -4.00 -0.38 -12.08
C VAL A 58 -5.15 -1.26 -11.61
N THR A 59 -5.22 -2.51 -12.08
CA THR A 59 -6.27 -3.46 -11.74
C THR A 59 -5.95 -4.21 -10.44
N HIS A 60 -6.84 -5.12 -10.03
CA HIS A 60 -6.58 -6.01 -8.91
C HIS A 60 -5.32 -6.84 -9.19
N LYS A 61 -4.80 -7.54 -8.18
CA LYS A 61 -3.66 -8.45 -8.37
C LYS A 61 -4.04 -9.77 -7.72
N LYS A 62 -3.91 -10.84 -8.50
CA LYS A 62 -4.35 -12.20 -8.21
C LYS A 62 -4.00 -12.66 -6.79
N ASN A 63 -2.73 -12.58 -6.41
CA ASN A 63 -2.19 -12.95 -5.11
C ASN A 63 -0.70 -12.64 -5.13
N VAL A 64 -0.31 -11.37 -4.93
CA VAL A 64 1.10 -11.03 -4.82
C VAL A 64 1.61 -11.53 -3.47
N ASN A 65 2.90 -11.89 -3.35
CA ASN A 65 3.57 -12.03 -2.06
C ASN A 65 4.78 -11.10 -2.04
N ILE A 66 5.08 -10.57 -0.84
CA ILE A 66 6.29 -9.80 -0.60
C ILE A 66 7.39 -10.82 -0.38
N ASN A 67 8.47 -10.64 -1.12
CA ASN A 67 9.71 -11.38 -1.01
C ASN A 67 10.51 -10.86 0.17
N ALA A 68 10.74 -9.54 0.20
CA ALA A 68 11.69 -8.93 1.12
C ALA A 68 11.32 -7.48 1.36
N ILE A 69 11.98 -6.90 2.36
CA ILE A 69 11.88 -5.51 2.76
C ILE A 69 13.31 -5.06 2.99
N THR A 70 13.68 -3.92 2.43
CA THR A 70 15.02 -3.37 2.54
C THR A 70 14.93 -1.90 2.98
N PRO A 71 15.50 -1.50 4.12
CA PRO A 71 15.50 -0.11 4.58
C PRO A 71 16.31 0.76 3.65
N VAL A 72 15.83 2.00 3.53
CA VAL A 72 16.46 3.15 2.91
C VAL A 72 16.94 4.02 4.08
N GLY A 73 17.27 5.30 3.84
CA GLY A 73 17.84 6.30 4.75
C GLY A 73 17.12 6.58 6.07
N ASN A 74 16.77 5.56 6.84
CA ASN A 74 16.02 5.50 8.10
C ASN A 74 14.63 6.13 8.07
N TYR A 75 14.28 6.88 7.03
CA TYR A 75 12.98 7.45 6.73
C TYR A 75 12.06 6.51 5.91
N ALA A 76 12.57 5.36 5.42
CA ALA A 76 11.81 4.48 4.54
C ALA A 76 12.29 3.04 4.53
N VAL A 77 11.48 2.19 3.90
CA VAL A 77 11.87 0.89 3.36
C VAL A 77 11.61 0.86 1.85
N LYS A 78 11.99 -0.22 1.22
CA LYS A 78 11.78 -0.68 -0.13
C LYS A 78 11.06 -2.00 0.05
N LEU A 79 10.00 -2.26 -0.71
CA LEU A 79 9.35 -3.55 -0.72
C LEU A 79 9.84 -4.28 -1.97
N VAL A 80 9.76 -5.60 -1.93
CA VAL A 80 10.14 -6.49 -3.02
C VAL A 80 8.97 -7.45 -3.23
N PHE A 81 8.51 -7.60 -4.47
CA PHE A 81 7.28 -8.34 -4.78
C PHE A 81 7.58 -9.44 -5.78
N ASP A 82 6.83 -10.54 -5.72
CA ASP A 82 6.90 -11.61 -6.72
C ASP A 82 6.48 -11.13 -8.11
N ASP A 83 5.73 -10.02 -8.19
CA ASP A 83 5.36 -9.39 -9.46
C ASP A 83 6.56 -8.76 -10.15
N GLY A 84 7.71 -8.66 -9.47
CA GLY A 84 8.99 -8.32 -10.05
C GLY A 84 9.03 -6.85 -10.42
N HIS A 85 8.63 -5.96 -9.51
CA HIS A 85 8.84 -4.54 -9.66
C HIS A 85 8.96 -3.94 -8.25
N ASP A 86 10.19 -3.78 -7.80
CA ASP A 86 10.58 -3.48 -6.41
C ASP A 86 10.77 -1.96 -6.22
N THR A 87 10.38 -1.18 -7.23
CA THR A 87 10.65 0.23 -7.44
C THR A 87 9.42 1.06 -7.04
N GLY A 88 9.31 1.38 -5.74
CA GLY A 88 8.18 2.02 -5.10
C GLY A 88 8.66 3.03 -4.06
N LEU A 89 9.36 2.52 -3.02
CA LEU A 89 10.02 3.20 -1.91
C LEU A 89 8.95 3.76 -0.96
N TYR A 90 9.05 3.43 0.32
CA TYR A 90 7.97 3.50 1.28
C TYR A 90 8.42 4.34 2.46
N SER A 91 8.26 5.65 2.31
CA SER A 91 8.57 6.65 3.32
C SER A 91 7.47 6.65 4.36
N TRP A 92 7.80 6.83 5.64
CA TRP A 92 6.87 6.61 6.75
C TRP A 92 5.52 7.29 6.60
N LYS A 93 5.53 8.53 6.08
CA LYS A 93 4.33 9.29 5.75
C LYS A 93 3.42 8.49 4.82
N VAL A 94 4.00 7.88 3.80
CA VAL A 94 3.24 7.23 2.73
C VAL A 94 2.42 6.07 3.30
N LEU A 95 3.04 5.22 4.13
CA LEU A 95 2.39 4.04 4.70
C LEU A 95 1.19 4.48 5.54
N TYR A 96 1.38 5.53 6.35
CA TYR A 96 0.34 6.12 7.18
C TYR A 96 -0.81 6.63 6.31
N ASP A 97 -0.51 7.33 5.21
CA ASP A 97 -1.51 7.98 4.38
C ASP A 97 -2.38 7.00 3.65
N LEU A 98 -1.77 5.92 3.16
CA LEU A 98 -2.51 4.81 2.58
C LEU A 98 -3.39 4.18 3.65
N ALA A 99 -2.83 3.77 4.79
CA ALA A 99 -3.57 3.06 5.84
C ALA A 99 -4.79 3.85 6.30
N SER A 100 -4.61 5.14 6.62
CA SER A 100 -5.70 6.00 7.09
C SER A 100 -6.78 6.27 6.05
N ASN A 101 -6.59 5.89 4.78
CA ASN A 101 -7.59 6.13 3.72
C ASN A 101 -7.79 4.88 2.84
N GLN A 102 -7.40 3.68 3.29
CA GLN A 102 -7.24 2.55 2.38
C GLN A 102 -8.59 2.08 1.88
N VAL A 103 -9.59 2.19 2.74
CA VAL A 103 -10.93 1.73 2.48
C VAL A 103 -11.57 2.64 1.44
N ASP A 104 -11.28 3.93 1.53
CA ASP A 104 -11.81 4.93 0.62
C ASP A 104 -11.16 4.78 -0.75
N LEU A 105 -9.83 4.80 -0.77
CA LEU A 105 -9.04 4.76 -2.01
C LEU A 105 -9.29 3.44 -2.76
N TRP A 106 -9.46 2.34 -2.03
CA TRP A 106 -9.86 1.07 -2.61
C TRP A 106 -11.22 1.17 -3.28
N GLU A 107 -12.24 1.65 -2.57
CA GLU A 107 -13.59 1.81 -3.12
C GLU A 107 -13.58 2.73 -4.35
N ASN A 108 -12.69 3.74 -4.35
CA ASN A 108 -12.51 4.59 -5.51
C ASN A 108 -12.07 3.75 -6.70
N TYR A 109 -11.03 2.91 -6.52
CA TYR A 109 -10.59 1.99 -7.56
C TYR A 109 -11.73 1.08 -7.99
N LEU A 110 -12.53 0.52 -7.09
CA LEU A 110 -13.62 -0.39 -7.49
C LEU A 110 -14.59 0.32 -8.43
N ALA A 111 -14.98 1.54 -8.10
CA ALA A 111 -15.90 2.34 -8.90
C ALA A 111 -15.27 2.70 -10.26
N ARG A 112 -14.03 3.20 -10.25
CA ARG A 112 -13.26 3.56 -11.44
C ARG A 112 -13.11 2.37 -12.37
N LEU A 113 -12.67 1.24 -11.84
CA LEU A 113 -12.39 -0.01 -12.53
C LEU A 113 -13.62 -0.43 -13.31
N ARG A 114 -14.78 -0.44 -12.66
CA ARG A 114 -16.00 -0.85 -13.30
C ARG A 114 -16.42 0.08 -14.42
N ALA A 115 -16.25 1.41 -14.26
CA ALA A 115 -16.51 2.35 -15.35
C ALA A 115 -15.55 2.10 -16.52
N ALA A 116 -14.32 1.69 -16.21
CA ALA A 116 -13.23 1.59 -17.17
C ALA A 116 -13.21 0.23 -17.85
N LYS A 117 -14.01 -0.70 -17.36
CA LYS A 117 -14.20 -2.06 -17.88
C LYS A 117 -12.92 -2.92 -17.73
N ALA A 118 -11.97 -2.49 -16.91
CA ALA A 118 -10.64 -3.06 -16.88
C ALA A 118 -10.64 -4.41 -16.16
N SER A 119 -9.49 -5.08 -16.18
CA SER A 119 -9.27 -6.42 -15.65
C SER A 119 -9.63 -6.50 -14.16
N ARG A 120 -10.17 -7.62 -13.69
CA ARG A 120 -10.61 -7.77 -12.31
C ARG A 120 -9.98 -9.06 -11.82
N GLU A 121 -8.68 -9.01 -11.57
CA GLU A 121 -7.95 -10.17 -11.06
C GLU A 121 -8.58 -10.65 -9.73
N PRO A 122 -8.37 -11.91 -9.34
CA PRO A 122 -8.99 -12.49 -8.15
C PRO A 122 -8.35 -11.89 -6.89
N LEU A 123 -9.15 -11.48 -5.89
CA LEU A 123 -8.60 -10.86 -4.68
C LEU A 123 -9.24 -11.20 -3.35
N ILE A 124 -10.33 -11.97 -3.38
CA ILE A 124 -11.18 -12.18 -2.22
C ILE A 124 -10.37 -12.81 -1.08
N ASP A 125 -10.58 -12.28 0.12
CA ASP A 125 -10.18 -12.81 1.41
C ASP A 125 -11.31 -12.51 2.39
N MET A 126 -11.46 -13.33 3.43
CA MET A 126 -12.60 -13.30 4.35
C MET A 126 -12.15 -13.51 5.79
N ALA A 127 -10.89 -13.22 6.11
CA ALA A 127 -10.30 -13.30 7.44
C ALA A 127 -9.77 -11.94 7.91
N VAL A 128 -10.38 -10.86 7.43
CA VAL A 128 -9.92 -9.50 7.67
C VAL A 128 -10.24 -9.12 9.12
N LYS A 129 -9.21 -9.03 9.97
CA LYS A 129 -9.38 -8.54 11.34
C LYS A 129 -9.51 -7.02 11.29
N TYR A 130 -10.23 -6.44 12.26
CA TYR A 130 -10.32 -5.01 12.46
C TYR A 130 -10.29 -4.74 13.97
N HIS A 131 -9.12 -4.43 14.51
CA HIS A 131 -8.89 -3.92 15.85
C HIS A 131 -7.87 -2.78 15.74
N THR A 132 -7.60 -2.09 16.85
CA THR A 132 -6.44 -1.22 17.04
C THR A 132 -6.09 -1.28 18.53
N GLY A 1 -5.02 17.91 14.57
CA GLY A 1 -4.22 17.56 13.39
C GLY A 1 -2.86 18.25 13.44
N MET A 2 -2.05 17.99 12.41
CA MET A 2 -0.66 18.39 12.33
C MET A 2 -0.44 18.94 10.92
N THR A 3 0.42 19.95 10.79
CA THR A 3 0.62 20.63 9.52
C THR A 3 1.26 19.71 8.46
N PRO A 4 1.16 20.05 7.15
CA PRO A 4 1.66 19.22 6.07
C PRO A 4 3.17 19.41 5.93
N GLN A 5 3.90 18.93 6.94
CA GLN A 5 5.31 19.24 7.19
C GLN A 5 6.16 17.97 7.26
N SER A 6 5.56 16.82 6.93
CA SER A 6 6.19 15.50 7.05
C SER A 6 6.76 15.28 8.45
N ASP A 7 5.92 15.53 9.46
CA ASP A 7 6.26 15.32 10.88
C ASP A 7 5.87 13.94 11.39
N THR A 8 5.40 13.12 10.47
CA THR A 8 4.98 11.74 10.68
C THR A 8 6.08 10.92 11.38
N PRO A 9 5.70 9.96 12.24
CA PRO A 9 6.64 9.13 13.00
C PRO A 9 7.49 8.25 12.07
N LYS A 10 8.53 7.61 12.61
CA LYS A 10 9.35 6.66 11.87
C LYS A 10 8.87 5.26 12.19
N VAL A 11 8.72 4.43 11.16
CA VAL A 11 8.42 3.02 11.36
C VAL A 11 9.63 2.42 12.08
N THR A 12 9.39 1.53 13.04
CA THR A 12 10.44 0.84 13.76
C THR A 12 10.10 -0.65 13.96
N GLY A 13 8.99 -1.16 13.41
CA GLY A 13 8.81 -2.59 13.20
C GLY A 13 7.88 -2.84 12.03
N LEU A 14 8.07 -3.96 11.35
CA LEU A 14 7.21 -4.44 10.28
C LEU A 14 7.07 -5.96 10.43
N LYS A 15 6.00 -6.54 9.89
CA LYS A 15 5.74 -7.98 9.85
C LYS A 15 4.95 -8.29 8.59
N LEU A 16 4.92 -9.55 8.17
CA LEU A 16 4.14 -10.00 7.03
C LEU A 16 3.15 -11.04 7.51
N LYS A 17 2.05 -11.19 6.79
CA LYS A 17 1.13 -12.33 6.85
C LYS A 17 1.00 -12.81 5.42
N ARG A 18 1.71 -13.87 5.09
CA ARG A 18 1.66 -14.52 3.78
C ARG A 18 0.20 -14.82 3.41
N LYS A 19 -0.49 -15.44 4.37
CA LYS A 19 -1.81 -16.03 4.29
C LYS A 19 -2.79 -15.08 3.61
N SER A 20 -3.03 -13.96 4.27
CA SER A 20 -4.00 -12.92 3.91
C SER A 20 -3.40 -11.88 2.95
N ARG A 21 -2.16 -12.12 2.53
CA ARG A 21 -1.30 -11.24 1.78
C ARG A 21 -1.35 -9.80 2.26
N GLN A 22 -1.08 -9.64 3.55
CA GLN A 22 -1.13 -8.36 4.23
C GLN A 22 0.24 -8.12 4.87
N LEU A 23 0.49 -6.87 5.26
CA LEU A 23 1.75 -6.45 5.87
C LEU A 23 1.42 -5.50 7.00
N GLU A 24 2.15 -5.63 8.10
CA GLU A 24 1.92 -4.94 9.37
C GLU A 24 3.06 -3.96 9.61
N ILE A 25 2.75 -2.86 10.30
CA ILE A 25 3.58 -1.68 10.44
C ILE A 25 3.41 -1.21 11.88
N SER A 26 4.52 -0.96 12.57
CA SER A 26 4.57 -0.39 13.90
C SER A 26 5.44 0.85 13.86
N PHE A 27 4.87 1.90 14.41
CA PHE A 27 5.52 3.20 14.52
C PHE A 27 6.22 3.33 15.86
N ASP A 28 6.97 4.40 16.02
CA ASP A 28 7.66 4.77 17.25
C ASP A 28 6.87 5.84 18.04
N ASN A 29 5.54 5.88 17.83
CA ASN A 29 4.59 6.79 18.48
C ASN A 29 3.51 6.07 19.30
N GLY A 30 3.51 4.72 19.30
CA GLY A 30 2.53 3.91 20.01
C GLY A 30 1.36 3.44 19.15
N GLN A 31 1.47 3.41 17.82
CA GLN A 31 0.43 2.90 16.92
C GLN A 31 0.93 1.70 16.12
N GLN A 32 -0.03 0.91 15.61
CA GLN A 32 0.18 -0.20 14.69
C GLN A 32 -1.01 -0.31 13.73
N PHE A 33 -0.74 -0.74 12.50
CA PHE A 33 -1.75 -1.04 11.48
C PHE A 33 -1.24 -2.11 10.53
N THR A 34 -2.11 -2.53 9.61
CA THR A 34 -1.85 -3.43 8.51
C THR A 34 -2.23 -2.71 7.21
N LEU A 35 -1.70 -3.14 6.06
CA LEU A 35 -2.09 -2.81 4.70
C LEU A 35 -2.15 -4.09 3.88
N SER A 36 -2.89 -4.08 2.77
CA SER A 36 -2.89 -5.20 1.84
C SER A 36 -1.82 -4.97 0.78
N CYS A 37 -1.19 -6.05 0.32
CA CYS A 37 -0.17 -5.97 -0.71
C CYS A 37 -0.70 -5.34 -1.99
N GLU A 38 -1.98 -5.54 -2.31
CA GLU A 38 -2.62 -4.82 -3.39
C GLU A 38 -2.65 -3.33 -3.10
N LEU A 39 -3.22 -2.87 -1.98
CA LEU A 39 -3.38 -1.43 -1.77
C LEU A 39 -2.01 -0.74 -1.74
N LEU A 40 -0.97 -1.43 -1.25
CA LEU A 40 0.41 -0.97 -1.36
C LEU A 40 0.81 -0.74 -2.82
N ARG A 41 0.66 -1.73 -3.71
CA ARG A 41 1.15 -1.66 -5.09
C ARG A 41 0.25 -0.83 -6.01
N VAL A 42 -1.06 -0.91 -5.85
CA VAL A 42 -2.04 -0.18 -6.67
C VAL A 42 -1.87 1.34 -6.46
N TYR A 43 -1.36 1.76 -5.29
CA TYR A 43 -1.36 3.12 -4.78
C TYR A 43 0.09 3.62 -4.60
N SER A 44 1.01 3.19 -5.48
CA SER A 44 2.41 3.59 -5.46
C SER A 44 2.58 5.12 -5.40
N PRO A 45 3.61 5.62 -4.70
CA PRO A 45 3.87 7.06 -4.54
C PRO A 45 4.52 7.69 -5.78
N SER A 46 4.97 6.86 -6.72
CA SER A 46 5.53 7.24 -8.00
C SER A 46 4.85 6.32 -9.00
N ALA A 47 4.13 6.91 -9.95
CA ALA A 47 3.48 6.17 -11.02
C ALA A 47 3.61 7.00 -12.29
N GLU A 48 2.69 7.94 -12.54
CA GLU A 48 2.70 8.88 -13.67
C GLU A 48 2.06 10.21 -13.24
N VAL A 49 2.26 10.55 -11.97
CA VAL A 49 1.63 11.70 -11.31
C VAL A 49 2.28 12.99 -11.82
N HIS A 50 3.58 12.96 -12.07
CA HIS A 50 4.39 14.11 -12.45
C HIS A 50 4.33 15.26 -11.43
N GLY A 51 3.98 14.95 -10.17
CA GLY A 51 3.74 15.91 -9.10
C GLY A 51 2.36 16.58 -9.21
N HIS A 52 1.85 16.81 -10.42
CA HIS A 52 0.64 17.55 -10.68
C HIS A 52 -0.19 16.74 -11.65
N GLY A 53 -1.18 16.05 -11.12
CA GLY A 53 -1.76 14.94 -11.82
C GLY A 53 -2.15 13.88 -10.79
N ASN A 54 -2.55 12.71 -11.28
CA ASN A 54 -3.04 11.62 -10.47
C ASN A 54 -2.57 10.30 -11.10
N PRO A 55 -2.37 9.25 -10.28
CA PRO A 55 -1.77 8.00 -10.74
C PRO A 55 -2.73 7.20 -11.63
N VAL A 56 -2.17 6.29 -12.42
CA VAL A 56 -2.88 5.58 -13.48
C VAL A 56 -3.93 4.64 -12.88
N LEU A 57 -4.87 4.20 -13.71
CA LEU A 57 -5.89 3.24 -13.32
C LEU A 57 -5.28 1.82 -13.27
N VAL A 58 -5.14 1.25 -12.07
CA VAL A 58 -4.48 -0.03 -11.86
C VAL A 58 -5.52 -1.07 -11.44
N THR A 59 -5.58 -2.14 -12.22
CA THR A 59 -6.43 -3.31 -12.06
C THR A 59 -6.10 -4.12 -10.80
N HIS A 60 -6.92 -5.16 -10.52
CA HIS A 60 -6.65 -6.09 -9.45
C HIS A 60 -5.40 -6.93 -9.73
N LYS A 61 -4.93 -7.64 -8.71
CA LYS A 61 -3.73 -8.47 -8.73
C LYS A 61 -4.06 -9.77 -8.01
N LYS A 62 -3.88 -10.87 -8.73
CA LYS A 62 -4.32 -12.22 -8.41
C LYS A 62 -4.04 -12.61 -6.95
N ASN A 63 -2.81 -12.47 -6.48
CA ASN A 63 -2.40 -12.75 -5.09
C ASN A 63 -0.98 -12.22 -4.94
N VAL A 64 -0.84 -10.93 -4.65
CA VAL A 64 0.48 -10.33 -4.43
C VAL A 64 1.03 -10.87 -3.12
N ASN A 65 2.35 -10.83 -2.91
CA ASN A 65 2.98 -10.90 -1.59
C ASN A 65 4.16 -9.94 -1.57
N ILE A 66 4.76 -9.76 -0.39
CA ILE A 66 6.03 -9.06 -0.21
C ILE A 66 7.07 -10.15 -0.01
N ASN A 67 8.21 -9.98 -0.67
CA ASN A 67 9.41 -10.73 -0.43
C ASN A 67 10.05 -10.20 0.83
N ALA A 68 10.36 -8.90 0.84
CA ALA A 68 11.15 -8.29 1.90
C ALA A 68 10.85 -6.80 2.01
N ILE A 69 11.38 -6.24 3.08
CA ILE A 69 11.43 -4.83 3.44
C ILE A 69 12.91 -4.51 3.31
N THR A 70 13.26 -3.46 2.59
CA THR A 70 14.66 -3.10 2.42
C THR A 70 14.78 -1.65 2.83
N PRO A 71 15.13 -1.36 4.08
CA PRO A 71 15.23 0.00 4.58
C PRO A 71 16.39 0.72 3.90
N VAL A 72 16.10 1.89 3.36
CA VAL A 72 17.02 2.77 2.66
C VAL A 72 17.00 4.09 3.44
N GLY A 73 18.10 4.43 4.10
CA GLY A 73 18.31 5.79 4.60
C GLY A 73 17.65 6.12 5.94
N ASN A 74 17.01 5.16 6.60
CA ASN A 74 16.26 5.26 7.86
C ASN A 74 14.91 5.98 7.74
N TYR A 75 14.54 6.44 6.54
CA TYR A 75 13.32 7.19 6.27
C TYR A 75 12.31 6.44 5.39
N ALA A 76 12.63 5.25 4.89
CA ALA A 76 11.86 4.50 3.91
C ALA A 76 12.44 3.13 3.70
N VAL A 77 11.66 2.38 2.94
CA VAL A 77 11.80 1.00 2.61
C VAL A 77 11.39 0.77 1.18
N LYS A 78 12.03 -0.22 0.60
CA LYS A 78 11.62 -0.94 -0.59
C LYS A 78 10.73 -2.06 -0.11
N LEU A 79 9.44 -2.01 -0.45
CA LEU A 79 8.59 -3.18 -0.36
C LEU A 79 8.83 -3.94 -1.64
N VAL A 80 9.61 -5.01 -1.55
CA VAL A 80 9.95 -5.83 -2.69
C VAL A 80 8.75 -6.75 -2.95
N PHE A 81 7.99 -6.48 -4.01
CA PHE A 81 6.82 -7.27 -4.32
C PHE A 81 7.25 -8.60 -4.94
N ASP A 82 6.44 -9.64 -4.70
CA ASP A 82 6.69 -11.00 -5.18
C ASP A 82 6.52 -11.15 -6.69
N ASP A 83 5.91 -10.17 -7.36
CA ASP A 83 5.95 -10.06 -8.82
C ASP A 83 7.38 -9.71 -9.32
N GLY A 84 8.30 -9.45 -8.39
CA GLY A 84 9.70 -9.19 -8.63
C GLY A 84 9.90 -7.74 -9.03
N HIS A 85 9.42 -6.80 -8.21
CA HIS A 85 9.43 -5.38 -8.50
C HIS A 85 9.87 -4.63 -7.24
N ASP A 86 10.87 -3.76 -7.41
CA ASP A 86 11.57 -3.05 -6.34
C ASP A 86 11.78 -1.57 -6.68
N THR A 87 11.36 -1.12 -7.86
CA THR A 87 11.67 0.18 -8.43
C THR A 87 10.87 1.35 -7.82
N GLY A 88 10.27 1.20 -6.63
CA GLY A 88 9.62 2.28 -5.90
C GLY A 88 9.98 2.20 -4.42
N LEU A 89 10.13 3.36 -3.77
CA LEU A 89 10.33 3.45 -2.33
C LEU A 89 9.00 3.80 -1.66
N TYR A 90 8.79 3.23 -0.48
CA TYR A 90 7.63 3.35 0.38
C TYR A 90 8.11 4.09 1.61
N SER A 91 7.72 5.36 1.73
CA SER A 91 8.10 6.20 2.85
C SER A 91 7.17 5.98 4.05
N TRP A 92 7.60 6.43 5.23
CA TRP A 92 6.83 6.34 6.45
C TRP A 92 5.47 7.06 6.29
N LYS A 93 5.46 8.27 5.73
CA LYS A 93 4.24 9.01 5.42
C LYS A 93 3.35 8.23 4.47
N VAL A 94 3.90 7.73 3.35
CA VAL A 94 3.10 7.02 2.36
C VAL A 94 2.40 5.82 3.01
N LEU A 95 3.06 5.11 3.94
CA LEU A 95 2.44 4.01 4.65
C LEU A 95 1.25 4.52 5.49
N TYR A 96 1.43 5.60 6.26
CA TYR A 96 0.38 6.14 7.10
C TYR A 96 -0.82 6.59 6.27
N ASP A 97 -0.58 7.33 5.19
CA ASP A 97 -1.60 7.98 4.33
C ASP A 97 -2.44 6.99 3.56
N LEU A 98 -1.90 5.81 3.31
CA LEU A 98 -2.63 4.71 2.73
C LEU A 98 -3.43 3.96 3.79
N ALA A 99 -2.81 3.64 4.94
CA ALA A 99 -3.40 2.78 5.96
C ALA A 99 -4.73 3.30 6.52
N SER A 100 -4.76 4.51 7.08
CA SER A 100 -5.96 5.12 7.67
C SER A 100 -7.11 5.22 6.65
N ASN A 101 -6.80 5.25 5.35
CA ASN A 101 -7.81 5.39 4.29
C ASN A 101 -7.99 4.13 3.42
N GLN A 102 -7.48 2.96 3.81
CA GLN A 102 -7.14 1.88 2.88
C GLN A 102 -8.39 1.26 2.26
N VAL A 103 -9.50 1.30 2.99
CA VAL A 103 -10.78 0.79 2.59
C VAL A 103 -11.38 1.71 1.55
N ASP A 104 -11.48 2.99 1.86
CA ASP A 104 -12.22 3.95 1.05
C ASP A 104 -11.47 4.21 -0.25
N LEU A 105 -10.13 4.30 -0.16
CA LEU A 105 -9.22 4.36 -1.29
C LEU A 105 -9.38 3.13 -2.18
N TRP A 106 -9.54 1.95 -1.58
CA TRP A 106 -9.74 0.73 -2.33
C TRP A 106 -11.08 0.77 -3.06
N GLU A 107 -12.18 1.00 -2.35
CA GLU A 107 -13.55 1.01 -2.89
C GLU A 107 -13.72 1.99 -4.06
N ASN A 108 -12.87 3.01 -4.13
CA ASN A 108 -12.81 3.91 -5.27
C ASN A 108 -12.42 3.15 -6.54
N TYR A 109 -11.46 2.22 -6.48
CA TYR A 109 -10.95 1.51 -7.63
C TYR A 109 -12.02 0.58 -8.14
N LEU A 110 -12.77 -0.04 -7.23
CA LEU A 110 -13.82 -0.99 -7.58
C LEU A 110 -14.86 -0.29 -8.46
N ALA A 111 -15.27 0.92 -8.06
CA ALA A 111 -16.15 1.77 -8.83
C ALA A 111 -15.49 2.17 -10.17
N ARG A 112 -14.29 2.77 -10.14
CA ARG A 112 -13.63 3.26 -11.37
C ARG A 112 -13.39 2.12 -12.36
N LEU A 113 -13.07 0.93 -11.88
CA LEU A 113 -12.77 -0.25 -12.69
C LEU A 113 -13.95 -0.61 -13.57
N ARG A 114 -15.16 -0.58 -13.01
CA ARG A 114 -16.37 -0.83 -13.76
C ARG A 114 -16.48 0.17 -14.91
N ALA A 115 -16.34 1.46 -14.63
CA ALA A 115 -16.41 2.52 -15.63
C ALA A 115 -15.32 2.34 -16.70
N ALA A 116 -14.21 1.70 -16.34
CA ALA A 116 -13.04 1.48 -17.17
C ALA A 116 -13.16 0.23 -18.03
N LYS A 117 -14.17 -0.61 -17.77
CA LYS A 117 -14.41 -1.94 -18.36
C LYS A 117 -13.26 -2.94 -18.13
N ALA A 118 -12.32 -2.62 -17.24
CA ALA A 118 -10.97 -3.20 -17.22
C ALA A 118 -10.92 -4.58 -16.53
N SER A 119 -9.76 -5.24 -16.56
CA SER A 119 -9.59 -6.58 -16.00
C SER A 119 -9.88 -6.62 -14.50
N ARG A 120 -10.38 -7.78 -14.08
CA ARG A 120 -10.65 -8.15 -12.70
C ARG A 120 -9.89 -9.45 -12.55
N GLU A 121 -8.59 -9.36 -12.29
CA GLU A 121 -7.88 -10.46 -11.65
C GLU A 121 -8.58 -10.83 -10.34
N PRO A 122 -8.36 -12.03 -9.81
CA PRO A 122 -8.94 -12.45 -8.55
C PRO A 122 -8.30 -11.65 -7.42
N LEU A 123 -9.04 -11.47 -6.32
CA LEU A 123 -8.60 -10.72 -5.15
C LEU A 123 -9.36 -11.08 -3.88
N ILE A 124 -10.21 -12.10 -3.92
CA ILE A 124 -11.00 -12.54 -2.78
C ILE A 124 -10.06 -12.98 -1.66
N ASP A 125 -10.55 -12.87 -0.43
CA ASP A 125 -9.90 -13.36 0.80
C ASP A 125 -10.64 -14.61 1.26
N MET A 126 -9.96 -15.49 1.99
CA MET A 126 -10.41 -16.86 2.24
C MET A 126 -10.57 -17.67 0.95
N ALA A 127 -10.21 -17.10 -0.21
CA ALA A 127 -10.09 -17.80 -1.48
C ALA A 127 -8.77 -18.59 -1.52
N VAL A 128 -8.61 -19.51 -0.56
CA VAL A 128 -7.50 -20.42 -0.40
C VAL A 128 -8.08 -21.79 -0.05
N LYS A 129 -7.45 -22.90 -0.46
CA LYS A 129 -7.83 -24.22 0.01
C LYS A 129 -7.25 -24.41 1.41
N TYR A 130 -8.10 -24.68 2.40
CA TYR A 130 -7.74 -25.00 3.77
C TYR A 130 -8.35 -26.35 4.10
N HIS A 131 -7.52 -27.39 4.08
CA HIS A 131 -7.85 -28.74 4.49
C HIS A 131 -6.61 -29.28 5.16
N THR A 132 -6.79 -30.03 6.24
CA THR A 132 -5.73 -30.67 6.99
C THR A 132 -6.03 -32.15 7.07
N GLY A 1 -0.23 20.79 16.08
CA GLY A 1 0.28 20.47 14.75
C GLY A 1 -0.77 20.79 13.71
N MET A 2 -0.60 21.90 12.98
CA MET A 2 -1.26 22.12 11.70
C MET A 2 -0.35 22.98 10.82
N THR A 3 0.83 22.47 10.50
CA THR A 3 1.75 23.09 9.56
C THR A 3 2.22 22.03 8.56
N PRO A 4 2.69 22.42 7.36
CA PRO A 4 3.36 21.51 6.44
C PRO A 4 4.72 21.16 7.03
N GLN A 5 4.82 20.02 7.70
CA GLN A 5 6.08 19.43 8.12
C GLN A 5 5.86 17.94 8.21
N SER A 6 6.77 17.19 7.60
CA SER A 6 6.89 15.75 7.74
C SER A 6 7.25 15.46 9.21
N ASP A 7 6.23 15.26 10.03
CA ASP A 7 6.34 15.10 11.50
C ASP A 7 5.66 13.80 11.94
N THR A 8 5.51 12.92 11.00
CA THR A 8 5.04 11.56 11.19
C THR A 8 6.11 10.72 11.91
N PRO A 9 5.69 9.63 12.56
CA PRO A 9 6.56 8.67 13.24
C PRO A 9 7.52 7.94 12.28
N LYS A 10 8.38 7.09 12.85
CA LYS A 10 9.37 6.27 12.16
C LYS A 10 9.08 4.81 12.43
N VAL A 11 8.92 4.04 11.35
CA VAL A 11 8.54 2.64 11.41
C VAL A 11 9.69 1.90 12.07
N THR A 12 9.39 1.03 13.03
CA THR A 12 10.38 0.25 13.77
C THR A 12 10.16 -1.26 13.65
N GLY A 13 9.09 -1.70 12.98
CA GLY A 13 8.95 -3.07 12.53
C GLY A 13 7.95 -3.14 11.37
N LEU A 14 8.16 -4.10 10.47
CA LEU A 14 7.25 -4.46 9.39
C LEU A 14 7.11 -5.98 9.42
N LYS A 15 5.89 -6.50 9.44
CA LYS A 15 5.57 -7.92 9.59
C LYS A 15 4.61 -8.37 8.51
N LEU A 16 4.60 -9.65 8.13
CA LEU A 16 3.80 -10.10 6.99
C LEU A 16 2.95 -11.31 7.32
N LYS A 17 1.87 -11.50 6.57
CA LYS A 17 0.84 -12.52 6.81
C LYS A 17 0.38 -13.16 5.50
N ARG A 18 1.10 -14.15 4.98
CA ARG A 18 0.81 -14.66 3.64
C ARG A 18 -0.57 -15.28 3.54
N LYS A 19 -1.05 -15.86 4.64
CA LYS A 19 -2.40 -16.39 4.85
C LYS A 19 -3.52 -15.37 4.61
N SER A 20 -3.22 -14.06 4.59
CA SER A 20 -4.21 -13.01 4.43
C SER A 20 -3.71 -11.90 3.49
N ARG A 21 -2.68 -12.18 2.66
CA ARG A 21 -2.22 -11.33 1.54
C ARG A 21 -2.11 -9.83 1.93
N GLN A 22 -1.42 -9.53 3.03
CA GLN A 22 -1.35 -8.18 3.61
C GLN A 22 0.06 -7.94 4.19
N LEU A 23 0.34 -6.70 4.61
CA LEU A 23 1.56 -6.28 5.29
C LEU A 23 1.15 -5.46 6.50
N GLU A 24 1.88 -5.63 7.60
CA GLU A 24 1.69 -5.02 8.91
C GLU A 24 2.85 -4.07 9.21
N ILE A 25 2.55 -3.01 9.94
CA ILE A 25 3.46 -1.88 10.16
C ILE A 25 3.39 -1.56 11.64
N SER A 26 4.54 -1.27 12.26
CA SER A 26 4.67 -0.81 13.63
C SER A 26 5.55 0.43 13.65
N PHE A 27 5.12 1.37 14.46
CA PHE A 27 5.76 2.66 14.65
C PHE A 27 6.35 2.72 16.05
N ASP A 28 7.35 3.59 16.24
CA ASP A 28 7.96 3.70 17.57
C ASP A 28 7.05 4.42 18.55
N ASN A 29 6.14 5.27 18.03
CA ASN A 29 5.11 5.92 18.85
C ASN A 29 4.15 4.90 19.49
N GLY A 30 3.97 3.73 18.86
CA GLY A 30 3.13 2.65 19.36
C GLY A 30 2.01 2.25 18.40
N GLN A 31 1.62 3.10 17.44
CA GLN A 31 0.61 2.73 16.45
C GLN A 31 1.02 1.46 15.72
N GLN A 32 0.03 0.62 15.39
CA GLN A 32 0.17 -0.58 14.59
C GLN A 32 -1.05 -0.67 13.66
N PHE A 33 -0.82 -1.03 12.41
CA PHE A 33 -1.85 -1.17 11.39
C PHE A 33 -1.40 -2.16 10.33
N THR A 34 -2.30 -2.51 9.41
CA THR A 34 -2.08 -3.45 8.33
C THR A 34 -2.65 -2.82 7.05
N LEU A 35 -2.19 -3.24 5.88
CA LEU A 35 -2.71 -2.86 4.56
C LEU A 35 -2.77 -4.08 3.66
N SER A 36 -3.60 -4.00 2.62
CA SER A 36 -3.60 -4.93 1.48
C SER A 36 -2.32 -4.78 0.67
N CYS A 37 -1.72 -5.88 0.27
CA CYS A 37 -0.55 -5.85 -0.61
C CYS A 37 -0.93 -5.58 -2.06
N GLU A 38 -2.19 -5.85 -2.44
CA GLU A 38 -2.81 -5.34 -3.65
C GLU A 38 -2.63 -3.81 -3.70
N LEU A 39 -3.13 -3.09 -2.68
CA LEU A 39 -3.24 -1.63 -2.68
C LEU A 39 -1.86 -0.99 -2.82
N LEU A 40 -0.83 -1.57 -2.20
CA LEU A 40 0.55 -1.07 -2.22
C LEU A 40 1.07 -0.80 -3.63
N ARG A 41 0.90 -1.73 -4.58
CA ARG A 41 1.51 -1.59 -5.91
C ARG A 41 0.53 -1.01 -6.93
N VAL A 42 -0.76 -1.00 -6.64
CA VAL A 42 -1.79 -0.22 -7.31
C VAL A 42 -1.47 1.25 -7.01
N TYR A 43 -1.67 1.65 -5.76
CA TYR A 43 -1.47 2.98 -5.21
C TYR A 43 0.02 3.18 -4.89
N SER A 44 0.89 3.04 -5.89
CA SER A 44 2.25 3.52 -5.72
C SER A 44 2.13 5.04 -5.49
N PRO A 45 2.98 5.64 -4.64
CA PRO A 45 2.84 7.04 -4.28
C PRO A 45 3.08 7.94 -5.50
N SER A 46 3.92 7.51 -6.44
CA SER A 46 4.31 8.24 -7.64
C SER A 46 3.24 8.03 -8.72
N ALA A 47 2.01 8.46 -8.42
CA ALA A 47 0.89 8.35 -9.34
C ALA A 47 0.08 9.65 -9.34
N GLU A 48 -0.89 9.79 -8.43
CA GLU A 48 -1.85 10.91 -8.40
C GLU A 48 -1.28 12.09 -7.60
N VAL A 49 -0.22 12.64 -8.17
CA VAL A 49 0.56 13.74 -7.64
C VAL A 49 -0.12 15.01 -8.11
N HIS A 50 0.22 15.48 -9.31
CA HIS A 50 -0.29 16.68 -9.93
C HIS A 50 0.45 17.00 -11.23
N GLY A 51 1.71 16.56 -11.34
CA GLY A 51 2.61 16.96 -12.40
C GLY A 51 3.80 16.01 -12.52
N HIS A 52 4.62 15.90 -11.48
CA HIS A 52 5.91 15.19 -11.53
C HIS A 52 5.75 13.67 -11.41
N GLY A 53 4.56 13.22 -11.06
CA GLY A 53 4.02 11.89 -11.31
C GLY A 53 2.67 12.11 -12.00
N ASN A 54 2.12 11.08 -12.64
CA ASN A 54 0.80 11.14 -13.26
C ASN A 54 -0.04 9.95 -12.82
N PRO A 55 -1.37 10.10 -12.80
CA PRO A 55 -2.28 9.04 -12.40
C PRO A 55 -2.29 7.96 -13.46
N VAL A 56 -2.66 6.74 -13.05
CA VAL A 56 -2.68 5.56 -13.89
C VAL A 56 -3.85 4.71 -13.43
N LEU A 57 -4.61 4.18 -14.38
CA LEU A 57 -5.63 3.16 -14.12
C LEU A 57 -4.89 1.84 -13.88
N VAL A 58 -5.00 1.25 -12.69
CA VAL A 58 -4.38 -0.02 -12.32
C VAL A 58 -5.46 -0.98 -11.85
N THR A 59 -5.48 -2.14 -12.50
CA THR A 59 -6.36 -3.29 -12.28
C THR A 59 -6.05 -4.00 -10.93
N HIS A 60 -6.93 -4.91 -10.46
CA HIS A 60 -6.67 -5.68 -9.23
C HIS A 60 -5.42 -6.56 -9.40
N LYS A 61 -4.96 -7.18 -8.31
CA LYS A 61 -3.75 -7.99 -8.25
C LYS A 61 -4.10 -9.25 -7.49
N LYS A 62 -4.03 -10.37 -8.21
CA LYS A 62 -4.52 -11.68 -7.81
C LYS A 62 -3.96 -12.07 -6.45
N ASN A 63 -2.64 -12.04 -6.34
CA ASN A 63 -1.89 -12.61 -5.24
C ASN A 63 -0.56 -11.87 -5.23
N VAL A 64 -0.49 -10.87 -4.36
CA VAL A 64 0.72 -10.13 -4.06
C VAL A 64 1.14 -10.38 -2.62
N ASN A 65 2.38 -10.82 -2.44
CA ASN A 65 3.04 -10.91 -1.16
C ASN A 65 4.36 -10.16 -1.27
N ILE A 66 4.73 -9.42 -0.23
CA ILE A 66 5.98 -8.70 -0.20
C ILE A 66 7.11 -9.72 -0.03
N ASN A 67 8.08 -9.75 -0.95
CA ASN A 67 9.25 -10.59 -0.79
C ASN A 67 10.04 -10.12 0.43
N ALA A 68 10.23 -8.80 0.56
CA ALA A 68 11.19 -8.22 1.50
C ALA A 68 10.97 -6.70 1.67
N ILE A 69 11.68 -6.14 2.64
CA ILE A 69 11.71 -4.74 3.04
C ILE A 69 13.16 -4.30 2.83
N THR A 70 13.40 -3.04 2.45
CA THR A 70 14.78 -2.54 2.35
C THR A 70 14.80 -1.15 2.96
N PRO A 71 15.17 -1.01 4.24
CA PRO A 71 15.09 0.23 4.98
C PRO A 71 16.17 1.20 4.51
N VAL A 72 15.82 2.04 3.54
CA VAL A 72 16.67 3.09 3.01
C VAL A 72 16.85 4.12 4.12
N GLY A 73 18.10 4.38 4.51
CA GLY A 73 18.46 5.33 5.55
C GLY A 73 17.77 4.98 6.86
N ASN A 74 16.88 5.85 7.31
CA ASN A 74 16.06 5.69 8.50
C ASN A 74 14.64 6.21 8.29
N TYR A 75 14.29 6.55 7.05
CA TYR A 75 13.12 7.38 6.75
C TYR A 75 12.13 6.68 5.80
N ALA A 76 12.45 5.47 5.35
CA ALA A 76 11.75 4.75 4.29
C ALA A 76 12.30 3.37 4.11
N VAL A 77 11.60 2.68 3.25
CA VAL A 77 11.71 1.35 2.77
C VAL A 77 11.44 1.29 1.27
N LYS A 78 12.01 0.25 0.67
CA LYS A 78 11.64 -0.37 -0.59
C LYS A 78 10.80 -1.59 -0.21
N LEU A 79 9.60 -1.72 -0.75
CA LEU A 79 8.75 -2.89 -0.55
C LEU A 79 8.77 -3.64 -1.86
N VAL A 80 9.38 -4.83 -1.92
CA VAL A 80 9.48 -5.62 -3.15
C VAL A 80 8.39 -6.68 -3.15
N PHE A 81 8.01 -7.23 -4.30
CA PHE A 81 6.80 -8.03 -4.47
C PHE A 81 7.14 -9.33 -5.22
N ASP A 82 6.61 -10.44 -4.72
CA ASP A 82 6.82 -11.81 -5.18
C ASP A 82 6.30 -12.10 -6.60
N ASP A 83 5.52 -11.20 -7.20
CA ASP A 83 5.08 -11.25 -8.59
C ASP A 83 6.17 -10.73 -9.54
N GLY A 84 7.18 -10.05 -8.99
CA GLY A 84 8.38 -9.62 -9.70
C GLY A 84 8.35 -8.12 -9.95
N HIS A 85 8.39 -7.32 -8.88
CA HIS A 85 8.60 -5.89 -8.94
C HIS A 85 9.36 -5.53 -7.66
N ASP A 86 10.56 -4.96 -7.78
CA ASP A 86 11.44 -4.67 -6.64
C ASP A 86 11.82 -3.18 -6.57
N THR A 87 10.99 -2.32 -7.14
CA THR A 87 11.27 -0.90 -7.34
C THR A 87 10.10 -0.01 -6.88
N GLY A 88 10.23 0.63 -5.73
CA GLY A 88 9.45 1.79 -5.32
C GLY A 88 9.88 2.18 -3.91
N LEU A 89 9.99 3.48 -3.62
CA LEU A 89 10.27 3.98 -2.28
C LEU A 89 8.94 4.24 -1.57
N TYR A 90 8.90 3.93 -0.29
CA TYR A 90 7.75 3.99 0.60
C TYR A 90 8.26 4.71 1.85
N SER A 91 7.97 6.00 1.95
CA SER A 91 8.35 6.84 3.09
C SER A 91 7.33 6.63 4.19
N TRP A 92 7.73 6.78 5.45
CA TRP A 92 6.89 6.50 6.61
C TRP A 92 5.50 7.14 6.53
N LYS A 93 5.40 8.36 6.00
CA LYS A 93 4.13 9.01 5.70
C LYS A 93 3.25 8.11 4.82
N VAL A 94 3.78 7.63 3.70
CA VAL A 94 3.01 6.93 2.68
C VAL A 94 2.26 5.75 3.30
N LEU A 95 2.97 4.94 4.09
CA LEU A 95 2.43 3.73 4.66
C LEU A 95 1.24 4.08 5.58
N TYR A 96 1.41 5.14 6.40
CA TYR A 96 0.39 5.61 7.33
C TYR A 96 -0.82 6.16 6.57
N ASP A 97 -0.61 6.96 5.52
CA ASP A 97 -1.67 7.65 4.79
C ASP A 97 -2.57 6.66 4.05
N LEU A 98 -1.95 5.67 3.40
CA LEU A 98 -2.68 4.57 2.78
C LEU A 98 -3.49 3.83 3.84
N ALA A 99 -2.86 3.41 4.95
CA ALA A 99 -3.55 2.70 6.02
C ALA A 99 -4.68 3.50 6.64
N SER A 100 -4.54 4.83 6.69
CA SER A 100 -5.53 5.75 7.22
C SER A 100 -6.77 5.83 6.34
N ASN A 101 -6.67 5.43 5.07
CA ASN A 101 -7.70 5.66 4.06
C ASN A 101 -7.89 4.45 3.14
N GLN A 102 -7.61 3.23 3.62
CA GLN A 102 -7.42 2.05 2.76
C GLN A 102 -8.74 1.48 2.26
N VAL A 103 -9.87 2.03 2.71
CA VAL A 103 -11.20 1.56 2.42
C VAL A 103 -11.83 2.55 1.46
N ASP A 104 -11.83 3.83 1.83
CA ASP A 104 -12.41 4.90 1.04
C ASP A 104 -11.72 4.99 -0.31
N LEU A 105 -10.37 5.00 -0.30
CA LEU A 105 -9.58 5.08 -1.51
C LEU A 105 -9.83 3.85 -2.37
N TRP A 106 -9.87 2.67 -1.74
CA TRP A 106 -10.15 1.40 -2.40
C TRP A 106 -11.47 1.48 -3.12
N GLU A 107 -12.58 1.81 -2.45
CA GLU A 107 -13.94 1.86 -3.00
C GLU A 107 -14.01 2.57 -4.35
N ASN A 108 -13.39 3.73 -4.43
CA ASN A 108 -13.26 4.51 -5.65
C ASN A 108 -12.59 3.76 -6.82
N TYR A 109 -11.73 2.75 -6.59
CA TYR A 109 -11.10 2.00 -7.67
C TYR A 109 -12.17 1.15 -8.34
N LEU A 110 -13.01 0.50 -7.52
CA LEU A 110 -14.03 -0.43 -7.97
C LEU A 110 -14.99 0.26 -8.94
N ALA A 111 -15.34 1.52 -8.65
CA ALA A 111 -16.11 2.40 -9.52
C ALA A 111 -15.42 2.60 -10.87
N ARG A 112 -14.19 3.15 -10.85
CA ARG A 112 -13.41 3.52 -12.04
C ARG A 112 -13.19 2.29 -12.93
N LEU A 113 -12.89 1.15 -12.30
CA LEU A 113 -12.68 -0.15 -12.91
C LEU A 113 -13.90 -0.52 -13.74
N ARG A 114 -15.11 -0.44 -13.17
CA ARG A 114 -16.31 -0.84 -13.90
C ARG A 114 -16.64 0.12 -15.04
N ALA A 115 -16.17 1.37 -14.99
CA ALA A 115 -16.23 2.26 -16.14
C ALA A 115 -15.22 1.84 -17.22
N ALA A 116 -14.14 1.17 -16.82
CA ALA A 116 -12.99 0.80 -17.67
C ALA A 116 -13.07 -0.63 -18.22
N LYS A 117 -14.04 -1.41 -17.76
CA LYS A 117 -14.28 -2.81 -18.17
C LYS A 117 -13.00 -3.65 -18.08
N ALA A 118 -12.21 -3.45 -17.02
CA ALA A 118 -10.84 -3.92 -16.97
C ALA A 118 -10.65 -5.12 -16.05
N SER A 119 -9.43 -5.63 -15.97
CA SER A 119 -9.00 -6.84 -15.27
C SER A 119 -9.31 -6.78 -13.76
N ARG A 120 -10.38 -7.43 -13.32
CA ARG A 120 -10.88 -7.39 -11.95
C ARG A 120 -10.51 -8.66 -11.21
N GLU A 121 -9.21 -8.91 -11.13
CA GLU A 121 -8.55 -10.05 -10.53
C GLU A 121 -9.02 -10.27 -9.07
N PRO A 122 -8.77 -11.43 -8.46
CA PRO A 122 -9.14 -11.66 -7.08
C PRO A 122 -8.27 -10.78 -6.17
N LEU A 123 -8.82 -10.32 -5.05
CA LEU A 123 -8.10 -9.65 -3.97
C LEU A 123 -8.79 -9.76 -2.62
N ILE A 124 -9.96 -10.41 -2.60
CA ILE A 124 -10.92 -10.41 -1.52
C ILE A 124 -10.31 -11.15 -0.33
N ASP A 125 -10.70 -10.75 0.88
CA ASP A 125 -10.28 -11.37 2.13
C ASP A 125 -11.48 -11.47 3.07
N MET A 126 -11.50 -12.48 3.94
CA MET A 126 -12.68 -12.86 4.73
C MET A 126 -12.63 -12.29 6.15
N ALA A 127 -11.55 -11.60 6.51
CA ALA A 127 -11.32 -11.06 7.82
C ALA A 127 -10.83 -9.62 7.68
N VAL A 128 -11.76 -8.70 7.49
CA VAL A 128 -11.54 -7.26 7.39
C VAL A 128 -12.33 -6.60 8.53
N LYS A 129 -11.83 -5.48 9.05
CA LYS A 129 -12.41 -4.81 10.21
C LYS A 129 -13.07 -3.49 9.80
N TYR A 130 -13.96 -2.99 10.67
CA TYR A 130 -14.68 -1.73 10.57
C TYR A 130 -14.46 -0.95 11.88
N HIS A 131 -13.20 -0.64 12.23
CA HIS A 131 -12.82 0.05 13.48
C HIS A 131 -11.65 1.01 13.20
N THR A 132 -11.53 2.10 13.96
CA THR A 132 -10.54 3.14 13.73
C THR A 132 -10.00 3.64 15.06
N GLY A 1 -3.48 21.17 7.95
CA GLY A 1 -3.82 20.96 6.54
C GLY A 1 -3.25 19.63 6.09
N MET A 2 -2.68 19.56 4.87
CA MET A 2 -1.89 18.41 4.40
C MET A 2 -0.73 18.97 3.60
N THR A 3 0.07 19.83 4.26
CA THR A 3 1.20 20.55 3.70
C THR A 3 2.41 19.64 3.48
N PRO A 4 3.39 20.03 2.63
CA PRO A 4 4.59 19.25 2.37
C PRO A 4 5.42 19.23 3.64
N GLN A 5 5.48 18.06 4.29
CA GLN A 5 6.13 17.86 5.57
C GLN A 5 6.51 16.39 5.71
N SER A 6 7.35 16.12 6.71
CA SER A 6 7.84 14.78 6.98
C SER A 6 7.90 14.46 8.46
N ASP A 7 7.06 15.13 9.25
CA ASP A 7 7.18 15.17 10.70
C ASP A 7 6.53 13.97 11.39
N THR A 8 6.07 13.01 10.60
CA THR A 8 5.55 11.71 11.01
C THR A 8 6.62 10.87 11.73
N PRO A 9 6.20 9.82 12.46
CA PRO A 9 7.10 8.84 13.07
C PRO A 9 7.86 8.04 12.00
N LYS A 10 8.86 7.27 12.43
CA LYS A 10 9.68 6.34 11.65
C LYS A 10 9.32 4.92 12.07
N VAL A 11 9.05 4.05 11.10
CA VAL A 11 8.63 2.67 11.33
C VAL A 11 9.74 1.94 12.06
N THR A 12 9.38 1.00 12.93
CA THR A 12 10.30 0.24 13.76
C THR A 12 10.02 -1.26 13.73
N GLY A 13 8.94 -1.69 13.07
CA GLY A 13 8.67 -3.10 12.85
C GLY A 13 7.72 -3.29 11.67
N LEU A 14 7.85 -4.43 10.99
CA LEU A 14 7.01 -4.87 9.89
C LEU A 14 6.85 -6.38 9.99
N LYS A 15 5.66 -6.93 9.71
CA LYS A 15 5.38 -8.36 9.76
C LYS A 15 4.40 -8.69 8.63
N LEU A 16 4.76 -9.57 7.70
CA LEU A 16 3.85 -9.98 6.64
C LEU A 16 2.96 -11.15 7.05
N LYS A 17 1.83 -11.29 6.37
CA LYS A 17 0.86 -12.37 6.55
C LYS A 17 0.57 -12.97 5.19
N ARG A 18 1.34 -13.96 4.76
CA ARG A 18 1.07 -14.67 3.50
C ARG A 18 -0.33 -15.29 3.50
N LYS A 19 -0.88 -15.65 4.67
CA LYS A 19 -2.24 -16.13 4.83
C LYS A 19 -3.23 -15.19 4.16
N SER A 20 -3.43 -14.01 4.76
CA SER A 20 -4.49 -13.08 4.38
C SER A 20 -3.95 -11.96 3.50
N ARG A 21 -2.74 -12.16 2.95
CA ARG A 21 -2.02 -11.28 2.03
C ARG A 21 -2.07 -9.82 2.51
N GLN A 22 -1.59 -9.61 3.73
CA GLN A 22 -1.56 -8.32 4.41
C GLN A 22 -0.15 -8.11 4.98
N LEU A 23 0.13 -6.91 5.46
CA LEU A 23 1.36 -6.44 6.07
C LEU A 23 0.98 -5.63 7.29
N GLU A 24 1.76 -5.77 8.35
CA GLU A 24 1.60 -5.07 9.63
C GLU A 24 2.77 -4.13 9.77
N ILE A 25 2.54 -2.95 10.35
CA ILE A 25 3.51 -1.88 10.56
C ILE A 25 3.46 -1.53 12.04
N SER A 26 4.58 -1.09 12.62
CA SER A 26 4.66 -0.52 13.94
C SER A 26 5.56 0.71 13.90
N PHE A 27 5.24 1.67 14.75
CA PHE A 27 5.90 2.97 14.84
C PHE A 27 6.41 3.20 16.26
N ASP A 28 7.49 3.98 16.39
CA ASP A 28 8.19 4.20 17.66
C ASP A 28 7.42 5.14 18.61
N ASN A 29 6.17 5.43 18.30
CA ASN A 29 5.24 6.33 19.00
C ASN A 29 4.05 5.59 19.61
N GLY A 30 4.04 4.25 19.60
CA GLY A 30 2.92 3.48 20.12
C GLY A 30 1.74 3.48 19.14
N GLN A 31 2.01 3.22 17.86
CA GLN A 31 0.98 2.93 16.86
C GLN A 31 1.40 1.70 16.08
N GLN A 32 0.39 0.99 15.57
CA GLN A 32 0.46 -0.09 14.61
C GLN A 32 -0.72 0.07 13.66
N PHE A 33 -0.63 -0.59 12.51
CA PHE A 33 -1.72 -0.76 11.57
C PHE A 33 -1.39 -1.86 10.57
N THR A 34 -2.40 -2.33 9.85
CA THR A 34 -2.25 -3.45 8.92
C THR A 34 -2.94 -3.12 7.60
N LEU A 35 -2.24 -3.30 6.48
CA LEU A 35 -2.70 -3.00 5.13
C LEU A 35 -2.62 -4.26 4.28
N SER A 36 -3.31 -4.27 3.15
CA SER A 36 -3.29 -5.39 2.22
C SER A 36 -2.14 -5.23 1.22
N CYS A 37 -1.58 -6.36 0.81
CA CYS A 37 -0.47 -6.42 -0.12
C CYS A 37 -0.85 -6.00 -1.54
N GLU A 38 -2.11 -6.15 -1.95
CA GLU A 38 -2.63 -5.58 -3.18
C GLU A 38 -2.51 -4.06 -3.11
N LEU A 39 -3.11 -3.43 -2.09
CA LEU A 39 -3.20 -1.98 -1.92
C LEU A 39 -1.82 -1.34 -1.98
N LEU A 40 -0.80 -1.99 -1.40
CA LEU A 40 0.58 -1.51 -1.39
C LEU A 40 1.06 -1.18 -2.81
N ARG A 41 0.99 -2.11 -3.76
CA ARG A 41 1.62 -1.90 -5.07
C ARG A 41 0.77 -0.97 -5.94
N VAL A 42 -0.55 -1.12 -5.91
CA VAL A 42 -1.47 -0.34 -6.72
C VAL A 42 -1.41 1.12 -6.30
N TYR A 43 -1.48 1.40 -5.00
CA TYR A 43 -1.31 2.75 -4.47
C TYR A 43 0.18 3.00 -4.23
N SER A 44 1.01 2.76 -5.23
CA SER A 44 2.39 3.23 -5.24
C SER A 44 2.34 4.76 -5.28
N PRO A 45 3.28 5.46 -4.62
CA PRO A 45 3.33 6.92 -4.65
C PRO A 45 3.81 7.41 -6.02
N SER A 46 4.57 6.59 -6.74
CA SER A 46 5.04 6.81 -8.09
C SER A 46 4.87 5.49 -8.85
N ALA A 47 3.69 5.28 -9.41
CA ALA A 47 3.45 4.22 -10.39
C ALA A 47 4.04 4.69 -11.73
N GLU A 48 3.30 5.48 -12.50
CA GLU A 48 3.70 6.03 -13.77
C GLU A 48 3.22 7.47 -13.84
N VAL A 49 4.10 8.43 -13.56
CA VAL A 49 3.74 9.83 -13.65
C VAL A 49 4.82 10.59 -14.43
N HIS A 50 6.10 10.26 -14.22
CA HIS A 50 7.26 10.85 -14.88
C HIS A 50 7.37 12.37 -14.69
N GLY A 51 6.61 12.97 -13.78
CA GLY A 51 6.55 14.40 -13.57
C GLY A 51 5.19 14.75 -13.00
N HIS A 52 4.51 15.73 -13.59
CA HIS A 52 3.12 16.00 -13.27
C HIS A 52 2.25 14.91 -13.91
N GLY A 53 1.10 14.59 -13.31
CA GLY A 53 0.09 13.69 -13.86
C GLY A 53 -0.60 12.87 -12.78
N ASN A 54 -1.57 12.06 -13.20
CA ASN A 54 -2.14 10.96 -12.44
C ASN A 54 -1.57 9.63 -12.95
N PRO A 55 -1.37 8.65 -12.04
CA PRO A 55 -0.90 7.32 -12.39
C PRO A 55 -1.99 6.54 -13.11
N VAL A 56 -1.57 5.73 -14.07
CA VAL A 56 -2.40 4.77 -14.79
C VAL A 56 -3.29 3.98 -13.83
N LEU A 57 -4.56 3.81 -14.20
CA LEU A 57 -5.52 3.03 -13.42
C LEU A 57 -5.00 1.61 -13.26
N VAL A 58 -4.84 1.17 -12.01
CA VAL A 58 -4.43 -0.18 -11.68
C VAL A 58 -5.64 -0.97 -11.14
N THR A 59 -5.73 -2.19 -11.62
CA THR A 59 -6.79 -3.17 -11.43
C THR A 59 -6.60 -3.96 -10.13
N HIS A 60 -7.35 -5.05 -9.93
CA HIS A 60 -7.09 -5.97 -8.83
C HIS A 60 -5.65 -6.54 -8.94
N LYS A 61 -5.16 -7.26 -7.93
CA LYS A 61 -3.84 -7.92 -7.99
C LYS A 61 -3.97 -9.33 -7.45
N LYS A 62 -3.73 -10.33 -8.29
CA LYS A 62 -4.09 -11.71 -8.11
C LYS A 62 -3.68 -12.25 -6.75
N ASN A 63 -2.38 -12.27 -6.49
CA ASN A 63 -1.75 -12.94 -5.36
C ASN A 63 -0.42 -12.22 -5.16
N VAL A 64 -0.44 -11.12 -4.41
CA VAL A 64 0.74 -10.35 -4.06
C VAL A 64 1.34 -10.83 -2.74
N ASN A 65 2.60 -11.23 -2.78
CA ASN A 65 3.48 -11.39 -1.63
C ASN A 65 4.75 -10.56 -1.84
N ILE A 66 5.67 -10.60 -0.88
CA ILE A 66 6.89 -9.79 -0.86
C ILE A 66 8.07 -10.73 -0.66
N ASN A 67 9.21 -10.37 -1.28
CA ASN A 67 10.45 -11.10 -1.21
C ASN A 67 11.38 -10.51 -0.14
N ALA A 68 11.34 -9.18 0.07
CA ALA A 68 12.07 -8.47 1.12
C ALA A 68 11.49 -7.07 1.34
N ILE A 69 11.93 -6.44 2.43
CA ILE A 69 11.76 -5.03 2.77
C ILE A 69 13.20 -4.51 2.91
N THR A 70 13.52 -3.27 2.55
CA THR A 70 14.87 -2.71 2.65
C THR A 70 14.82 -1.18 2.80
N PRO A 71 15.23 -0.63 3.95
CA PRO A 71 15.13 0.80 4.26
C PRO A 71 16.21 1.59 3.52
N VAL A 72 15.75 2.61 2.80
CA VAL A 72 16.60 3.54 2.06
C VAL A 72 16.49 4.88 2.79
N GLY A 73 17.63 5.41 3.20
CA GLY A 73 17.73 6.72 3.81
C GLY A 73 17.09 6.82 5.19
N ASN A 74 16.79 5.69 5.83
CA ASN A 74 16.14 5.55 7.16
C ASN A 74 14.68 5.99 7.17
N TYR A 75 14.17 6.55 6.08
CA TYR A 75 12.92 7.31 6.05
C TYR A 75 11.89 6.78 5.05
N ALA A 76 12.26 5.77 4.26
CA ALA A 76 11.42 5.08 3.31
C ALA A 76 11.91 3.63 3.22
N VAL A 77 11.17 2.79 2.50
CA VAL A 77 11.58 1.42 2.26
C VAL A 77 11.26 1.06 0.82
N LYS A 78 12.07 0.15 0.32
CA LYS A 78 11.80 -0.66 -0.86
C LYS A 78 10.98 -1.85 -0.39
N LEU A 79 10.05 -2.32 -1.22
CA LEU A 79 9.19 -3.46 -0.96
C LEU A 79 9.30 -4.34 -2.19
N VAL A 80 10.05 -5.43 -2.10
CA VAL A 80 10.35 -6.30 -3.24
C VAL A 80 9.10 -7.13 -3.51
N PHE A 81 8.08 -6.53 -4.12
CA PHE A 81 6.84 -7.22 -4.44
C PHE A 81 7.14 -8.17 -5.59
N ASP A 82 6.58 -9.37 -5.51
CA ASP A 82 6.75 -10.43 -6.48
C ASP A 82 6.33 -10.04 -7.91
N ASP A 83 5.39 -9.11 -8.05
CA ASP A 83 4.90 -8.65 -9.36
C ASP A 83 5.00 -7.12 -9.48
N GLY A 84 5.80 -6.51 -8.60
CA GLY A 84 5.96 -5.06 -8.51
C GLY A 84 7.39 -4.62 -8.80
N HIS A 85 8.25 -5.55 -9.24
CA HIS A 85 9.58 -5.34 -9.79
C HIS A 85 10.55 -4.59 -8.84
N ASP A 86 10.18 -4.43 -7.57
CA ASP A 86 10.83 -3.60 -6.55
C ASP A 86 11.04 -2.12 -6.94
N THR A 87 10.34 -1.63 -7.96
CA THR A 87 10.51 -0.27 -8.44
C THR A 87 9.50 0.68 -7.76
N GLY A 88 9.51 0.72 -6.43
CA GLY A 88 8.63 1.57 -5.66
C GLY A 88 9.22 1.81 -4.28
N LEU A 89 9.63 3.05 -4.00
CA LEU A 89 9.91 3.46 -2.62
C LEU A 89 8.61 3.87 -1.96
N TYR A 90 8.53 3.63 -0.66
CA TYR A 90 7.37 3.87 0.20
C TYR A 90 7.87 4.62 1.42
N SER A 91 7.61 5.92 1.48
CA SER A 91 7.88 6.71 2.68
C SER A 91 6.94 6.24 3.80
N TRP A 92 7.44 6.22 5.04
CA TRP A 92 6.66 5.82 6.21
C TRP A 92 5.33 6.59 6.32
N LYS A 93 5.35 7.88 5.99
CA LYS A 93 4.16 8.74 6.00
C LYS A 93 3.08 8.18 5.10
N VAL A 94 3.44 7.77 3.89
CA VAL A 94 2.48 7.39 2.87
C VAL A 94 1.71 6.16 3.36
N LEU A 95 2.40 5.23 4.05
CA LEU A 95 1.79 4.03 4.63
C LEU A 95 0.75 4.41 5.69
N TYR A 96 1.05 5.43 6.50
CA TYR A 96 0.17 5.90 7.57
C TYR A 96 -1.14 6.40 6.98
N ASP A 97 -1.08 7.24 5.94
CA ASP A 97 -2.29 7.78 5.31
C ASP A 97 -3.12 6.70 4.63
N LEU A 98 -2.48 5.69 4.05
CA LEU A 98 -3.18 4.54 3.49
C LEU A 98 -3.92 3.81 4.59
N ALA A 99 -3.26 3.52 5.71
CA ALA A 99 -3.87 2.99 6.92
C ALA A 99 -4.85 3.95 7.62
N SER A 100 -5.19 5.07 6.98
CA SER A 100 -6.19 6.05 7.40
C SER A 100 -7.31 6.17 6.35
N ASN A 101 -7.20 5.54 5.18
CA ASN A 101 -8.21 5.62 4.11
C ASN A 101 -8.33 4.31 3.29
N GLN A 102 -7.98 3.13 3.84
CA GLN A 102 -7.62 1.98 3.00
C GLN A 102 -8.83 1.32 2.34
N VAL A 103 -10.03 1.65 2.83
CA VAL A 103 -11.27 1.14 2.32
C VAL A 103 -11.80 2.11 1.26
N ASP A 104 -11.75 3.42 1.51
CA ASP A 104 -12.30 4.39 0.57
C ASP A 104 -11.50 4.37 -0.74
N LEU A 105 -10.17 4.33 -0.60
CA LEU A 105 -9.25 4.23 -1.72
C LEU A 105 -9.33 2.86 -2.41
N TRP A 106 -9.88 1.84 -1.76
CA TRP A 106 -10.14 0.56 -2.40
C TRP A 106 -11.40 0.68 -3.24
N GLU A 107 -12.50 1.14 -2.64
CA GLU A 107 -13.77 1.41 -3.31
C GLU A 107 -13.60 2.29 -4.55
N ASN A 108 -12.54 3.11 -4.55
CA ASN A 108 -12.14 3.91 -5.68
C ASN A 108 -11.78 3.06 -6.90
N TYR A 109 -10.94 2.04 -6.77
CA TYR A 109 -10.48 1.29 -7.93
C TYR A 109 -11.63 0.41 -8.36
N LEU A 110 -12.32 -0.17 -7.39
CA LEU A 110 -13.44 -1.06 -7.56
C LEU A 110 -14.54 -0.39 -8.38
N ALA A 111 -14.80 0.90 -8.15
CA ALA A 111 -15.63 1.72 -9.04
C ALA A 111 -14.94 1.92 -10.38
N ARG A 112 -13.85 2.69 -10.44
CA ARG A 112 -13.33 3.23 -11.70
C ARG A 112 -12.86 2.15 -12.66
N LEU A 113 -12.59 0.94 -12.18
CA LEU A 113 -12.39 -0.28 -12.95
C LEU A 113 -13.55 -0.50 -13.91
N ARG A 114 -14.78 -0.48 -13.40
CA ARG A 114 -15.95 -0.72 -14.26
C ARG A 114 -16.06 0.36 -15.33
N ALA A 115 -15.74 1.61 -14.97
CA ALA A 115 -15.75 2.75 -15.87
C ALA A 115 -14.63 2.67 -16.92
N ALA A 116 -13.67 1.75 -16.78
CA ALA A 116 -12.44 1.72 -17.52
C ALA A 116 -12.16 0.34 -18.11
N LYS A 117 -13.17 -0.56 -18.12
CA LYS A 117 -13.21 -1.80 -18.89
C LYS A 117 -11.88 -2.56 -18.83
N ALA A 118 -11.36 -2.73 -17.61
CA ALA A 118 -10.00 -3.23 -17.36
C ALA A 118 -10.03 -4.63 -16.74
N SER A 119 -8.87 -5.23 -16.51
CA SER A 119 -8.77 -6.58 -15.95
C SER A 119 -9.38 -6.64 -14.54
N ARG A 120 -9.80 -7.83 -14.14
CA ARG A 120 -10.36 -8.12 -12.82
C ARG A 120 -9.63 -9.35 -12.31
N GLU A 121 -8.40 -9.15 -11.83
CA GLU A 121 -7.64 -10.21 -11.17
C GLU A 121 -8.46 -10.82 -10.00
N PRO A 122 -8.13 -12.04 -9.55
CA PRO A 122 -8.88 -12.71 -8.50
C PRO A 122 -8.60 -12.18 -7.10
N LEU A 123 -9.62 -11.67 -6.41
CA LEU A 123 -9.52 -11.11 -5.06
C LEU A 123 -10.62 -11.51 -4.09
N ILE A 124 -11.61 -12.27 -4.57
CA ILE A 124 -12.82 -12.57 -3.83
C ILE A 124 -12.43 -13.37 -2.60
N ASP A 125 -13.03 -12.94 -1.50
CA ASP A 125 -12.80 -13.34 -0.13
C ASP A 125 -14.14 -13.20 0.59
N MET A 126 -15.13 -13.93 0.06
CA MET A 126 -16.52 -14.05 0.46
C MET A 126 -17.28 -12.74 0.76
N ALA A 127 -16.76 -11.62 0.27
CA ALA A 127 -17.38 -10.31 0.39
C ALA A 127 -17.03 -9.41 -0.81
N VAL A 128 -17.80 -9.47 -1.89
CA VAL A 128 -17.66 -8.57 -3.03
C VAL A 128 -19.04 -8.12 -3.51
N LYS A 129 -19.24 -6.79 -3.54
CA LYS A 129 -20.38 -6.11 -4.18
C LYS A 129 -20.38 -6.45 -5.67
N TYR A 130 -21.21 -7.40 -6.11
CA TYR A 130 -21.08 -7.96 -7.45
C TYR A 130 -21.87 -7.23 -8.52
N HIS A 131 -22.75 -6.34 -8.10
CA HIS A 131 -23.66 -5.53 -8.90
C HIS A 131 -23.08 -4.15 -9.17
N THR A 132 -23.90 -3.31 -9.80
CA THR A 132 -23.80 -1.86 -9.74
C THR A 132 -25.04 -1.38 -9.02
N GLY A 1 -3.94 26.11 0.31
CA GLY A 1 -3.90 26.33 1.77
C GLY A 1 -3.10 25.21 2.42
N MET A 2 -2.53 25.49 3.59
CA MET A 2 -1.49 24.68 4.24
C MET A 2 -0.32 24.40 3.29
N THR A 3 0.68 23.63 3.73
CA THR A 3 1.89 23.33 2.99
C THR A 3 2.34 21.89 3.31
N PRO A 4 3.20 21.28 2.49
CA PRO A 4 3.70 19.93 2.73
C PRO A 4 4.64 19.94 3.95
N GLN A 5 4.30 19.12 4.95
CA GLN A 5 4.93 19.05 6.27
C GLN A 5 4.99 17.57 6.63
N SER A 6 6.14 16.95 6.35
CA SER A 6 6.38 15.52 6.46
C SER A 6 6.73 15.05 7.87
N ASP A 7 6.01 15.57 8.87
CA ASP A 7 6.40 15.50 10.28
C ASP A 7 5.99 14.19 10.97
N THR A 8 5.50 13.25 10.18
CA THR A 8 5.03 11.94 10.61
C THR A 8 6.13 11.12 11.33
N PRO A 9 5.76 10.14 12.17
CA PRO A 9 6.70 9.25 12.87
C PRO A 9 7.50 8.36 11.92
N LYS A 10 8.52 7.70 12.45
CA LYS A 10 9.34 6.71 11.75
C LYS A 10 8.89 5.31 12.12
N VAL A 11 8.71 4.47 11.10
CA VAL A 11 8.27 3.08 11.26
C VAL A 11 9.38 2.35 12.02
N THR A 12 9.00 1.61 13.06
CA THR A 12 9.88 0.86 13.95
C THR A 12 9.64 -0.65 13.86
N GLY A 13 8.66 -1.11 13.07
CA GLY A 13 8.40 -2.52 12.83
C GLY A 13 7.61 -2.72 11.53
N LEU A 14 7.83 -3.87 10.89
CA LEU A 14 7.16 -4.32 9.66
C LEU A 14 7.13 -5.84 9.70
N LYS A 15 5.95 -6.46 9.66
CA LYS A 15 5.78 -7.92 9.56
C LYS A 15 4.81 -8.26 8.44
N LEU A 16 4.69 -9.54 8.09
CA LEU A 16 3.87 -9.98 6.97
C LEU A 16 3.18 -11.30 7.24
N LYS A 17 2.01 -11.49 6.63
CA LYS A 17 1.15 -12.65 6.80
C LYS A 17 0.70 -13.19 5.45
N ARG A 18 1.44 -14.14 4.87
CA ARG A 18 1.03 -14.76 3.60
C ARG A 18 -0.35 -15.40 3.68
N LYS A 19 -0.70 -15.93 4.85
CA LYS A 19 -2.04 -16.43 5.20
C LYS A 19 -3.17 -15.45 4.84
N SER A 20 -2.92 -14.15 4.86
CA SER A 20 -3.96 -13.13 4.75
C SER A 20 -3.57 -12.05 3.74
N ARG A 21 -2.49 -12.26 2.96
CA ARG A 21 -1.94 -11.35 1.97
C ARG A 21 -1.84 -9.89 2.46
N GLN A 22 -1.53 -9.70 3.73
CA GLN A 22 -1.43 -8.39 4.38
C GLN A 22 -0.03 -8.15 4.93
N LEU A 23 0.24 -6.90 5.30
CA LEU A 23 1.48 -6.41 5.90
C LEU A 23 1.14 -5.51 7.07
N GLU A 24 1.83 -5.73 8.18
CA GLU A 24 1.67 -5.04 9.46
C GLU A 24 2.78 -4.02 9.63
N ILE A 25 2.50 -2.90 10.31
CA ILE A 25 3.30 -1.69 10.37
C ILE A 25 3.20 -1.10 11.75
N SER A 26 4.33 -0.60 12.25
CA SER A 26 4.47 -0.19 13.63
C SER A 26 5.26 1.11 13.71
N PHE A 27 4.89 1.99 14.63
CA PHE A 27 5.53 3.29 14.80
C PHE A 27 6.12 3.46 16.20
N ASP A 28 6.99 4.47 16.33
CA ASP A 28 7.63 4.84 17.60
C ASP A 28 6.67 5.63 18.50
N ASN A 29 5.57 6.13 17.94
CA ASN A 29 4.66 7.09 18.57
C ASN A 29 3.44 6.41 19.21
N GLY A 30 3.45 5.09 19.38
CA GLY A 30 2.35 4.37 20.01
C GLY A 30 1.18 4.14 19.07
N GLN A 31 1.45 3.78 17.80
CA GLN A 31 0.47 3.29 16.85
C GLN A 31 1.00 2.06 16.11
N GLN A 32 0.07 1.24 15.62
CA GLN A 32 0.24 0.10 14.74
C GLN A 32 -0.94 0.08 13.77
N PHE A 33 -0.81 -0.57 12.61
CA PHE A 33 -1.89 -0.90 11.69
C PHE A 33 -1.43 -1.98 10.69
N THR A 34 -2.34 -2.44 9.83
CA THR A 34 -2.08 -3.42 8.79
C THR A 34 -2.71 -2.89 7.50
N LEU A 35 -2.07 -3.16 6.36
CA LEU A 35 -2.55 -2.84 5.02
C LEU A 35 -2.58 -4.09 4.16
N SER A 36 -3.39 -4.04 3.11
CA SER A 36 -3.42 -5.05 2.07
C SER A 36 -2.10 -4.99 1.29
N CYS A 37 -1.67 -6.14 0.76
CA CYS A 37 -0.62 -6.12 -0.25
C CYS A 37 -1.12 -5.55 -1.58
N GLU A 38 -2.44 -5.56 -1.79
CA GLU A 38 -3.11 -5.05 -2.97
C GLU A 38 -2.87 -3.55 -3.06
N LEU A 39 -3.23 -2.79 -2.02
CA LEU A 39 -3.14 -1.33 -1.97
C LEU A 39 -1.68 -0.85 -2.00
N LEU A 40 -0.77 -1.66 -1.45
CA LEU A 40 0.67 -1.48 -1.56
C LEU A 40 1.13 -1.50 -3.02
N ARG A 41 0.36 -2.01 -3.98
CA ARG A 41 0.76 -1.99 -5.39
C ARG A 41 -0.16 -1.12 -6.26
N VAL A 42 -1.45 -0.97 -5.93
CA VAL A 42 -2.32 -0.17 -6.79
C VAL A 42 -2.12 1.32 -6.56
N TYR A 43 -1.68 1.72 -5.37
CA TYR A 43 -1.53 3.11 -4.99
C TYR A 43 -0.06 3.36 -4.70
N SER A 44 0.82 3.12 -5.69
CA SER A 44 2.24 3.36 -5.47
C SER A 44 2.44 4.88 -5.29
N PRO A 45 3.37 5.30 -4.43
CA PRO A 45 3.69 6.72 -4.26
C PRO A 45 4.33 7.32 -5.51
N SER A 46 5.02 6.51 -6.32
CA SER A 46 5.67 6.91 -7.56
C SER A 46 4.68 7.14 -8.72
N ALA A 47 3.38 7.26 -8.42
CA ALA A 47 2.32 7.53 -9.38
C ALA A 47 1.68 8.85 -8.95
N GLU A 48 0.98 8.87 -7.81
CA GLU A 48 0.35 10.05 -7.20
C GLU A 48 1.39 11.03 -6.60
N VAL A 49 2.40 11.37 -7.40
CA VAL A 49 3.47 12.32 -7.09
C VAL A 49 2.92 13.75 -7.17
N HIS A 50 2.03 13.99 -8.13
CA HIS A 50 1.55 15.31 -8.55
C HIS A 50 2.75 16.23 -8.87
N GLY A 51 3.43 15.97 -9.98
CA GLY A 51 4.50 16.83 -10.49
C GLY A 51 5.54 15.97 -11.18
N HIS A 52 6.46 15.39 -10.41
CA HIS A 52 7.49 14.44 -10.85
C HIS A 52 6.92 13.05 -11.15
N GLY A 53 5.69 13.00 -11.67
CA GLY A 53 4.88 11.82 -11.88
C GLY A 53 3.41 12.23 -11.85
N ASN A 54 2.54 11.34 -12.31
CA ASN A 54 1.11 11.58 -12.48
C ASN A 54 0.29 10.36 -12.06
N PRO A 55 -0.95 10.57 -11.61
CA PRO A 55 -1.80 9.47 -11.18
C PRO A 55 -2.17 8.57 -12.36
N VAL A 56 -2.56 7.32 -12.06
CA VAL A 56 -3.07 6.38 -13.05
C VAL A 56 -4.17 5.52 -12.42
N LEU A 57 -4.97 4.85 -13.25
CA LEU A 57 -5.90 3.81 -12.82
C LEU A 57 -5.16 2.48 -12.82
N VAL A 58 -5.18 1.79 -11.69
CA VAL A 58 -4.73 0.41 -11.59
C VAL A 58 -5.96 -0.46 -11.32
N THR A 59 -5.92 -1.68 -11.84
CA THR A 59 -6.92 -2.74 -11.67
C THR A 59 -6.77 -3.34 -10.26
N HIS A 60 -7.35 -4.51 -10.02
CA HIS A 60 -7.08 -5.28 -8.81
C HIS A 60 -5.60 -5.77 -8.77
N LYS A 61 -5.27 -6.71 -7.88
CA LYS A 61 -4.04 -7.51 -7.81
C LYS A 61 -4.50 -8.91 -7.37
N LYS A 62 -3.61 -9.90 -7.51
CA LYS A 62 -3.94 -11.28 -7.67
C LYS A 62 -3.39 -12.07 -6.48
N ASN A 63 -2.11 -12.45 -6.51
CA ASN A 63 -1.39 -13.02 -5.37
C ASN A 63 -0.01 -12.37 -5.34
N VAL A 64 0.05 -11.09 -5.00
CA VAL A 64 1.31 -10.35 -4.92
C VAL A 64 1.96 -10.70 -3.58
N ASN A 65 2.67 -11.80 -3.58
CA ASN A 65 3.44 -12.19 -2.42
C ASN A 65 4.67 -11.27 -2.34
N ILE A 66 5.12 -10.95 -1.13
CA ILE A 66 6.35 -10.18 -0.90
C ILE A 66 7.46 -11.18 -0.63
N ASN A 67 8.65 -10.88 -1.13
CA ASN A 67 9.86 -11.67 -0.89
C ASN A 67 10.65 -11.15 0.31
N ALA A 68 10.80 -9.82 0.43
CA ALA A 68 11.69 -9.17 1.38
C ALA A 68 11.33 -7.69 1.48
N ILE A 69 11.98 -7.00 2.42
CA ILE A 69 11.85 -5.58 2.70
C ILE A 69 13.29 -5.08 2.89
N THR A 70 13.72 -4.08 2.13
CA THR A 70 15.00 -3.42 2.34
C THR A 70 14.75 -1.99 2.76
N PRO A 71 15.18 -1.57 3.95
CA PRO A 71 15.12 -0.17 4.33
C PRO A 71 16.09 0.66 3.50
N VAL A 72 15.76 1.94 3.31
CA VAL A 72 16.52 2.90 2.54
C VAL A 72 16.51 4.19 3.34
N GLY A 73 17.68 4.79 3.53
CA GLY A 73 17.80 6.08 4.21
C GLY A 73 17.37 6.05 5.67
N ASN A 74 17.08 4.88 6.26
CA ASN A 74 16.42 4.70 7.55
C ASN A 74 14.97 5.22 7.56
N TYR A 75 14.48 5.82 6.47
CA TYR A 75 13.23 6.57 6.43
C TYR A 75 12.23 6.02 5.41
N ALA A 76 12.56 4.95 4.70
CA ALA A 76 11.66 4.31 3.75
C ALA A 76 11.99 2.82 3.65
N VAL A 77 11.15 2.04 2.97
CA VAL A 77 11.47 0.67 2.58
C VAL A 77 11.19 0.45 1.11
N LYS A 78 12.13 -0.22 0.46
CA LYS A 78 11.92 -1.01 -0.71
C LYS A 78 11.12 -2.23 -0.31
N LEU A 79 10.05 -2.52 -1.03
CA LEU A 79 9.42 -3.83 -1.01
C LEU A 79 9.79 -4.51 -2.31
N VAL A 80 9.81 -5.83 -2.30
CA VAL A 80 9.95 -6.62 -3.50
C VAL A 80 8.78 -7.59 -3.63
N PHE A 81 8.29 -7.75 -4.86
CA PHE A 81 7.09 -8.48 -5.19
C PHE A 81 7.48 -9.69 -6.00
N ASP A 82 7.18 -10.88 -5.48
CA ASP A 82 7.49 -12.17 -6.07
C ASP A 82 6.61 -12.48 -7.30
N ASP A 83 5.83 -11.50 -7.76
CA ASP A 83 5.24 -11.48 -9.11
C ASP A 83 6.28 -11.07 -10.16
N GLY A 84 7.47 -10.64 -9.74
CA GLY A 84 8.58 -10.23 -10.57
C GLY A 84 8.65 -8.71 -10.68
N HIS A 85 8.63 -7.98 -9.56
CA HIS A 85 9.03 -6.58 -9.49
C HIS A 85 9.72 -6.34 -8.15
N ASP A 86 11.05 -6.33 -8.15
CA ASP A 86 11.85 -6.00 -6.96
C ASP A 86 12.13 -4.50 -6.90
N THR A 87 11.19 -3.68 -7.39
CA THR A 87 11.25 -2.24 -7.29
C THR A 87 9.90 -1.68 -6.86
N GLY A 88 9.88 -1.07 -5.67
CA GLY A 88 8.93 -0.07 -5.26
C GLY A 88 9.35 0.49 -3.91
N LEU A 89 9.38 1.82 -3.76
CA LEU A 89 9.77 2.49 -2.51
C LEU A 89 8.53 3.01 -1.80
N TYR A 90 8.49 2.87 -0.48
CA TYR A 90 7.35 3.16 0.37
C TYR A 90 7.81 4.01 1.56
N SER A 91 7.08 5.07 1.88
CA SER A 91 7.49 6.11 2.83
C SER A 91 6.46 6.35 3.92
N TRP A 92 6.91 6.60 5.14
CA TRP A 92 6.12 6.44 6.36
C TRP A 92 4.77 7.16 6.30
N LYS A 93 4.73 8.39 5.77
CA LYS A 93 3.48 9.10 5.51
C LYS A 93 2.56 8.24 4.68
N VAL A 94 3.05 7.72 3.56
CA VAL A 94 2.20 7.07 2.58
C VAL A 94 1.56 5.85 3.23
N LEU A 95 2.32 5.09 4.02
CA LEU A 95 1.79 3.95 4.74
C LEU A 95 0.70 4.40 5.72
N TYR A 96 0.92 5.49 6.47
CA TYR A 96 -0.05 6.07 7.42
C TYR A 96 -1.32 6.55 6.68
N ASP A 97 -1.15 7.15 5.50
CA ASP A 97 -2.21 7.80 4.74
C ASP A 97 -3.15 6.75 4.18
N LEU A 98 -2.58 5.81 3.41
CA LEU A 98 -3.26 4.66 2.87
C LEU A 98 -3.95 3.88 3.99
N ALA A 99 -3.26 3.59 5.09
CA ALA A 99 -3.82 2.82 6.21
C ALA A 99 -5.09 3.47 6.74
N SER A 100 -5.04 4.77 7.06
CA SER A 100 -6.18 5.45 7.67
C SER A 100 -7.38 5.54 6.73
N ASN A 101 -7.17 5.43 5.41
CA ASN A 101 -8.19 5.70 4.40
C ASN A 101 -8.32 4.49 3.46
N GLN A 102 -8.07 3.27 3.93
CA GLN A 102 -7.90 2.08 3.08
C GLN A 102 -9.21 1.53 2.52
N VAL A 103 -10.29 2.30 2.64
CA VAL A 103 -11.65 1.85 2.44
C VAL A 103 -12.28 2.67 1.32
N ASP A 104 -12.42 3.97 1.52
CA ASP A 104 -13.12 4.81 0.55
C ASP A 104 -12.31 4.92 -0.74
N LEU A 105 -10.97 4.80 -0.63
CA LEU A 105 -10.03 4.76 -1.74
C LEU A 105 -10.10 3.41 -2.45
N TRP A 106 -10.19 2.31 -1.69
CA TRP A 106 -10.30 0.97 -2.21
C TRP A 106 -11.54 0.85 -3.07
N GLU A 107 -12.70 1.15 -2.49
CA GLU A 107 -14.00 1.21 -3.14
C GLU A 107 -13.89 2.02 -4.43
N ASN A 108 -13.20 3.16 -4.37
CA ASN A 108 -13.01 4.01 -5.53
C ASN A 108 -12.36 3.27 -6.68
N TYR A 109 -11.26 2.52 -6.48
CA TYR A 109 -10.66 1.69 -7.53
C TYR A 109 -11.68 0.73 -8.11
N LEU A 110 -12.40 -0.03 -7.28
CA LEU A 110 -13.33 -1.05 -7.75
C LEU A 110 -14.42 -0.40 -8.61
N ALA A 111 -14.82 0.83 -8.27
CA ALA A 111 -15.77 1.63 -9.01
C ALA A 111 -15.15 2.14 -10.33
N ARG A 112 -14.08 2.94 -10.28
CA ARG A 112 -13.43 3.56 -11.45
C ARG A 112 -12.94 2.51 -12.46
N LEU A 113 -12.73 1.26 -12.03
CA LEU A 113 -12.42 0.10 -12.85
C LEU A 113 -13.52 -0.05 -13.90
N ARG A 114 -14.73 -0.40 -13.45
CA ARG A 114 -15.81 -0.70 -14.38
C ARG A 114 -16.35 0.58 -15.00
N ALA A 115 -16.28 1.71 -14.28
CA ALA A 115 -16.64 3.00 -14.82
C ALA A 115 -15.68 3.42 -15.91
N ALA A 116 -14.58 2.67 -16.14
CA ALA A 116 -13.85 2.78 -17.38
C ALA A 116 -14.14 1.53 -18.22
N LYS A 117 -13.37 0.47 -18.01
CA LYS A 117 -13.21 -0.67 -18.91
C LYS A 117 -12.16 -1.68 -18.45
N ALA A 118 -11.59 -1.49 -17.26
CA ALA A 118 -10.33 -2.13 -16.92
C ALA A 118 -10.46 -3.63 -16.56
N SER A 119 -9.35 -4.32 -16.29
CA SER A 119 -9.34 -5.71 -15.83
C SER A 119 -9.77 -5.84 -14.37
N ARG A 120 -10.05 -7.07 -13.93
CA ARG A 120 -10.39 -7.44 -12.56
C ARG A 120 -9.64 -8.71 -12.21
N GLU A 121 -8.40 -8.55 -11.77
CA GLU A 121 -7.61 -9.57 -11.08
C GLU A 121 -8.43 -10.22 -9.93
N PRO A 122 -8.03 -11.40 -9.42
CA PRO A 122 -8.73 -12.08 -8.35
C PRO A 122 -8.39 -11.57 -6.96
N LEU A 123 -9.41 -11.06 -6.27
CA LEU A 123 -9.33 -10.61 -4.89
C LEU A 123 -10.47 -11.06 -3.99
N ILE A 124 -11.46 -11.75 -4.56
CA ILE A 124 -12.72 -11.98 -3.90
C ILE A 124 -12.48 -12.91 -2.72
N ASP A 125 -13.09 -12.59 -1.60
CA ASP A 125 -13.15 -13.36 -0.37
C ASP A 125 -14.50 -13.07 0.28
N MET A 126 -14.99 -13.98 1.14
CA MET A 126 -16.28 -13.84 1.82
C MET A 126 -16.09 -13.94 3.33
N ALA A 127 -14.93 -13.47 3.81
CA ALA A 127 -14.54 -13.40 5.21
C ALA A 127 -13.93 -12.02 5.44
N VAL A 128 -14.79 -11.03 5.64
CA VAL A 128 -14.47 -9.61 5.70
C VAL A 128 -15.23 -9.05 6.90
N LYS A 129 -14.68 -8.04 7.59
CA LYS A 129 -15.25 -7.47 8.81
C LYS A 129 -15.47 -5.97 8.66
N TYR A 130 -16.58 -5.47 9.17
CA TYR A 130 -16.94 -4.05 9.17
C TYR A 130 -16.97 -3.56 10.63
N HIS A 131 -15.88 -3.80 11.36
CA HIS A 131 -15.63 -3.32 12.72
C HIS A 131 -14.14 -3.44 13.04
N THR A 132 -13.68 -2.63 13.99
CA THR A 132 -12.35 -2.63 14.58
C THR A 132 -12.57 -2.15 16.02
N GLY A 1 -1.84 23.71 12.13
CA GLY A 1 -0.94 22.76 11.46
C GLY A 1 -1.55 22.36 10.13
N MET A 2 -1.68 21.05 9.88
CA MET A 2 -2.05 20.48 8.58
C MET A 2 -1.12 20.98 7.46
N THR A 3 0.10 21.37 7.84
CA THR A 3 1.16 21.89 7.01
C THR A 3 1.79 20.76 6.17
N PRO A 4 2.53 21.07 5.09
CA PRO A 4 3.09 20.09 4.18
C PRO A 4 4.55 19.75 4.51
N GLN A 5 4.78 18.86 5.47
CA GLN A 5 6.08 18.27 5.74
C GLN A 5 5.89 16.78 6.04
N SER A 6 6.99 16.08 6.28
CA SER A 6 7.04 14.67 6.66
C SER A 6 7.27 14.57 8.17
N ASP A 7 6.34 15.11 8.96
CA ASP A 7 6.40 15.14 10.41
C ASP A 7 5.86 13.86 11.04
N THR A 8 5.63 12.85 10.23
CA THR A 8 5.18 11.53 10.64
C THR A 8 6.23 10.83 11.52
N PRO A 9 5.80 9.83 12.30
CA PRO A 9 6.69 8.91 12.99
C PRO A 9 7.55 8.12 11.99
N LYS A 10 8.56 7.43 12.51
CA LYS A 10 9.50 6.55 11.81
C LYS A 10 9.21 5.11 12.21
N VAL A 11 8.91 4.26 11.23
CA VAL A 11 8.52 2.87 11.45
C VAL A 11 9.63 2.15 12.23
N THR A 12 9.24 1.33 13.19
CA THR A 12 10.15 0.50 13.97
C THR A 12 10.33 -0.84 13.27
N GLY A 13 9.23 -1.56 13.02
CA GLY A 13 9.23 -2.90 12.49
C GLY A 13 8.08 -3.10 11.53
N LEU A 14 8.21 -4.13 10.71
CA LEU A 14 7.36 -4.47 9.59
C LEU A 14 7.20 -5.98 9.58
N LYS A 15 5.98 -6.50 9.66
CA LYS A 15 5.70 -7.93 9.78
C LYS A 15 4.80 -8.33 8.64
N LEU A 16 5.31 -9.19 7.77
CA LEU A 16 4.52 -9.76 6.68
C LEU A 16 3.70 -10.94 7.18
N LYS A 17 2.62 -11.26 6.46
CA LYS A 17 1.78 -12.42 6.72
C LYS A 17 1.34 -13.05 5.41
N ARG A 18 2.22 -13.85 4.78
CA ARG A 18 1.92 -14.48 3.49
C ARG A 18 0.56 -15.18 3.48
N LYS A 19 0.21 -15.83 4.59
CA LYS A 19 -1.02 -16.58 4.76
C LYS A 19 -2.28 -15.75 4.56
N SER A 20 -2.20 -14.43 4.70
CA SER A 20 -3.35 -13.53 4.70
C SER A 20 -3.09 -12.28 3.83
N ARG A 21 -2.08 -12.31 2.94
CA ARG A 21 -1.86 -11.31 1.88
C ARG A 21 -1.87 -9.85 2.35
N GLN A 22 -1.28 -9.59 3.52
CA GLN A 22 -1.20 -8.28 4.17
C GLN A 22 0.21 -8.04 4.71
N LEU A 23 0.49 -6.81 5.17
CA LEU A 23 1.73 -6.32 5.78
C LEU A 23 1.38 -5.42 6.96
N GLU A 24 1.93 -5.69 8.14
CA GLU A 24 1.72 -4.95 9.40
C GLU A 24 2.91 -4.07 9.76
N ILE A 25 2.65 -2.93 10.37
CA ILE A 25 3.58 -1.81 10.44
C ILE A 25 3.47 -1.23 11.84
N SER A 26 4.61 -1.01 12.50
CA SER A 26 4.71 -0.48 13.85
C SER A 26 5.46 0.85 13.80
N PHE A 27 5.04 1.79 14.64
CA PHE A 27 5.65 3.10 14.81
C PHE A 27 6.12 3.27 16.25
N ASP A 28 7.12 4.13 16.46
CA ASP A 28 7.77 4.28 17.76
C ASP A 28 7.03 5.27 18.67
N ASN A 29 6.02 5.95 18.14
CA ASN A 29 5.10 6.77 18.92
C ASN A 29 4.08 5.93 19.68
N GLY A 30 3.82 4.69 19.21
CA GLY A 30 2.89 3.74 19.80
C GLY A 30 1.88 3.15 18.81
N GLN A 31 1.60 3.78 17.65
CA GLN A 31 0.59 3.27 16.72
C GLN A 31 1.07 2.01 15.99
N GLN A 32 0.10 1.24 15.50
CA GLN A 32 0.25 0.11 14.61
C GLN A 32 -0.84 0.16 13.55
N PHE A 33 -0.69 -0.64 12.50
CA PHE A 33 -1.68 -0.84 11.43
C PHE A 33 -1.22 -1.88 10.42
N THR A 34 -2.09 -2.26 9.48
CA THR A 34 -1.82 -3.20 8.41
C THR A 34 -2.41 -2.66 7.10
N LEU A 35 -1.79 -3.01 5.96
CA LEU A 35 -2.35 -2.86 4.61
C LEU A 35 -2.29 -4.17 3.84
N SER A 36 -3.00 -4.25 2.72
CA SER A 36 -3.03 -5.43 1.84
C SER A 36 -2.00 -5.30 0.73
N CYS A 37 -1.44 -6.44 0.31
CA CYS A 37 -0.38 -6.47 -0.69
C CYS A 37 -0.87 -5.89 -2.02
N GLU A 38 -2.14 -6.09 -2.38
CA GLU A 38 -2.65 -5.52 -3.59
C GLU A 38 -2.84 -4.01 -3.47
N LEU A 39 -3.30 -3.48 -2.32
CA LEU A 39 -3.46 -2.03 -2.13
C LEU A 39 -2.10 -1.34 -2.29
N LEU A 40 -1.04 -1.95 -1.73
CA LEU A 40 0.35 -1.56 -1.93
C LEU A 40 0.69 -1.43 -3.43
N ARG A 41 0.39 -2.47 -4.21
CA ARG A 41 0.82 -2.49 -5.61
C ARG A 41 0.01 -1.53 -6.48
N VAL A 42 -1.31 -1.47 -6.33
CA VAL A 42 -2.15 -0.52 -7.08
C VAL A 42 -1.68 0.89 -6.72
N TYR A 43 -1.69 1.24 -5.43
CA TYR A 43 -1.43 2.57 -4.91
C TYR A 43 0.08 2.77 -4.73
N SER A 44 0.87 2.56 -5.79
CA SER A 44 2.30 2.75 -5.70
C SER A 44 2.59 4.23 -5.44
N PRO A 45 3.62 4.58 -4.66
CA PRO A 45 3.92 5.98 -4.34
C PRO A 45 4.39 6.76 -5.58
N SER A 46 4.93 6.08 -6.57
CA SER A 46 5.43 6.67 -7.81
C SER A 46 4.30 6.68 -8.85
N ALA A 47 3.15 7.26 -8.49
CA ALA A 47 1.98 7.31 -9.35
C ALA A 47 1.34 8.69 -9.20
N GLU A 48 0.64 8.95 -8.10
CA GLU A 48 0.07 10.26 -7.79
C GLU A 48 1.13 11.08 -7.05
N VAL A 49 2.12 11.53 -7.81
CA VAL A 49 3.27 12.26 -7.29
C VAL A 49 3.07 13.73 -7.57
N HIS A 50 3.13 14.15 -8.81
CA HIS A 50 3.09 15.53 -9.25
C HIS A 50 3.16 15.61 -10.77
N GLY A 51 3.26 16.82 -11.34
CA GLY A 51 3.21 17.03 -12.79
C GLY A 51 4.05 16.04 -13.59
N HIS A 52 5.31 15.81 -13.19
CA HIS A 52 6.23 14.88 -13.86
C HIS A 52 5.74 13.41 -13.89
N GLY A 53 4.86 12.99 -12.98
CA GLY A 53 4.47 11.60 -12.76
C GLY A 53 2.97 11.55 -12.47
N ASN A 54 2.19 11.17 -13.48
CA ASN A 54 0.74 11.01 -13.35
C ASN A 54 0.40 9.56 -12.98
N PRO A 55 -0.71 9.32 -12.26
CA PRO A 55 -1.08 8.00 -11.80
C PRO A 55 -1.58 7.12 -12.95
N VAL A 56 -1.75 5.81 -12.68
CA VAL A 56 -2.05 4.81 -13.69
C VAL A 56 -3.31 4.06 -13.24
N LEU A 57 -4.17 3.68 -14.18
CA LEU A 57 -5.41 2.95 -13.89
C LEU A 57 -5.08 1.49 -13.65
N VAL A 58 -5.27 1.04 -12.40
CA VAL A 58 -4.89 -0.27 -11.89
C VAL A 58 -6.12 -1.11 -11.53
N THR A 59 -5.93 -2.41 -11.38
CA THR A 59 -6.99 -3.38 -11.16
C THR A 59 -6.77 -4.16 -9.86
N HIS A 60 -7.66 -5.12 -9.57
CA HIS A 60 -7.36 -6.23 -8.66
C HIS A 60 -6.03 -6.89 -9.02
N LYS A 61 -5.40 -7.59 -8.06
CA LYS A 61 -4.09 -8.22 -8.26
C LYS A 61 -4.13 -9.64 -7.68
N LYS A 62 -3.92 -10.61 -8.58
CA LYS A 62 -4.12 -12.05 -8.43
C LYS A 62 -3.62 -12.60 -7.10
N ASN A 63 -2.32 -12.46 -6.83
CA ASN A 63 -1.66 -12.92 -5.62
C ASN A 63 -0.32 -12.23 -5.61
N VAL A 64 -0.30 -11.03 -5.06
CA VAL A 64 0.91 -10.29 -4.75
C VAL A 64 1.25 -10.71 -3.32
N ASN A 65 2.44 -11.27 -3.10
CA ASN A 65 3.00 -11.52 -1.80
C ASN A 65 4.43 -11.03 -1.70
N ILE A 66 4.63 -10.08 -0.79
CA ILE A 66 5.88 -9.35 -0.62
C ILE A 66 6.96 -10.33 -0.21
N ASN A 67 8.06 -10.28 -0.92
CA ASN A 67 9.25 -11.06 -0.67
C ASN A 67 9.89 -10.62 0.65
N ALA A 68 10.06 -9.32 0.89
CA ALA A 68 11.04 -8.80 1.84
C ALA A 68 10.85 -7.30 2.05
N ILE A 69 11.62 -6.74 2.99
CA ILE A 69 11.59 -5.35 3.45
C ILE A 69 13.06 -4.87 3.45
N THR A 70 13.28 -3.59 3.11
CA THR A 70 14.62 -3.03 3.01
C THR A 70 14.49 -1.53 3.29
N PRO A 71 14.97 -1.06 4.45
CA PRO A 71 14.98 0.36 4.76
C PRO A 71 15.97 1.05 3.83
N VAL A 72 15.68 2.28 3.45
CA VAL A 72 16.44 3.07 2.49
C VAL A 72 16.81 4.38 3.17
N GLY A 73 18.10 4.55 3.41
CA GLY A 73 18.63 5.65 4.20
C GLY A 73 18.40 5.35 5.67
N ASN A 74 17.13 5.50 6.06
CA ASN A 74 16.54 5.37 7.39
C ASN A 74 15.06 5.79 7.35
N TYR A 75 14.59 6.37 6.24
CA TYR A 75 13.35 7.16 6.22
C TYR A 75 12.30 6.66 5.21
N ALA A 76 12.59 5.57 4.51
CA ALA A 76 11.66 4.87 3.65
C ALA A 76 11.96 3.38 3.72
N VAL A 77 11.09 2.58 3.12
CA VAL A 77 11.34 1.18 2.87
C VAL A 77 10.99 0.83 1.45
N LYS A 78 11.54 -0.29 1.04
CA LYS A 78 11.20 -1.01 -0.15
C LYS A 78 10.50 -2.29 0.29
N LEU A 79 9.43 -2.64 -0.40
CA LEU A 79 8.65 -3.85 -0.19
C LEU A 79 8.77 -4.57 -1.52
N VAL A 80 9.62 -5.59 -1.54
CA VAL A 80 9.97 -6.30 -2.76
C VAL A 80 8.78 -7.13 -3.22
N PHE A 81 8.28 -6.92 -4.44
CA PHE A 81 7.11 -7.64 -4.90
C PHE A 81 7.51 -8.76 -5.86
N ASP A 82 6.94 -9.93 -5.59
CA ASP A 82 7.01 -11.12 -6.41
C ASP A 82 6.46 -10.93 -7.82
N ASP A 83 5.60 -9.94 -8.06
CA ASP A 83 4.97 -9.70 -9.35
C ASP A 83 5.98 -9.30 -10.43
N GLY A 84 7.08 -8.62 -10.09
CA GLY A 84 8.16 -8.37 -11.04
C GLY A 84 8.84 -7.00 -10.95
N HIS A 85 8.84 -6.35 -9.79
CA HIS A 85 9.51 -5.07 -9.54
C HIS A 85 9.65 -4.98 -8.03
N ASP A 86 10.75 -4.42 -7.52
CA ASP A 86 11.37 -4.95 -6.31
C ASP A 86 11.89 -3.86 -5.41
N THR A 87 11.04 -2.86 -5.22
CA THR A 87 11.38 -1.60 -4.64
C THR A 87 10.09 -0.83 -4.29
N GLY A 88 9.43 -0.16 -5.24
CA GLY A 88 8.34 0.79 -4.98
C GLY A 88 8.86 2.09 -4.35
N LEU A 89 9.51 1.96 -3.19
CA LEU A 89 10.15 2.93 -2.32
C LEU A 89 9.11 3.86 -1.69
N TYR A 90 8.89 3.69 -0.39
CA TYR A 90 7.75 4.21 0.35
C TYR A 90 8.27 4.99 1.56
N SER A 91 8.12 6.31 1.56
CA SER A 91 8.34 7.11 2.76
C SER A 91 7.31 6.76 3.84
N TRP A 92 7.69 6.88 5.12
CA TRP A 92 6.84 6.42 6.22
C TRP A 92 5.47 7.14 6.27
N LYS A 93 5.37 8.38 5.76
CA LYS A 93 4.08 9.06 5.63
C LYS A 93 3.16 8.32 4.69
N VAL A 94 3.71 7.74 3.62
CA VAL A 94 2.89 7.12 2.59
C VAL A 94 2.00 6.05 3.22
N LEU A 95 2.61 5.09 3.93
CA LEU A 95 1.89 3.92 4.43
C LEU A 95 0.87 4.30 5.49
N TYR A 96 1.10 5.37 6.26
CA TYR A 96 0.18 5.87 7.28
C TYR A 96 -1.12 6.30 6.60
N ASP A 97 -1.00 7.11 5.56
CA ASP A 97 -2.14 7.70 4.86
C ASP A 97 -2.95 6.63 4.15
N LEU A 98 -2.31 5.61 3.59
CA LEU A 98 -2.98 4.45 3.03
C LEU A 98 -3.71 3.71 4.15
N ALA A 99 -3.06 3.44 5.28
CA ALA A 99 -3.62 2.70 6.42
C ALA A 99 -4.98 3.26 6.83
N SER A 100 -4.99 4.56 7.10
CA SER A 100 -6.09 5.27 7.71
C SER A 100 -7.30 5.44 6.80
N ASN A 101 -7.16 5.24 5.49
CA ASN A 101 -8.22 5.51 4.50
C ASN A 101 -8.39 4.32 3.56
N GLN A 102 -8.04 3.09 3.97
CA GLN A 102 -7.75 2.01 3.04
C GLN A 102 -9.03 1.54 2.37
N VAL A 103 -10.15 1.64 3.07
CA VAL A 103 -11.46 1.22 2.58
C VAL A 103 -11.90 2.16 1.46
N ASP A 104 -11.84 3.47 1.69
CA ASP A 104 -12.31 4.44 0.70
C ASP A 104 -11.44 4.38 -0.54
N LEU A 105 -10.12 4.43 -0.33
CA LEU A 105 -9.17 4.50 -1.42
C LEU A 105 -9.21 3.21 -2.26
N TRP A 106 -9.53 2.06 -1.65
CA TRP A 106 -9.82 0.82 -2.36
C TRP A 106 -11.10 0.97 -3.17
N GLU A 107 -12.21 1.36 -2.55
CA GLU A 107 -13.52 1.52 -3.19
C GLU A 107 -13.42 2.38 -4.45
N ASN A 108 -12.51 3.35 -4.45
CA ASN A 108 -12.25 4.16 -5.62
C ASN A 108 -11.89 3.33 -6.84
N TYR A 109 -11.08 2.27 -6.71
CA TYR A 109 -10.59 1.53 -7.87
C TYR A 109 -11.66 0.56 -8.28
N LEU A 110 -12.40 0.02 -7.31
CA LEU A 110 -13.56 -0.83 -7.53
C LEU A 110 -14.54 -0.10 -8.44
N ALA A 111 -14.74 1.20 -8.22
CA ALA A 111 -15.52 2.08 -9.07
C ALA A 111 -14.82 2.33 -10.42
N ARG A 112 -13.63 2.95 -10.44
CA ARG A 112 -12.96 3.39 -11.68
C ARG A 112 -12.78 2.22 -12.66
N LEU A 113 -12.54 1.02 -12.14
CA LEU A 113 -12.37 -0.22 -12.85
C LEU A 113 -13.53 -0.41 -13.81
N ARG A 114 -14.76 -0.37 -13.31
CA ARG A 114 -15.91 -0.61 -14.18
C ARG A 114 -16.14 0.53 -15.15
N ALA A 115 -15.85 1.78 -14.78
CA ALA A 115 -15.97 2.91 -15.70
C ALA A 115 -15.00 2.73 -16.88
N ALA A 116 -13.89 2.03 -16.67
CA ALA A 116 -12.83 1.82 -17.65
C ALA A 116 -12.83 0.42 -18.26
N LYS A 117 -13.75 -0.45 -17.84
CA LYS A 117 -13.88 -1.84 -18.27
C LYS A 117 -12.53 -2.59 -18.27
N ALA A 118 -11.71 -2.35 -17.25
CA ALA A 118 -10.44 -3.04 -17.10
C ALA A 118 -10.68 -4.45 -16.51
N SER A 119 -9.60 -5.24 -16.39
CA SER A 119 -9.64 -6.62 -15.89
C SER A 119 -9.92 -6.67 -14.38
N ARG A 120 -10.31 -7.85 -13.90
CA ARG A 120 -10.79 -8.08 -12.55
C ARG A 120 -10.09 -9.33 -12.07
N GLU A 121 -8.79 -9.22 -11.79
CA GLU A 121 -8.01 -10.35 -11.31
C GLU A 121 -8.60 -10.94 -10.02
N PRO A 122 -8.22 -12.18 -9.67
CA PRO A 122 -8.64 -12.77 -8.41
C PRO A 122 -8.10 -11.92 -7.27
N LEU A 123 -8.91 -11.71 -6.24
CA LEU A 123 -8.50 -11.02 -5.03
C LEU A 123 -9.17 -11.50 -3.75
N ILE A 124 -10.11 -12.43 -3.89
CA ILE A 124 -10.99 -12.88 -2.82
C ILE A 124 -10.11 -13.39 -1.68
N ASP A 125 -10.60 -13.18 -0.48
CA ASP A 125 -10.04 -13.71 0.74
C ASP A 125 -11.22 -14.15 1.58
N MET A 126 -11.36 -15.46 1.72
CA MET A 126 -12.53 -16.11 2.30
C MET A 126 -12.65 -15.86 3.81
N ALA A 127 -11.63 -15.25 4.47
CA ALA A 127 -11.47 -15.25 5.91
C ALA A 127 -11.41 -13.86 6.53
N VAL A 128 -11.99 -12.88 5.85
CA VAL A 128 -12.16 -11.53 6.39
C VAL A 128 -13.37 -11.61 7.33
N LYS A 129 -13.16 -11.31 8.62
CA LYS A 129 -14.25 -11.12 9.55
C LYS A 129 -14.81 -9.74 9.25
N TYR A 130 -16.10 -9.68 8.92
CA TYR A 130 -16.82 -8.43 8.73
C TYR A 130 -16.99 -7.72 10.08
N HIS A 131 -17.80 -6.67 10.15
CA HIS A 131 -18.22 -5.98 11.36
C HIS A 131 -17.10 -5.13 11.96
N THR A 132 -17.47 -4.24 12.86
CA THR A 132 -16.61 -3.37 13.62
C THR A 132 -16.72 -3.75 15.11
N GLY A 1 1.36 28.89 8.90
CA GLY A 1 1.90 28.28 7.69
C GLY A 1 3.37 28.61 7.52
N MET A 2 3.88 28.50 6.28
CA MET A 2 5.30 28.59 5.90
C MET A 2 6.24 27.70 6.72
N THR A 3 5.73 26.59 7.23
CA THR A 3 6.35 25.72 8.24
C THR A 3 6.95 24.43 7.64
N PRO A 4 7.79 23.69 8.39
CA PRO A 4 8.21 22.34 8.05
C PRO A 4 7.02 21.36 8.00
N GLN A 5 7.26 20.14 7.54
CA GLN A 5 6.28 19.09 7.38
C GLN A 5 7.07 17.77 7.36
N SER A 6 6.39 16.68 7.03
CA SER A 6 6.95 15.34 6.95
C SER A 6 7.52 14.78 8.25
N ASP A 7 7.08 15.36 9.37
CA ASP A 7 7.51 15.10 10.73
C ASP A 7 6.67 13.98 11.40
N THR A 8 6.10 13.11 10.59
CA THR A 8 5.43 11.86 10.95
C THR A 8 6.38 10.91 11.72
N PRO A 9 5.85 9.90 12.43
CA PRO A 9 6.65 8.90 13.14
C PRO A 9 7.43 7.99 12.18
N LYS A 10 8.17 7.03 12.75
CA LYS A 10 9.23 6.24 12.11
C LYS A 10 9.01 4.75 12.35
N VAL A 11 8.91 3.95 11.29
CA VAL A 11 8.47 2.56 11.38
C VAL A 11 9.47 1.74 12.19
N THR A 12 9.02 1.03 13.22
CA THR A 12 9.86 0.20 14.08
C THR A 12 9.73 -1.30 13.79
N GLY A 13 8.60 -1.75 13.25
CA GLY A 13 8.36 -3.15 12.96
C GLY A 13 7.50 -3.27 11.72
N LEU A 14 7.72 -4.34 10.96
CA LEU A 14 7.03 -4.70 9.73
C LEU A 14 6.84 -6.22 9.80
N LYS A 15 5.60 -6.70 9.75
CA LYS A 15 5.25 -8.11 9.89
C LYS A 15 4.41 -8.49 8.68
N LEU A 16 4.95 -9.34 7.82
CA LEU A 16 4.23 -9.83 6.66
C LEU A 16 3.29 -10.95 7.07
N LYS A 17 2.34 -11.29 6.20
CA LYS A 17 1.45 -12.45 6.33
C LYS A 17 1.01 -12.92 4.94
N ARG A 18 1.79 -13.79 4.28
CA ARG A 18 1.38 -14.35 2.99
C ARG A 18 0.00 -15.02 3.05
N LYS A 19 -0.40 -15.50 4.23
CA LYS A 19 -1.71 -16.06 4.53
C LYS A 19 -2.89 -15.13 4.24
N SER A 20 -2.70 -13.82 4.19
CA SER A 20 -3.75 -12.87 3.79
C SER A 20 -3.22 -11.86 2.76
N ARG A 21 -2.00 -12.10 2.25
CA ARG A 21 -1.21 -11.20 1.41
C ARG A 21 -1.24 -9.74 1.90
N GLN A 22 -1.25 -9.57 3.23
CA GLN A 22 -1.28 -8.28 3.90
C GLN A 22 0.11 -8.00 4.49
N LEU A 23 0.29 -6.79 5.02
CA LEU A 23 1.53 -6.30 5.61
C LEU A 23 1.17 -5.40 6.77
N GLU A 24 1.72 -5.71 7.95
CA GLU A 24 1.46 -5.04 9.23
C GLU A 24 2.65 -4.15 9.55
N ILE A 25 2.37 -3.04 10.23
CA ILE A 25 3.24 -1.87 10.28
C ILE A 25 3.12 -1.31 11.71
N SER A 26 4.23 -1.01 12.37
CA SER A 26 4.27 -0.47 13.71
C SER A 26 5.11 0.80 13.77
N PHE A 27 4.67 1.76 14.57
CA PHE A 27 5.35 3.01 14.85
C PHE A 27 5.76 3.03 16.32
N ASP A 28 6.63 3.99 16.65
CA ASP A 28 7.17 4.12 18.00
C ASP A 28 6.48 5.24 18.79
N ASN A 29 5.55 5.97 18.16
CA ASN A 29 4.70 6.92 18.86
C ASN A 29 3.74 6.19 19.77
N GLY A 30 3.06 5.16 19.24
CA GLY A 30 1.98 4.45 19.90
C GLY A 30 0.92 3.99 18.90
N GLN A 31 1.32 3.54 17.70
CA GLN A 31 0.41 3.14 16.63
C GLN A 31 0.89 1.83 15.99
N GLN A 32 -0.08 1.10 15.44
CA GLN A 32 0.07 -0.07 14.57
C GLN A 32 -1.10 -0.05 13.59
N PHE A 33 -0.94 -0.69 12.43
CA PHE A 33 -1.98 -0.91 11.44
C PHE A 33 -1.51 -1.97 10.42
N THR A 34 -2.39 -2.32 9.48
CA THR A 34 -2.16 -3.27 8.40
C THR A 34 -2.64 -2.64 7.10
N LEU A 35 -2.01 -2.97 5.96
CA LEU A 35 -2.46 -2.64 4.61
C LEU A 35 -2.42 -3.92 3.76
N SER A 36 -2.95 -3.87 2.55
CA SER A 36 -3.18 -5.01 1.68
C SER A 36 -2.32 -4.87 0.43
N CYS A 37 -1.61 -5.92 0.01
CA CYS A 37 -0.54 -5.81 -0.99
C CYS A 37 -1.04 -5.34 -2.36
N GLU A 38 -2.30 -5.61 -2.71
CA GLU A 38 -2.93 -5.03 -3.88
C GLU A 38 -2.88 -3.50 -3.81
N LEU A 39 -3.35 -2.88 -2.72
CA LEU A 39 -3.35 -1.42 -2.55
C LEU A 39 -1.92 -0.88 -2.50
N LEU A 40 -0.98 -1.64 -1.94
CA LEU A 40 0.46 -1.32 -1.97
C LEU A 40 0.92 -1.09 -3.42
N ARG A 41 0.63 -2.00 -4.36
CA ARG A 41 1.07 -1.79 -5.74
C ARG A 41 0.35 -0.59 -6.34
N VAL A 42 -0.97 -0.55 -6.22
CA VAL A 42 -1.87 0.44 -6.77
C VAL A 42 -1.36 1.82 -6.35
N TYR A 43 -1.49 2.14 -5.06
CA TYR A 43 -1.22 3.46 -4.54
C TYR A 43 0.28 3.58 -4.18
N SER A 44 1.18 3.07 -5.03
CA SER A 44 2.59 3.23 -4.74
C SER A 44 2.94 4.72 -4.91
N PRO A 45 3.85 5.27 -4.09
CA PRO A 45 4.10 6.71 -4.03
C PRO A 45 4.77 7.24 -5.29
N SER A 46 5.43 6.37 -6.05
CA SER A 46 6.09 6.71 -7.30
C SER A 46 5.23 6.44 -8.53
N ALA A 47 3.99 6.02 -8.30
CA ALA A 47 3.01 5.74 -9.34
C ALA A 47 1.88 6.76 -9.31
N GLU A 48 1.59 7.39 -8.17
CA GLU A 48 0.66 8.54 -8.10
C GLU A 48 1.26 9.85 -8.65
N VAL A 49 2.25 9.72 -9.50
CA VAL A 49 3.07 10.73 -10.10
C VAL A 49 3.69 10.24 -11.40
N HIS A 50 4.46 9.16 -11.30
CA HIS A 50 5.41 8.63 -12.25
C HIS A 50 6.48 9.61 -12.77
N GLY A 51 6.29 10.92 -12.62
CA GLY A 51 7.27 11.99 -12.85
C GLY A 51 6.56 13.25 -13.24
N HIS A 52 6.11 13.97 -12.22
CA HIS A 52 5.00 14.88 -12.24
C HIS A 52 3.73 14.29 -12.85
N GLY A 53 2.72 14.02 -12.03
CA GLY A 53 1.52 13.39 -12.53
C GLY A 53 0.60 12.90 -11.42
N ASN A 54 -0.35 12.05 -11.78
CA ASN A 54 -1.41 11.52 -10.90
C ASN A 54 -1.47 10.01 -11.04
N PRO A 55 -2.07 9.31 -10.05
CA PRO A 55 -2.12 7.86 -10.04
C PRO A 55 -3.02 7.39 -11.19
N VAL A 56 -2.48 6.47 -11.97
CA VAL A 56 -3.21 5.78 -13.02
C VAL A 56 -4.25 4.88 -12.36
N LEU A 57 -5.30 4.50 -13.09
CA LEU A 57 -6.18 3.41 -12.70
C LEU A 57 -5.33 2.13 -12.63
N VAL A 58 -5.24 1.53 -11.44
CA VAL A 58 -4.61 0.22 -11.27
C VAL A 58 -5.69 -0.73 -10.76
N THR A 59 -5.63 -1.93 -11.31
CA THR A 59 -6.52 -3.06 -11.13
C THR A 59 -6.10 -3.88 -9.91
N HIS A 60 -6.87 -4.93 -9.60
CA HIS A 60 -6.45 -5.90 -8.60
C HIS A 60 -5.13 -6.55 -9.02
N LYS A 61 -4.46 -7.20 -8.07
CA LYS A 61 -3.44 -8.23 -8.34
C LYS A 61 -4.12 -9.58 -8.13
N LYS A 62 -3.42 -10.62 -8.53
CA LYS A 62 -3.78 -12.02 -8.35
C LYS A 62 -3.16 -12.51 -7.04
N ASN A 63 -1.83 -12.61 -6.96
CA ASN A 63 -1.14 -13.02 -5.75
C ASN A 63 0.14 -12.20 -5.70
N VAL A 64 0.04 -10.97 -5.19
CA VAL A 64 1.20 -10.17 -4.85
C VAL A 64 1.64 -10.57 -3.45
N ASN A 65 2.76 -11.29 -3.36
CA ASN A 65 3.40 -11.59 -2.10
C ASN A 65 4.71 -10.82 -2.03
N ILE A 66 5.13 -10.51 -0.80
CA ILE A 66 6.36 -9.78 -0.56
C ILE A 66 7.43 -10.79 -0.30
N ASN A 67 8.45 -10.76 -1.14
CA ASN A 67 9.59 -11.64 -1.02
C ASN A 67 10.60 -11.11 0.00
N ALA A 68 10.70 -9.80 0.20
CA ALA A 68 11.71 -9.23 1.08
C ALA A 68 11.42 -7.77 1.35
N ILE A 69 12.08 -7.23 2.38
CA ILE A 69 12.15 -5.82 2.68
C ILE A 69 13.63 -5.47 2.75
N THR A 70 13.98 -4.22 2.43
CA THR A 70 15.29 -3.63 2.66
C THR A 70 15.07 -2.14 2.96
N PRO A 71 15.58 -1.61 4.08
CA PRO A 71 15.48 -0.19 4.42
C PRO A 71 16.35 0.64 3.48
N VAL A 72 15.86 1.81 3.08
CA VAL A 72 16.54 2.75 2.21
C VAL A 72 16.44 4.13 2.87
N GLY A 73 17.41 5.00 2.59
CA GLY A 73 17.52 6.36 3.10
C GLY A 73 17.65 6.46 4.62
N ASN A 74 17.68 5.32 5.32
CA ASN A 74 17.27 5.17 6.71
C ASN A 74 15.90 5.84 7.01
N TYR A 75 15.04 6.09 6.02
CA TYR A 75 13.75 6.80 6.14
C TYR A 75 12.59 6.10 5.41
N ALA A 76 12.82 4.94 4.77
CA ALA A 76 11.88 4.25 3.90
C ALA A 76 12.23 2.75 3.84
N VAL A 77 11.41 1.97 3.14
CA VAL A 77 11.72 0.58 2.80
C VAL A 77 11.44 0.33 1.32
N LYS A 78 12.27 -0.51 0.72
CA LYS A 78 12.09 -1.30 -0.48
C LYS A 78 11.28 -2.54 -0.14
N LEU A 79 10.26 -2.88 -0.91
CA LEU A 79 9.40 -4.06 -0.75
C LEU A 79 9.47 -4.81 -2.07
N VAL A 80 10.14 -5.96 -2.06
CA VAL A 80 10.24 -6.81 -3.24
C VAL A 80 8.89 -7.50 -3.42
N PHE A 81 8.31 -7.45 -4.63
CA PHE A 81 6.99 -7.99 -4.91
C PHE A 81 7.07 -9.06 -5.99
N ASP A 82 6.42 -10.20 -5.75
CA ASP A 82 6.28 -11.27 -6.74
C ASP A 82 5.59 -10.78 -8.03
N ASP A 83 4.80 -9.71 -7.96
CA ASP A 83 4.11 -9.12 -9.12
C ASP A 83 5.09 -8.45 -10.12
N GLY A 84 6.39 -8.42 -9.81
CA GLY A 84 7.42 -8.39 -10.84
C GLY A 84 8.31 -7.15 -10.83
N HIS A 85 8.43 -6.43 -9.71
CA HIS A 85 9.38 -5.38 -9.52
C HIS A 85 9.97 -5.50 -8.11
N ASP A 86 11.19 -4.98 -7.93
CA ASP A 86 11.98 -5.09 -6.71
C ASP A 86 12.03 -3.81 -5.88
N THR A 87 11.39 -2.76 -6.39
CA THR A 87 11.40 -1.44 -5.83
C THR A 87 10.47 -1.39 -4.61
N GLY A 88 9.18 -1.18 -4.85
CA GLY A 88 8.14 -0.99 -3.85
C GLY A 88 8.65 -0.04 -2.78
N LEU A 89 9.03 1.20 -3.14
CA LEU A 89 9.55 2.11 -2.13
C LEU A 89 8.38 2.84 -1.52
N TYR A 90 8.39 2.95 -0.20
CA TYR A 90 7.35 3.63 0.58
C TYR A 90 7.99 4.54 1.61
N SER A 91 7.23 5.50 2.13
CA SER A 91 7.66 6.47 3.13
C SER A 91 6.68 6.39 4.29
N TRP A 92 7.07 6.90 5.46
CA TRP A 92 6.30 6.73 6.68
C TRP A 92 4.97 7.49 6.60
N LYS A 93 4.99 8.73 6.09
CA LYS A 93 3.80 9.52 5.77
C LYS A 93 2.83 8.73 4.90
N VAL A 94 3.36 8.07 3.87
CA VAL A 94 2.53 7.44 2.84
C VAL A 94 1.74 6.30 3.48
N LEU A 95 2.43 5.40 4.21
CA LEU A 95 1.81 4.27 4.87
C LEU A 95 0.71 4.75 5.83
N TYR A 96 0.98 5.82 6.57
CA TYR A 96 0.09 6.37 7.59
C TYR A 96 -1.26 6.79 6.97
N ASP A 97 -1.22 7.50 5.85
CA ASP A 97 -2.39 8.14 5.26
C ASP A 97 -3.29 7.15 4.56
N LEU A 98 -2.70 6.21 3.83
CA LEU A 98 -3.41 5.07 3.28
C LEU A 98 -4.04 4.28 4.40
N ALA A 99 -3.33 4.03 5.50
CA ALA A 99 -3.91 3.40 6.68
C ALA A 99 -5.02 4.21 7.36
N SER A 100 -5.32 5.43 6.91
CA SER A 100 -6.46 6.24 7.33
C SER A 100 -7.61 6.19 6.31
N ASN A 101 -7.35 5.80 5.06
CA ASN A 101 -8.31 5.93 3.95
C ASN A 101 -8.34 4.69 3.05
N GLN A 102 -7.89 3.51 3.49
CA GLN A 102 -7.57 2.39 2.60
C GLN A 102 -8.82 1.67 2.10
N VAL A 103 -9.98 2.01 2.63
CA VAL A 103 -11.23 1.39 2.32
C VAL A 103 -11.89 2.22 1.22
N ASP A 104 -12.01 3.52 1.45
CA ASP A 104 -12.70 4.44 0.56
C ASP A 104 -11.95 4.54 -0.75
N LEU A 105 -10.64 4.81 -0.66
CA LEU A 105 -9.76 4.99 -1.82
C LEU A 105 -9.73 3.74 -2.68
N TRP A 106 -9.83 2.56 -2.05
CA TRP A 106 -9.92 1.30 -2.76
C TRP A 106 -11.26 1.22 -3.50
N GLU A 107 -12.39 1.40 -2.82
CA GLU A 107 -13.74 1.37 -3.42
C GLU A 107 -13.86 2.35 -4.60
N ASN A 108 -13.11 3.46 -4.55
CA ASN A 108 -13.04 4.40 -5.67
C ASN A 108 -12.48 3.72 -6.91
N TYR A 109 -11.31 3.08 -6.78
CA TYR A 109 -10.73 2.29 -7.85
C TYR A 109 -11.69 1.20 -8.29
N LEU A 110 -12.30 0.46 -7.37
CA LEU A 110 -13.16 -0.67 -7.71
C LEU A 110 -14.34 -0.24 -8.58
N ALA A 111 -14.87 0.96 -8.37
CA ALA A 111 -15.86 1.56 -9.25
C ALA A 111 -15.22 1.89 -10.60
N ARG A 112 -14.19 2.76 -10.61
CA ARG A 112 -13.58 3.26 -11.85
C ARG A 112 -13.01 2.14 -12.71
N LEU A 113 -12.70 0.97 -12.12
CA LEU A 113 -12.23 -0.23 -12.76
C LEU A 113 -13.27 -0.69 -13.77
N ARG A 114 -14.48 -1.00 -13.31
CA ARG A 114 -15.52 -1.49 -14.22
C ARG A 114 -16.02 -0.35 -15.09
N ALA A 115 -16.17 0.84 -14.52
CA ALA A 115 -16.66 2.00 -15.24
C ALA A 115 -15.65 2.43 -16.31
N ALA A 116 -14.42 1.92 -16.29
CA ALA A 116 -13.60 1.91 -17.45
C ALA A 116 -13.96 0.66 -18.23
N LYS A 117 -13.29 -0.46 -17.93
CA LYS A 117 -13.36 -1.72 -18.67
C LYS A 117 -12.41 -2.79 -18.08
N ALA A 118 -11.70 -2.45 -17.00
CA ALA A 118 -10.41 -3.07 -16.74
C ALA A 118 -10.56 -4.45 -16.11
N SER A 119 -9.47 -5.22 -16.03
CA SER A 119 -9.47 -6.53 -15.39
C SER A 119 -9.63 -6.38 -13.88
N ARG A 120 -10.14 -7.41 -13.20
CA ARG A 120 -10.29 -7.44 -11.76
C ARG A 120 -9.76 -8.78 -11.27
N GLU A 121 -8.44 -8.91 -11.24
CA GLU A 121 -7.70 -10.11 -10.84
C GLU A 121 -8.14 -10.67 -9.47
N PRO A 122 -7.83 -11.95 -9.18
CA PRO A 122 -8.35 -12.63 -8.00
C PRO A 122 -7.69 -12.17 -6.70
N LEU A 123 -8.49 -11.57 -5.83
CA LEU A 123 -8.02 -10.91 -4.61
C LEU A 123 -8.90 -11.14 -3.38
N ILE A 124 -9.95 -11.94 -3.53
CA ILE A 124 -11.01 -12.11 -2.55
C ILE A 124 -10.49 -13.04 -1.47
N ASP A 125 -10.80 -12.75 -0.23
CA ASP A 125 -10.27 -13.40 0.96
C ASP A 125 -11.33 -13.34 2.05
N MET A 126 -11.18 -14.18 3.06
CA MET A 126 -12.06 -14.28 4.22
C MET A 126 -11.41 -13.69 5.48
N ALA A 127 -10.20 -13.13 5.36
CA ALA A 127 -9.41 -12.55 6.43
C ALA A 127 -9.90 -11.17 6.91
N VAL A 128 -11.19 -10.89 6.76
CA VAL A 128 -11.84 -9.63 7.11
C VAL A 128 -13.00 -9.91 8.06
N LYS A 129 -13.25 -8.94 8.94
CA LYS A 129 -14.46 -8.76 9.73
C LYS A 129 -14.97 -7.39 9.32
N TYR A 130 -16.24 -7.31 8.95
CA TYR A 130 -16.94 -6.04 9.01
C TYR A 130 -17.19 -5.74 10.50
N HIS A 131 -17.89 -4.63 10.78
CA HIS A 131 -18.27 -4.16 12.10
C HIS A 131 -17.07 -3.56 12.83
N THR A 132 -17.26 -2.35 13.34
CA THR A 132 -16.27 -1.45 13.90
C THR A 132 -15.06 -1.40 12.97
N GLY A 1 -5.13 27.22 11.45
CA GLY A 1 -4.73 27.80 10.17
C GLY A 1 -3.21 27.82 10.06
N MET A 2 -2.62 26.76 9.52
CA MET A 2 -1.19 26.60 9.28
C MET A 2 -1.01 25.62 8.12
N THR A 3 0.21 25.47 7.59
CA THR A 3 0.53 24.36 6.70
C THR A 3 0.50 23.03 7.48
N PRO A 4 0.47 21.87 6.80
CA PRO A 4 0.93 20.62 7.40
C PRO A 4 2.45 20.66 7.62
N GLN A 5 3.00 19.60 8.20
CA GLN A 5 4.43 19.40 8.38
C GLN A 5 4.71 17.89 8.43
N SER A 6 5.85 17.42 7.90
CA SER A 6 6.19 16.01 7.77
C SER A 6 6.83 15.45 9.04
N ASP A 7 6.25 15.76 10.18
CA ASP A 7 6.77 15.44 11.51
C ASP A 7 6.29 14.05 11.96
N THR A 8 5.79 13.28 11.00
CA THR A 8 5.17 11.97 11.12
C THR A 8 6.02 10.94 11.90
N PRO A 9 5.39 9.94 12.55
CA PRO A 9 6.08 8.89 13.29
C PRO A 9 6.92 8.02 12.36
N LYS A 10 7.89 7.33 12.96
CA LYS A 10 8.83 6.45 12.28
C LYS A 10 8.45 5.01 12.58
N VAL A 11 8.43 4.21 11.52
CA VAL A 11 8.08 2.80 11.59
C VAL A 11 9.19 2.12 12.39
N THR A 12 8.80 1.23 13.29
CA THR A 12 9.70 0.51 14.16
C THR A 12 9.43 -1.01 14.11
N GLY A 13 8.30 -1.44 13.53
CA GLY A 13 8.07 -2.82 13.15
C GLY A 13 7.35 -2.85 11.81
N LEU A 14 7.72 -3.82 10.96
CA LEU A 14 6.99 -4.27 9.79
C LEU A 14 6.91 -5.78 9.93
N LYS A 15 5.76 -6.39 9.66
CA LYS A 15 5.66 -7.84 9.59
C LYS A 15 4.84 -8.24 8.39
N LEU A 16 4.86 -9.52 8.03
CA LEU A 16 4.19 -10.01 6.85
C LEU A 16 3.35 -11.22 7.17
N LYS A 17 2.37 -11.53 6.33
CA LYS A 17 1.50 -12.69 6.44
C LYS A 17 1.22 -13.22 5.05
N ARG A 18 2.09 -14.09 4.54
CA ARG A 18 1.99 -14.60 3.16
C ARG A 18 0.64 -15.21 2.88
N LYS A 19 0.05 -15.85 3.89
CA LYS A 19 -1.24 -16.52 3.88
C LYS A 19 -2.41 -15.59 3.52
N SER A 20 -2.23 -14.29 3.73
CA SER A 20 -3.20 -13.24 3.43
C SER A 20 -2.59 -12.12 2.59
N ARG A 21 -1.40 -12.32 1.98
CA ARG A 21 -0.73 -11.33 1.13
C ARG A 21 -0.77 -9.92 1.72
N GLN A 22 -0.47 -9.79 3.00
CA GLN A 22 -0.68 -8.57 3.77
C GLN A 22 0.58 -8.24 4.56
N LEU A 23 0.71 -6.98 4.97
CA LEU A 23 1.87 -6.44 5.66
C LEU A 23 1.39 -5.61 6.83
N GLU A 24 1.90 -5.91 8.02
CA GLU A 24 1.61 -5.22 9.28
C GLU A 24 2.65 -4.12 9.49
N ILE A 25 2.25 -3.03 10.14
CA ILE A 25 3.08 -1.84 10.38
C ILE A 25 2.83 -1.38 11.81
N SER A 26 3.89 -1.07 12.55
CA SER A 26 3.85 -0.48 13.88
C SER A 26 4.76 0.75 13.94
N PHE A 27 4.25 1.78 14.61
CA PHE A 27 4.90 3.08 14.80
C PHE A 27 5.34 3.18 16.26
N ASP A 28 6.44 3.93 16.49
CA ASP A 28 7.04 4.02 17.82
C ASP A 28 6.18 4.87 18.78
N ASN A 29 5.27 5.68 18.21
CA ASN A 29 4.29 6.48 18.97
C ASN A 29 3.18 5.64 19.60
N GLY A 30 2.71 4.56 18.94
CA GLY A 30 1.54 3.79 19.39
C GLY A 30 0.38 3.89 18.40
N GLN A 31 0.59 3.42 17.17
CA GLN A 31 -0.43 3.17 16.16
C GLN A 31 -0.02 1.89 15.44
N GLN A 32 -0.99 1.22 14.81
CA GLN A 32 -0.81 -0.06 14.13
C GLN A 32 -1.90 -0.30 13.10
N PHE A 33 -1.57 -1.03 12.02
CA PHE A 33 -2.47 -1.35 10.91
C PHE A 33 -1.90 -2.49 10.05
N THR A 34 -2.70 -3.01 9.10
CA THR A 34 -2.28 -3.99 8.11
C THR A 34 -2.76 -3.54 6.72
N LEU A 35 -1.87 -3.48 5.74
CA LEU A 35 -2.16 -3.14 4.34
C LEU A 35 -1.95 -4.37 3.48
N SER A 36 -2.51 -4.36 2.28
CA SER A 36 -2.50 -5.51 1.38
C SER A 36 -1.46 -5.32 0.27
N CYS A 37 -0.85 -6.42 -0.21
CA CYS A 37 0.04 -6.36 -1.35
C CYS A 37 -0.63 -5.81 -2.60
N GLU A 38 -1.95 -6.01 -2.75
CA GLU A 38 -2.69 -5.43 -3.85
C GLU A 38 -2.61 -3.90 -3.73
N LEU A 39 -3.08 -3.34 -2.60
CA LEU A 39 -3.18 -1.89 -2.42
C LEU A 39 -1.81 -1.24 -2.63
N LEU A 40 -0.76 -1.90 -2.16
CA LEU A 40 0.63 -1.44 -2.26
C LEU A 40 1.11 -1.40 -3.73
N ARG A 41 0.63 -2.29 -4.60
CA ARG A 41 1.04 -2.32 -6.01
C ARG A 41 0.16 -1.46 -6.91
N VAL A 42 -1.04 -1.07 -6.49
CA VAL A 42 -1.86 -0.11 -7.22
C VAL A 42 -1.44 1.28 -6.76
N TYR A 43 -1.59 1.60 -5.47
CA TYR A 43 -1.17 2.84 -4.82
C TYR A 43 0.35 2.83 -4.56
N SER A 44 1.14 2.30 -5.49
CA SER A 44 2.53 2.69 -5.49
C SER A 44 2.56 4.22 -5.71
N PRO A 45 3.50 4.95 -5.07
CA PRO A 45 3.46 6.41 -5.00
C PRO A 45 4.06 7.13 -6.19
N SER A 46 4.72 6.41 -7.10
CA SER A 46 5.35 6.98 -8.28
C SER A 46 4.35 6.85 -9.42
N ALA A 47 3.27 7.61 -9.28
CA ALA A 47 2.09 7.61 -10.14
C ALA A 47 1.23 8.85 -9.82
N GLU A 48 0.35 8.79 -8.81
CA GLU A 48 -0.49 9.91 -8.35
C GLU A 48 0.37 10.95 -7.60
N VAL A 49 1.26 11.65 -8.30
CA VAL A 49 2.12 12.67 -7.71
C VAL A 49 1.53 14.07 -7.89
N HIS A 50 0.49 14.22 -8.71
CA HIS A 50 -0.30 15.42 -8.95
C HIS A 50 0.60 16.66 -9.14
N GLY A 51 1.53 16.58 -10.10
CA GLY A 51 2.45 17.65 -10.40
C GLY A 51 3.87 17.21 -10.77
N HIS A 52 4.20 15.93 -10.56
CA HIS A 52 5.42 15.29 -11.06
C HIS A 52 5.09 14.00 -11.84
N GLY A 53 3.83 13.58 -11.85
CA GLY A 53 3.35 12.35 -12.44
C GLY A 53 1.83 12.39 -12.39
N ASN A 54 1.19 11.52 -13.16
CA ASN A 54 -0.26 11.47 -13.34
C ASN A 54 -0.80 10.13 -12.87
N PRO A 55 -2.11 10.03 -12.56
CA PRO A 55 -2.71 8.78 -12.15
C PRO A 55 -2.61 7.77 -13.30
N VAL A 56 -2.68 6.49 -12.95
CA VAL A 56 -2.78 5.40 -13.89
C VAL A 56 -3.87 4.51 -13.33
N LEU A 57 -4.71 3.97 -14.21
CA LEU A 57 -5.75 3.02 -13.86
C LEU A 57 -5.07 1.67 -13.65
N VAL A 58 -5.15 1.12 -12.45
CA VAL A 58 -4.56 -0.16 -12.08
C VAL A 58 -5.70 -1.12 -11.72
N THR A 59 -5.37 -2.42 -11.63
CA THR A 59 -6.33 -3.51 -11.48
C THR A 59 -6.04 -4.31 -10.21
N HIS A 60 -7.01 -5.15 -9.80
CA HIS A 60 -6.78 -6.07 -8.70
C HIS A 60 -5.61 -7.00 -9.05
N LYS A 61 -5.03 -7.63 -8.04
CA LYS A 61 -3.90 -8.53 -8.17
C LYS A 61 -4.22 -9.76 -7.33
N LYS A 62 -4.29 -10.91 -8.01
CA LYS A 62 -4.67 -12.21 -7.49
C LYS A 62 -4.00 -12.52 -6.14
N ASN A 63 -2.69 -12.79 -6.15
CA ASN A 63 -1.93 -13.15 -4.97
C ASN A 63 -0.49 -12.72 -5.19
N VAL A 64 -0.18 -11.46 -4.92
CA VAL A 64 1.20 -10.98 -4.81
C VAL A 64 1.75 -11.45 -3.45
N ASN A 65 3.07 -11.42 -3.26
CA ASN A 65 3.70 -11.35 -1.95
C ASN A 65 4.86 -10.37 -1.99
N ILE A 66 5.29 -9.91 -0.81
CA ILE A 66 6.47 -9.07 -0.70
C ILE A 66 7.69 -9.96 -0.69
N ASN A 67 8.59 -9.76 -1.65
CA ASN A 67 9.75 -10.59 -1.82
C ASN A 67 10.74 -10.35 -0.70
N ALA A 68 10.76 -9.14 -0.10
CA ALA A 68 11.74 -8.69 0.88
C ALA A 68 11.49 -7.21 1.24
N ILE A 69 12.22 -6.67 2.22
CA ILE A 69 12.15 -5.26 2.62
C ILE A 69 13.57 -4.77 2.86
N THR A 70 13.87 -3.57 2.37
CA THR A 70 15.12 -2.87 2.60
C THR A 70 14.76 -1.44 3.01
N PRO A 71 15.18 -0.96 4.19
CA PRO A 71 15.06 0.44 4.57
C PRO A 71 15.94 1.28 3.64
N VAL A 72 15.37 2.39 3.18
CA VAL A 72 16.01 3.31 2.28
C VAL A 72 16.38 4.50 3.16
N GLY A 73 17.68 4.66 3.39
CA GLY A 73 18.20 5.56 4.40
C GLY A 73 17.62 5.18 5.77
N ASN A 74 16.93 6.13 6.38
CA ASN A 74 16.31 6.11 7.72
C ASN A 74 14.83 6.49 7.65
N TYR A 75 14.29 6.68 6.45
CA TYR A 75 13.14 7.54 6.20
C TYR A 75 12.10 6.92 5.28
N ALA A 76 12.33 5.68 4.82
CA ALA A 76 11.49 4.93 3.92
C ALA A 76 11.88 3.45 3.93
N VAL A 77 11.10 2.61 3.25
CA VAL A 77 11.46 1.24 2.89
C VAL A 77 11.14 0.99 1.41
N LYS A 78 11.88 0.05 0.84
CA LYS A 78 11.69 -0.60 -0.44
C LYS A 78 10.88 -1.85 -0.13
N LEU A 79 9.65 -1.96 -0.64
CA LEU A 79 8.88 -3.21 -0.58
C LEU A 79 8.88 -3.72 -2.00
N VAL A 80 9.54 -4.85 -2.16
CA VAL A 80 9.74 -5.50 -3.44
C VAL A 80 8.69 -6.61 -3.59
N PHE A 81 8.40 -7.08 -4.80
CA PHE A 81 7.27 -7.99 -5.02
C PHE A 81 7.71 -9.28 -5.72
N ASP A 82 6.96 -10.36 -5.50
CA ASP A 82 7.20 -11.69 -6.08
C ASP A 82 6.46 -11.92 -7.39
N ASP A 83 5.74 -10.91 -7.87
CA ASP A 83 5.02 -10.91 -9.14
C ASP A 83 6.01 -10.97 -10.32
N GLY A 84 7.16 -10.27 -10.21
CA GLY A 84 8.22 -10.38 -11.21
C GLY A 84 9.39 -9.40 -11.05
N HIS A 85 9.18 -8.21 -10.48
CA HIS A 85 10.18 -7.13 -10.38
C HIS A 85 10.13 -6.53 -8.97
N ASP A 86 11.16 -5.79 -8.55
CA ASP A 86 11.16 -5.19 -7.22
C ASP A 86 10.34 -3.90 -7.15
N THR A 87 10.92 -2.76 -7.47
CA THR A 87 10.30 -1.49 -7.77
C THR A 87 9.12 -1.08 -6.86
N GLY A 88 9.40 -0.76 -5.60
CA GLY A 88 8.48 0.07 -4.84
C GLY A 88 9.24 0.77 -3.73
N LEU A 89 8.84 1.98 -3.36
CA LEU A 89 9.51 2.83 -2.38
C LEU A 89 8.48 3.66 -1.63
N TYR A 90 8.52 3.65 -0.30
CA TYR A 90 7.41 4.14 0.54
C TYR A 90 7.99 4.88 1.75
N SER A 91 7.61 6.15 1.93
CA SER A 91 8.02 7.00 3.06
C SER A 91 7.05 6.83 4.21
N TRP A 92 7.50 6.99 5.47
CA TRP A 92 6.67 6.76 6.65
C TRP A 92 5.31 7.46 6.60
N LYS A 93 5.24 8.65 6.01
CA LYS A 93 4.00 9.37 5.78
C LYS A 93 3.07 8.59 4.85
N VAL A 94 3.58 8.10 3.72
CA VAL A 94 2.81 7.35 2.73
C VAL A 94 2.16 6.14 3.39
N LEU A 95 2.94 5.39 4.16
CA LEU A 95 2.48 4.18 4.80
C LEU A 95 1.30 4.49 5.72
N TYR A 96 1.37 5.59 6.49
CA TYR A 96 0.28 6.01 7.35
C TYR A 96 -0.92 6.41 6.51
N ASP A 97 -0.73 7.28 5.52
CA ASP A 97 -1.81 7.90 4.76
C ASP A 97 -2.70 6.86 4.09
N LEU A 98 -2.08 5.85 3.49
CA LEU A 98 -2.75 4.72 2.88
C LEU A 98 -3.65 4.06 3.90
N ALA A 99 -3.12 3.68 5.06
CA ALA A 99 -3.88 2.98 6.07
C ALA A 99 -4.98 3.86 6.67
N SER A 100 -4.73 5.16 6.86
CA SER A 100 -5.75 6.11 7.31
C SER A 100 -6.99 6.11 6.40
N ASN A 101 -6.86 5.67 5.14
CA ASN A 101 -7.86 5.80 4.10
C ASN A 101 -8.16 4.48 3.39
N GLN A 102 -7.68 3.33 3.85
CA GLN A 102 -7.45 2.21 2.94
C GLN A 102 -8.75 1.65 2.38
N VAL A 103 -9.83 1.79 3.14
CA VAL A 103 -11.22 1.45 2.85
C VAL A 103 -11.77 2.27 1.69
N ASP A 104 -11.46 3.55 1.75
CA ASP A 104 -12.12 4.63 1.04
C ASP A 104 -11.49 4.83 -0.30
N LEU A 105 -10.17 4.91 -0.24
CA LEU A 105 -9.29 4.99 -1.37
C LEU A 105 -9.59 3.77 -2.26
N TRP A 106 -9.88 2.62 -1.64
CA TRP A 106 -10.14 1.37 -2.36
C TRP A 106 -11.52 1.38 -3.02
N GLU A 107 -12.48 1.99 -2.38
CA GLU A 107 -13.88 1.98 -2.83
C GLU A 107 -14.00 2.68 -4.19
N ASN A 108 -13.42 3.88 -4.26
CA ASN A 108 -13.28 4.65 -5.47
C ASN A 108 -12.56 3.84 -6.57
N TYR A 109 -11.60 2.98 -6.22
CA TYR A 109 -11.00 2.07 -7.20
C TYR A 109 -12.02 1.07 -7.70
N LEU A 110 -12.73 0.36 -6.83
CA LEU A 110 -13.75 -0.61 -7.23
C LEU A 110 -14.83 -0.04 -8.14
N ALA A 111 -14.98 1.28 -8.16
CA ALA A 111 -15.69 2.01 -9.18
C ALA A 111 -14.80 2.24 -10.42
N ARG A 112 -13.78 3.12 -10.37
CA ARG A 112 -13.01 3.56 -11.54
C ARG A 112 -12.49 2.39 -12.39
N LEU A 113 -12.13 1.31 -11.71
CA LEU A 113 -11.69 0.03 -12.24
C LEU A 113 -12.62 -0.39 -13.35
N ARG A 114 -13.84 -0.76 -12.96
CA ARG A 114 -14.73 -1.43 -13.84
C ARG A 114 -15.56 -0.45 -14.65
N ALA A 115 -15.68 0.77 -14.14
CA ALA A 115 -16.15 1.93 -14.86
C ALA A 115 -15.19 2.32 -15.98
N ALA A 116 -14.01 1.68 -16.09
CA ALA A 116 -13.27 1.75 -17.31
C ALA A 116 -13.51 0.40 -17.95
N LYS A 117 -12.65 -0.57 -17.65
CA LYS A 117 -12.35 -1.79 -18.41
C LYS A 117 -11.50 -2.78 -17.62
N ALA A 118 -11.16 -2.47 -16.38
CA ALA A 118 -10.12 -3.18 -15.66
C ALA A 118 -10.67 -4.39 -14.92
N SER A 119 -9.89 -5.47 -14.91
CA SER A 119 -10.31 -6.75 -14.36
C SER A 119 -10.29 -6.77 -12.83
N ARG A 120 -11.20 -7.54 -12.23
CA ARG A 120 -11.45 -7.59 -10.80
C ARG A 120 -10.98 -8.97 -10.31
N GLU A 121 -9.68 -9.24 -10.47
CA GLU A 121 -8.96 -10.39 -9.90
C GLU A 121 -9.23 -10.48 -8.38
N PRO A 122 -8.96 -11.62 -7.72
CA PRO A 122 -9.27 -11.77 -6.31
C PRO A 122 -8.27 -10.99 -5.46
N LEU A 123 -8.74 -10.37 -4.36
CA LEU A 123 -7.91 -9.65 -3.40
C LEU A 123 -8.47 -9.63 -1.97
N ILE A 124 -9.65 -10.21 -1.75
CA ILE A 124 -10.37 -10.16 -0.49
C ILE A 124 -9.54 -10.86 0.58
N ASP A 125 -9.68 -10.46 1.84
CA ASP A 125 -9.08 -11.12 3.00
C ASP A 125 -10.17 -11.51 3.98
N MET A 126 -9.84 -12.44 4.88
CA MET A 126 -10.75 -13.00 5.85
C MET A 126 -10.60 -12.34 7.23
N ALA A 127 -9.78 -11.29 7.39
CA ALA A 127 -9.57 -10.60 8.66
C ALA A 127 -9.66 -9.08 8.49
N VAL A 128 -10.89 -8.55 8.53
CA VAL A 128 -11.16 -7.11 8.61
C VAL A 128 -12.05 -6.88 9.83
N LYS A 129 -11.87 -5.76 10.52
CA LYS A 129 -12.65 -5.38 11.70
C LYS A 129 -13.22 -3.98 11.47
N TYR A 130 -14.50 -3.92 11.11
CA TYR A 130 -15.21 -2.65 11.03
C TYR A 130 -15.73 -2.31 12.41
N HIS A 131 -15.15 -1.28 13.03
CA HIS A 131 -15.67 -0.61 14.22
C HIS A 131 -15.29 0.87 14.15
N THR A 132 -15.68 1.63 15.17
CA THR A 132 -15.38 3.05 15.36
C THR A 132 -15.69 3.83 14.08
N GLY A 1 -5.35 27.00 9.06
CA GLY A 1 -5.31 26.02 7.99
C GLY A 1 -4.08 25.14 8.11
N MET A 2 -4.18 23.89 7.64
CA MET A 2 -3.05 22.98 7.64
C MET A 2 -2.14 23.28 6.44
N THR A 3 -0.91 22.83 6.52
CA THR A 3 0.09 22.91 5.46
C THR A 3 0.81 21.56 5.36
N PRO A 4 1.44 21.24 4.22
CA PRO A 4 2.14 19.98 4.06
C PRO A 4 3.36 19.97 4.97
N GLN A 5 3.51 18.92 5.76
CA GLN A 5 4.68 18.63 6.57
C GLN A 5 4.76 17.12 6.71
N SER A 6 5.99 16.59 6.73
CA SER A 6 6.28 15.17 6.81
C SER A 6 6.46 14.70 8.26
N ASP A 7 5.76 15.37 9.17
CA ASP A 7 5.98 15.37 10.62
C ASP A 7 5.29 14.19 11.30
N THR A 8 5.05 13.14 10.53
CA THR A 8 4.62 11.83 10.96
C THR A 8 5.74 11.15 11.78
N PRO A 9 5.40 10.11 12.57
CA PRO A 9 6.35 9.24 13.25
C PRO A 9 7.22 8.46 12.26
N LYS A 10 8.24 7.76 12.78
CA LYS A 10 9.07 6.83 12.01
C LYS A 10 8.76 5.39 12.42
N VAL A 11 8.81 4.49 11.45
CA VAL A 11 8.57 3.07 11.67
C VAL A 11 9.79 2.47 12.35
N THR A 12 9.56 1.64 13.36
CA THR A 12 10.57 0.91 14.12
C THR A 12 10.24 -0.61 14.09
N GLY A 13 9.11 -1.04 13.51
CA GLY A 13 8.67 -2.42 13.52
C GLY A 13 7.88 -2.76 12.27
N LEU A 14 8.16 -3.95 11.70
CA LEU A 14 7.63 -4.43 10.44
C LEU A 14 7.39 -5.94 10.57
N LYS A 15 6.32 -6.45 9.96
CA LYS A 15 6.03 -7.89 9.86
C LYS A 15 5.19 -8.10 8.62
N LEU A 16 5.22 -9.32 8.10
CA LEU A 16 4.24 -9.75 7.14
C LEU A 16 3.45 -10.94 7.66
N LYS A 17 2.32 -11.17 7.02
CA LYS A 17 1.42 -12.28 7.25
C LYS A 17 1.06 -12.83 5.88
N ARG A 18 1.90 -13.73 5.35
CA ARG A 18 1.66 -14.35 4.04
C ARG A 18 0.27 -14.96 3.94
N LYS A 19 -0.24 -15.46 5.08
CA LYS A 19 -1.52 -16.08 5.30
C LYS A 19 -2.68 -15.35 4.63
N SER A 20 -2.78 -14.04 4.84
CA SER A 20 -3.77 -13.18 4.19
C SER A 20 -3.05 -11.99 3.57
N ARG A 21 -1.86 -12.28 3.01
CA ARG A 21 -1.03 -11.45 2.15
C ARG A 21 -0.86 -9.99 2.58
N GLN A 22 -0.77 -9.75 3.88
CA GLN A 22 -0.78 -8.42 4.44
C GLN A 22 0.56 -8.11 5.11
N LEU A 23 0.80 -6.81 5.30
CA LEU A 23 2.01 -6.23 5.86
C LEU A 23 1.67 -5.30 7.00
N GLU A 24 2.32 -5.51 8.13
CA GLU A 24 2.09 -4.83 9.41
C GLU A 24 3.14 -3.75 9.60
N ILE A 25 2.76 -2.66 10.25
CA ILE A 25 3.51 -1.44 10.46
C ILE A 25 3.29 -1.06 11.92
N SER A 26 4.32 -0.55 12.58
CA SER A 26 4.23 0.04 13.90
C SER A 26 4.85 1.43 13.82
N PHE A 27 4.42 2.28 14.75
CA PHE A 27 4.92 3.64 14.88
C PHE A 27 5.38 3.96 16.29
N ASP A 28 6.46 4.74 16.37
CA ASP A 28 7.25 4.93 17.60
C ASP A 28 6.47 5.78 18.62
N ASN A 29 5.39 6.43 18.18
CA ASN A 29 4.48 7.26 18.97
C ASN A 29 3.30 6.49 19.58
N GLY A 30 3.15 5.19 19.26
CA GLY A 30 2.07 4.36 19.79
C GLY A 30 0.90 4.24 18.81
N GLN A 31 1.17 3.81 17.57
CA GLN A 31 0.16 3.35 16.63
C GLN A 31 0.65 2.04 15.99
N GLN A 32 -0.25 1.27 15.37
CA GLN A 32 0.01 -0.05 14.80
C GLN A 32 -1.11 -0.41 13.82
N PHE A 33 -0.78 -0.69 12.56
CA PHE A 33 -1.76 -0.96 11.50
C PHE A 33 -1.20 -1.96 10.49
N THR A 34 -1.96 -2.28 9.44
CA THR A 34 -1.61 -3.29 8.45
C THR A 34 -2.23 -2.91 7.11
N LEU A 35 -1.58 -3.27 5.99
CA LEU A 35 -2.00 -3.02 4.61
C LEU A 35 -1.73 -4.22 3.70
N SER A 36 -2.45 -4.32 2.58
CA SER A 36 -2.46 -5.44 1.66
C SER A 36 -1.43 -5.26 0.54
N CYS A 37 -0.84 -6.35 0.04
CA CYS A 37 0.04 -6.26 -1.14
C CYS A 37 -0.70 -5.73 -2.37
N GLU A 38 -2.00 -5.99 -2.46
CA GLU A 38 -2.86 -5.43 -3.49
C GLU A 38 -2.86 -3.90 -3.39
N LEU A 39 -3.36 -3.33 -2.28
CA LEU A 39 -3.44 -1.88 -2.09
C LEU A 39 -2.09 -1.22 -2.28
N LEU A 40 -1.01 -1.82 -1.75
CA LEU A 40 0.36 -1.35 -1.95
C LEU A 40 0.68 -1.15 -3.44
N ARG A 41 0.24 -2.05 -4.33
CA ARG A 41 0.55 -1.91 -5.76
C ARG A 41 -0.38 -0.97 -6.49
N VAL A 42 -1.69 -1.00 -6.19
CA VAL A 42 -2.61 -0.11 -6.89
C VAL A 42 -2.26 1.31 -6.50
N TYR A 43 -1.97 1.57 -5.22
CA TYR A 43 -1.68 2.88 -4.69
C TYR A 43 -0.18 2.96 -4.42
N SER A 44 0.65 2.89 -5.46
CA SER A 44 2.09 3.07 -5.35
C SER A 44 2.44 4.50 -4.90
N PRO A 45 3.62 4.69 -4.26
CA PRO A 45 4.10 6.01 -3.86
C PRO A 45 4.57 6.81 -5.07
N SER A 46 5.03 6.14 -6.13
CA SER A 46 5.45 6.75 -7.37
C SER A 46 5.08 5.75 -8.46
N ALA A 47 4.01 6.02 -9.22
CA ALA A 47 3.79 5.28 -10.45
C ALA A 47 4.39 6.10 -11.59
N GLU A 48 3.66 7.05 -12.18
CA GLU A 48 4.10 7.83 -13.33
C GLU A 48 3.74 9.30 -13.18
N VAL A 49 3.58 9.73 -11.93
CA VAL A 49 3.24 11.09 -11.54
C VAL A 49 4.42 11.99 -11.86
N HIS A 50 5.64 11.47 -11.68
CA HIS A 50 6.92 12.14 -11.79
C HIS A 50 6.85 13.52 -11.13
N GLY A 51 6.39 13.52 -9.87
CA GLY A 51 6.13 14.71 -9.10
C GLY A 51 4.78 15.33 -9.46
N HIS A 52 4.65 15.93 -10.65
CA HIS A 52 3.58 16.86 -10.96
C HIS A 52 2.66 16.24 -12.01
N GLY A 53 1.68 15.47 -11.59
CA GLY A 53 0.93 14.67 -12.53
C GLY A 53 -0.13 13.89 -11.77
N ASN A 54 -0.75 12.88 -12.39
CA ASN A 54 -1.80 12.12 -11.73
C ASN A 54 -1.58 10.60 -11.95
N PRO A 55 -2.22 9.75 -11.13
CA PRO A 55 -1.94 8.32 -11.09
C PRO A 55 -2.64 7.55 -12.21
N VAL A 56 -2.15 6.34 -12.46
CA VAL A 56 -2.63 5.44 -13.49
C VAL A 56 -3.93 4.77 -13.03
N LEU A 57 -4.81 4.41 -13.97
CA LEU A 57 -5.92 3.49 -13.75
C LEU A 57 -5.33 2.09 -13.52
N VAL A 58 -5.41 1.62 -12.28
CA VAL A 58 -4.94 0.33 -11.80
C VAL A 58 -6.13 -0.58 -11.57
N THR A 59 -5.85 -1.89 -11.50
CA THR A 59 -6.84 -2.94 -11.45
C THR A 59 -6.80 -3.66 -10.10
N HIS A 60 -7.54 -4.76 -9.93
CA HIS A 60 -7.38 -5.64 -8.79
C HIS A 60 -5.93 -6.18 -8.73
N LYS A 61 -5.53 -6.97 -7.72
CA LYS A 61 -4.23 -7.64 -7.75
C LYS A 61 -4.22 -8.91 -6.88
N LYS A 62 -3.78 -9.98 -7.53
CA LYS A 62 -4.11 -11.37 -7.29
C LYS A 62 -3.54 -11.91 -6.00
N ASN A 63 -2.30 -12.37 -6.08
CA ASN A 63 -1.63 -13.20 -5.09
C ASN A 63 -0.14 -12.81 -5.03
N VAL A 64 0.16 -11.52 -5.16
CA VAL A 64 1.49 -10.95 -5.01
C VAL A 64 2.10 -11.22 -3.63
N ASN A 65 3.03 -12.17 -3.56
CA ASN A 65 3.83 -12.42 -2.36
C ASN A 65 5.03 -11.44 -2.32
N ILE A 66 5.76 -11.41 -1.20
CA ILE A 66 6.93 -10.57 -0.95
C ILE A 66 8.07 -11.50 -0.57
N ASN A 67 9.21 -11.30 -1.23
CA ASN A 67 10.48 -11.92 -0.88
C ASN A 67 11.04 -11.26 0.37
N ALA A 68 11.12 -9.92 0.41
CA ALA A 68 11.97 -9.23 1.38
C ALA A 68 11.55 -7.77 1.56
N ILE A 69 12.25 -7.11 2.49
CA ILE A 69 12.15 -5.69 2.86
C ILE A 69 13.57 -5.17 2.88
N THR A 70 13.78 -3.97 2.33
CA THR A 70 15.07 -3.31 2.36
C THR A 70 14.86 -1.84 2.72
N PRO A 71 15.05 -1.44 3.98
CA PRO A 71 15.01 -0.04 4.36
C PRO A 71 16.06 0.73 3.56
N VAL A 72 15.56 1.63 2.71
CA VAL A 72 16.33 2.59 1.94
C VAL A 72 16.61 3.72 2.92
N GLY A 73 17.90 3.94 3.24
CA GLY A 73 18.35 4.71 4.38
C GLY A 73 17.63 4.28 5.64
N ASN A 74 16.76 5.15 6.12
CA ASN A 74 15.99 5.06 7.36
C ASN A 74 14.60 5.67 7.13
N TYR A 75 14.20 5.83 5.85
CA TYR A 75 13.08 6.70 5.50
C TYR A 75 12.02 6.05 4.62
N ALA A 76 12.25 4.81 4.16
CA ALA A 76 11.33 4.03 3.33
C ALA A 76 11.87 2.61 3.12
N VAL A 77 11.16 1.72 2.44
CA VAL A 77 11.35 0.27 2.53
C VAL A 77 11.05 -0.47 1.21
N LYS A 78 12.10 -0.93 0.55
CA LYS A 78 12.04 -1.60 -0.73
C LYS A 78 11.38 -3.00 -0.62
N LEU A 79 10.09 -3.12 -0.94
CA LEU A 79 9.37 -4.39 -0.94
C LEU A 79 9.71 -5.16 -2.21
N VAL A 80 10.52 -6.20 -2.15
CA VAL A 80 10.73 -7.08 -3.30
C VAL A 80 9.47 -7.95 -3.46
N PHE A 81 8.61 -7.57 -4.39
CA PHE A 81 7.37 -8.27 -4.69
C PHE A 81 7.65 -9.38 -5.70
N ASP A 82 7.31 -10.61 -5.33
CA ASP A 82 7.55 -11.85 -6.11
C ASP A 82 6.63 -11.99 -7.34
N ASP A 83 5.80 -10.99 -7.62
CA ASP A 83 4.84 -10.99 -8.74
C ASP A 83 5.04 -9.76 -9.61
N GLY A 84 5.12 -8.58 -9.00
CA GLY A 84 5.18 -7.34 -9.73
C GLY A 84 6.61 -7.05 -10.16
N HIS A 85 7.31 -6.26 -9.35
CA HIS A 85 8.70 -5.87 -9.50
C HIS A 85 9.12 -5.18 -8.20
N ASP A 86 10.42 -5.00 -8.00
CA ASP A 86 11.12 -4.19 -6.99
C ASP A 86 10.96 -2.70 -7.26
N THR A 87 9.71 -2.29 -7.50
CA THR A 87 9.29 -0.92 -7.29
C THR A 87 8.51 -0.85 -6.00
N GLY A 88 8.72 0.26 -5.30
CA GLY A 88 7.87 0.80 -4.27
C GLY A 88 8.60 0.77 -2.93
N LEU A 89 8.85 1.94 -2.33
CA LEU A 89 9.58 2.01 -1.06
C LEU A 89 8.65 2.27 0.12
N TYR A 90 7.62 3.04 -0.09
CA TYR A 90 6.57 3.44 0.83
C TYR A 90 7.18 4.20 2.01
N SER A 91 7.24 5.53 1.88
CA SER A 91 7.62 6.40 2.98
C SER A 91 6.65 6.20 4.14
N TRP A 92 7.12 6.53 5.33
CA TRP A 92 6.35 6.49 6.56
C TRP A 92 5.04 7.27 6.41
N LYS A 93 5.11 8.46 5.78
CA LYS A 93 3.94 9.32 5.55
C LYS A 93 2.94 8.64 4.61
N VAL A 94 3.43 7.97 3.56
CA VAL A 94 2.59 7.29 2.58
C VAL A 94 1.82 6.17 3.30
N LEU A 95 2.53 5.28 3.98
CA LEU A 95 1.93 4.12 4.62
C LEU A 95 0.85 4.55 5.62
N TYR A 96 1.10 5.63 6.37
CA TYR A 96 0.14 6.18 7.30
C TYR A 96 -1.13 6.59 6.55
N ASP A 97 -1.03 7.47 5.55
CA ASP A 97 -2.20 7.99 4.85
C ASP A 97 -3.05 6.88 4.26
N LEU A 98 -2.40 5.89 3.65
CA LEU A 98 -3.09 4.77 3.03
C LEU A 98 -3.84 3.98 4.11
N ALA A 99 -3.16 3.54 5.17
CA ALA A 99 -3.81 2.80 6.25
C ALA A 99 -4.91 3.60 6.93
N SER A 100 -4.79 4.93 6.99
CA SER A 100 -5.81 5.81 7.53
C SER A 100 -7.09 5.87 6.68
N ASN A 101 -7.06 5.44 5.42
CA ASN A 101 -8.13 5.65 4.42
C ASN A 101 -8.46 4.41 3.58
N GLN A 102 -7.97 3.22 3.94
CA GLN A 102 -7.67 2.19 2.94
C GLN A 102 -8.94 1.60 2.34
N VAL A 103 -10.02 1.60 3.13
CA VAL A 103 -11.34 1.16 2.71
C VAL A 103 -11.82 2.03 1.56
N ASP A 104 -11.94 3.32 1.81
CA ASP A 104 -12.57 4.29 0.92
C ASP A 104 -11.81 4.43 -0.38
N LEU A 105 -10.49 4.48 -0.22
CA LEU A 105 -9.59 4.72 -1.32
C LEU A 105 -9.66 3.51 -2.27
N TRP A 106 -9.85 2.30 -1.72
CA TRP A 106 -10.01 1.08 -2.48
C TRP A 106 -11.35 1.09 -3.22
N GLU A 107 -12.39 1.55 -2.51
CA GLU A 107 -13.76 1.53 -2.98
C GLU A 107 -13.86 2.32 -4.28
N ASN A 108 -13.31 3.54 -4.25
CA ASN A 108 -13.18 4.43 -5.38
C ASN A 108 -12.56 3.76 -6.63
N TYR A 109 -11.68 2.76 -6.51
CA TYR A 109 -11.14 2.06 -7.68
C TYR A 109 -12.11 1.04 -8.23
N LEU A 110 -12.91 0.39 -7.38
CA LEU A 110 -13.94 -0.53 -7.84
C LEU A 110 -15.00 0.24 -8.63
N ALA A 111 -15.21 1.52 -8.31
CA ALA A 111 -15.98 2.46 -9.11
C ALA A 111 -15.25 2.84 -10.41
N ARG A 112 -14.05 3.42 -10.33
CA ARG A 112 -13.30 3.91 -11.50
C ARG A 112 -13.06 2.81 -12.55
N LEU A 113 -13.10 1.54 -12.15
CA LEU A 113 -13.00 0.38 -13.02
C LEU A 113 -14.06 0.47 -14.10
N ARG A 114 -15.35 0.42 -13.75
CA ARG A 114 -16.34 0.42 -14.83
C ARG A 114 -16.49 1.81 -15.48
N ALA A 115 -15.87 2.86 -14.94
CA ALA A 115 -15.75 4.13 -15.64
C ALA A 115 -14.64 4.11 -16.72
N ALA A 116 -13.78 3.08 -16.75
CA ALA A 116 -12.58 3.03 -17.59
C ALA A 116 -12.40 1.70 -18.35
N LYS A 117 -13.25 0.69 -18.10
CA LYS A 117 -13.23 -0.61 -18.79
C LYS A 117 -11.90 -1.35 -18.59
N ALA A 118 -11.24 -1.15 -17.46
CA ALA A 118 -9.98 -1.81 -17.16
C ALA A 118 -10.18 -3.31 -16.90
N SER A 119 -9.10 -4.02 -16.60
CA SER A 119 -9.14 -5.44 -16.25
C SER A 119 -9.88 -5.68 -14.92
N ARG A 120 -9.99 -6.95 -14.53
CA ARG A 120 -10.45 -7.44 -13.25
C ARG A 120 -9.76 -8.79 -13.07
N GLU A 121 -8.58 -8.73 -12.48
CA GLU A 121 -7.79 -9.89 -12.06
C GLU A 121 -8.48 -10.49 -10.78
N PRO A 122 -8.11 -11.72 -10.34
CA PRO A 122 -8.77 -12.49 -9.28
C PRO A 122 -8.42 -12.01 -7.86
N LEU A 123 -9.46 -11.49 -7.20
CA LEU A 123 -9.41 -10.86 -5.87
C LEU A 123 -10.39 -11.40 -4.82
N ILE A 124 -11.25 -12.33 -5.24
CA ILE A 124 -12.33 -12.87 -4.45
C ILE A 124 -11.72 -13.60 -3.25
N ASP A 125 -12.34 -13.44 -2.09
CA ASP A 125 -12.00 -14.13 -0.86
C ASP A 125 -13.24 -14.26 0.01
N MET A 126 -13.25 -15.26 0.88
CA MET A 126 -14.39 -15.59 1.74
C MET A 126 -14.22 -15.11 3.18
N ALA A 127 -13.14 -14.40 3.55
CA ALA A 127 -12.78 -14.13 4.93
C ALA A 127 -12.42 -12.66 5.19
N VAL A 128 -13.34 -11.76 4.85
CA VAL A 128 -13.09 -10.33 4.75
C VAL A 128 -13.92 -9.61 5.81
N LYS A 129 -13.30 -8.64 6.50
CA LYS A 129 -13.81 -8.07 7.75
C LYS A 129 -14.11 -6.58 7.57
N TYR A 130 -15.40 -6.27 7.47
CA TYR A 130 -15.96 -4.92 7.33
C TYR A 130 -15.83 -4.17 8.66
N HIS A 131 -14.94 -3.18 8.75
CA HIS A 131 -14.81 -2.29 9.90
C HIS A 131 -14.03 -1.04 9.53
N THR A 132 -14.05 -0.06 10.42
CA THR A 132 -13.26 1.17 10.46
C THR A 132 -12.94 1.43 11.93
N GLY A 1 -4.65 25.46 1.68
CA GLY A 1 -3.26 25.41 1.22
C GLY A 1 -2.34 25.41 2.41
N MET A 2 -1.48 24.39 2.52
CA MET A 2 -0.64 24.17 3.70
C MET A 2 0.69 23.58 3.22
N THR A 3 1.76 23.79 3.99
CA THR A 3 3.11 23.31 3.69
C THR A 3 3.25 21.81 3.95
N PRO A 4 4.29 21.16 3.41
CA PRO A 4 4.69 19.81 3.80
C PRO A 4 5.30 19.84 5.21
N GLN A 5 4.49 19.52 6.23
CA GLN A 5 4.99 19.07 7.51
C GLN A 5 5.35 17.60 7.35
N SER A 6 6.48 17.22 7.92
CA SER A 6 7.02 15.88 7.98
C SER A 6 7.21 15.42 9.42
N ASP A 7 6.35 15.92 10.30
CA ASP A 7 6.32 15.66 11.74
C ASP A 7 5.57 14.33 11.99
N THR A 8 5.45 13.50 10.98
CA THR A 8 4.92 12.15 11.09
C THR A 8 5.88 11.28 11.96
N PRO A 9 5.35 10.22 12.60
CA PRO A 9 6.13 9.22 13.33
C PRO A 9 6.99 8.36 12.39
N LYS A 10 7.84 7.49 12.94
CA LYS A 10 8.75 6.63 12.16
C LYS A 10 8.47 5.19 12.50
N VAL A 11 8.39 4.34 11.49
CA VAL A 11 8.06 2.93 11.65
C VAL A 11 9.23 2.24 12.35
N THR A 12 8.92 1.31 13.26
CA THR A 12 9.90 0.55 14.02
C THR A 12 9.64 -0.96 13.96
N GLY A 13 8.50 -1.38 13.44
CA GLY A 13 8.15 -2.77 13.15
C GLY A 13 7.45 -2.78 11.81
N LEU A 14 7.88 -3.66 10.92
CA LEU A 14 7.30 -3.92 9.62
C LEU A 14 7.33 -5.43 9.49
N LYS A 15 6.15 -6.07 9.51
CA LYS A 15 6.06 -7.53 9.44
C LYS A 15 4.96 -7.91 8.49
N LEU A 16 4.83 -9.17 8.13
CA LEU A 16 3.88 -9.66 7.18
C LEU A 16 3.66 -11.16 7.32
N LYS A 17 2.60 -11.59 6.65
CA LYS A 17 1.81 -12.76 6.94
C LYS A 17 1.39 -13.41 5.61
N ARG A 18 1.92 -14.59 5.27
CA ARG A 18 1.84 -15.05 3.88
C ARG A 18 0.55 -15.80 3.55
N LYS A 19 -0.21 -16.28 4.53
CA LYS A 19 -1.51 -16.90 4.27
C LYS A 19 -2.59 -15.88 3.89
N SER A 20 -2.37 -14.60 4.17
CA SER A 20 -3.38 -13.55 4.03
C SER A 20 -2.92 -12.43 3.09
N ARG A 21 -1.69 -12.51 2.56
CA ARG A 21 -1.13 -11.48 1.66
C ARG A 21 -1.38 -10.06 2.19
N GLN A 22 -0.83 -9.77 3.36
CA GLN A 22 -1.02 -8.54 4.11
C GLN A 22 0.29 -8.20 4.82
N LEU A 23 0.46 -6.94 5.19
CA LEU A 23 1.67 -6.40 5.80
C LEU A 23 1.28 -5.54 6.99
N GLU A 24 1.95 -5.74 8.10
CA GLU A 24 1.75 -5.06 9.37
C GLU A 24 2.80 -3.98 9.56
N ILE A 25 2.39 -2.89 10.18
CA ILE A 25 3.20 -1.71 10.47
C ILE A 25 2.97 -1.28 11.90
N SER A 26 3.99 -0.66 12.46
CA SER A 26 4.10 -0.41 13.88
C SER A 26 5.00 0.81 14.08
N PHE A 27 4.44 1.87 14.66
CA PHE A 27 5.09 3.16 14.81
C PHE A 27 5.82 3.25 16.15
N ASP A 28 6.84 4.10 16.19
CA ASP A 28 7.55 4.48 17.41
C ASP A 28 6.60 5.07 18.44
N ASN A 29 5.59 5.81 17.99
CA ASN A 29 4.58 6.40 18.87
C ASN A 29 3.63 5.37 19.49
N GLY A 30 3.56 4.14 18.95
CA GLY A 30 2.71 3.07 19.46
C GLY A 30 1.52 2.70 18.57
N GLN A 31 1.06 3.55 17.65
CA GLN A 31 0.03 3.13 16.68
C GLN A 31 0.53 1.95 15.84
N GLN A 32 -0.42 1.14 15.35
CA GLN A 32 -0.15 -0.17 14.73
C GLN A 32 -1.31 -0.51 13.79
N PHE A 33 -1.04 -1.15 12.64
CA PHE A 33 -2.05 -1.46 11.63
C PHE A 33 -1.61 -2.58 10.66
N THR A 34 -2.51 -3.02 9.77
CA THR A 34 -2.20 -3.92 8.66
C THR A 34 -2.75 -3.31 7.36
N LEU A 35 -2.06 -3.49 6.23
CA LEU A 35 -2.51 -3.20 4.87
C LEU A 35 -2.47 -4.47 4.00
N SER A 36 -3.20 -4.47 2.89
CA SER A 36 -3.19 -5.53 1.87
C SER A 36 -2.00 -5.36 0.93
N CYS A 37 -1.44 -6.47 0.40
CA CYS A 37 -0.40 -6.35 -0.62
C CYS A 37 -0.92 -5.71 -1.91
N GLU A 38 -2.19 -5.95 -2.23
CA GLU A 38 -2.85 -5.38 -3.41
C GLU A 38 -2.78 -3.86 -3.35
N LEU A 39 -3.32 -3.25 -2.28
CA LEU A 39 -3.41 -1.80 -2.13
C LEU A 39 -2.01 -1.17 -2.28
N LEU A 40 -1.01 -1.80 -1.66
CA LEU A 40 0.40 -1.43 -1.73
C LEU A 40 0.97 -1.34 -3.15
N ARG A 41 0.44 -2.09 -4.13
CA ARG A 41 0.95 -2.07 -5.51
C ARG A 41 0.13 -1.09 -6.35
N VAL A 42 -1.20 -1.06 -6.18
CA VAL A 42 -2.06 -0.15 -6.94
C VAL A 42 -1.73 1.30 -6.54
N TYR A 43 -1.65 1.62 -5.23
CA TYR A 43 -1.09 2.87 -4.73
C TYR A 43 0.40 2.68 -4.59
N SER A 44 1.10 2.63 -5.72
CA SER A 44 2.52 2.86 -5.72
C SER A 44 2.76 4.39 -5.59
N PRO A 45 3.80 4.84 -4.87
CA PRO A 45 4.02 6.27 -4.61
C PRO A 45 4.82 7.00 -5.69
N SER A 46 5.33 6.28 -6.69
CA SER A 46 6.01 6.81 -7.86
C SER A 46 5.19 6.36 -9.06
N ALA A 47 4.10 7.10 -9.31
CA ALA A 47 3.20 6.90 -10.43
C ALA A 47 2.70 8.27 -10.91
N GLU A 48 2.10 9.05 -10.02
CA GLU A 48 1.64 10.42 -10.26
C GLU A 48 2.82 11.40 -10.14
N VAL A 49 3.94 11.00 -10.76
CA VAL A 49 5.17 11.77 -10.85
C VAL A 49 4.93 13.02 -11.70
N HIS A 50 3.97 12.95 -12.64
CA HIS A 50 3.40 14.01 -13.45
C HIS A 50 4.30 14.50 -14.58
N GLY A 51 5.59 14.21 -14.53
CA GLY A 51 6.55 14.35 -15.61
C GLY A 51 7.60 13.27 -15.44
N HIS A 52 8.37 13.01 -16.50
CA HIS A 52 9.33 11.91 -16.64
C HIS A 52 8.76 10.49 -16.46
N GLY A 53 7.60 10.31 -15.83
CA GLY A 53 6.80 9.10 -15.69
C GLY A 53 5.35 9.53 -15.59
N ASN A 54 4.41 8.71 -16.07
CA ASN A 54 2.98 9.01 -16.09
C ASN A 54 2.22 7.82 -15.49
N PRO A 55 1.13 8.07 -14.75
CA PRO A 55 0.44 7.03 -14.01
C PRO A 55 -0.32 6.08 -14.94
N VAL A 56 -0.44 4.83 -14.49
CA VAL A 56 -1.13 3.75 -15.19
C VAL A 56 -2.25 3.22 -14.31
N LEU A 57 -3.39 2.94 -14.92
CA LEU A 57 -4.53 2.35 -14.23
C LEU A 57 -4.15 0.92 -13.86
N VAL A 58 -4.74 0.42 -12.78
CA VAL A 58 -4.59 -0.93 -12.28
C VAL A 58 -5.95 -1.59 -12.09
N THR A 59 -5.92 -2.91 -11.94
CA THR A 59 -7.02 -3.83 -11.70
C THR A 59 -6.81 -4.45 -10.33
N HIS A 60 -7.71 -5.35 -9.90
CA HIS A 60 -7.45 -6.16 -8.70
C HIS A 60 -6.16 -6.96 -8.92
N LYS A 61 -5.53 -7.42 -7.83
CA LYS A 61 -4.25 -8.10 -7.89
C LYS A 61 -4.31 -9.43 -7.14
N LYS A 62 -4.26 -10.51 -7.91
CA LYS A 62 -4.57 -11.90 -7.53
C LYS A 62 -3.99 -12.35 -6.20
N ASN A 63 -2.75 -12.83 -6.11
CA ASN A 63 -2.16 -13.36 -4.88
C ASN A 63 -0.76 -12.78 -4.80
N VAL A 64 -0.66 -11.51 -4.40
CA VAL A 64 0.58 -10.75 -4.37
C VAL A 64 1.29 -10.97 -3.03
N ASN A 65 2.55 -11.43 -3.03
CA ASN A 65 3.38 -11.50 -1.84
C ASN A 65 4.66 -10.65 -1.97
N ILE A 66 5.23 -10.31 -0.82
CA ILE A 66 6.48 -9.62 -0.57
C ILE A 66 7.54 -10.67 -0.28
N ASN A 67 8.46 -10.82 -1.22
CA ASN A 67 9.71 -11.52 -1.11
C ASN A 67 10.54 -10.90 0.00
N ALA A 68 10.58 -9.56 0.08
CA ALA A 68 11.59 -8.88 0.88
C ALA A 68 11.25 -7.41 1.09
N ILE A 69 11.90 -6.83 2.08
CA ILE A 69 11.91 -5.41 2.38
C ILE A 69 13.38 -5.02 2.51
N THR A 70 13.71 -3.81 2.07
CA THR A 70 15.00 -3.19 2.27
C THR A 70 14.75 -1.78 2.82
N PRO A 71 15.22 -1.45 4.03
CA PRO A 71 15.21 -0.07 4.52
C PRO A 71 16.20 0.76 3.70
N VAL A 72 15.87 2.04 3.54
CA VAL A 72 16.62 2.98 2.72
C VAL A 72 16.78 4.23 3.57
N GLY A 73 18.01 4.70 3.74
CA GLY A 73 18.35 5.91 4.48
C GLY A 73 17.95 5.88 5.95
N ASN A 74 17.62 4.71 6.51
CA ASN A 74 16.98 4.54 7.81
C ASN A 74 15.64 5.29 7.93
N TYR A 75 15.01 5.67 6.81
CA TYR A 75 13.87 6.59 6.80
C TYR A 75 12.79 6.28 5.77
N ALA A 76 12.85 5.13 5.11
CA ALA A 76 11.88 4.62 4.15
C ALA A 76 12.16 3.13 3.99
N VAL A 77 11.30 2.42 3.26
CA VAL A 77 11.56 1.05 2.83
C VAL A 77 11.24 0.85 1.37
N LYS A 78 11.93 -0.10 0.76
CA LYS A 78 11.67 -0.70 -0.54
C LYS A 78 10.81 -1.91 -0.23
N LEU A 79 9.61 -2.00 -0.79
CA LEU A 79 8.74 -3.17 -0.72
C LEU A 79 8.81 -3.82 -2.09
N VAL A 80 9.19 -5.10 -2.13
CA VAL A 80 9.33 -5.88 -3.35
C VAL A 80 8.02 -6.62 -3.60
N PHE A 81 7.61 -6.83 -4.85
CA PHE A 81 6.38 -7.54 -5.17
C PHE A 81 6.65 -8.68 -6.15
N ASP A 82 5.91 -9.78 -5.98
CA ASP A 82 6.19 -11.05 -6.65
C ASP A 82 5.95 -10.98 -8.17
N ASP A 83 5.21 -9.95 -8.61
CA ASP A 83 4.98 -9.58 -10.00
C ASP A 83 6.30 -9.17 -10.69
N GLY A 84 7.32 -8.82 -9.90
CA GLY A 84 8.69 -8.64 -10.34
C GLY A 84 9.07 -7.17 -10.51
N HIS A 85 8.72 -6.33 -9.53
CA HIS A 85 9.09 -4.92 -9.47
C HIS A 85 9.55 -4.63 -8.04
N ASP A 86 10.63 -3.83 -7.89
CA ASP A 86 11.24 -3.53 -6.60
C ASP A 86 11.46 -2.03 -6.41
N THR A 87 11.65 -1.25 -7.47
CA THR A 87 11.74 0.19 -7.37
C THR A 87 10.33 0.70 -7.06
N GLY A 88 10.13 1.24 -5.85
CA GLY A 88 8.82 1.69 -5.41
C GLY A 88 8.92 2.77 -4.36
N LEU A 89 9.66 2.47 -3.29
CA LEU A 89 10.17 3.29 -2.20
C LEU A 89 9.06 4.01 -1.42
N TYR A 90 8.86 3.58 -0.19
CA TYR A 90 7.65 3.72 0.62
C TYR A 90 8.02 4.49 1.91
N SER A 91 7.62 5.76 1.97
CA SER A 91 7.83 6.70 3.08
C SER A 91 6.73 6.58 4.13
N TRP A 92 7.06 6.64 5.42
CA TRP A 92 6.19 6.44 6.57
C TRP A 92 4.85 7.19 6.45
N LYS A 93 4.91 8.46 6.04
CA LYS A 93 3.71 9.28 5.81
C LYS A 93 2.78 8.61 4.81
N VAL A 94 3.34 8.06 3.74
CA VAL A 94 2.51 7.41 2.71
C VAL A 94 1.80 6.21 3.31
N LEU A 95 2.52 5.33 4.03
CA LEU A 95 1.92 4.10 4.55
C LEU A 95 0.80 4.44 5.54
N TYR A 96 1.02 5.45 6.39
CA TYR A 96 0.09 5.92 7.42
C TYR A 96 -1.17 6.55 6.80
N ASP A 97 -1.05 7.19 5.64
CA ASP A 97 -2.19 7.71 4.90
C ASP A 97 -3.09 6.57 4.45
N LEU A 98 -2.53 5.69 3.62
CA LEU A 98 -3.20 4.56 3.02
C LEU A 98 -3.82 3.70 4.11
N ALA A 99 -3.09 3.42 5.19
CA ALA A 99 -3.57 2.59 6.31
C ALA A 99 -4.83 3.18 6.91
N SER A 100 -4.78 4.46 7.34
CA SER A 100 -5.93 5.15 7.91
C SER A 100 -7.12 5.19 6.96
N ASN A 101 -6.87 5.01 5.66
CA ASN A 101 -7.82 5.27 4.58
C ASN A 101 -7.98 4.07 3.64
N GLN A 102 -7.80 2.84 4.13
CA GLN A 102 -7.51 1.74 3.24
C GLN A 102 -8.78 1.23 2.54
N VAL A 103 -9.93 1.73 2.98
CA VAL A 103 -11.23 1.42 2.43
C VAL A 103 -11.53 2.44 1.34
N ASP A 104 -11.35 3.73 1.63
CA ASP A 104 -11.62 4.83 0.70
C ASP A 104 -10.69 4.79 -0.50
N LEU A 105 -9.40 4.59 -0.23
CA LEU A 105 -8.35 4.50 -1.24
C LEU A 105 -8.69 3.36 -2.19
N TRP A 106 -9.04 2.21 -1.63
CA TRP A 106 -9.48 1.06 -2.41
C TRP A 106 -10.69 1.45 -3.23
N GLU A 107 -11.75 1.98 -2.62
CA GLU A 107 -13.00 2.38 -3.25
C GLU A 107 -12.77 3.17 -4.55
N ASN A 108 -11.84 4.13 -4.49
CA ASN A 108 -11.42 4.91 -5.64
C ASN A 108 -11.06 4.07 -6.87
N TYR A 109 -10.59 2.82 -6.73
CA TYR A 109 -10.27 1.97 -7.88
C TYR A 109 -11.51 1.28 -8.36
N LEU A 110 -12.36 0.74 -7.47
CA LEU A 110 -13.56 0.01 -7.88
C LEU A 110 -14.42 0.88 -8.81
N ALA A 111 -14.45 2.18 -8.53
CA ALA A 111 -15.01 3.20 -9.39
C ALA A 111 -14.32 3.22 -10.76
N ARG A 112 -13.03 3.60 -10.82
CA ARG A 112 -12.29 3.77 -12.08
C ARG A 112 -12.35 2.49 -12.91
N LEU A 113 -12.11 1.34 -12.28
CA LEU A 113 -12.15 -0.01 -12.83
C LEU A 113 -13.44 -0.17 -13.62
N ARG A 114 -14.59 0.09 -13.00
CA ARG A 114 -15.86 -0.08 -13.68
C ARG A 114 -16.04 0.90 -14.83
N ALA A 115 -15.59 2.14 -14.71
CA ALA A 115 -15.67 3.14 -15.78
C ALA A 115 -14.65 2.87 -16.91
N ALA A 116 -13.67 2.01 -16.65
CA ALA A 116 -12.62 1.58 -17.57
C ALA A 116 -12.87 0.15 -18.05
N LYS A 117 -13.97 -0.48 -17.59
CA LYS A 117 -14.39 -1.83 -17.94
C LYS A 117 -13.30 -2.88 -17.71
N ALA A 118 -12.33 -2.63 -16.82
CA ALA A 118 -11.15 -3.47 -16.68
C ALA A 118 -11.45 -4.75 -15.89
N SER A 119 -10.42 -5.58 -15.69
CA SER A 119 -10.52 -6.92 -15.10
C SER A 119 -10.73 -6.89 -13.56
N ARG A 120 -11.29 -7.97 -13.00
CA ARG A 120 -11.66 -8.15 -11.60
C ARG A 120 -11.05 -9.45 -11.08
N GLU A 121 -9.75 -9.46 -10.85
CA GLU A 121 -8.97 -10.55 -10.23
C GLU A 121 -9.46 -10.85 -8.79
N PRO A 122 -9.08 -11.99 -8.19
CA PRO A 122 -9.58 -12.41 -6.88
C PRO A 122 -8.89 -11.69 -5.72
N LEU A 123 -9.67 -10.95 -4.94
CA LEU A 123 -9.21 -10.06 -3.88
C LEU A 123 -9.97 -10.17 -2.57
N ILE A 124 -10.94 -11.08 -2.49
CA ILE A 124 -11.80 -11.19 -1.34
C ILE A 124 -10.95 -11.65 -0.17
N ASP A 125 -11.26 -11.13 1.00
CA ASP A 125 -10.71 -11.46 2.31
C ASP A 125 -11.91 -11.63 3.23
N MET A 126 -11.96 -12.74 3.97
CA MET A 126 -13.08 -13.14 4.80
C MET A 126 -12.62 -13.33 6.25
N ALA A 127 -11.55 -12.63 6.65
CA ALA A 127 -10.90 -12.72 7.95
C ALA A 127 -10.54 -11.33 8.48
N VAL A 128 -11.55 -10.48 8.63
CA VAL A 128 -11.47 -9.18 9.28
C VAL A 128 -12.00 -9.32 10.72
N LYS A 129 -11.50 -8.52 11.66
CA LYS A 129 -12.07 -8.27 12.99
C LYS A 129 -11.62 -6.89 13.49
N TYR A 130 -12.39 -5.85 13.21
CA TYR A 130 -12.18 -4.53 13.79
C TYR A 130 -12.47 -4.56 15.30
N HIS A 131 -11.55 -4.12 16.16
CA HIS A 131 -11.85 -3.81 17.56
C HIS A 131 -10.76 -2.92 18.15
N THR A 132 -11.03 -2.37 19.34
CA THR A 132 -10.03 -1.98 20.32
C THR A 132 -10.22 -2.96 21.47
N GLY A 1 -3.58 23.30 11.08
CA GLY A 1 -4.06 22.51 9.95
C GLY A 1 -2.93 21.68 9.38
N MET A 2 -2.54 21.99 8.15
CA MET A 2 -1.56 21.28 7.35
C MET A 2 -0.59 22.32 6.81
N THR A 3 0.69 22.12 7.09
CA THR A 3 1.81 22.97 6.70
C THR A 3 2.92 22.03 6.23
N PRO A 4 3.86 22.47 5.38
CA PRO A 4 4.94 21.61 4.91
C PRO A 4 5.81 21.22 6.10
N GLN A 5 5.55 20.03 6.63
CA GLN A 5 6.10 19.44 7.84
C GLN A 5 6.16 17.92 7.61
N SER A 6 6.94 17.23 8.44
CA SER A 6 7.27 15.82 8.29
C SER A 6 7.22 15.12 9.64
N ASP A 7 6.33 15.58 10.50
CA ASP A 7 6.36 15.37 11.95
C ASP A 7 5.70 14.04 12.36
N THR A 8 5.46 13.19 11.37
CA THR A 8 4.89 11.86 11.53
C THR A 8 5.81 10.99 12.39
N PRO A 9 5.25 9.98 13.08
CA PRO A 9 6.00 8.94 13.74
C PRO A 9 6.80 8.10 12.73
N LYS A 10 7.73 7.28 13.24
CA LYS A 10 8.55 6.37 12.44
C LYS A 10 8.02 4.96 12.58
N VAL A 11 7.98 4.21 11.49
CA VAL A 11 7.47 2.85 11.48
C VAL A 11 8.53 1.93 12.09
N THR A 12 8.11 1.00 12.95
CA THR A 12 8.97 -0.02 13.56
C THR A 12 8.42 -1.44 13.33
N GLY A 13 7.28 -1.54 12.64
CA GLY A 13 6.36 -2.66 12.73
C GLY A 13 6.30 -3.56 11.52
N LEU A 14 6.86 -3.12 10.40
CA LEU A 14 6.75 -3.70 9.06
C LEU A 14 6.99 -5.22 9.07
N LYS A 15 5.94 -6.02 9.28
CA LYS A 15 6.07 -7.46 9.45
C LYS A 15 5.10 -8.08 8.48
N LEU A 16 5.68 -8.75 7.49
CA LEU A 16 4.92 -9.47 6.48
C LEU A 16 4.30 -10.70 7.10
N LYS A 17 3.21 -11.12 6.47
CA LYS A 17 2.48 -12.31 6.82
C LYS A 17 2.22 -13.09 5.56
N ARG A 18 3.11 -14.02 5.18
CA ARG A 18 2.87 -14.83 3.99
C ARG A 18 1.57 -15.62 4.10
N LYS A 19 1.09 -15.87 5.32
CA LYS A 19 -0.20 -16.49 5.59
C LYS A 19 -1.35 -15.73 4.95
N SER A 20 -1.27 -14.41 4.76
CA SER A 20 -2.39 -13.59 4.30
C SER A 20 -2.03 -12.68 3.11
N ARG A 21 -0.84 -12.80 2.51
CA ARG A 21 -0.30 -11.87 1.50
C ARG A 21 -0.48 -10.39 1.87
N GLN A 22 -0.34 -10.09 3.16
CA GLN A 22 -0.60 -8.78 3.76
C GLN A 22 0.62 -8.36 4.58
N LEU A 23 0.62 -7.12 5.04
CA LEU A 23 1.72 -6.49 5.73
C LEU A 23 1.22 -5.66 6.90
N GLU A 24 1.83 -5.86 8.07
CA GLU A 24 1.46 -5.17 9.31
C GLU A 24 2.45 -4.10 9.63
N ILE A 25 1.94 -2.99 10.13
CA ILE A 25 2.67 -1.77 10.35
C ILE A 25 2.35 -1.38 11.78
N SER A 26 3.37 -0.90 12.47
CA SER A 26 3.31 -0.32 13.78
C SER A 26 4.27 0.85 13.76
N PHE A 27 3.90 1.91 14.46
CA PHE A 27 4.70 3.09 14.68
C PHE A 27 5.40 2.97 16.03
N ASP A 28 6.50 3.71 16.20
CA ASP A 28 7.21 3.79 17.48
C ASP A 28 6.30 4.40 18.55
N ASN A 29 5.30 5.21 18.19
CA ASN A 29 4.30 5.71 19.14
C ASN A 29 3.30 4.63 19.62
N GLY A 30 3.08 3.56 18.85
CA GLY A 30 2.18 2.48 19.21
C GLY A 30 0.94 2.38 18.32
N GLN A 31 0.67 3.32 17.42
CA GLN A 31 -0.35 3.16 16.40
C GLN A 31 0.01 1.99 15.49
N GLN A 32 -1.02 1.36 14.94
CA GLN A 32 -0.92 0.11 14.19
C GLN A 32 -2.00 0.03 13.12
N PHE A 33 -1.74 -0.77 12.08
CA PHE A 33 -2.67 -1.16 11.03
C PHE A 33 -2.01 -2.20 10.12
N THR A 34 -2.81 -2.92 9.33
CA THR A 34 -2.35 -3.81 8.28
C THR A 34 -2.77 -3.21 6.94
N LEU A 35 -1.99 -3.44 5.88
CA LEU A 35 -2.37 -3.22 4.50
C LEU A 35 -2.14 -4.47 3.67
N SER A 36 -2.86 -4.55 2.57
CA SER A 36 -2.79 -5.64 1.62
C SER A 36 -1.88 -5.30 0.45
N CYS A 37 -1.24 -6.33 -0.09
CA CYS A 37 -0.29 -6.22 -1.20
C CYS A 37 -0.82 -5.42 -2.38
N GLU A 38 -2.07 -5.66 -2.78
CA GLU A 38 -2.63 -5.06 -3.99
C GLU A 38 -2.65 -3.53 -3.82
N LEU A 39 -3.15 -3.01 -2.68
CA LEU A 39 -3.21 -1.55 -2.42
C LEU A 39 -1.81 -0.96 -2.53
N LEU A 40 -0.82 -1.68 -1.99
CA LEU A 40 0.59 -1.35 -1.95
C LEU A 40 1.27 -1.40 -3.33
N ARG A 41 0.58 -1.78 -4.40
CA ARG A 41 1.02 -1.54 -5.80
C ARG A 41 0.10 -0.63 -6.59
N VAL A 42 -1.23 -0.74 -6.46
CA VAL A 42 -2.10 0.19 -7.20
C VAL A 42 -1.83 1.63 -6.76
N TYR A 43 -1.51 1.82 -5.47
CA TYR A 43 -1.29 3.12 -4.84
C TYR A 43 0.21 3.42 -4.64
N SER A 44 1.12 2.91 -5.49
CA SER A 44 2.52 3.27 -5.35
C SER A 44 2.70 4.82 -5.48
N PRO A 45 3.63 5.44 -4.73
CA PRO A 45 3.79 6.90 -4.55
C PRO A 45 4.32 7.70 -5.73
N SER A 46 4.69 7.03 -6.80
CA SER A 46 5.27 7.66 -7.98
C SER A 46 4.20 8.18 -8.95
N ALA A 47 2.96 8.36 -8.50
CA ALA A 47 1.79 8.29 -9.35
C ALA A 47 1.05 9.62 -9.33
N GLU A 48 0.14 9.86 -8.37
CA GLU A 48 -0.51 11.16 -8.18
C GLU A 48 0.41 12.19 -7.49
N VAL A 49 1.73 11.96 -7.62
CA VAL A 49 2.78 12.87 -7.21
C VAL A 49 2.70 14.17 -8.03
N HIS A 50 2.19 14.05 -9.26
CA HIS A 50 2.06 15.09 -10.26
C HIS A 50 3.43 15.66 -10.63
N GLY A 51 3.48 16.72 -11.45
CA GLY A 51 4.72 17.34 -11.87
C GLY A 51 5.58 16.37 -12.68
N HIS A 52 6.55 15.74 -12.02
CA HIS A 52 7.42 14.73 -12.61
C HIS A 52 6.76 13.36 -12.79
N GLY A 53 5.59 13.12 -12.22
CA GLY A 53 4.95 11.82 -12.26
C GLY A 53 3.46 11.93 -12.56
N ASN A 54 2.82 10.83 -12.96
CA ASN A 54 1.40 10.81 -13.32
C ASN A 54 0.72 9.53 -12.84
N PRO A 55 -0.56 9.63 -12.42
CA PRO A 55 -1.31 8.50 -11.86
C PRO A 55 -1.93 7.63 -12.96
N VAL A 56 -2.18 6.36 -12.66
CA VAL A 56 -2.67 5.40 -13.64
C VAL A 56 -3.71 4.44 -13.04
N LEU A 57 -4.68 4.05 -13.89
CA LEU A 57 -5.69 3.02 -13.65
C LEU A 57 -4.99 1.68 -13.42
N VAL A 58 -5.27 0.97 -12.32
CA VAL A 58 -4.67 -0.34 -12.05
C VAL A 58 -5.79 -1.32 -11.64
N THR A 59 -5.45 -2.61 -11.59
CA THR A 59 -6.33 -3.76 -11.41
C THR A 59 -5.94 -4.56 -10.17
N HIS A 60 -6.85 -5.45 -9.74
CA HIS A 60 -6.58 -6.30 -8.58
C HIS A 60 -5.40 -7.24 -8.89
N LYS A 61 -4.77 -7.79 -7.84
CA LYS A 61 -3.67 -8.75 -7.96
C LYS A 61 -3.94 -9.94 -7.06
N LYS A 62 -4.11 -11.12 -7.67
CA LYS A 62 -4.54 -12.36 -7.05
C LYS A 62 -3.83 -12.62 -5.72
N ASN A 63 -2.51 -12.67 -5.73
CA ASN A 63 -1.71 -12.99 -4.55
C ASN A 63 -0.29 -12.62 -4.89
N VAL A 64 0.05 -11.33 -4.78
CA VAL A 64 1.46 -10.93 -4.80
C VAL A 64 2.02 -11.29 -3.42
N ASN A 65 3.22 -11.84 -3.36
CA ASN A 65 3.87 -12.13 -2.10
C ASN A 65 5.22 -11.42 -2.11
N ILE A 66 5.45 -10.56 -1.11
CA ILE A 66 6.65 -9.73 -1.03
C ILE A 66 7.86 -10.64 -0.91
N ASN A 67 8.85 -10.40 -1.76
CA ASN A 67 10.08 -11.16 -1.81
C ASN A 67 11.05 -10.75 -0.71
N ALA A 68 11.09 -9.48 -0.35
CA ALA A 68 12.09 -8.91 0.55
C ALA A 68 11.67 -7.50 0.94
N ILE A 69 12.41 -6.90 1.86
CA ILE A 69 12.31 -5.50 2.20
C ILE A 69 13.75 -4.97 2.16
N THR A 70 13.89 -3.70 1.80
CA THR A 70 15.17 -3.02 1.79
C THR A 70 14.94 -1.63 2.41
N PRO A 71 15.32 -1.40 3.66
CA PRO A 71 15.27 -0.08 4.27
C PRO A 71 16.23 0.84 3.51
N VAL A 72 15.86 2.11 3.39
CA VAL A 72 16.64 3.10 2.67
C VAL A 72 16.80 4.25 3.64
N GLY A 73 17.94 4.27 4.32
CA GLY A 73 18.09 5.06 5.53
C GLY A 73 17.01 4.66 6.53
N ASN A 74 16.66 5.58 7.43
CA ASN A 74 15.72 5.32 8.53
C ASN A 74 14.33 5.91 8.25
N TYR A 75 14.16 6.51 7.07
CA TYR A 75 12.98 7.26 6.69
C TYR A 75 12.11 6.50 5.67
N ALA A 76 12.56 5.33 5.19
CA ALA A 76 11.89 4.61 4.11
C ALA A 76 12.19 3.11 4.07
N VAL A 77 11.39 2.39 3.30
CA VAL A 77 11.68 1.06 2.77
C VAL A 77 11.39 1.03 1.26
N LYS A 78 12.09 0.14 0.56
CA LYS A 78 11.75 -0.54 -0.67
C LYS A 78 10.98 -1.81 -0.30
N LEU A 79 9.92 -2.13 -1.04
CA LEU A 79 9.16 -3.39 -0.95
C LEU A 79 9.13 -3.98 -2.35
N VAL A 80 9.48 -5.26 -2.48
CA VAL A 80 9.67 -5.92 -3.77
C VAL A 80 8.71 -7.10 -3.95
N PHE A 81 8.42 -7.49 -5.19
CA PHE A 81 7.33 -8.40 -5.52
C PHE A 81 7.85 -9.61 -6.31
N ASP A 82 7.23 -10.76 -6.06
CA ASP A 82 7.37 -11.99 -6.84
C ASP A 82 6.73 -11.87 -8.22
N ASP A 83 5.91 -10.84 -8.46
CA ASP A 83 5.42 -10.44 -9.78
C ASP A 83 6.55 -9.88 -10.67
N GLY A 84 7.76 -9.75 -10.11
CA GLY A 84 8.99 -9.42 -10.83
C GLY A 84 9.41 -7.96 -10.68
N HIS A 85 8.74 -7.16 -9.84
CA HIS A 85 9.00 -5.74 -9.66
C HIS A 85 9.60 -5.48 -8.29
N ASP A 86 10.87 -5.08 -8.29
CA ASP A 86 11.73 -4.87 -7.12
C ASP A 86 12.08 -3.39 -6.93
N THR A 87 11.35 -2.50 -7.61
CA THR A 87 11.66 -1.09 -7.70
C THR A 87 10.48 -0.27 -7.18
N GLY A 88 10.53 0.21 -5.93
CA GLY A 88 9.46 1.02 -5.37
C GLY A 88 9.73 1.34 -3.91
N LEU A 89 9.91 2.63 -3.57
CA LEU A 89 10.14 3.13 -2.21
C LEU A 89 8.86 3.73 -1.66
N TYR A 90 8.80 3.88 -0.34
CA TYR A 90 7.69 4.45 0.44
C TYR A 90 8.27 5.20 1.65
N SER A 91 7.59 6.26 2.13
CA SER A 91 7.93 6.97 3.37
C SER A 91 6.84 6.72 4.40
N TRP A 92 7.18 6.84 5.67
CA TRP A 92 6.27 6.62 6.80
C TRP A 92 4.99 7.44 6.67
N LYS A 93 5.08 8.65 6.12
CA LYS A 93 3.90 9.48 5.86
C LYS A 93 2.95 8.76 4.91
N VAL A 94 3.47 8.17 3.82
CA VAL A 94 2.68 7.45 2.84
C VAL A 94 1.93 6.32 3.52
N LEU A 95 2.64 5.45 4.26
CA LEU A 95 2.03 4.28 4.87
C LEU A 95 0.91 4.69 5.83
N TYR A 96 1.13 5.75 6.62
CA TYR A 96 0.12 6.30 7.51
C TYR A 96 -1.10 6.74 6.71
N ASP A 97 -0.90 7.56 5.70
CA ASP A 97 -1.95 8.22 4.95
C ASP A 97 -2.86 7.20 4.28
N LEU A 98 -2.25 6.21 3.62
CA LEU A 98 -2.97 5.13 2.98
C LEU A 98 -3.81 4.42 4.02
N ALA A 99 -3.19 3.88 5.08
CA ALA A 99 -3.92 3.10 6.08
C ALA A 99 -4.94 3.89 6.87
N SER A 100 -4.80 5.22 6.97
CA SER A 100 -5.79 6.06 7.61
C SER A 100 -7.06 6.16 6.75
N ASN A 101 -6.97 5.89 5.44
CA ASN A 101 -8.02 6.15 4.44
C ASN A 101 -8.31 4.93 3.56
N GLN A 102 -7.81 3.72 3.87
CA GLN A 102 -7.56 2.70 2.87
C GLN A 102 -8.86 2.15 2.33
N VAL A 103 -9.88 2.04 3.18
CA VAL A 103 -11.21 1.56 2.80
C VAL A 103 -11.77 2.38 1.65
N ASP A 104 -11.63 3.70 1.77
CA ASP A 104 -12.28 4.70 0.95
C ASP A 104 -11.56 4.86 -0.38
N LEU A 105 -10.23 4.93 -0.25
CA LEU A 105 -9.35 5.08 -1.39
C LEU A 105 -9.40 3.79 -2.21
N TRP A 106 -9.56 2.64 -1.54
CA TRP A 106 -9.82 1.35 -2.17
C TRP A 106 -11.12 1.44 -2.92
N GLU A 107 -12.19 1.97 -2.32
CA GLU A 107 -13.54 2.01 -2.86
C GLU A 107 -13.55 2.59 -4.28
N ASN A 108 -12.80 3.67 -4.47
CA ASN A 108 -12.61 4.33 -5.74
C ASN A 108 -12.00 3.43 -6.83
N TYR A 109 -11.26 2.37 -6.49
CA TYR A 109 -10.70 1.47 -7.50
C TYR A 109 -11.83 0.61 -8.02
N LEU A 110 -12.69 0.09 -7.14
CA LEU A 110 -13.85 -0.68 -7.51
C LEU A 110 -14.76 0.15 -8.41
N ALA A 111 -14.91 1.44 -8.15
CA ALA A 111 -15.68 2.36 -8.95
C ALA A 111 -15.03 2.62 -10.31
N ARG A 112 -13.75 3.00 -10.36
CA ARG A 112 -13.06 3.23 -11.62
C ARG A 112 -13.01 1.95 -12.46
N LEU A 113 -12.86 0.80 -11.83
CA LEU A 113 -12.73 -0.52 -12.44
C LEU A 113 -13.89 -0.76 -13.37
N ARG A 114 -15.12 -0.62 -12.90
CA ARG A 114 -16.28 -0.91 -13.67
C ARG A 114 -16.45 0.01 -14.87
N ALA A 115 -16.23 1.30 -14.69
CA ALA A 115 -16.16 2.26 -15.78
C ALA A 115 -15.01 1.94 -16.75
N ALA A 116 -14.04 1.10 -16.33
CA ALA A 116 -12.79 0.86 -17.05
C ALA A 116 -12.66 -0.57 -17.60
N LYS A 117 -13.66 -1.43 -17.36
CA LYS A 117 -13.84 -2.78 -17.94
C LYS A 117 -12.59 -3.66 -17.76
N ALA A 118 -11.89 -3.49 -16.64
CA ALA A 118 -10.60 -4.13 -16.40
C ALA A 118 -10.76 -5.43 -15.59
N SER A 119 -9.65 -6.09 -15.24
CA SER A 119 -9.67 -7.35 -14.46
C SER A 119 -10.00 -7.15 -12.99
N ARG A 120 -10.53 -8.20 -12.34
CA ARG A 120 -11.13 -8.15 -10.99
C ARG A 120 -10.63 -9.34 -10.17
N GLU A 121 -9.31 -9.58 -10.19
CA GLU A 121 -8.63 -10.70 -9.56
C GLU A 121 -8.97 -10.84 -8.06
N PRO A 122 -8.73 -12.00 -7.42
CA PRO A 122 -9.11 -12.24 -6.03
C PRO A 122 -8.24 -11.49 -5.02
N LEU A 123 -8.82 -10.63 -4.17
CA LEU A 123 -8.06 -9.77 -3.25
C LEU A 123 -8.53 -9.75 -1.80
N ILE A 124 -9.62 -10.44 -1.50
CA ILE A 124 -10.44 -10.17 -0.32
C ILE A 124 -9.69 -10.59 0.95
N ASP A 125 -9.73 -9.71 1.96
CA ASP A 125 -9.25 -9.98 3.31
C ASP A 125 -10.35 -10.77 4.01
N MET A 126 -9.99 -11.90 4.61
CA MET A 126 -10.86 -12.74 5.39
C MET A 126 -10.26 -12.92 6.78
N ALA A 127 -9.60 -11.90 7.31
CA ALA A 127 -8.97 -11.88 8.62
C ALA A 127 -9.88 -11.24 9.68
N VAL A 128 -11.19 -11.39 9.50
CA VAL A 128 -12.24 -11.02 10.43
C VAL A 128 -11.88 -11.64 11.78
N LYS A 129 -12.03 -10.85 12.84
CA LYS A 129 -11.84 -11.26 14.21
C LYS A 129 -12.71 -10.39 15.10
N TYR A 130 -13.69 -10.98 15.78
CA TYR A 130 -14.52 -10.25 16.71
C TYR A 130 -13.91 -10.38 18.10
N HIS A 131 -12.74 -9.75 18.27
CA HIS A 131 -12.08 -9.50 19.54
C HIS A 131 -10.95 -8.50 19.30
N THR A 132 -10.92 -7.47 20.13
CA THR A 132 -9.79 -6.60 20.38
C THR A 132 -9.84 -6.27 21.86
N GLY A 1 -5.83 28.80 4.55
CA GLY A 1 -5.44 27.40 4.35
C GLY A 1 -4.18 27.10 5.12
N MET A 2 -3.42 26.09 4.67
CA MET A 2 -2.23 25.57 5.35
C MET A 2 -1.36 24.87 4.31
N THR A 3 -0.04 24.91 4.46
CA THR A 3 0.88 24.13 3.64
C THR A 3 0.92 22.68 4.17
N PRO A 4 1.43 21.72 3.38
CA PRO A 4 1.70 20.38 3.85
C PRO A 4 2.73 20.39 4.99
N GLN A 5 2.89 19.24 5.62
CA GLN A 5 3.95 18.95 6.56
C GLN A 5 4.39 17.52 6.35
N SER A 6 5.57 17.23 6.90
CA SER A 6 6.15 15.92 6.84
C SER A 6 6.62 15.56 8.24
N ASP A 7 5.68 15.27 9.13
CA ASP A 7 5.89 15.16 10.59
C ASP A 7 5.36 13.86 11.17
N THR A 8 5.04 12.92 10.28
CA THR A 8 4.66 11.56 10.63
C THR A 8 5.74 10.88 11.50
N PRO A 9 5.37 9.89 12.34
CA PRO A 9 6.30 9.03 13.08
C PRO A 9 7.15 8.17 12.15
N LYS A 10 8.18 7.52 12.70
CA LYS A 10 9.05 6.60 11.95
C LYS A 10 8.73 5.16 12.34
N VAL A 11 8.70 4.29 11.34
CA VAL A 11 8.28 2.90 11.50
C VAL A 11 9.34 2.16 12.31
N THR A 12 8.90 1.41 13.32
CA THR A 12 9.75 0.70 14.27
C THR A 12 9.50 -0.80 14.31
N GLY A 13 8.61 -1.32 13.46
CA GLY A 13 8.47 -2.74 13.19
C GLY A 13 7.72 -2.97 11.89
N LEU A 14 8.07 -4.02 11.16
CA LEU A 14 7.50 -4.39 9.86
C LEU A 14 7.42 -5.91 9.77
N LYS A 15 6.22 -6.48 9.91
CA LYS A 15 5.97 -7.93 9.88
C LYS A 15 5.11 -8.27 8.68
N LEU A 16 5.17 -9.52 8.24
CA LEU A 16 4.38 -10.03 7.12
C LEU A 16 3.48 -11.15 7.59
N LYS A 17 2.34 -11.28 6.91
CA LYS A 17 1.44 -12.41 7.00
C LYS A 17 1.05 -12.81 5.57
N ARG A 18 1.88 -13.65 4.93
CA ARG A 18 1.58 -14.16 3.58
C ARG A 18 0.20 -14.80 3.51
N LYS A 19 -0.22 -15.38 4.63
CA LYS A 19 -1.50 -16.04 4.86
C LYS A 19 -2.69 -15.24 4.35
N SER A 20 -2.73 -13.96 4.68
CA SER A 20 -3.77 -13.02 4.26
C SER A 20 -3.18 -11.95 3.33
N ARG A 21 -2.00 -12.21 2.74
CA ARG A 21 -1.28 -11.30 1.85
C ARG A 21 -1.27 -9.86 2.38
N GLN A 22 -0.89 -9.72 3.64
CA GLN A 22 -0.97 -8.47 4.36
C GLN A 22 0.37 -8.19 5.04
N LEU A 23 0.61 -6.92 5.37
CA LEU A 23 1.81 -6.40 6.02
C LEU A 23 1.39 -5.58 7.22
N GLU A 24 2.15 -5.71 8.31
CA GLU A 24 1.92 -4.98 9.55
C GLU A 24 3.03 -3.98 9.77
N ILE A 25 2.67 -2.88 10.43
CA ILE A 25 3.51 -1.71 10.67
C ILE A 25 3.32 -1.31 12.13
N SER A 26 4.41 -0.94 12.79
CA SER A 26 4.42 -0.32 14.11
C SER A 26 5.21 0.98 14.04
N PHE A 27 4.89 1.93 14.91
CA PHE A 27 5.46 3.26 14.95
C PHE A 27 5.99 3.59 16.34
N ASP A 28 7.05 4.41 16.40
CA ASP A 28 7.73 4.69 17.67
C ASP A 28 6.81 5.41 18.65
N ASN A 29 5.87 6.19 18.11
CA ASN A 29 4.94 7.01 18.87
C ASN A 29 3.93 6.19 19.66
N GLY A 30 3.67 4.94 19.26
CA GLY A 30 2.57 4.14 19.76
C GLY A 30 1.41 4.17 18.77
N GLN A 31 1.60 3.58 17.59
CA GLN A 31 0.55 3.13 16.67
C GLN A 31 0.96 1.78 16.07
N GLN A 32 -0.03 1.05 15.53
CA GLN A 32 0.13 -0.23 14.85
C GLN A 32 -1.03 -0.44 13.87
N PHE A 33 -0.77 -0.95 12.66
CA PHE A 33 -1.81 -1.20 11.65
C PHE A 33 -1.38 -2.23 10.60
N THR A 34 -2.32 -2.73 9.80
CA THR A 34 -2.09 -3.73 8.75
C THR A 34 -2.77 -3.36 7.41
N LEU A 35 -2.10 -3.59 6.27
CA LEU A 35 -2.56 -3.29 4.90
C LEU A 35 -2.38 -4.50 3.99
N SER A 36 -3.18 -4.55 2.93
CA SER A 36 -3.08 -5.55 1.89
C SER A 36 -1.97 -5.23 0.88
N CYS A 37 -1.35 -6.28 0.34
CA CYS A 37 -0.36 -6.22 -0.72
C CYS A 37 -0.88 -5.57 -2.01
N GLU A 38 -2.12 -5.84 -2.39
CA GLU A 38 -2.71 -5.34 -3.62
C GLU A 38 -2.69 -3.81 -3.62
N LEU A 39 -3.27 -3.19 -2.58
CA LEU A 39 -3.37 -1.74 -2.39
C LEU A 39 -1.98 -1.11 -2.41
N LEU A 40 -1.03 -1.76 -1.74
CA LEU A 40 0.39 -1.40 -1.72
C LEU A 40 0.96 -1.31 -3.12
N ARG A 41 0.80 -2.34 -3.96
CA ARG A 41 1.42 -2.34 -5.29
C ARG A 41 0.86 -1.18 -6.10
N VAL A 42 -0.45 -1.02 -6.14
CA VAL A 42 -1.07 -0.09 -7.07
C VAL A 42 -0.66 1.34 -6.77
N TYR A 43 -0.92 1.84 -5.54
CA TYR A 43 -0.78 3.25 -5.16
C TYR A 43 0.69 3.65 -4.95
N SER A 44 1.67 3.03 -5.65
CA SER A 44 3.07 3.38 -5.49
C SER A 44 3.23 4.87 -5.85
N PRO A 45 4.09 5.63 -5.16
CA PRO A 45 4.40 7.01 -5.52
C PRO A 45 5.12 7.10 -6.87
N SER A 46 5.78 6.03 -7.32
CA SER A 46 6.35 5.90 -8.65
C SER A 46 5.28 5.78 -9.75
N ALA A 47 4.03 6.10 -9.44
CA ALA A 47 2.90 6.13 -10.35
C ALA A 47 2.40 7.57 -10.40
N GLU A 48 1.89 8.08 -9.27
CA GLU A 48 1.30 9.40 -9.09
C GLU A 48 2.37 10.47 -8.86
N VAL A 49 3.40 10.50 -9.70
CA VAL A 49 4.41 11.56 -9.72
C VAL A 49 3.81 12.84 -10.31
N HIS A 50 2.90 12.72 -11.27
CA HIS A 50 2.28 13.71 -12.14
C HIS A 50 3.26 14.55 -12.99
N GLY A 51 4.56 14.50 -12.72
CA GLY A 51 5.59 15.10 -13.54
C GLY A 51 6.15 14.05 -14.49
N HIS A 52 7.20 13.35 -14.05
CA HIS A 52 7.95 12.42 -14.91
C HIS A 52 7.17 11.17 -15.34
N GLY A 53 5.93 10.99 -14.88
CA GLY A 53 5.05 9.95 -15.37
C GLY A 53 3.62 10.32 -15.02
N ASN A 54 2.71 9.93 -15.91
CA ASN A 54 1.29 10.27 -15.87
C ASN A 54 0.54 9.20 -15.07
N PRO A 55 -0.65 9.53 -14.53
CA PRO A 55 -1.40 8.59 -13.69
C PRO A 55 -1.99 7.48 -14.57
N VAL A 56 -2.00 6.26 -14.05
CA VAL A 56 -2.40 5.04 -14.73
C VAL A 56 -3.44 4.36 -13.84
N LEU A 57 -4.40 3.67 -14.45
CA LEU A 57 -5.33 2.81 -13.76
C LEU A 57 -4.70 1.43 -13.58
N VAL A 58 -4.12 1.17 -12.41
CA VAL A 58 -3.69 -0.18 -12.05
C VAL A 58 -4.91 -0.93 -11.50
N THR A 59 -4.96 -2.21 -11.82
CA THR A 59 -6.10 -3.11 -11.71
C THR A 59 -6.09 -3.88 -10.39
N HIS A 60 -7.02 -4.83 -10.20
CA HIS A 60 -6.90 -5.77 -9.09
C HIS A 60 -5.58 -6.54 -9.23
N LYS A 61 -5.15 -7.22 -8.16
CA LYS A 61 -3.83 -7.87 -8.11
C LYS A 61 -4.03 -9.32 -7.69
N LYS A 62 -3.79 -10.22 -8.64
CA LYS A 62 -4.21 -11.61 -8.59
C LYS A 62 -3.75 -12.32 -7.33
N ASN A 63 -2.45 -12.40 -7.15
CA ASN A 63 -1.77 -13.15 -6.12
C ASN A 63 -0.42 -12.47 -6.03
N VAL A 64 -0.34 -11.44 -5.19
CA VAL A 64 0.90 -10.76 -4.88
C VAL A 64 1.18 -11.00 -3.40
N ASN A 65 2.43 -11.35 -3.08
CA ASN A 65 2.96 -11.39 -1.75
C ASN A 65 4.28 -10.63 -1.74
N ILE A 66 4.74 -10.21 -0.57
CA ILE A 66 5.99 -9.48 -0.41
C ILE A 66 7.14 -10.48 -0.40
N ASN A 67 8.28 -10.03 -0.91
CA ASN A 67 9.52 -10.78 -0.85
C ASN A 67 10.34 -10.35 0.37
N ALA A 68 10.54 -9.05 0.57
CA ALA A 68 11.46 -8.51 1.57
C ALA A 68 11.07 -7.07 1.92
N ILE A 69 11.82 -6.48 2.86
CA ILE A 69 11.81 -5.08 3.27
C ILE A 69 13.27 -4.66 3.18
N THR A 70 13.53 -3.45 2.69
CA THR A 70 14.89 -2.95 2.60
C THR A 70 14.80 -1.44 2.81
N PRO A 71 15.43 -0.89 3.85
CA PRO A 71 15.41 0.53 4.12
C PRO A 71 16.28 1.27 3.10
N VAL A 72 15.88 2.49 2.78
CA VAL A 72 16.64 3.46 2.01
C VAL A 72 16.55 4.78 2.77
N GLY A 73 17.71 5.39 3.06
CA GLY A 73 17.80 6.77 3.53
C GLY A 73 17.26 7.03 4.93
N ASN A 74 17.00 5.97 5.72
CA ASN A 74 16.33 5.96 7.04
C ASN A 74 14.82 6.23 6.95
N TYR A 75 14.34 6.84 5.86
CA TYR A 75 13.02 7.44 5.78
C TYR A 75 12.04 6.62 4.94
N ALA A 76 12.41 5.44 4.46
CA ALA A 76 11.60 4.59 3.60
C ALA A 76 12.24 3.25 3.50
N VAL A 77 11.45 2.42 2.87
CA VAL A 77 11.59 1.06 2.52
C VAL A 77 11.16 0.84 1.07
N LYS A 78 11.72 -0.23 0.56
CA LYS A 78 11.47 -0.93 -0.68
C LYS A 78 10.58 -2.10 -0.28
N LEU A 79 9.27 -1.93 -0.46
CA LEU A 79 8.32 -3.02 -0.33
C LEU A 79 8.42 -3.77 -1.65
N VAL A 80 9.13 -4.89 -1.66
CA VAL A 80 9.34 -5.62 -2.89
C VAL A 80 8.22 -6.64 -3.08
N PHE A 81 7.67 -6.70 -4.30
CA PHE A 81 6.52 -7.51 -4.66
C PHE A 81 7.01 -8.71 -5.47
N ASP A 82 6.58 -9.90 -5.09
CA ASP A 82 6.89 -11.17 -5.74
C ASP A 82 6.33 -11.22 -7.18
N ASP A 83 5.33 -10.38 -7.47
CA ASP A 83 4.74 -10.04 -8.77
C ASP A 83 5.71 -9.26 -9.68
N GLY A 84 7.02 -9.38 -9.42
CA GLY A 84 8.10 -8.88 -10.26
C GLY A 84 8.20 -7.37 -10.12
N HIS A 85 8.37 -6.89 -8.89
CA HIS A 85 8.58 -5.46 -8.66
C HIS A 85 9.35 -5.23 -7.36
N ASP A 86 10.68 -5.41 -7.38
CA ASP A 86 11.55 -4.96 -6.29
C ASP A 86 11.86 -3.46 -6.36
N THR A 87 11.26 -2.76 -7.33
CA THR A 87 11.55 -1.40 -7.67
C THR A 87 10.36 -0.52 -7.23
N GLY A 88 10.50 0.15 -6.10
CA GLY A 88 9.45 1.00 -5.56
C GLY A 88 9.86 1.48 -4.19
N LEU A 89 9.58 2.74 -3.89
CA LEU A 89 9.88 3.38 -2.63
C LEU A 89 8.57 3.68 -1.93
N TYR A 90 8.57 3.51 -0.62
CA TYR A 90 7.41 3.51 0.25
C TYR A 90 7.83 4.23 1.52
N SER A 91 7.42 5.49 1.61
CA SER A 91 7.66 6.37 2.74
C SER A 91 6.75 5.98 3.90
N TRP A 92 7.14 6.36 5.11
CA TRP A 92 6.35 6.19 6.32
C TRP A 92 5.00 6.90 6.18
N LYS A 93 4.98 8.13 5.66
CA LYS A 93 3.72 8.86 5.46
C LYS A 93 2.84 8.12 4.48
N VAL A 94 3.40 7.70 3.36
CA VAL A 94 2.70 6.97 2.31
C VAL A 94 2.04 5.72 2.93
N LEU A 95 2.76 4.96 3.77
CA LEU A 95 2.20 3.79 4.44
C LEU A 95 1.04 4.23 5.35
N TYR A 96 1.24 5.22 6.22
CA TYR A 96 0.25 5.73 7.17
C TYR A 96 -1.05 6.11 6.44
N ASP A 97 -0.94 6.83 5.34
CA ASP A 97 -2.09 7.45 4.72
C ASP A 97 -3.04 6.39 4.17
N LEU A 98 -2.52 5.50 3.33
CA LEU A 98 -3.22 4.30 2.89
C LEU A 98 -3.74 3.52 4.11
N ALA A 99 -2.91 3.29 5.12
CA ALA A 99 -3.22 2.42 6.26
C ALA A 99 -4.44 2.86 7.05
N SER A 100 -4.60 4.17 7.19
CA SER A 100 -5.67 4.81 7.91
C SER A 100 -6.90 5.04 7.04
N ASN A 101 -6.79 4.80 5.73
CA ASN A 101 -7.81 5.11 4.73
C ASN A 101 -8.04 3.94 3.77
N GLN A 102 -7.80 2.69 4.20
CA GLN A 102 -7.52 1.62 3.25
C GLN A 102 -8.78 1.17 2.51
N VAL A 103 -9.94 1.35 3.14
CA VAL A 103 -11.24 0.98 2.62
C VAL A 103 -11.64 1.94 1.49
N ASP A 104 -11.40 3.25 1.67
CA ASP A 104 -11.82 4.27 0.72
C ASP A 104 -10.91 4.24 -0.51
N LEU A 105 -9.61 4.17 -0.23
CA LEU A 105 -8.53 4.03 -1.18
C LEU A 105 -8.78 2.80 -2.07
N TRP A 106 -9.18 1.67 -1.48
CA TRP A 106 -9.56 0.49 -2.23
C TRP A 106 -10.76 0.79 -3.10
N GLU A 107 -11.88 1.26 -2.51
CA GLU A 107 -13.13 1.56 -3.21
C GLU A 107 -12.91 2.44 -4.44
N ASN A 108 -11.91 3.32 -4.37
CA ASN A 108 -11.52 4.19 -5.46
C ASN A 108 -11.27 3.38 -6.74
N TYR A 109 -10.61 2.23 -6.61
CA TYR A 109 -10.24 1.40 -7.73
C TYR A 109 -11.46 0.67 -8.21
N LEU A 110 -12.31 0.15 -7.31
CA LEU A 110 -13.51 -0.56 -7.70
C LEU A 110 -14.38 0.34 -8.59
N ALA A 111 -14.51 1.62 -8.25
CA ALA A 111 -15.13 2.63 -9.09
C ALA A 111 -14.40 2.80 -10.43
N ARG A 112 -13.13 3.28 -10.42
CA ARG A 112 -12.40 3.61 -11.64
C ARG A 112 -12.36 2.42 -12.59
N LEU A 113 -12.08 1.22 -12.06
CA LEU A 113 -11.99 -0.06 -12.76
C LEU A 113 -13.27 -0.31 -13.54
N ARG A 114 -14.42 -0.29 -12.85
CA ARG A 114 -15.69 -0.61 -13.47
C ARG A 114 -16.02 0.44 -14.53
N ALA A 115 -15.78 1.71 -14.24
CA ALA A 115 -16.08 2.80 -15.14
C ALA A 115 -15.18 2.77 -16.37
N ALA A 116 -14.01 2.11 -16.28
CA ALA A 116 -12.97 2.08 -17.29
C ALA A 116 -12.83 0.70 -17.95
N LYS A 117 -13.71 -0.24 -17.61
CA LYS A 117 -13.75 -1.60 -18.17
C LYS A 117 -12.41 -2.34 -18.10
N ALA A 118 -11.56 -2.01 -17.12
CA ALA A 118 -10.17 -2.48 -17.09
C ALA A 118 -10.08 -3.94 -16.57
N SER A 119 -8.86 -4.44 -16.37
CA SER A 119 -8.61 -5.82 -15.94
C SER A 119 -9.08 -6.06 -14.50
N ARG A 120 -9.87 -7.10 -14.27
CA ARG A 120 -10.51 -7.38 -12.99
C ARG A 120 -9.91 -8.68 -12.48
N GLU A 121 -8.63 -8.65 -12.13
CA GLU A 121 -7.87 -9.79 -11.63
C GLU A 121 -8.54 -10.46 -10.43
N PRO A 122 -8.24 -11.73 -10.13
CA PRO A 122 -8.94 -12.47 -9.08
C PRO A 122 -8.55 -12.02 -7.69
N LEU A 123 -9.51 -11.44 -6.99
CA LEU A 123 -9.33 -10.93 -5.62
C LEU A 123 -10.33 -11.48 -4.62
N ILE A 124 -11.23 -12.35 -5.09
CA ILE A 124 -12.38 -12.80 -4.34
C ILE A 124 -11.90 -13.51 -3.08
N ASP A 125 -12.57 -13.22 -1.99
CA ASP A 125 -12.36 -13.82 -0.68
C ASP A 125 -13.74 -13.84 -0.01
N MET A 126 -14.03 -14.89 0.75
CA MET A 126 -15.29 -15.07 1.47
C MET A 126 -15.23 -14.45 2.87
N ALA A 127 -14.09 -13.89 3.28
CA ALA A 127 -13.84 -13.34 4.59
C ALA A 127 -13.33 -11.91 4.42
N VAL A 128 -14.26 -10.96 4.34
CA VAL A 128 -14.01 -9.54 4.11
C VAL A 128 -14.70 -8.72 5.21
N LYS A 129 -14.06 -7.62 5.62
CA LYS A 129 -14.44 -6.72 6.71
C LYS A 129 -14.48 -5.29 6.17
N TYR A 130 -15.51 -4.53 6.55
CA TYR A 130 -15.75 -3.14 6.20
C TYR A 130 -15.87 -2.37 7.51
N HIS A 131 -14.85 -1.58 7.86
CA HIS A 131 -14.82 -0.74 9.05
C HIS A 131 -14.22 0.63 8.69
N THR A 132 -13.92 1.46 9.69
CA THR A 132 -13.40 2.81 9.54
C THR A 132 -11.99 2.70 8.93
N GLY A 1 -5.82 28.80 4.53
CA GLY A 1 -5.44 27.40 4.33
C GLY A 1 -4.17 27.09 5.11
N MET A 2 -3.42 26.09 4.67
CA MET A 2 -2.24 25.57 5.34
C MET A 2 -1.36 24.86 4.31
N THR A 3 -0.04 24.91 4.46
CA THR A 3 0.88 24.13 3.64
C THR A 3 0.93 22.68 4.16
N PRO A 4 1.43 21.71 3.36
CA PRO A 4 1.71 20.37 3.84
C PRO A 4 2.73 20.38 4.98
N GLN A 5 2.89 19.24 5.62
CA GLN A 5 3.95 18.95 6.56
C GLN A 5 4.41 17.53 6.35
N SER A 6 5.57 17.24 6.91
CA SER A 6 6.15 15.92 6.85
C SER A 6 6.63 15.56 8.25
N ASP A 7 5.68 15.28 9.13
CA ASP A 7 5.89 15.16 10.59
C ASP A 7 5.36 13.85 11.16
N THR A 8 5.06 12.91 10.27
CA THR A 8 4.66 11.55 10.62
C THR A 8 5.73 10.87 11.49
N PRO A 9 5.36 9.89 12.33
CA PRO A 9 6.29 9.03 13.07
C PRO A 9 7.15 8.16 12.15
N LYS A 10 8.18 7.52 12.70
CA LYS A 10 9.05 6.60 11.95
C LYS A 10 8.73 5.17 12.34
N VAL A 11 8.70 4.29 11.33
CA VAL A 11 8.28 2.90 11.50
C VAL A 11 9.34 2.18 12.32
N THR A 12 8.91 1.41 13.33
CA THR A 12 9.75 0.71 14.28
C THR A 12 9.51 -0.80 14.31
N GLY A 13 8.62 -1.33 13.46
CA GLY A 13 8.48 -2.75 13.20
C GLY A 13 7.73 -2.96 11.89
N LEU A 14 8.08 -4.02 11.16
CA LEU A 14 7.50 -4.39 9.87
C LEU A 14 7.43 -5.92 9.78
N LYS A 15 6.22 -6.48 9.91
CA LYS A 15 5.98 -7.92 9.88
C LYS A 15 5.12 -8.26 8.68
N LEU A 16 5.17 -9.52 8.24
CA LEU A 16 4.39 -10.02 7.13
C LEU A 16 3.49 -11.15 7.60
N LYS A 17 2.34 -11.28 6.92
CA LYS A 17 1.44 -12.41 7.00
C LYS A 17 1.06 -12.80 5.58
N ARG A 18 1.89 -13.64 4.93
CA ARG A 18 1.60 -14.16 3.58
C ARG A 18 0.21 -14.79 3.50
N LYS A 19 -0.22 -15.37 4.62
CA LYS A 19 -1.49 -16.04 4.84
C LYS A 19 -2.69 -15.24 4.32
N SER A 20 -2.74 -13.95 4.67
CA SER A 20 -3.77 -13.02 4.26
C SER A 20 -3.18 -11.95 3.33
N ARG A 21 -2.00 -12.20 2.75
CA ARG A 21 -1.28 -11.30 1.85
C ARG A 21 -1.27 -9.86 2.38
N GLN A 22 -0.89 -9.72 3.64
CA GLN A 22 -0.97 -8.47 4.36
C GLN A 22 0.37 -8.18 5.03
N LEU A 23 0.61 -6.90 5.37
CA LEU A 23 1.81 -6.39 6.02
C LEU A 23 1.39 -5.58 7.22
N GLU A 24 2.14 -5.71 8.31
CA GLU A 24 1.92 -4.99 9.55
C GLU A 24 3.03 -3.98 9.77
N ILE A 25 2.67 -2.88 10.43
CA ILE A 25 3.51 -1.71 10.67
C ILE A 25 3.32 -1.31 12.13
N SER A 26 4.41 -0.94 12.79
CA SER A 26 4.42 -0.32 14.11
C SER A 26 5.22 0.98 14.03
N PHE A 27 4.90 1.92 14.92
CA PHE A 27 5.46 3.26 14.95
C PHE A 27 6.00 3.58 16.34
N ASP A 28 7.04 4.41 16.40
CA ASP A 28 7.73 4.70 17.66
C ASP A 28 6.80 5.41 18.65
N ASN A 29 5.86 6.20 18.10
CA ASN A 29 4.93 7.02 18.86
C ASN A 29 3.93 6.19 19.66
N GLY A 30 3.67 4.94 19.24
CA GLY A 30 2.57 4.14 19.76
C GLY A 30 1.40 4.16 18.77
N GLN A 31 1.60 3.58 17.59
CA GLN A 31 0.54 3.12 16.68
C GLN A 31 0.95 1.77 16.08
N GLN A 32 -0.04 1.05 15.54
CA GLN A 32 0.12 -0.23 14.84
C GLN A 32 -1.04 -0.43 13.87
N PHE A 33 -0.78 -0.95 12.67
CA PHE A 33 -1.81 -1.20 11.65
C PHE A 33 -1.37 -2.24 10.60
N THR A 34 -2.32 -2.74 9.79
CA THR A 34 -2.09 -3.73 8.74
C THR A 34 -2.76 -3.36 7.41
N LEU A 35 -2.09 -3.59 6.27
CA LEU A 35 -2.55 -3.29 4.90
C LEU A 35 -2.39 -4.49 3.98
N SER A 36 -3.18 -4.54 2.92
CA SER A 36 -3.08 -5.53 1.87
C SER A 36 -1.96 -5.22 0.87
N CYS A 37 -1.36 -6.28 0.34
CA CYS A 37 -0.36 -6.22 -0.72
C CYS A 37 -0.87 -5.57 -2.01
N GLU A 38 -2.12 -5.84 -2.39
CA GLU A 38 -2.70 -5.34 -3.62
C GLU A 38 -2.69 -3.82 -3.63
N LEU A 39 -3.27 -3.20 -2.59
CA LEU A 39 -3.38 -1.75 -2.40
C LEU A 39 -1.99 -1.12 -2.42
N LEU A 40 -1.03 -1.77 -1.74
CA LEU A 40 0.38 -1.40 -1.72
C LEU A 40 0.96 -1.32 -3.12
N ARG A 41 0.80 -2.34 -3.96
CA ARG A 41 1.41 -2.34 -5.29
C ARG A 41 0.86 -1.18 -6.10
N VAL A 42 -0.47 -1.02 -6.13
CA VAL A 42 -1.08 -0.10 -7.07
C VAL A 42 -0.67 1.35 -6.77
N TYR A 43 -0.92 1.84 -5.54
CA TYR A 43 -0.78 3.24 -5.16
C TYR A 43 0.70 3.64 -4.95
N SER A 44 1.66 3.03 -5.64
CA SER A 44 3.06 3.38 -5.49
C SER A 44 3.23 4.87 -5.84
N PRO A 45 4.10 5.63 -5.15
CA PRO A 45 4.39 7.01 -5.52
C PRO A 45 5.12 7.10 -6.86
N SER A 46 5.78 6.03 -7.31
CA SER A 46 6.36 5.91 -8.65
C SER A 46 5.28 5.78 -9.75
N ALA A 47 4.02 6.09 -9.44
CA ALA A 47 2.90 6.13 -10.35
C ALA A 47 2.40 7.58 -10.39
N GLU A 48 1.90 8.08 -9.26
CA GLU A 48 1.30 9.41 -9.08
C GLU A 48 2.37 10.48 -8.86
N VAL A 49 3.40 10.50 -9.70
CA VAL A 49 4.41 11.56 -9.72
C VAL A 49 3.82 12.84 -10.32
N HIS A 50 2.90 12.70 -11.28
CA HIS A 50 2.29 13.71 -12.14
C HIS A 50 3.27 14.54 -13.00
N GLY A 51 4.57 14.51 -12.72
CA GLY A 51 5.60 15.11 -13.56
C GLY A 51 6.16 14.07 -14.50
N HIS A 52 7.20 13.35 -14.06
CA HIS A 52 7.96 12.42 -14.90
C HIS A 52 7.17 11.17 -15.34
N GLY A 53 5.93 10.99 -14.88
CA GLY A 53 5.05 9.95 -15.37
C GLY A 53 3.61 10.32 -15.02
N ASN A 54 2.71 9.94 -15.91
CA ASN A 54 1.29 10.27 -15.87
C ASN A 54 0.54 9.20 -15.06
N PRO A 55 -0.65 9.52 -14.52
CA PRO A 55 -1.40 8.59 -13.69
C PRO A 55 -1.99 7.48 -14.55
N VAL A 56 -2.00 6.26 -14.02
CA VAL A 56 -2.40 5.04 -14.70
C VAL A 56 -3.43 4.34 -13.83
N LEU A 57 -4.39 3.65 -14.47
CA LEU A 57 -5.33 2.79 -13.76
C LEU A 57 -4.70 1.41 -13.57
N VAL A 58 -4.12 1.16 -12.41
CA VAL A 58 -3.70 -0.18 -12.04
C VAL A 58 -4.92 -0.92 -11.50
N THR A 59 -4.97 -2.20 -11.83
CA THR A 59 -6.10 -3.11 -11.72
C THR A 59 -6.07 -3.89 -10.41
N HIS A 60 -7.01 -4.83 -10.22
CA HIS A 60 -6.90 -5.77 -9.11
C HIS A 60 -5.58 -6.54 -9.23
N LYS A 61 -5.15 -7.22 -8.16
CA LYS A 61 -3.83 -7.88 -8.12
C LYS A 61 -4.03 -9.32 -7.70
N LYS A 62 -3.80 -10.23 -8.64
CA LYS A 62 -4.22 -11.61 -8.59
C LYS A 62 -3.76 -12.31 -7.32
N ASN A 63 -2.46 -12.40 -7.15
CA ASN A 63 -1.78 -13.16 -6.12
C ASN A 63 -0.43 -12.48 -6.02
N VAL A 64 -0.36 -11.46 -5.17
CA VAL A 64 0.89 -10.78 -4.86
C VAL A 64 1.17 -11.01 -3.38
N ASN A 65 2.41 -11.36 -3.07
CA ASN A 65 2.95 -11.38 -1.73
C ASN A 65 4.27 -10.63 -1.75
N ILE A 66 4.74 -10.21 -0.57
CA ILE A 66 5.99 -9.48 -0.41
C ILE A 66 7.13 -10.48 -0.41
N ASN A 67 8.28 -10.03 -0.91
CA ASN A 67 9.52 -10.78 -0.85
C ASN A 67 10.34 -10.37 0.36
N ALA A 68 10.54 -9.05 0.56
CA ALA A 68 11.46 -8.51 1.56
C ALA A 68 11.07 -7.08 1.92
N ILE A 69 11.81 -6.49 2.86
CA ILE A 69 11.81 -5.09 3.27
C ILE A 69 13.27 -4.66 3.17
N THR A 70 13.53 -3.45 2.69
CA THR A 70 14.89 -2.95 2.59
C THR A 70 14.81 -1.45 2.81
N PRO A 71 15.43 -0.90 3.86
CA PRO A 71 15.42 0.52 4.13
C PRO A 71 16.29 1.26 3.11
N VAL A 72 15.88 2.48 2.80
CA VAL A 72 16.64 3.45 2.03
C VAL A 72 16.55 4.77 2.78
N GLY A 73 17.71 5.38 3.05
CA GLY A 73 17.80 6.75 3.52
C GLY A 73 17.26 7.02 4.92
N ASN A 74 17.00 5.97 5.72
CA ASN A 74 16.33 5.98 7.04
C ASN A 74 14.83 6.23 6.94
N TYR A 75 14.34 6.84 5.86
CA TYR A 75 13.02 7.43 5.78
C TYR A 75 12.03 6.61 4.95
N ALA A 76 12.43 5.44 4.46
CA ALA A 76 11.62 4.60 3.60
C ALA A 76 12.26 3.26 3.50
N VAL A 77 11.46 2.43 2.88
CA VAL A 77 11.59 1.08 2.51
C VAL A 77 11.18 0.86 1.06
N LYS A 78 11.72 -0.23 0.55
CA LYS A 78 11.47 -0.93 -0.68
C LYS A 78 10.58 -2.10 -0.28
N LEU A 79 9.28 -1.93 -0.46
CA LEU A 79 8.32 -3.02 -0.33
C LEU A 79 8.42 -3.77 -1.65
N VAL A 80 9.13 -4.89 -1.66
CA VAL A 80 9.34 -5.62 -2.90
C VAL A 80 8.22 -6.65 -3.08
N PHE A 81 7.67 -6.70 -4.30
CA PHE A 81 6.52 -7.51 -4.66
C PHE A 81 7.01 -8.71 -5.47
N ASP A 82 6.58 -9.91 -5.08
CA ASP A 82 6.86 -11.18 -5.75
C ASP A 82 6.31 -11.22 -7.19
N ASP A 83 5.30 -10.38 -7.46
CA ASP A 83 4.72 -10.02 -8.76
C ASP A 83 5.70 -9.25 -9.68
N GLY A 84 7.00 -9.35 -9.43
CA GLY A 84 8.08 -8.86 -10.25
C GLY A 84 8.19 -7.37 -10.11
N HIS A 85 8.36 -6.87 -8.88
CA HIS A 85 8.58 -5.45 -8.65
C HIS A 85 9.35 -5.22 -7.35
N ASP A 86 10.68 -5.39 -7.38
CA ASP A 86 11.56 -4.94 -6.29
C ASP A 86 11.85 -3.44 -6.37
N THR A 87 11.26 -2.75 -7.33
CA THR A 87 11.55 -1.37 -7.67
C THR A 87 10.36 -0.51 -7.23
N GLY A 88 10.50 0.17 -6.09
CA GLY A 88 9.44 1.01 -5.56
C GLY A 88 9.85 1.48 -4.18
N LEU A 89 9.59 2.75 -3.89
CA LEU A 89 9.89 3.39 -2.62
C LEU A 89 8.57 3.69 -1.92
N TYR A 90 8.59 3.51 -0.61
CA TYR A 90 7.42 3.51 0.26
C TYR A 90 7.83 4.23 1.52
N SER A 91 7.42 5.49 1.61
CA SER A 91 7.67 6.37 2.74
C SER A 91 6.75 5.98 3.90
N TRP A 92 7.14 6.37 5.11
CA TRP A 92 6.35 6.19 6.32
C TRP A 92 5.00 6.90 6.19
N LYS A 93 4.99 8.14 5.66
CA LYS A 93 3.73 8.87 5.46
C LYS A 93 2.83 8.13 4.48
N VAL A 94 3.41 7.71 3.36
CA VAL A 94 2.69 6.97 2.32
C VAL A 94 2.05 5.73 2.93
N LEU A 95 2.76 4.96 3.77
CA LEU A 95 2.20 3.79 4.44
C LEU A 95 1.03 4.22 5.35
N TYR A 96 1.23 5.22 6.21
CA TYR A 96 0.24 5.72 7.17
C TYR A 96 -1.05 6.10 6.45
N ASP A 97 -0.95 6.84 5.34
CA ASP A 97 -2.10 7.45 4.72
C ASP A 97 -3.04 6.40 4.15
N LEU A 98 -2.51 5.50 3.34
CA LEU A 98 -3.21 4.31 2.90
C LEU A 98 -3.74 3.53 4.11
N ALA A 99 -2.90 3.28 5.12
CA ALA A 99 -3.23 2.42 6.26
C ALA A 99 -4.45 2.86 7.04
N SER A 100 -4.61 4.17 7.19
CA SER A 100 -5.68 4.80 7.90
C SER A 100 -6.92 5.05 7.03
N ASN A 101 -6.82 4.82 5.73
CA ASN A 101 -7.84 5.12 4.73
C ASN A 101 -8.06 3.95 3.77
N GLN A 102 -7.79 2.71 4.19
CA GLN A 102 -7.52 1.63 3.25
C GLN A 102 -8.77 1.19 2.50
N VAL A 103 -9.93 1.37 3.14
CA VAL A 103 -11.24 1.00 2.62
C VAL A 103 -11.62 1.96 1.51
N ASP A 104 -11.40 3.26 1.68
CA ASP A 104 -11.83 4.27 0.72
C ASP A 104 -10.92 4.25 -0.50
N LEU A 105 -9.61 4.18 -0.23
CA LEU A 105 -8.53 4.04 -1.18
C LEU A 105 -8.78 2.81 -2.06
N TRP A 106 -9.18 1.68 -1.47
CA TRP A 106 -9.55 0.50 -2.22
C TRP A 106 -10.76 0.80 -3.09
N GLU A 107 -11.88 1.27 -2.50
CA GLU A 107 -13.13 1.57 -3.20
C GLU A 107 -12.91 2.44 -4.42
N ASN A 108 -11.91 3.33 -4.36
CA ASN A 108 -11.52 4.19 -5.46
C ASN A 108 -11.28 3.39 -6.73
N TYR A 109 -10.60 2.25 -6.61
CA TYR A 109 -10.24 1.41 -7.73
C TYR A 109 -11.47 0.68 -8.19
N LEU A 110 -12.31 0.15 -7.30
CA LEU A 110 -13.51 -0.55 -7.69
C LEU A 110 -14.38 0.34 -8.58
N ALA A 111 -14.51 1.62 -8.25
CA ALA A 111 -15.13 2.63 -9.09
C ALA A 111 -14.39 2.80 -10.44
N ARG A 112 -13.13 3.27 -10.42
CA ARG A 112 -12.39 3.60 -11.63
C ARG A 112 -12.34 2.41 -12.60
N LEU A 113 -12.08 1.21 -12.07
CA LEU A 113 -11.99 -0.07 -12.75
C LEU A 113 -13.27 -0.32 -13.53
N ARG A 114 -14.42 -0.29 -12.85
CA ARG A 114 -15.69 -0.61 -13.47
C ARG A 114 -16.02 0.43 -14.53
N ALA A 115 -15.78 1.71 -14.24
CA ALA A 115 -16.08 2.80 -15.14
C ALA A 115 -15.17 2.77 -16.37
N ALA A 116 -14.01 2.10 -16.28
CA ALA A 116 -12.97 2.07 -17.30
C ALA A 116 -12.83 0.69 -17.95
N LYS A 117 -13.71 -0.26 -17.61
CA LYS A 117 -13.76 -1.61 -18.16
C LYS A 117 -12.41 -2.36 -18.10
N ALA A 118 -11.56 -2.02 -17.12
CA ALA A 118 -10.18 -2.50 -17.09
C ALA A 118 -10.09 -3.95 -16.56
N SER A 119 -8.87 -4.45 -16.37
CA SER A 119 -8.61 -5.82 -15.94
C SER A 119 -9.08 -6.06 -14.50
N ARG A 120 -9.87 -7.10 -14.27
CA ARG A 120 -10.51 -7.38 -12.99
C ARG A 120 -9.92 -8.68 -12.49
N GLU A 121 -8.64 -8.64 -12.14
CA GLU A 121 -7.88 -9.79 -11.65
C GLU A 121 -8.55 -10.45 -10.42
N PRO A 122 -8.25 -11.73 -10.12
CA PRO A 122 -8.96 -12.47 -9.09
C PRO A 122 -8.56 -12.01 -7.70
N LEU A 123 -9.51 -11.44 -6.99
CA LEU A 123 -9.34 -10.91 -5.63
C LEU A 123 -10.33 -11.46 -4.62
N ILE A 124 -11.22 -12.34 -5.08
CA ILE A 124 -12.38 -12.79 -4.33
C ILE A 124 -11.89 -13.49 -3.08
N ASP A 125 -12.55 -13.19 -1.98
CA ASP A 125 -12.36 -13.80 -0.68
C ASP A 125 -13.74 -13.83 -0.01
N MET A 126 -14.03 -14.87 0.75
CA MET A 126 -15.30 -15.05 1.46
C MET A 126 -15.24 -14.43 2.86
N ALA A 127 -14.09 -13.88 3.28
CA ALA A 127 -13.83 -13.33 4.59
C ALA A 127 -13.34 -11.89 4.42
N VAL A 128 -14.26 -10.95 4.32
CA VAL A 128 -13.99 -9.53 4.10
C VAL A 128 -14.69 -8.72 5.20
N LYS A 129 -14.05 -7.61 5.62
CA LYS A 129 -14.43 -6.71 6.71
C LYS A 129 -14.47 -5.29 6.17
N TYR A 130 -15.50 -4.53 6.54
CA TYR A 130 -15.74 -3.14 6.18
C TYR A 130 -15.86 -2.37 7.50
N HIS A 131 -14.84 -1.59 7.86
CA HIS A 131 -14.81 -0.75 9.05
C HIS A 131 -14.22 0.63 8.67
N THR A 132 -13.94 1.46 9.69
CA THR A 132 -13.41 2.81 9.53
C THR A 132 -12.00 2.70 8.94
N GLY A 1 -6.69 23.66 8.64
CA GLY A 1 -6.71 22.24 8.25
C GLY A 1 -5.31 21.75 7.97
N MET A 2 -5.13 21.02 6.87
CA MET A 2 -3.91 20.25 6.61
C MET A 2 -2.81 21.14 6.01
N THR A 3 -1.55 20.69 6.06
CA THR A 3 -0.40 21.47 5.62
C THR A 3 0.63 20.56 4.91
N PRO A 4 1.52 21.11 4.06
CA PRO A 4 2.59 20.35 3.42
C PRO A 4 3.71 20.08 4.43
N GLN A 5 3.70 18.90 5.05
CA GLN A 5 4.67 18.48 6.03
C GLN A 5 4.96 17.00 5.90
N SER A 6 6.04 16.58 6.55
CA SER A 6 6.53 15.22 6.58
C SER A 6 6.86 14.82 8.00
N ASP A 7 6.12 15.36 8.96
CA ASP A 7 6.41 15.29 10.40
C ASP A 7 5.87 14.01 11.04
N THR A 8 5.47 13.05 10.22
CA THR A 8 5.02 11.73 10.61
C THR A 8 6.03 11.01 11.51
N PRO A 9 5.58 9.99 12.27
CA PRO A 9 6.46 9.13 13.05
C PRO A 9 7.44 8.36 12.16
N LYS A 10 8.37 7.61 12.77
CA LYS A 10 9.25 6.68 12.07
C LYS A 10 8.82 5.26 12.44
N VAL A 11 8.75 4.41 11.41
CA VAL A 11 8.38 3.01 11.58
C VAL A 11 9.53 2.34 12.34
N THR A 12 9.21 1.32 13.12
CA THR A 12 10.16 0.55 13.91
C THR A 12 10.02 -0.94 13.59
N GLY A 13 8.78 -1.45 13.60
CA GLY A 13 8.45 -2.83 13.34
C GLY A 13 7.62 -2.93 12.07
N LEU A 14 7.89 -3.99 11.31
CA LEU A 14 7.26 -4.34 10.03
C LEU A 14 7.11 -5.85 10.01
N LYS A 15 5.88 -6.38 9.94
CA LYS A 15 5.60 -7.81 9.90
C LYS A 15 4.90 -8.15 8.60
N LEU A 16 4.93 -9.43 8.22
CA LEU A 16 4.33 -9.93 6.99
C LEU A 16 3.40 -11.09 7.28
N LYS A 17 2.39 -11.26 6.42
CA LYS A 17 1.49 -12.40 6.45
C LYS A 17 1.29 -12.87 5.01
N ARG A 18 2.21 -13.69 4.48
CA ARG A 18 2.11 -14.22 3.11
C ARG A 18 0.76 -14.90 2.88
N LYS A 19 0.31 -15.69 3.86
CA LYS A 19 -0.97 -16.42 3.87
C LYS A 19 -2.20 -15.53 3.71
N SER A 20 -2.09 -14.22 3.86
CA SER A 20 -3.18 -13.26 3.77
C SER A 20 -2.82 -12.11 2.83
N ARG A 21 -1.69 -12.19 2.13
CA ARG A 21 -1.10 -11.13 1.30
C ARG A 21 -1.10 -9.74 1.95
N GLN A 22 -0.88 -9.66 3.26
CA GLN A 22 -0.94 -8.42 4.01
C GLN A 22 0.40 -8.17 4.70
N LEU A 23 0.69 -6.91 5.01
CA LEU A 23 1.90 -6.44 5.72
C LEU A 23 1.48 -5.50 6.85
N GLU A 24 2.03 -5.69 8.06
CA GLU A 24 1.69 -4.94 9.27
C GLU A 24 2.82 -3.98 9.62
N ILE A 25 2.46 -2.85 10.23
CA ILE A 25 3.29 -1.66 10.36
C ILE A 25 3.06 -1.07 11.73
N SER A 26 4.16 -0.61 12.31
CA SER A 26 4.29 -0.25 13.68
C SER A 26 5.16 0.98 13.79
N PHE A 27 4.62 2.03 14.40
CA PHE A 27 5.25 3.32 14.54
C PHE A 27 5.67 3.55 15.98
N ASP A 28 6.69 4.39 16.17
CA ASP A 28 7.25 4.61 17.50
C ASP A 28 6.48 5.64 18.33
N ASN A 29 5.38 6.18 17.79
CA ASN A 29 4.42 7.03 18.51
C ASN A 29 3.27 6.21 19.12
N GLY A 30 3.31 4.88 19.04
CA GLY A 30 2.22 4.05 19.51
C GLY A 30 1.05 4.11 18.54
N GLN A 31 1.30 3.79 17.27
CA GLN A 31 0.27 3.48 16.29
C GLN A 31 0.68 2.22 15.56
N GLN A 32 -0.31 1.48 15.08
CA GLN A 32 -0.16 0.22 14.37
C GLN A 32 -1.31 0.05 13.38
N PHE A 33 -1.01 -0.44 12.19
CA PHE A 33 -1.97 -0.71 11.11
C PHE A 33 -1.38 -1.77 10.16
N THR A 34 -2.10 -2.17 9.13
CA THR A 34 -1.69 -3.20 8.19
C THR A 34 -2.29 -2.83 6.83
N LEU A 35 -1.67 -3.23 5.72
CA LEU A 35 -2.16 -2.96 4.37
C LEU A 35 -2.19 -4.24 3.54
N SER A 36 -3.01 -4.19 2.50
CA SER A 36 -3.18 -5.26 1.52
C SER A 36 -2.14 -5.09 0.43
N CYS A 37 -1.57 -6.20 -0.07
CA CYS A 37 -0.64 -6.16 -1.20
C CYS A 37 -1.22 -5.40 -2.40
N GLU A 38 -2.52 -5.54 -2.69
CA GLU A 38 -3.14 -4.93 -3.86
C GLU A 38 -3.01 -3.40 -3.79
N LEU A 39 -3.42 -2.79 -2.67
CA LEU A 39 -3.31 -1.35 -2.41
C LEU A 39 -1.85 -0.92 -2.56
N LEU A 40 -0.93 -1.69 -1.96
CA LEU A 40 0.52 -1.50 -2.04
C LEU A 40 1.05 -1.57 -3.46
N ARG A 41 0.28 -1.97 -4.47
CA ARG A 41 0.68 -1.87 -5.89
C ARG A 41 -0.14 -0.88 -6.72
N VAL A 42 -1.43 -0.67 -6.47
CA VAL A 42 -2.19 0.31 -7.26
C VAL A 42 -1.77 1.73 -6.88
N TYR A 43 -1.59 2.00 -5.59
CA TYR A 43 -1.56 3.33 -5.03
C TYR A 43 -0.12 3.79 -4.77
N SER A 44 0.75 3.62 -5.76
CA SER A 44 2.19 3.76 -5.56
C SER A 44 2.61 5.24 -5.44
N PRO A 45 3.75 5.55 -4.81
CA PRO A 45 4.19 6.92 -4.53
C PRO A 45 4.53 7.74 -5.78
N SER A 46 4.56 7.12 -6.95
CA SER A 46 4.75 7.74 -8.26
C SER A 46 3.43 8.02 -8.98
N ALA A 47 2.30 7.82 -8.29
CA ALA A 47 0.97 8.09 -8.79
C ALA A 47 0.57 9.53 -8.51
N GLU A 48 0.27 9.86 -7.25
CA GLU A 48 -0.32 11.15 -6.88
C GLU A 48 0.76 12.22 -6.60
N VAL A 49 1.94 12.01 -7.20
CA VAL A 49 3.12 12.85 -7.03
C VAL A 49 2.90 14.24 -7.65
N HIS A 50 2.19 14.28 -8.78
CA HIS A 50 1.95 15.36 -9.72
C HIS A 50 3.23 16.06 -10.22
N GLY A 51 3.16 16.69 -11.40
CA GLY A 51 4.29 17.33 -12.05
C GLY A 51 5.32 16.32 -12.54
N HIS A 52 6.20 15.86 -11.64
CA HIS A 52 7.28 14.94 -12.00
C HIS A 52 6.73 13.57 -12.39
N GLY A 53 5.50 13.25 -11.99
CA GLY A 53 4.76 12.08 -12.39
C GLY A 53 3.27 12.42 -12.32
N ASN A 54 2.45 11.43 -12.62
CA ASN A 54 1.01 11.50 -12.84
C ASN A 54 0.44 10.11 -12.53
N PRO A 55 -0.88 10.00 -12.24
CA PRO A 55 -1.50 8.77 -11.76
C PRO A 55 -1.86 7.84 -12.95
N VAL A 56 -2.52 6.72 -12.65
CA VAL A 56 -3.14 5.83 -13.63
C VAL A 56 -4.30 5.06 -12.95
N LEU A 57 -5.32 4.65 -13.71
CA LEU A 57 -6.35 3.71 -13.25
C LEU A 57 -5.78 2.30 -13.35
N VAL A 58 -5.48 1.68 -12.21
CA VAL A 58 -4.87 0.36 -12.12
C VAL A 58 -5.95 -0.68 -11.80
N THR A 59 -5.67 -1.93 -12.15
CA THR A 59 -6.59 -3.07 -12.03
C THR A 59 -6.46 -3.77 -10.68
N HIS A 60 -7.28 -4.79 -10.43
CA HIS A 60 -7.05 -5.74 -9.35
C HIS A 60 -5.71 -6.47 -9.60
N LYS A 61 -5.09 -7.04 -8.56
CA LYS A 61 -3.83 -7.78 -8.65
C LYS A 61 -4.10 -9.11 -7.94
N LYS A 62 -3.87 -10.18 -8.69
CA LYS A 62 -4.22 -11.57 -8.40
C LYS A 62 -3.90 -12.00 -6.97
N ASN A 63 -2.63 -12.32 -6.67
CA ASN A 63 -2.18 -12.84 -5.38
C ASN A 63 -0.71 -12.46 -5.23
N VAL A 64 -0.43 -11.22 -4.81
CA VAL A 64 0.94 -10.73 -4.68
C VAL A 64 1.40 -10.94 -3.24
N ASN A 65 2.68 -11.25 -3.01
CA ASN A 65 3.28 -11.32 -1.67
C ASN A 65 4.54 -10.45 -1.63
N ILE A 66 5.25 -10.48 -0.51
CA ILE A 66 6.48 -9.76 -0.26
C ILE A 66 7.52 -10.82 0.07
N ASN A 67 8.62 -10.79 -0.68
CA ASN A 67 9.76 -11.66 -0.47
C ASN A 67 10.71 -11.07 0.57
N ALA A 68 10.80 -9.75 0.73
CA ALA A 68 11.75 -9.14 1.66
C ALA A 68 11.46 -7.63 1.80
N ILE A 69 12.15 -6.99 2.75
CA ILE A 69 12.09 -5.57 3.06
C ILE A 69 13.55 -5.11 3.18
N THR A 70 13.82 -3.86 2.77
CA THR A 70 15.06 -3.17 3.04
C THR A 70 14.71 -1.74 3.40
N PRO A 71 14.88 -1.32 4.66
CA PRO A 71 14.75 0.07 5.04
C PRO A 71 15.92 0.87 4.44
N VAL A 72 15.66 2.14 4.14
CA VAL A 72 16.55 2.99 3.37
C VAL A 72 16.61 4.34 4.07
N GLY A 73 17.83 4.76 4.40
CA GLY A 73 18.15 6.03 5.03
C GLY A 73 17.44 6.28 6.35
N ASN A 74 16.87 5.24 6.96
CA ASN A 74 16.00 5.24 8.13
C ASN A 74 14.60 5.82 7.83
N TYR A 75 14.31 6.23 6.58
CA TYR A 75 13.14 7.06 6.24
C TYR A 75 12.09 6.36 5.36
N ALA A 76 12.37 5.17 4.81
CA ALA A 76 11.52 4.47 3.84
C ALA A 76 11.92 3.00 3.68
N VAL A 77 11.29 2.24 2.77
CA VAL A 77 11.48 0.78 2.58
C VAL A 77 11.35 0.32 1.12
N LYS A 78 12.44 -0.20 0.58
CA LYS A 78 12.33 -1.09 -0.56
C LYS A 78 11.59 -2.34 -0.08
N LEU A 79 10.66 -2.85 -0.88
CA LEU A 79 9.86 -4.04 -0.59
C LEU A 79 9.97 -4.90 -1.84
N VAL A 80 10.44 -6.14 -1.71
CA VAL A 80 10.58 -7.03 -2.85
C VAL A 80 9.19 -7.65 -3.09
N PHE A 81 8.44 -7.20 -4.09
CA PHE A 81 7.14 -7.79 -4.42
C PHE A 81 7.40 -9.12 -5.13
N ASP A 82 6.77 -10.17 -4.64
CA ASP A 82 6.93 -11.54 -5.11
C ASP A 82 6.23 -11.80 -6.45
N ASP A 83 5.33 -10.92 -6.87
CA ASP A 83 4.54 -11.05 -8.11
C ASP A 83 4.31 -9.64 -8.63
N GLY A 84 5.37 -8.84 -8.64
CA GLY A 84 5.36 -7.44 -9.02
C GLY A 84 6.76 -7.08 -9.50
N HIS A 85 7.51 -6.36 -8.69
CA HIS A 85 8.92 -5.97 -8.85
C HIS A 85 9.33 -5.29 -7.53
N ASP A 86 10.61 -5.02 -7.34
CA ASP A 86 11.17 -4.46 -6.10
C ASP A 86 11.35 -2.93 -6.15
N THR A 87 10.60 -2.28 -7.03
CA THR A 87 10.65 -0.85 -7.32
C THR A 87 9.59 -0.04 -6.57
N GLY A 88 9.92 0.43 -5.37
CA GLY A 88 9.11 1.29 -4.52
C GLY A 88 9.89 1.60 -3.25
N LEU A 89 9.45 2.59 -2.45
CA LEU A 89 10.10 2.92 -1.17
C LEU A 89 9.06 3.10 -0.04
N TYR A 90 7.92 3.66 -0.34
CA TYR A 90 6.79 3.98 0.53
C TYR A 90 7.28 4.61 1.83
N SER A 91 7.60 5.91 1.75
CA SER A 91 7.96 6.68 2.93
C SER A 91 6.93 6.50 4.03
N TRP A 92 7.39 6.75 5.25
CA TRP A 92 6.59 6.67 6.46
C TRP A 92 5.29 7.45 6.32
N LYS A 93 5.31 8.60 5.63
CA LYS A 93 4.08 9.36 5.38
C LYS A 93 3.12 8.58 4.48
N VAL A 94 3.61 8.04 3.36
CA VAL A 94 2.79 7.37 2.35
C VAL A 94 2.05 6.21 3.00
N LEU A 95 2.76 5.36 3.73
CA LEU A 95 2.17 4.18 4.36
C LEU A 95 1.08 4.57 5.36
N TYR A 96 1.29 5.62 6.15
CA TYR A 96 0.30 6.14 7.09
C TYR A 96 -0.95 6.56 6.31
N ASP A 97 -0.78 7.38 5.27
CA ASP A 97 -1.89 7.97 4.52
C ASP A 97 -2.74 6.89 3.84
N LEU A 98 -2.11 5.88 3.24
CA LEU A 98 -2.80 4.74 2.68
C LEU A 98 -3.58 4.03 3.78
N ALA A 99 -2.93 3.67 4.88
CA ALA A 99 -3.52 2.87 5.94
C ALA A 99 -4.74 3.53 6.59
N SER A 100 -4.66 4.83 6.87
CA SER A 100 -5.73 5.59 7.50
C SER A 100 -7.01 5.61 6.67
N ASN A 101 -6.92 5.44 5.35
CA ASN A 101 -8.02 5.66 4.41
C ASN A 101 -8.27 4.40 3.56
N GLN A 102 -7.77 3.24 3.99
CA GLN A 102 -7.34 2.19 3.07
C GLN A 102 -8.54 1.54 2.39
N VAL A 103 -9.68 1.61 3.04
CA VAL A 103 -10.88 0.95 2.64
C VAL A 103 -11.50 1.77 1.50
N ASP A 104 -11.76 3.06 1.72
CA ASP A 104 -12.38 3.92 0.71
C ASP A 104 -11.50 4.09 -0.51
N LEU A 105 -10.20 4.30 -0.28
CA LEU A 105 -9.23 4.46 -1.36
C LEU A 105 -9.25 3.23 -2.27
N TRP A 106 -9.26 2.04 -1.66
CA TRP A 106 -9.45 0.78 -2.36
C TRP A 106 -10.80 0.74 -3.07
N GLU A 107 -11.92 0.94 -2.38
CA GLU A 107 -13.31 0.84 -2.89
C GLU A 107 -13.46 1.53 -4.24
N ASN A 108 -12.96 2.76 -4.31
CA ASN A 108 -12.90 3.57 -5.52
C ASN A 108 -12.25 2.89 -6.72
N TYR A 109 -11.28 1.98 -6.57
CA TYR A 109 -10.74 1.25 -7.71
C TYR A 109 -11.80 0.27 -8.18
N LEU A 110 -12.44 -0.46 -7.26
CA LEU A 110 -13.47 -1.45 -7.59
C LEU A 110 -14.64 -0.79 -8.31
N ALA A 111 -14.98 0.46 -7.95
CA ALA A 111 -15.95 1.28 -8.65
C ALA A 111 -15.42 1.71 -10.01
N ARG A 112 -14.39 2.57 -10.04
CA ARG A 112 -13.89 3.19 -11.27
C ARG A 112 -13.39 2.16 -12.29
N LEU A 113 -13.07 0.93 -11.86
CA LEU A 113 -12.77 -0.19 -12.72
C LEU A 113 -13.89 -0.41 -13.72
N ARG A 114 -15.15 -0.43 -13.27
CA ARG A 114 -16.25 -0.64 -14.19
C ARG A 114 -16.36 0.51 -15.19
N ALA A 115 -16.05 1.75 -14.79
CA ALA A 115 -16.04 2.89 -15.70
C ALA A 115 -14.80 2.87 -16.63
N ALA A 116 -13.77 2.09 -16.29
CA ALA A 116 -12.51 2.00 -17.02
C ALA A 116 -12.39 0.69 -17.81
N LYS A 117 -13.40 -0.18 -17.71
CA LYS A 117 -13.57 -1.39 -18.49
C LYS A 117 -12.35 -2.32 -18.42
N ALA A 118 -11.59 -2.25 -17.32
CA ALA A 118 -10.26 -2.82 -17.22
C ALA A 118 -10.30 -4.24 -16.63
N SER A 119 -9.14 -4.83 -16.40
CA SER A 119 -9.02 -6.21 -15.88
C SER A 119 -9.56 -6.31 -14.45
N ARG A 120 -10.31 -7.39 -14.18
CA ARG A 120 -10.87 -7.67 -12.86
C ARG A 120 -10.28 -8.99 -12.36
N GLU A 121 -8.98 -8.98 -12.10
CA GLU A 121 -8.22 -10.07 -11.48
C GLU A 121 -8.88 -10.49 -10.16
N PRO A 122 -8.51 -11.66 -9.59
CA PRO A 122 -8.95 -12.02 -8.25
C PRO A 122 -8.30 -11.10 -7.21
N LEU A 123 -8.95 -10.94 -6.06
CA LEU A 123 -8.60 -10.08 -4.93
C LEU A 123 -9.45 -10.27 -3.67
N ILE A 124 -10.43 -11.18 -3.70
CA ILE A 124 -11.49 -11.27 -2.72
C ILE A 124 -10.90 -11.79 -1.40
N ASP A 125 -11.50 -11.39 -0.27
CA ASP A 125 -11.16 -11.88 1.05
C ASP A 125 -11.98 -13.14 1.33
N MET A 126 -11.35 -14.22 1.79
CA MET A 126 -12.00 -15.44 2.25
C MET A 126 -11.46 -15.90 3.61
N ALA A 127 -11.13 -14.93 4.47
CA ALA A 127 -10.69 -15.10 5.83
C ALA A 127 -11.31 -14.01 6.69
N VAL A 128 -12.60 -14.14 7.00
CA VAL A 128 -13.36 -13.16 7.76
C VAL A 128 -13.99 -13.89 8.94
N LYS A 129 -13.51 -13.59 10.14
CA LYS A 129 -14.11 -14.04 11.38
C LYS A 129 -15.29 -13.11 11.66
N TYR A 130 -16.47 -13.66 11.92
CA TYR A 130 -17.71 -12.90 12.06
C TYR A 130 -18.11 -12.69 13.52
N HIS A 131 -17.15 -12.60 14.45
CA HIS A 131 -17.43 -12.65 15.88
C HIS A 131 -16.79 -11.47 16.60
N THR A 132 -17.49 -11.06 17.66
CA THR A 132 -17.24 -9.94 18.55
C THR A 132 -15.97 -10.12 19.38
N GLY A 1 1.72 30.94 4.01
CA GLY A 1 3.09 30.66 3.56
C GLY A 1 3.98 30.37 4.75
N MET A 2 4.14 29.09 5.09
CA MET A 2 5.01 28.58 6.15
C MET A 2 5.70 27.32 5.62
N THR A 3 6.81 26.92 6.23
CA THR A 3 7.45 25.65 5.93
C THR A 3 6.52 24.49 6.38
N PRO A 4 6.59 23.31 5.75
CA PRO A 4 5.83 22.15 6.17
C PRO A 4 6.42 21.58 7.46
N GLN A 5 5.65 20.73 8.14
CA GLN A 5 6.15 19.86 9.19
C GLN A 5 6.23 18.45 8.64
N SER A 6 7.33 17.79 8.97
CA SER A 6 7.71 16.44 8.61
C SER A 6 7.88 15.62 9.88
N ASP A 7 7.01 15.87 10.86
CA ASP A 7 7.13 15.35 12.22
C ASP A 7 6.57 13.93 12.33
N THR A 8 6.18 13.37 11.20
CA THR A 8 5.64 12.04 10.99
C THR A 8 6.72 10.99 11.35
N PRO A 9 6.33 9.83 11.89
CA PRO A 9 7.23 8.81 12.43
C PRO A 9 7.96 8.01 11.34
N LYS A 10 8.93 7.18 11.75
CA LYS A 10 9.93 6.55 10.89
C LYS A 10 9.93 5.01 10.83
N VAL A 11 8.88 4.36 11.36
CA VAL A 11 8.58 2.93 11.29
C VAL A 11 9.54 2.08 12.12
N THR A 12 8.98 1.25 13.00
CA THR A 12 9.72 0.41 13.94
C THR A 12 9.14 -1.02 13.96
N GLY A 13 8.67 -1.52 12.82
CA GLY A 13 8.19 -2.90 12.72
C GLY A 13 8.32 -3.43 11.30
N LEU A 14 7.25 -3.25 10.54
CA LEU A 14 6.96 -3.81 9.23
C LEU A 14 7.05 -5.34 9.24
N LYS A 15 6.01 -6.01 9.74
CA LYS A 15 5.90 -7.46 9.78
C LYS A 15 4.97 -7.93 8.69
N LEU A 16 4.94 -9.24 8.40
CA LEU A 16 4.07 -9.78 7.36
C LEU A 16 3.40 -11.07 7.81
N LYS A 17 2.39 -11.47 7.03
CA LYS A 17 1.67 -12.72 7.18
C LYS A 17 1.22 -13.21 5.80
N ARG A 18 2.05 -13.99 5.11
CA ARG A 18 1.68 -14.65 3.85
C ARG A 18 0.35 -15.40 3.97
N LYS A 19 0.04 -15.95 5.15
CA LYS A 19 -1.19 -16.73 5.39
C LYS A 19 -2.48 -15.99 5.04
N SER A 20 -2.45 -14.66 5.04
CA SER A 20 -3.57 -13.80 4.67
C SER A 20 -3.15 -12.77 3.62
N ARG A 21 -1.97 -12.91 3.00
CA ARG A 21 -1.36 -11.92 2.11
C ARG A 21 -1.37 -10.50 2.71
N GLN A 22 -1.26 -10.39 4.03
CA GLN A 22 -1.36 -9.13 4.76
C GLN A 22 0.04 -8.70 5.25
N LEU A 23 0.17 -7.41 5.56
CA LEU A 23 1.36 -6.75 6.09
C LEU A 23 0.97 -5.85 7.24
N GLU A 24 1.73 -5.91 8.34
CA GLU A 24 1.54 -5.13 9.55
C GLU A 24 2.59 -4.03 9.63
N ILE A 25 2.20 -2.89 10.21
CA ILE A 25 3.06 -1.72 10.36
C ILE A 25 2.98 -1.28 11.82
N SER A 26 4.13 -0.86 12.35
CA SER A 26 4.31 -0.19 13.61
C SER A 26 5.06 1.08 13.29
N PHE A 27 4.59 2.16 13.89
CA PHE A 27 5.31 3.40 13.98
C PHE A 27 5.99 3.50 15.33
N ASP A 28 6.74 4.58 15.47
CA ASP A 28 7.48 4.89 16.68
C ASP A 28 6.69 5.87 17.55
N ASN A 29 5.35 5.89 17.43
CA ASN A 29 4.47 6.87 18.08
C ASN A 29 3.49 6.25 19.08
N GLY A 30 3.10 4.98 18.89
CA GLY A 30 2.06 4.38 19.73
C GLY A 30 0.72 4.16 19.01
N GLN A 31 0.79 3.62 17.80
CA GLN A 31 -0.28 3.00 17.03
C GLN A 31 0.29 1.71 16.38
N GLN A 32 -0.54 1.01 15.60
CA GLN A 32 -0.20 -0.16 14.80
C GLN A 32 -1.39 -0.43 13.85
N PHE A 33 -1.17 -1.18 12.76
CA PHE A 33 -2.21 -1.53 11.80
C PHE A 33 -1.76 -2.67 10.89
N THR A 34 -2.63 -3.07 9.97
CA THR A 34 -2.38 -4.07 8.93
C THR A 34 -3.07 -3.63 7.63
N LEU A 35 -2.44 -3.85 6.47
CA LEU A 35 -3.06 -3.70 5.15
C LEU A 35 -2.78 -4.93 4.30
N SER A 36 -3.37 -4.98 3.11
CA SER A 36 -3.43 -6.15 2.25
C SER A 36 -2.50 -5.95 1.04
N CYS A 37 -1.88 -7.01 0.52
CA CYS A 37 -0.86 -6.89 -0.54
C CYS A 37 -1.40 -6.18 -1.79
N GLU A 38 -2.69 -6.35 -2.05
CA GLU A 38 -3.43 -5.74 -3.14
C GLU A 38 -3.32 -4.21 -3.06
N LEU A 39 -3.69 -3.63 -1.91
CA LEU A 39 -3.74 -2.18 -1.72
C LEU A 39 -2.34 -1.57 -1.80
N LEU A 40 -1.30 -2.33 -1.44
CA LEU A 40 0.07 -1.85 -1.60
C LEU A 40 0.35 -1.56 -3.07
N ARG A 41 0.18 -2.54 -3.97
CA ARG A 41 0.54 -2.30 -5.38
C ARG A 41 -0.40 -1.30 -6.03
N VAL A 42 -1.71 -1.38 -5.75
CA VAL A 42 -2.70 -0.56 -6.43
C VAL A 42 -2.42 0.94 -6.24
N TYR A 43 -1.89 1.31 -5.06
CA TYR A 43 -1.69 2.70 -4.71
C TYR A 43 -0.64 3.34 -5.62
N SER A 44 0.52 2.68 -5.76
CA SER A 44 1.60 3.08 -6.66
C SER A 44 1.85 4.59 -6.57
N PRO A 45 2.57 5.11 -5.56
CA PRO A 45 2.84 6.54 -5.47
C PRO A 45 3.70 7.03 -6.65
N SER A 46 4.33 6.10 -7.38
CA SER A 46 5.15 6.28 -8.56
C SER A 46 4.33 6.23 -9.86
N ALA A 47 2.99 6.35 -9.78
CA ALA A 47 2.09 6.10 -10.90
C ALA A 47 2.27 7.12 -12.01
N GLU A 48 2.22 8.41 -11.66
CA GLU A 48 2.46 9.54 -12.56
C GLU A 48 3.96 9.66 -12.93
N VAL A 49 4.60 8.53 -13.16
CA VAL A 49 5.99 8.39 -13.54
C VAL A 49 6.12 7.21 -14.50
N HIS A 50 5.12 7.07 -15.34
CA HIS A 50 5.12 6.23 -16.51
C HIS A 50 6.18 6.80 -17.47
N GLY A 51 7.45 6.47 -17.24
CA GLY A 51 8.59 6.96 -18.01
C GLY A 51 8.95 8.38 -17.62
N HIS A 52 8.09 9.34 -17.96
CA HIS A 52 8.31 10.76 -17.74
C HIS A 52 7.50 11.24 -16.51
N GLY A 53 6.23 11.62 -16.70
CA GLY A 53 5.42 12.17 -15.62
C GLY A 53 3.91 12.16 -15.88
N ASN A 54 3.49 11.49 -16.95
CA ASN A 54 2.09 11.28 -17.30
C ASN A 54 1.51 10.11 -16.49
N PRO A 55 0.17 10.06 -16.33
CA PRO A 55 -0.49 9.24 -15.32
C PRO A 55 -0.70 7.79 -15.78
N VAL A 56 -1.18 6.97 -14.86
CA VAL A 56 -1.73 5.64 -15.10
C VAL A 56 -2.80 5.38 -14.01
N LEU A 57 -3.52 4.26 -14.10
CA LEU A 57 -4.43 3.70 -13.11
C LEU A 57 -4.05 2.22 -12.93
N VAL A 58 -4.37 1.60 -11.79
CA VAL A 58 -4.06 0.20 -11.53
C VAL A 58 -5.33 -0.65 -11.52
N THR A 59 -5.19 -1.89 -12.02
CA THR A 59 -6.21 -2.94 -12.03
C THR A 59 -6.32 -3.60 -10.66
N HIS A 60 -7.17 -4.63 -10.55
CA HIS A 60 -7.22 -5.46 -9.35
C HIS A 60 -5.86 -6.16 -9.07
N LYS A 61 -5.68 -6.88 -7.95
CA LYS A 61 -4.44 -7.62 -7.67
C LYS A 61 -4.76 -8.86 -6.81
N LYS A 62 -4.23 -9.99 -7.26
CA LYS A 62 -4.64 -11.35 -6.92
C LYS A 62 -4.23 -11.77 -5.53
N ASN A 63 -3.00 -12.25 -5.46
CA ASN A 63 -2.38 -12.98 -4.38
C ASN A 63 -0.87 -12.81 -4.58
N VAL A 64 -0.31 -11.72 -4.08
CA VAL A 64 1.12 -11.40 -4.18
C VAL A 64 1.83 -11.74 -2.86
N ASN A 65 3.16 -11.90 -2.87
CA ASN A 65 3.95 -12.11 -1.65
C ASN A 65 5.16 -11.17 -1.68
N ILE A 66 5.53 -10.61 -0.52
CA ILE A 66 6.70 -9.74 -0.41
C ILE A 66 7.91 -10.57 0.00
N ASN A 67 9.05 -10.21 -0.57
CA ASN A 67 10.32 -10.87 -0.33
C ASN A 67 10.99 -10.23 0.87
N ALA A 68 11.12 -8.91 0.86
CA ALA A 68 11.99 -8.17 1.74
C ALA A 68 11.53 -6.72 1.81
N ILE A 69 12.19 -5.95 2.67
CA ILE A 69 11.88 -4.56 2.98
C ILE A 69 13.25 -3.92 3.13
N THR A 70 13.47 -2.75 2.54
CA THR A 70 14.79 -2.13 2.52
C THR A 70 14.59 -0.63 2.69
N PRO A 71 14.93 -0.05 3.84
CA PRO A 71 14.79 1.37 4.10
C PRO A 71 15.75 2.10 3.17
N VAL A 72 15.17 2.88 2.26
CA VAL A 72 15.90 3.82 1.44
C VAL A 72 16.18 4.98 2.39
N GLY A 73 17.42 5.02 2.87
CA GLY A 73 17.88 6.00 3.83
C GLY A 73 17.28 5.74 5.19
N ASN A 74 16.40 6.64 5.57
CA ASN A 74 15.66 6.68 6.83
C ASN A 74 14.34 7.43 6.59
N TYR A 75 13.83 7.36 5.35
CA TYR A 75 12.59 8.06 5.02
C TYR A 75 11.60 7.31 4.13
N ALA A 76 12.00 6.20 3.52
CA ALA A 76 11.14 5.42 2.63
C ALA A 76 11.58 3.96 2.70
N VAL A 77 10.83 3.04 2.08
CA VAL A 77 11.24 1.66 1.96
C VAL A 77 10.93 1.23 0.56
N LYS A 78 11.85 0.42 0.06
CA LYS A 78 11.59 -0.51 -1.01
C LYS A 78 10.82 -1.66 -0.35
N LEU A 79 9.80 -2.14 -1.05
CA LEU A 79 8.79 -3.04 -0.52
C LEU A 79 8.50 -4.03 -1.65
N VAL A 80 9.33 -5.06 -1.76
CA VAL A 80 9.52 -5.81 -3.00
C VAL A 80 8.44 -6.88 -3.19
N PHE A 81 8.07 -7.22 -4.43
CA PHE A 81 7.04 -8.24 -4.70
C PHE A 81 7.59 -9.32 -5.63
N ASP A 82 7.04 -10.52 -5.54
CA ASP A 82 7.49 -11.76 -6.19
C ASP A 82 6.99 -11.88 -7.63
N ASP A 83 5.83 -11.28 -7.89
CA ASP A 83 5.19 -11.16 -9.19
C ASP A 83 5.07 -9.68 -9.53
N GLY A 84 4.67 -8.88 -8.55
CA GLY A 84 4.45 -7.45 -8.68
C GLY A 84 5.73 -6.63 -8.87
N HIS A 85 6.89 -7.28 -9.08
CA HIS A 85 8.22 -6.75 -9.31
C HIS A 85 8.75 -5.96 -8.11
N ASP A 86 10.04 -6.12 -7.79
CA ASP A 86 10.69 -5.51 -6.64
C ASP A 86 10.71 -3.97 -6.66
N THR A 87 10.49 -3.35 -7.81
CA THR A 87 10.45 -1.90 -7.93
C THR A 87 9.19 -1.39 -7.25
N GLY A 88 9.26 -0.99 -5.99
CA GLY A 88 8.10 -0.57 -5.23
C GLY A 88 8.55 0.26 -4.06
N LEU A 89 8.62 1.58 -4.24
CA LEU A 89 8.94 2.50 -3.15
C LEU A 89 7.64 2.89 -2.47
N TYR A 90 7.71 3.03 -1.15
CA TYR A 90 6.68 3.66 -0.35
C TYR A 90 7.35 4.55 0.68
N SER A 91 6.62 5.52 1.21
CA SER A 91 7.13 6.49 2.17
C SER A 91 6.35 6.36 3.48
N TRP A 92 6.99 6.68 4.61
CA TRP A 92 6.41 6.50 5.93
C TRP A 92 5.06 7.24 6.04
N LYS A 93 5.00 8.47 5.53
CA LYS A 93 3.79 9.30 5.52
C LYS A 93 2.68 8.65 4.70
N VAL A 94 3.02 8.08 3.54
CA VAL A 94 2.06 7.39 2.68
C VAL A 94 1.47 6.19 3.43
N LEU A 95 2.31 5.35 4.05
CA LEU A 95 1.86 4.14 4.76
C LEU A 95 0.87 4.51 5.88
N TYR A 96 1.07 5.64 6.58
CA TYR A 96 0.15 6.10 7.62
C TYR A 96 -1.22 6.44 7.02
N ASP A 97 -1.22 7.18 5.92
CA ASP A 97 -2.44 7.68 5.28
C ASP A 97 -3.31 6.54 4.77
N LEU A 98 -2.68 5.54 4.16
CA LEU A 98 -3.31 4.30 3.75
C LEU A 98 -3.99 3.63 4.92
N ALA A 99 -3.30 3.51 6.06
CA ALA A 99 -3.82 2.88 7.26
C ALA A 99 -5.19 3.44 7.62
N SER A 100 -5.26 4.76 7.74
CA SER A 100 -6.43 5.50 8.16
C SER A 100 -7.58 5.47 7.14
N ASN A 101 -7.30 5.06 5.90
CA ASN A 101 -8.21 5.19 4.77
C ASN A 101 -8.29 3.90 3.93
N GLN A 102 -8.06 2.71 4.52
CA GLN A 102 -7.64 1.53 3.76
C GLN A 102 -8.79 0.89 2.98
N VAL A 103 -10.02 1.33 3.27
CA VAL A 103 -11.25 0.81 2.73
C VAL A 103 -11.73 1.79 1.66
N ASP A 104 -11.80 3.08 2.00
CA ASP A 104 -12.27 4.10 1.08
C ASP A 104 -11.39 4.19 -0.16
N LEU A 105 -10.07 4.23 0.06
CA LEU A 105 -9.08 4.25 -1.02
C LEU A 105 -9.24 3.01 -1.89
N TRP A 106 -9.44 1.83 -1.29
CA TRP A 106 -9.66 0.60 -2.02
C TRP A 106 -10.87 0.76 -2.92
N GLU A 107 -12.04 1.05 -2.35
CA GLU A 107 -13.33 1.18 -3.04
C GLU A 107 -13.24 2.06 -4.28
N ASN A 108 -12.45 3.13 -4.21
CA ASN A 108 -12.20 4.02 -5.33
C ASN A 108 -11.67 3.26 -6.55
N TYR A 109 -10.80 2.27 -6.36
CA TYR A 109 -10.14 1.60 -7.46
C TYR A 109 -11.13 0.68 -8.13
N LEU A 110 -11.97 -0.04 -7.36
CA LEU A 110 -12.95 -0.94 -7.93
C LEU A 110 -13.92 -0.17 -8.84
N ALA A 111 -14.36 1.01 -8.40
CA ALA A 111 -15.20 1.88 -9.20
C ALA A 111 -14.44 2.42 -10.42
N ARG A 112 -13.36 3.17 -10.22
CA ARG A 112 -12.66 3.84 -11.33
C ARG A 112 -12.15 2.84 -12.36
N LEU A 113 -11.77 1.62 -11.96
CA LEU A 113 -11.32 0.54 -12.84
C LEU A 113 -12.31 0.33 -13.98
N ARG A 114 -13.60 0.35 -13.67
CA ARG A 114 -14.64 0.17 -14.66
C ARG A 114 -14.78 1.40 -15.56
N ALA A 115 -14.77 2.61 -15.00
CA ALA A 115 -14.82 3.84 -15.78
C ALA A 115 -13.55 3.99 -16.65
N ALA A 116 -12.45 3.34 -16.25
CA ALA A 116 -11.13 3.35 -16.86
C ALA A 116 -10.94 2.15 -17.80
N LYS A 117 -12.01 1.37 -18.00
CA LYS A 117 -12.12 0.30 -18.97
C LYS A 117 -11.06 -0.79 -18.80
N ALA A 118 -10.46 -0.96 -17.62
CA ALA A 118 -9.25 -1.76 -17.50
C ALA A 118 -9.58 -3.19 -17.04
N SER A 119 -8.55 -4.03 -16.85
CA SER A 119 -8.64 -5.46 -16.56
C SER A 119 -9.39 -5.78 -15.26
N ARG A 120 -9.57 -7.05 -14.95
CA ARG A 120 -10.03 -7.52 -13.65
C ARG A 120 -9.39 -8.89 -13.46
N GLU A 121 -8.23 -8.86 -12.82
CA GLU A 121 -7.63 -10.05 -12.20
C GLU A 121 -8.55 -10.53 -11.04
N PRO A 122 -8.34 -11.72 -10.47
CA PRO A 122 -9.16 -12.23 -9.37
C PRO A 122 -8.86 -11.62 -7.99
N LEU A 123 -9.85 -10.88 -7.53
CA LEU A 123 -9.94 -10.20 -6.24
C LEU A 123 -11.07 -10.70 -5.35
N ILE A 124 -11.79 -11.71 -5.82
CA ILE A 124 -12.90 -12.28 -5.09
C ILE A 124 -12.30 -12.99 -3.91
N ASP A 125 -12.94 -12.74 -2.79
CA ASP A 125 -12.70 -13.35 -1.49
C ASP A 125 -14.03 -13.38 -0.74
N MET A 126 -14.04 -14.04 0.41
CA MET A 126 -15.15 -14.16 1.32
C MET A 126 -14.68 -14.34 2.77
N ALA A 127 -13.37 -14.51 2.99
CA ALA A 127 -12.75 -14.95 4.22
C ALA A 127 -11.79 -13.86 4.69
N VAL A 128 -12.35 -12.76 5.17
CA VAL A 128 -11.66 -11.50 5.41
C VAL A 128 -12.37 -10.74 6.55
N LYS A 129 -11.66 -9.80 7.21
CA LYS A 129 -12.18 -8.87 8.22
C LYS A 129 -13.08 -9.59 9.23
N TYR A 130 -12.48 -10.48 9.99
CA TYR A 130 -13.17 -11.18 11.06
C TYR A 130 -13.22 -10.26 12.29
N HIS A 131 -13.98 -9.16 12.21
CA HIS A 131 -14.23 -8.23 13.29
C HIS A 131 -15.53 -7.45 13.00
N THR A 132 -15.77 -6.37 13.73
CA THR A 132 -16.94 -5.50 13.62
C THR A 132 -16.46 -4.06 13.51
#